data_8EMY
#
_entry.id   8EMY
#
_cell.length_a   121.021
_cell.length_b   142.459
_cell.length_c   207.969
_cell.angle_alpha   90.000
_cell.angle_beta   90.000
_cell.angle_gamma   90.000
#
_symmetry.space_group_name_H-M   'P 21 21 21'
#
loop_
_entity.id
_entity.type
_entity.pdbx_description
1 polymer 'GII.4 P domain'
2 polymer 'Nanobody 82'
3 non-polymer 1,2-ETHANEDIOL
4 water water
#
loop_
_entity_poly.entity_id
_entity_poly.type
_entity_poly.pdbx_seq_one_letter_code
_entity_poly.pdbx_strand_id
1 'polypeptide(L)'
;TKPFSVPVLTVEEMTNSRFPIPLEKLFTGPSSAFVVQPQNGRCTTDGVLLGTTQLSPVNICTFRGDVTHITGSRNYTMNL
ASQNWNDYDPTEEIPAPLGTPDFVGKIQGVLTQTTRTDGSTRGHKATVYTGSADFAPKLGRVQFETDTDRDFEANQNTKF
TPVGVIQDGGTTHRNEPQQWVLPSYSGRNTHNVHLAPAVAPTFPGEQLLFFRSTMPGCSGYPNMDLDCLLPQEWVQYFYQ
EAAPAQSDVALLRFVNPDTGRVLFECKLHKSGYVTVAHTGQHDLVIPPNGYFRFDSWVNQFYTLAPM
;
A,B,C,D,E,F
2 'polypeptide(L)'
;QVQLQESGGGLVQPGSSLRLSCAASGFTFGGYAMHWVRQAPGKGPEWVSSINSGGDITNYATSVKGRFSISRDNPSKTLY
LQMNSLRPEDSAVYYCKTQLANRDYRGQGTQVTVSSHHHHHH
;
G,H,I,J,K,L
#
loop_
_chem_comp.id
_chem_comp.type
_chem_comp.name
_chem_comp.formula
EDO non-polymer 1,2-ETHANEDIOL 'C2 H6 O2'
#
# COMPACT_ATOMS: atom_id res chain seq x y z
N THR A 1 1.43 -1.84 27.37
CA THR A 1 0.42 -0.91 27.89
C THR A 1 0.84 0.56 27.80
N LYS A 2 2.10 0.88 28.11
CA LYS A 2 2.55 2.26 27.99
C LYS A 2 2.38 2.73 26.56
N PRO A 3 1.71 3.86 26.32
CA PRO A 3 1.40 4.26 24.94
C PRO A 3 2.65 4.73 24.21
N PHE A 4 2.77 4.30 22.96
CA PHE A 4 3.84 4.76 22.09
C PHE A 4 3.50 6.12 21.50
N SER A 5 4.54 6.87 21.13
CA SER A 5 4.43 8.18 20.49
C SER A 5 5.81 8.52 19.94
N VAL A 6 5.86 9.56 19.11
CA VAL A 6 7.12 10.18 18.71
C VAL A 6 7.11 11.61 19.21
N PRO A 7 8.29 12.23 19.36
CA PRO A 7 8.33 13.58 19.93
C PRO A 7 7.70 14.60 19.00
N VAL A 8 7.08 15.62 19.60
CA VAL A 8 6.59 16.76 18.85
C VAL A 8 7.77 17.70 18.60
N LEU A 9 8.49 17.46 17.52
CA LEU A 9 9.66 18.24 17.14
C LEU A 9 9.66 18.38 15.62
N THR A 10 9.98 19.59 15.15
CA THR A 10 10.16 19.80 13.72
C THR A 10 11.51 19.22 13.29
N VAL A 11 11.68 19.06 11.98
CA VAL A 11 12.94 18.53 11.46
C VAL A 11 14.11 19.42 11.93
N GLU A 12 13.96 20.74 11.80
CA GLU A 12 15.06 21.64 12.11
C GLU A 12 15.32 21.76 13.60
N GLU A 13 14.37 21.33 14.44
CA GLU A 13 14.61 21.26 15.88
C GLU A 13 15.42 20.03 16.29
N MET A 14 15.66 19.09 15.38
CA MET A 14 16.28 17.82 15.77
C MET A 14 17.73 17.75 15.27
N THR A 15 18.37 16.66 15.66
CA THR A 15 19.82 16.51 15.49
C THR A 15 20.11 15.24 14.72
N ASN A 16 21.12 15.30 13.85
CA ASN A 16 21.56 14.09 13.18
C ASN A 16 22.12 13.12 14.22
N SER A 17 21.83 11.82 14.04
CA SER A 17 22.33 10.81 14.96
C SER A 17 23.68 10.23 14.53
N ARG A 18 24.25 10.68 13.42
CA ARG A 18 25.50 10.12 12.94
C ARG A 18 26.62 11.14 12.92
N PHE A 19 26.34 12.40 13.23
CA PHE A 19 27.36 13.43 13.35
C PHE A 19 26.73 14.56 14.14
N PRO A 20 27.49 15.26 14.99
CA PRO A 20 26.86 16.22 15.93
C PRO A 20 26.50 17.55 15.27
N ILE A 21 25.47 17.50 14.43
CA ILE A 21 24.97 18.68 13.70
C ILE A 21 23.45 18.58 13.60
N PRO A 22 22.78 19.71 13.39
CA PRO A 22 21.33 19.67 13.27
C PRO A 22 20.88 19.00 11.99
N LEU A 23 19.67 18.45 12.03
CA LEU A 23 18.99 18.01 10.81
C LEU A 23 18.62 19.23 9.97
N GLU A 24 18.58 19.01 8.65
CA GLU A 24 18.20 20.08 7.73
C GLU A 24 16.96 19.76 6.92
N LYS A 25 16.81 18.52 6.47
CA LYS A 25 15.72 18.20 5.55
C LYS A 25 15.42 16.71 5.59
N LEU A 26 14.35 16.34 4.89
CA LEU A 26 13.99 14.94 4.69
C LEU A 26 14.28 14.58 3.24
N PHE A 27 14.82 13.37 3.04
CA PHE A 27 15.17 12.92 1.71
C PHE A 27 14.75 11.46 1.56
N THR A 28 14.24 11.11 0.39
CA THR A 28 14.02 9.70 0.09
C THR A 28 14.69 9.38 -1.25
N GLY A 29 15.21 8.17 -1.33
CA GLY A 29 15.84 7.69 -2.54
C GLY A 29 15.97 6.19 -2.50
N PRO A 30 16.13 5.57 -3.68
CA PRO A 30 16.37 4.12 -3.71
C PRO A 30 17.69 3.81 -3.04
N SER A 31 17.77 2.62 -2.42
CA SER A 31 19.02 2.24 -1.79
C SER A 31 19.29 0.74 -1.90
N SER A 32 18.66 0.06 -2.86
CA SER A 32 18.81 -1.38 -3.00
C SER A 32 20.14 -1.79 -3.60
N ALA A 33 20.87 -0.86 -4.21
CA ALA A 33 22.14 -1.18 -4.86
C ALA A 33 23.31 -1.23 -3.89
N PHE A 34 23.13 -0.82 -2.65
CA PHE A 34 24.20 -0.83 -1.67
C PHE A 34 23.63 -1.20 -0.32
N VAL A 35 24.52 -1.44 0.64
CA VAL A 35 24.10 -1.88 1.97
C VAL A 35 23.91 -0.67 2.85
N VAL A 36 22.73 -0.55 3.45
CA VAL A 36 22.44 0.52 4.39
C VAL A 36 22.55 -0.07 5.79
N GLN A 37 23.65 0.20 6.47
CA GLN A 37 23.85 -0.46 7.76
C GLN A 37 24.58 0.49 8.71
N PRO A 38 24.10 1.72 8.88
CA PRO A 38 24.73 2.61 9.87
C PRO A 38 24.62 2.03 11.27
N GLN A 39 25.61 2.35 12.10
CA GLN A 39 25.62 1.84 13.47
C GLN A 39 25.28 2.89 14.51
N ASN A 40 25.39 4.17 14.17
CA ASN A 40 24.85 5.24 15.00
C ASN A 40 23.44 5.58 14.53
N GLY A 41 22.62 6.09 15.45
CA GLY A 41 21.22 6.33 15.14
C GLY A 41 20.41 5.07 15.00
N ARG A 42 20.72 4.03 15.78
CA ARG A 42 20.02 2.75 15.70
C ARG A 42 19.37 2.47 17.04
N CYS A 43 18.05 2.30 17.01
CA CYS A 43 17.27 2.14 18.23
C CYS A 43 15.92 1.54 17.85
N THR A 44 15.46 0.57 18.62
CA THR A 44 14.11 0.06 18.40
C THR A 44 13.08 1.04 18.95
N THR A 45 11.83 0.92 18.48
CA THR A 45 10.81 1.85 18.95
C THR A 45 10.51 1.66 20.44
N ASP A 46 10.80 0.49 21.01
CA ASP A 46 10.62 0.35 22.44
C ASP A 46 11.90 0.63 23.23
N GLY A 47 12.90 1.23 22.58
CA GLY A 47 13.98 1.87 23.31
C GLY A 47 15.23 1.06 23.56
N VAL A 48 15.50 0.04 22.75
CA VAL A 48 16.75 -0.71 22.85
C VAL A 48 17.77 -0.09 21.89
N LEU A 49 18.84 0.47 22.44
CA LEU A 49 19.91 1.02 21.61
C LEU A 49 20.67 -0.10 20.93
N LEU A 50 21.02 0.11 19.65
CA LEU A 50 21.67 -0.91 18.85
C LEU A 50 23.00 -0.39 18.32
N GLY A 51 23.80 -1.30 17.75
CA GLY A 51 25.02 -0.87 17.08
C GLY A 51 25.97 -0.17 18.04
N THR A 52 26.49 0.99 17.62
CA THR A 52 27.32 1.83 18.47
C THR A 52 26.55 3.01 19.05
N THR A 53 25.22 2.92 19.09
CA THR A 53 24.41 4.08 19.41
C THR A 53 24.42 4.36 20.91
N GLN A 54 24.62 5.62 21.27
CA GLN A 54 24.52 6.06 22.65
C GLN A 54 23.66 7.32 22.70
N LEU A 55 23.43 7.83 23.92
CA LEU A 55 22.40 8.84 24.11
C LEU A 55 22.87 10.26 23.81
N SER A 56 24.16 10.55 23.94
CA SER A 56 24.63 11.93 23.91
C SER A 56 24.81 12.41 22.47
N PRO A 57 24.11 13.47 22.04
CA PRO A 57 24.38 14.02 20.70
C PRO A 57 25.81 14.51 20.54
N VAL A 58 26.42 15.02 21.63
CA VAL A 58 27.73 15.62 21.50
C VAL A 58 28.86 14.61 21.56
N ASN A 59 28.57 13.35 21.89
CA ASN A 59 29.62 12.34 21.88
C ASN A 59 29.70 11.58 20.56
N ILE A 60 28.85 11.90 19.59
CA ILE A 60 28.91 11.22 18.31
C ILE A 60 30.19 11.63 17.59
N CYS A 61 31.00 10.64 17.21
CA CYS A 61 32.26 10.83 16.50
C CYS A 61 33.32 11.51 17.37
N THR A 62 33.17 11.48 18.69
CA THR A 62 34.23 11.91 19.58
C THR A 62 35.02 10.70 20.09
N PHE A 63 36.30 10.94 20.35
CA PHE A 63 37.18 9.93 20.93
C PHE A 63 37.82 10.52 22.18
N ARG A 64 38.04 9.66 23.17
CA ARG A 64 38.72 10.03 24.41
C ARG A 64 39.74 8.96 24.77
N GLY A 65 40.89 9.39 25.26
CA GLY A 65 41.91 8.43 25.69
C GLY A 65 43.21 9.14 25.97
N ASP A 66 44.29 8.38 25.94
CA ASP A 66 45.64 8.92 26.03
C ASP A 66 46.36 8.67 24.71
N VAL A 67 47.35 9.51 24.41
CA VAL A 67 48.00 9.44 23.11
C VAL A 67 49.49 9.14 23.26
N THR A 68 50.02 8.47 22.24
CA THR A 68 51.42 8.09 22.13
C THR A 68 51.94 8.58 20.79
N HIS A 69 53.07 9.28 20.80
CA HIS A 69 53.58 9.85 19.56
C HIS A 69 54.26 8.79 18.72
N ILE A 70 53.99 8.84 17.41
CA ILE A 70 54.60 7.94 16.45
C ILE A 70 55.87 8.62 15.93
N THR A 71 57.03 8.09 16.34
CA THR A 71 58.27 8.81 16.12
C THR A 71 58.55 9.01 14.63
N GLY A 72 59.09 10.17 14.28
CA GLY A 72 59.33 10.50 12.89
C GLY A 72 58.12 10.98 12.14
N SER A 73 57.04 11.34 12.84
CA SER A 73 55.82 11.77 12.20
C SER A 73 55.10 12.78 13.08
N ARG A 74 54.04 13.36 12.54
CA ARG A 74 53.08 14.15 13.30
C ARG A 74 51.84 13.34 13.67
N ASN A 75 51.96 12.02 13.72
CA ASN A 75 50.84 11.14 14.00
C ASN A 75 50.90 10.62 15.44
N TYR A 76 49.72 10.47 16.05
CA TYR A 76 49.60 9.98 17.41
C TYR A 76 48.64 8.81 17.43
N THR A 77 48.98 7.79 18.21
CA THR A 77 48.05 6.69 18.46
C THR A 77 47.29 6.97 19.75
N MET A 78 45.97 6.96 19.68
CA MET A 78 45.15 7.07 20.87
C MET A 78 44.75 5.69 21.40
N ASN A 79 45.03 5.45 22.67
CA ASN A 79 44.50 4.29 23.38
C ASN A 79 43.16 4.69 23.98
N LEU A 80 42.07 4.11 23.47
CA LEU A 80 40.75 4.62 23.75
C LEU A 80 40.30 4.29 25.17
N ALA A 81 39.61 5.24 25.80
CA ALA A 81 38.83 5.01 27.00
C ALA A 81 37.34 5.05 26.64
N SER A 82 36.50 4.65 27.59
CA SER A 82 35.07 4.83 27.41
C SER A 82 34.73 6.33 27.46
N GLN A 83 33.50 6.67 27.06
CA GLN A 83 33.15 8.08 26.97
C GLN A 83 33.13 8.77 28.33
N ASN A 84 33.14 8.03 29.44
CA ASN A 84 33.25 8.63 30.77
C ASN A 84 34.62 8.42 31.38
N TRP A 85 35.62 8.05 30.56
CA TRP A 85 37.02 7.85 30.92
C TRP A 85 37.25 6.53 31.66
N ASN A 86 36.23 5.70 31.85
CA ASN A 86 36.42 4.35 32.35
C ASN A 86 37.20 3.53 31.32
N ASP A 87 37.71 2.38 31.78
CA ASP A 87 38.43 1.48 30.87
C ASP A 87 37.54 1.05 29.72
N TYR A 88 38.13 0.91 28.54
CA TYR A 88 37.43 0.36 27.38
C TYR A 88 37.73 -1.13 27.26
N ASP A 89 36.69 -1.93 27.03
CA ASP A 89 36.80 -3.38 26.99
C ASP A 89 36.48 -3.90 25.59
N PRO A 90 37.46 -4.38 24.83
CA PRO A 90 37.18 -4.87 23.47
C PRO A 90 36.28 -6.10 23.40
N THR A 91 36.01 -6.77 24.52
CA THR A 91 35.20 -8.00 24.48
C THR A 91 33.72 -7.74 24.73
N GLU A 92 33.31 -6.49 24.89
CA GLU A 92 31.88 -6.21 25.03
C GLU A 92 31.16 -6.54 23.72
N GLU A 93 29.85 -6.74 23.83
CA GLU A 93 29.05 -7.22 22.70
C GLU A 93 28.57 -6.06 21.84
N ILE A 94 29.54 -5.28 21.37
CA ILE A 94 29.31 -4.12 20.51
C ILE A 94 30.30 -4.16 19.37
N PRO A 95 30.00 -3.46 18.26
CA PRO A 95 30.93 -3.47 17.12
C PRO A 95 32.16 -2.61 17.34
N ALA A 96 32.08 -1.63 18.22
CA ALA A 96 33.12 -0.63 18.42
C ALA A 96 32.67 0.25 19.59
N PRO A 97 33.53 1.10 20.12
CA PRO A 97 33.09 1.99 21.20
C PRO A 97 31.87 2.78 20.78
N LEU A 98 31.00 3.06 21.74
CA LEU A 98 29.79 3.81 21.41
C LEU A 98 30.16 5.20 20.89
N GLY A 99 29.50 5.60 19.82
CA GLY A 99 29.76 6.88 19.19
C GLY A 99 30.82 6.86 18.12
N THR A 100 31.50 5.74 17.92
CA THR A 100 32.51 5.62 16.86
C THR A 100 31.92 6.02 15.51
N PRO A 101 32.66 6.76 14.67
CA PRO A 101 32.13 7.06 13.33
C PRO A 101 31.75 5.76 12.62
N ASP A 102 30.64 5.81 11.88
CA ASP A 102 30.17 4.63 11.17
C ASP A 102 30.25 4.80 9.66
N PHE A 103 31.23 5.57 9.18
CA PHE A 103 31.43 5.69 7.74
C PHE A 103 32.92 5.82 7.47
N VAL A 104 33.30 5.46 6.25
CA VAL A 104 34.69 5.58 5.82
C VAL A 104 34.92 6.98 5.27
N GLY A 105 35.86 7.70 5.86
CA GLY A 105 36.15 9.03 5.40
C GLY A 105 37.26 9.62 6.24
N LYS A 106 37.54 10.89 5.97
CA LYS A 106 38.55 11.62 6.71
C LYS A 106 37.84 12.71 7.52
N ILE A 107 37.78 12.52 8.83
CA ILE A 107 37.09 13.44 9.73
C ILE A 107 38.13 14.35 10.37
N GLN A 108 37.95 15.65 10.18
CA GLN A 108 38.85 16.62 10.77
C GLN A 108 38.22 17.23 12.00
N GLY A 109 39.06 17.51 13.00
CA GLY A 109 38.59 18.12 14.22
C GLY A 109 39.76 18.66 14.99
N VAL A 110 39.68 18.62 16.32
CA VAL A 110 40.72 19.17 17.19
C VAL A 110 40.97 18.19 18.31
N LEU A 111 42.26 17.88 18.54
CA LEU A 111 42.68 17.12 19.71
C LEU A 111 43.04 18.10 20.82
N THR A 112 42.38 17.98 21.97
CA THR A 112 42.68 18.83 23.11
C THR A 112 43.18 17.98 24.27
N GLN A 113 43.94 18.62 25.16
CA GLN A 113 44.58 17.91 26.26
C GLN A 113 44.79 18.88 27.42
N THR A 114 44.56 18.39 28.63
CA THR A 114 44.86 19.13 29.84
C THR A 114 45.90 18.33 30.63
N THR A 115 46.94 19.01 31.11
CA THR A 115 47.88 18.36 32.03
C THR A 115 47.30 18.44 33.43
N ARG A 116 47.10 17.29 34.07
CA ARG A 116 46.34 17.28 35.32
C ARG A 116 47.04 18.07 36.43
N THR A 117 48.37 18.08 36.46
CA THR A 117 49.07 18.66 37.60
C THR A 117 48.89 20.17 37.67
N ASP A 118 49.06 20.88 36.54
CA ASP A 118 49.02 22.33 36.57
C ASP A 118 47.88 22.95 35.77
N GLY A 119 47.01 22.15 35.15
CA GLY A 119 45.92 22.75 34.40
C GLY A 119 46.33 23.45 33.12
N SER A 120 47.54 23.20 32.63
CA SER A 120 47.94 23.70 31.32
C SER A 120 47.20 22.94 30.23
N THR A 121 46.89 23.62 29.14
CA THR A 121 46.06 23.04 28.10
C THR A 121 46.69 23.28 26.72
N ARG A 122 46.25 22.48 25.75
CA ARG A 122 46.75 22.56 24.40
C ARG A 122 45.73 21.94 23.46
N GLY A 123 45.66 22.47 22.25
CA GLY A 123 44.78 21.93 21.23
C GLY A 123 45.43 21.99 19.87
N HIS A 124 45.19 20.97 19.04
CA HIS A 124 45.82 20.91 17.73
C HIS A 124 44.89 20.31 16.71
N LYS A 125 44.95 20.84 15.49
CA LYS A 125 44.25 20.28 14.35
C LYS A 125 44.57 18.79 14.21
N ALA A 126 43.55 17.98 14.00
CA ALA A 126 43.74 16.54 13.90
C ALA A 126 42.73 15.96 12.92
N THR A 127 43.17 14.94 12.20
CA THR A 127 42.33 14.23 11.23
C THR A 127 42.42 12.75 11.52
N VAL A 128 41.26 12.08 11.54
CA VAL A 128 41.23 10.63 11.65
C VAL A 128 40.72 10.06 10.34
N TYR A 129 41.49 9.17 9.74
CA TYR A 129 41.10 8.50 8.49
C TYR A 129 40.49 7.17 8.89
N THR A 130 39.16 7.07 8.81
CA THR A 130 38.50 5.87 9.31
C THR A 130 38.63 4.69 8.36
N GLY A 131 39.25 4.86 7.20
CA GLY A 131 39.58 3.74 6.33
C GLY A 131 41.00 3.26 6.46
N SER A 132 41.77 3.84 7.39
CA SER A 132 43.18 3.52 7.55
C SER A 132 43.37 2.15 8.22
N ALA A 133 44.48 1.50 7.90
CA ALA A 133 44.79 0.25 8.58
C ALA A 133 44.99 0.46 10.08
N ASP A 134 45.30 1.68 10.51
CA ASP A 134 45.48 1.98 11.92
C ASP A 134 44.19 2.41 12.61
N PHE A 135 43.07 2.44 11.90
CA PHE A 135 41.77 2.71 12.52
C PHE A 135 41.20 1.39 13.04
N ALA A 136 41.38 1.13 14.33
CA ALA A 136 40.95 -0.13 14.94
C ALA A 136 40.26 0.16 16.27
N PRO A 137 39.22 1.00 16.25
CA PRO A 137 38.59 1.40 17.52
C PRO A 137 38.01 0.23 18.31
N LYS A 138 37.55 -0.82 17.64
CA LYS A 138 37.03 -1.97 18.40
C LYS A 138 38.09 -2.57 19.31
N LEU A 139 39.35 -2.55 18.88
CA LEU A 139 40.45 -3.01 19.72
C LEU A 139 41.09 -1.87 20.52
N GLY A 140 40.46 -0.70 20.56
CA GLY A 140 40.90 0.39 21.39
C GLY A 140 42.02 1.24 20.84
N ARG A 141 42.25 1.23 19.53
CA ARG A 141 43.41 1.91 18.91
C ARG A 141 42.95 2.75 17.73
N VAL A 142 43.27 4.04 17.75
CA VAL A 142 42.93 4.93 16.65
C VAL A 142 44.10 5.89 16.41
N GLN A 143 44.46 6.10 15.15
CA GLN A 143 45.55 7.00 14.81
C GLN A 143 45.03 8.33 14.32
N PHE A 144 45.64 9.43 14.79
CA PHE A 144 45.31 10.78 14.38
C PHE A 144 46.51 11.41 13.71
N GLU A 145 46.26 12.13 12.61
CA GLU A 145 47.28 12.94 11.97
C GLU A 145 47.11 14.38 12.43
N THR A 146 48.17 14.96 12.98
CA THR A 146 48.08 16.27 13.62
C THR A 146 49.08 17.22 12.98
N ASP A 147 49.06 18.47 13.44
CA ASP A 147 50.03 19.46 12.98
C ASP A 147 51.17 19.67 13.96
N THR A 148 51.42 18.70 14.84
CA THR A 148 52.53 18.80 15.78
C THR A 148 53.23 17.45 15.87
N ASP A 149 54.54 17.50 16.15
CA ASP A 149 55.30 16.29 16.42
C ASP A 149 55.84 16.25 17.84
N ARG A 150 55.39 17.14 18.73
CA ARG A 150 55.99 17.16 20.06
C ARG A 150 55.08 17.64 21.17
N ASP A 151 53.95 18.28 20.85
CA ASP A 151 53.29 19.07 21.89
C ASP A 151 52.42 18.22 22.84
N PHE A 152 51.92 17.07 22.40
CA PHE A 152 51.04 16.28 23.26
C PHE A 152 51.84 15.44 24.25
N GLU A 153 51.37 15.41 25.48
CA GLU A 153 51.99 14.67 26.57
C GLU A 153 51.41 13.27 26.67
N ALA A 154 52.23 12.33 27.12
CA ALA A 154 51.75 10.98 27.37
C ALA A 154 51.04 10.91 28.71
N ASN A 155 50.14 9.93 28.83
CA ASN A 155 49.41 9.64 30.06
C ASN A 155 48.64 10.86 30.56
N GLN A 156 48.07 11.64 29.64
CA GLN A 156 47.18 12.75 29.98
C GLN A 156 45.89 12.62 29.17
N ASN A 157 44.77 12.92 29.81
CA ASN A 157 43.47 12.83 29.15
C ASN A 157 43.45 13.66 27.87
N THR A 158 43.03 13.04 26.77
CA THR A 158 43.05 13.68 25.46
C THR A 158 41.73 13.41 24.76
N LYS A 159 41.19 14.43 24.12
CA LYS A 159 39.87 14.35 23.49
C LYS A 159 39.94 14.78 22.04
N PHE A 160 39.21 14.06 21.19
CA PHE A 160 38.99 14.49 19.81
C PHE A 160 37.58 15.05 19.70
N THR A 161 37.48 16.31 19.27
CA THR A 161 36.21 16.95 18.96
C THR A 161 36.04 17.00 17.45
N PRO A 162 35.04 16.36 16.88
CA PRO A 162 34.90 16.38 15.41
C PRO A 162 34.31 17.71 14.94
N VAL A 163 34.74 18.11 13.73
CA VAL A 163 34.24 19.34 13.11
C VAL A 163 33.63 19.06 11.74
N GLY A 164 34.36 18.39 10.87
CA GLY A 164 33.85 18.18 9.52
C GLY A 164 34.65 17.11 8.81
N VAL A 165 34.53 17.10 7.48
CA VAL A 165 35.17 16.08 6.67
C VAL A 165 35.98 16.76 5.58
N ILE A 166 36.95 16.02 5.03
CA ILE A 166 37.81 16.55 3.99
C ILE A 166 37.87 15.57 2.83
N GLN A 167 38.45 16.04 1.73
CA GLN A 167 38.56 15.27 0.50
C GLN A 167 39.84 15.72 -0.19
N ASP A 168 40.47 14.81 -0.92
CA ASP A 168 41.66 15.12 -1.71
C ASP A 168 41.22 15.78 -3.02
N GLY A 169 41.39 17.10 -3.09
CA GLY A 169 40.90 17.89 -4.23
C GLY A 169 41.56 17.56 -5.56
N GLY A 170 42.63 16.76 -5.56
CA GLY A 170 43.24 16.30 -6.80
C GLY A 170 42.62 15.06 -7.38
N THR A 171 41.67 14.46 -6.66
CA THR A 171 40.92 13.30 -7.13
C THR A 171 39.48 13.71 -7.38
N THR A 172 38.74 12.80 -8.03
CA THR A 172 37.34 13.01 -8.41
C THR A 172 36.57 13.68 -7.28
N HIS A 173 35.88 14.77 -7.60
CA HIS A 173 35.17 15.52 -6.56
C HIS A 173 34.06 14.69 -5.94
N ARG A 174 33.89 14.84 -4.63
CA ARG A 174 32.82 14.21 -3.86
C ARG A 174 32.93 12.69 -3.86
N ASN A 175 34.15 12.17 -4.05
CA ASN A 175 34.35 10.72 -3.99
C ASN A 175 34.52 10.19 -2.56
N GLU A 176 34.61 11.07 -1.58
CA GLU A 176 34.69 10.70 -0.18
C GLU A 176 34.14 11.88 0.63
N PRO A 177 33.64 11.63 1.85
CA PRO A 177 33.45 10.33 2.51
C PRO A 177 32.46 9.45 1.77
N GLN A 178 32.39 8.19 2.19
CA GLN A 178 31.41 7.24 1.67
C GLN A 178 30.51 6.86 2.84
N GLN A 179 29.37 7.54 2.96
CA GLN A 179 28.61 7.45 4.21
C GLN A 179 27.98 6.09 4.42
N TRP A 180 27.87 5.25 3.39
CA TRP A 180 27.24 3.95 3.55
C TRP A 180 28.25 2.80 3.60
N VAL A 181 29.54 3.10 3.65
CA VAL A 181 30.58 2.08 3.80
C VAL A 181 31.03 2.08 5.25
N LEU A 182 30.75 1.00 5.97
CA LEU A 182 31.20 0.90 7.34
C LEU A 182 32.72 0.78 7.41
N PRO A 183 33.36 1.43 8.37
CA PRO A 183 34.77 1.12 8.64
C PRO A 183 34.93 -0.34 9.06
N SER A 184 36.16 -0.83 8.96
CA SER A 184 36.54 -2.11 9.55
C SER A 184 37.03 -1.80 10.95
N TYR A 185 36.17 -2.03 11.95
CA TYR A 185 36.40 -1.50 13.28
C TYR A 185 37.62 -2.12 13.98
N SER A 186 38.10 -3.28 13.53
CA SER A 186 39.31 -3.89 14.06
C SER A 186 40.47 -3.87 13.08
N GLY A 187 40.36 -3.10 12.00
CA GLY A 187 41.46 -2.98 11.06
C GLY A 187 41.36 -3.95 9.91
N ARG A 188 42.49 -4.14 9.24
CA ARG A 188 42.51 -4.81 7.95
C ARG A 188 42.06 -6.27 8.05
N ASN A 189 41.26 -6.69 7.08
CA ASN A 189 40.93 -8.11 6.87
C ASN A 189 40.28 -8.73 8.10
N THR A 190 39.57 -7.94 8.90
CA THR A 190 38.94 -8.44 10.12
C THR A 190 37.44 -8.11 10.08
N HIS A 191 36.61 -9.14 10.21
CA HIS A 191 35.17 -8.96 10.13
C HIS A 191 34.63 -8.11 11.28
N ASN A 192 33.73 -7.19 10.97
CA ASN A 192 32.97 -6.50 12.01
C ASN A 192 32.04 -7.49 12.71
N VAL A 193 31.74 -7.20 13.98
CA VAL A 193 30.91 -8.06 14.80
C VAL A 193 29.84 -7.22 15.50
N HIS A 194 28.79 -7.92 15.96
CA HIS A 194 27.74 -7.33 16.80
C HIS A 194 27.07 -6.12 16.15
N LEU A 195 26.96 -6.12 14.82
CA LEU A 195 26.38 -5.00 14.10
C LEU A 195 24.87 -4.97 14.23
N ALA A 196 24.33 -3.76 14.32
CA ALA A 196 22.93 -3.56 14.01
C ALA A 196 22.68 -3.97 12.56
N PRO A 197 21.55 -4.58 12.25
CA PRO A 197 21.38 -5.19 10.92
C PRO A 197 21.24 -4.16 9.82
N ALA A 198 21.55 -4.60 8.60
CA ALA A 198 21.28 -3.78 7.43
C ALA A 198 19.78 -3.58 7.27
N VAL A 199 19.41 -2.48 6.64
CA VAL A 199 18.01 -2.07 6.56
C VAL A 199 17.61 -1.89 5.11
N ALA A 200 16.40 -2.32 4.77
CA ALA A 200 15.89 -2.17 3.41
C ALA A 200 14.37 -2.23 3.45
N PRO A 201 13.68 -1.47 2.60
CA PRO A 201 12.23 -1.62 2.51
C PRO A 201 11.89 -3.00 1.97
N THR A 202 10.89 -3.62 2.59
CA THR A 202 10.44 -4.94 2.19
C THR A 202 9.11 -4.92 1.43
N PHE A 203 8.38 -3.79 1.47
CA PHE A 203 7.10 -3.67 0.79
C PHE A 203 7.31 -3.06 -0.59
N PRO A 204 6.70 -3.61 -1.64
CA PRO A 204 6.93 -3.07 -2.99
C PRO A 204 6.52 -1.61 -3.09
N GLY A 205 7.35 -0.83 -3.78
CA GLY A 205 7.08 0.58 -4.00
C GLY A 205 7.52 1.50 -2.87
N GLU A 206 8.13 0.96 -1.81
CA GLU A 206 8.57 1.79 -0.69
C GLU A 206 10.06 2.04 -0.76
N GLN A 207 10.46 3.16 -0.17
CA GLN A 207 11.85 3.57 -0.03
C GLN A 207 12.07 4.01 1.41
N LEU A 208 13.32 3.94 1.85
CA LEU A 208 13.63 4.55 3.14
C LEU A 208 13.43 6.05 3.08
N LEU A 209 13.00 6.62 4.21
CA LEU A 209 12.99 8.05 4.43
C LEU A 209 14.23 8.38 5.26
N PHE A 210 15.03 9.31 4.78
CA PHE A 210 16.29 9.67 5.42
C PHE A 210 16.18 11.04 6.08
N PHE A 211 16.77 11.16 7.26
CA PHE A 211 16.87 12.44 7.96
C PHE A 211 18.26 12.98 7.63
N ARG A 212 18.30 14.08 6.88
CA ARG A 212 19.50 14.50 6.17
C ARG A 212 20.08 15.78 6.75
N SER A 213 21.41 15.79 6.89
CA SER A 213 22.19 16.97 7.23
C SER A 213 23.29 17.16 6.19
N THR A 214 23.95 18.32 6.27
CA THR A 214 25.14 18.60 5.49
C THR A 214 26.30 18.80 6.44
N MET A 215 27.27 17.90 6.35
CA MET A 215 28.44 17.92 7.21
C MET A 215 29.31 19.12 6.83
N PRO A 216 29.91 19.83 7.78
CA PRO A 216 30.89 20.85 7.40
C PRO A 216 32.03 20.22 6.63
N GLY A 217 32.53 20.95 5.63
CA GLY A 217 33.72 20.54 4.89
C GLY A 217 34.89 21.42 5.31
N CYS A 218 36.06 20.80 5.49
CA CYS A 218 37.24 21.53 5.96
C CYS A 218 38.34 21.64 4.93
N SER A 219 38.22 20.97 3.79
CA SER A 219 39.25 21.01 2.75
C SER A 219 38.83 20.15 1.57
N GLY A 220 39.15 20.59 0.35
CA GLY A 220 38.83 19.79 -0.82
C GLY A 220 37.38 19.90 -1.22
N TYR A 221 36.88 18.85 -1.87
CA TYR A 221 35.53 18.80 -2.42
C TYR A 221 34.82 17.55 -1.88
N PRO A 222 34.55 17.51 -0.58
CA PRO A 222 33.95 16.31 0.01
C PRO A 222 32.47 16.18 -0.32
N ASN A 223 32.00 14.93 -0.30
CA ASN A 223 30.57 14.65 -0.27
C ASN A 223 30.07 14.85 1.17
N MET A 224 29.33 15.93 1.41
CA MET A 224 28.93 16.27 2.77
C MET A 224 27.51 15.82 3.12
N ASP A 225 26.86 15.05 2.25
CA ASP A 225 25.56 14.49 2.59
C ASP A 225 25.70 13.49 3.74
N LEU A 226 24.82 13.59 4.73
CA LEU A 226 24.85 12.64 5.84
C LEU A 226 23.41 12.31 6.21
N ASP A 227 23.01 11.06 5.98
CA ASP A 227 21.65 10.60 6.18
C ASP A 227 21.58 9.66 7.37
N CYS A 228 20.67 9.92 8.30
CA CYS A 228 20.47 8.98 9.39
C CYS A 228 19.07 8.39 9.32
N LEU A 229 18.91 7.23 9.95
CA LEU A 229 17.62 6.54 9.89
C LEU A 229 16.64 7.05 10.93
N LEU A 230 17.15 7.61 12.03
CA LEU A 230 16.35 8.16 13.12
C LEU A 230 17.02 9.42 13.61
N PRO A 231 16.27 10.50 13.88
CA PRO A 231 16.89 11.63 14.59
C PRO A 231 17.43 11.18 15.94
N GLN A 232 18.48 11.85 16.40
CA GLN A 232 18.98 11.52 17.73
C GLN A 232 17.90 11.71 18.79
N GLU A 233 17.01 12.69 18.61
CA GLU A 233 15.96 12.91 19.58
C GLU A 233 14.97 11.76 19.63
N TRP A 234 14.77 11.06 18.50
CA TRP A 234 13.91 9.88 18.55
C TRP A 234 14.58 8.76 19.34
N VAL A 235 15.89 8.56 19.13
CA VAL A 235 16.65 7.60 19.94
C VAL A 235 16.48 7.91 21.42
N GLN A 236 16.72 9.17 21.79
CA GLN A 236 16.60 9.56 23.19
C GLN A 236 15.19 9.37 23.70
N TYR A 237 14.18 9.66 22.87
CA TYR A 237 12.79 9.58 23.31
C TYR A 237 12.33 8.13 23.45
N PHE A 238 12.67 7.27 22.47
CA PHE A 238 12.29 5.87 22.59
C PHE A 238 12.94 5.22 23.79
N TYR A 239 14.22 5.52 24.03
CA TYR A 239 14.89 5.00 25.21
C TYR A 239 14.16 5.42 26.48
N GLN A 240 13.78 6.69 26.56
CA GLN A 240 13.15 7.22 27.77
C GLN A 240 11.74 6.65 27.95
N GLU A 241 10.96 6.58 26.87
CA GLU A 241 9.57 6.14 26.98
C GLU A 241 9.48 4.62 27.19
N ALA A 242 10.31 3.87 26.47
CA ALA A 242 10.32 2.41 26.56
C ALA A 242 8.92 1.82 26.35
N ALA A 243 8.21 2.32 25.34
CA ALA A 243 6.84 1.86 25.12
C ALA A 243 6.82 0.62 24.25
N PRO A 244 6.12 -0.45 24.65
CA PRO A 244 6.14 -1.69 23.86
C PRO A 244 5.50 -1.49 22.49
N ALA A 245 6.08 -2.12 21.49
CA ALA A 245 5.51 -2.09 20.16
C ALA A 245 4.30 -3.02 20.11
N GLN A 246 3.15 -2.50 19.67
CA GLN A 246 1.96 -3.32 19.59
C GLN A 246 1.86 -4.08 18.29
N SER A 247 2.62 -3.67 17.28
CA SER A 247 2.74 -4.39 16.02
C SER A 247 4.13 -4.09 15.47
N ASP A 248 4.41 -4.59 14.27
CA ASP A 248 5.73 -4.37 13.69
C ASP A 248 5.90 -2.98 13.07
N VAL A 249 4.82 -2.24 12.87
CA VAL A 249 4.88 -0.98 12.12
C VAL A 249 4.01 0.06 12.79
N ALA A 250 4.61 1.22 13.10
CA ALA A 250 3.87 2.37 13.57
C ALA A 250 3.59 3.29 12.40
N LEU A 251 2.32 3.65 12.21
CA LEU A 251 1.94 4.57 11.13
C LEU A 251 2.08 6.00 11.64
N LEU A 252 2.95 6.79 10.99
CA LEU A 252 3.12 8.19 11.34
C LEU A 252 2.54 9.09 10.24
N ARG A 253 1.92 10.18 10.64
CA ARG A 253 1.51 11.23 9.73
C ARG A 253 2.35 12.46 9.98
N PHE A 254 2.81 13.11 8.91
CA PHE A 254 3.55 14.35 9.00
C PHE A 254 2.56 15.49 8.82
N VAL A 255 2.44 16.35 9.82
CA VAL A 255 1.27 17.22 9.97
C VAL A 255 1.72 18.66 10.05
N ASN A 256 0.95 19.54 9.41
CA ASN A 256 1.10 20.99 9.59
C ASN A 256 0.22 21.39 10.78
N PRO A 257 0.79 21.81 11.91
CA PRO A 257 -0.03 22.05 13.11
C PRO A 257 -0.94 23.25 13.00
N ASP A 258 -0.65 24.19 12.09
CA ASP A 258 -1.54 25.32 11.88
C ASP A 258 -2.86 24.87 11.26
N THR A 259 -2.79 24.05 10.22
CA THR A 259 -3.96 23.64 9.46
C THR A 259 -4.44 22.23 9.78
N GLY A 260 -3.65 21.45 10.53
CA GLY A 260 -3.96 20.04 10.71
C GLY A 260 -3.85 19.22 9.45
N ARG A 261 -3.43 19.82 8.34
CA ARG A 261 -3.33 19.10 7.07
C ARG A 261 -2.16 18.13 7.10
N VAL A 262 -2.41 16.90 6.65
CA VAL A 262 -1.37 15.88 6.59
C VAL A 262 -0.61 16.03 5.28
N LEU A 263 0.70 16.24 5.36
CA LEU A 263 1.53 16.36 4.17
C LEU A 263 1.83 15.00 3.55
N PHE A 264 2.15 14.00 4.38
CA PHE A 264 2.40 12.65 3.92
C PHE A 264 2.33 11.72 5.11
N GLU A 265 2.25 10.42 4.83
CA GLU A 265 2.32 9.41 5.87
C GLU A 265 3.47 8.46 5.60
N CYS A 266 3.93 7.78 6.66
CA CYS A 266 5.10 6.92 6.53
C CYS A 266 5.00 5.81 7.58
N LYS A 267 5.82 4.78 7.41
CA LYS A 267 5.87 3.65 8.31
C LYS A 267 7.14 3.72 9.15
N LEU A 268 6.99 3.74 10.48
CA LEU A 268 8.11 3.61 11.40
C LEU A 268 8.17 2.14 11.82
N HIS A 269 9.15 1.41 11.32
CA HIS A 269 9.27 0.00 11.67
C HIS A 269 9.83 -0.15 13.07
N LYS A 270 9.38 -1.20 13.77
CA LYS A 270 9.71 -1.30 15.19
C LYS A 270 11.21 -1.47 15.41
N SER A 271 11.94 -2.01 14.43
CA SER A 271 13.38 -2.13 14.61
C SER A 271 14.11 -0.80 14.34
N GLY A 272 13.40 0.24 13.94
CA GLY A 272 13.96 1.59 13.98
C GLY A 272 14.40 2.19 12.66
N TYR A 273 13.51 2.26 11.68
CA TYR A 273 13.74 3.02 10.46
C TYR A 273 12.39 3.35 9.85
N VAL A 274 12.38 4.26 8.88
CA VAL A 274 11.15 4.81 8.32
C VAL A 274 11.10 4.55 6.82
N THR A 275 9.91 4.21 6.30
CA THR A 275 9.72 4.08 4.86
C THR A 275 8.55 4.91 4.37
N VAL A 276 8.61 5.28 3.10
CA VAL A 276 7.58 6.06 2.42
C VAL A 276 7.30 5.39 1.08
N ALA A 277 6.13 5.69 0.52
CA ALA A 277 5.76 5.20 -0.81
C ALA A 277 6.18 6.24 -1.84
N HIS A 278 7.31 6.00 -2.49
CA HIS A 278 7.82 6.88 -3.53
C HIS A 278 8.84 6.11 -4.35
N THR A 279 8.98 6.49 -5.63
CA THR A 279 10.03 5.95 -6.50
C THR A 279 10.91 7.09 -6.98
N GLY A 280 12.19 7.01 -6.67
CA GLY A 280 13.17 7.98 -7.13
C GLY A 280 13.71 8.85 -6.00
N GLN A 281 14.73 9.62 -6.34
CA GLN A 281 15.35 10.51 -5.36
C GLN A 281 14.52 11.78 -5.27
N HIS A 282 14.20 12.19 -4.04
CA HIS A 282 13.31 13.32 -3.85
C HIS A 282 13.66 14.04 -2.56
N ASP A 283 13.89 15.35 -2.65
CA ASP A 283 14.00 16.21 -1.48
C ASP A 283 12.60 16.67 -1.10
N LEU A 284 12.13 16.25 0.07
CA LEU A 284 10.78 16.59 0.48
C LEU A 284 10.66 18.09 0.74
N VAL A 285 9.55 18.66 0.28
CA VAL A 285 9.21 20.05 0.54
C VAL A 285 8.21 20.05 1.69
N ILE A 286 8.61 20.62 2.82
CA ILE A 286 7.79 20.56 4.03
C ILE A 286 7.64 21.95 4.61
N PRO A 287 6.53 22.24 5.30
CA PRO A 287 6.45 23.47 6.08
C PRO A 287 7.40 23.42 7.26
N PRO A 288 8.01 24.53 7.63
CA PRO A 288 9.03 24.47 8.70
C PRO A 288 8.45 24.15 10.06
N ASN A 289 7.14 24.25 10.26
CA ASN A 289 6.52 23.86 11.52
C ASN A 289 5.95 22.44 11.49
N GLY A 290 6.19 21.68 10.43
CA GLY A 290 5.64 20.34 10.36
C GLY A 290 6.30 19.40 11.36
N TYR A 291 5.55 18.40 11.82
CA TYR A 291 6.10 17.44 12.76
C TYR A 291 5.46 16.07 12.50
N PHE A 292 6.10 15.04 13.03
CA PHE A 292 5.59 13.67 12.91
C PHE A 292 4.65 13.33 14.06
N ARG A 293 3.55 12.64 13.74
CA ARG A 293 2.53 12.28 14.73
C ARG A 293 2.19 10.81 14.59
N PHE A 294 2.34 10.04 15.66
CA PHE A 294 1.96 8.62 15.64
C PHE A 294 0.45 8.48 15.71
N ASP A 295 -0.12 7.75 14.76
CA ASP A 295 -1.57 7.58 14.71
C ASP A 295 -2.05 6.16 15.01
N SER A 296 -1.37 5.12 14.52
CA SER A 296 -1.90 3.80 14.82
C SER A 296 -0.87 2.72 14.51
N TRP A 297 -1.08 1.55 15.10
CA TRP A 297 -0.25 0.38 14.83
C TRP A 297 -0.84 -0.37 13.65
N VAL A 298 0.00 -0.65 12.65
CA VAL A 298 -0.44 -1.30 11.42
C VAL A 298 0.48 -2.48 11.16
N ASN A 299 0.44 -3.07 9.97
CA ASN A 299 1.30 -4.21 9.71
C ASN A 299 2.26 -3.91 8.56
N GLN A 300 3.19 -4.84 8.36
CA GLN A 300 4.27 -4.63 7.39
C GLN A 300 3.73 -4.41 5.98
N PHE A 301 2.48 -4.78 5.74
CA PHE A 301 1.86 -4.76 4.42
C PHE A 301 0.76 -3.71 4.31
N TYR A 302 0.69 -2.80 5.28
CA TYR A 302 -0.16 -1.63 5.11
C TYR A 302 0.28 -0.86 3.88
N THR A 303 -0.66 -0.44 3.06
CA THR A 303 -0.33 0.33 1.85
C THR A 303 -0.41 1.81 2.15
N LEU A 304 0.74 2.49 2.05
CA LEU A 304 0.81 3.92 2.30
C LEU A 304 0.24 4.71 1.13
N ALA A 305 -0.40 5.82 1.43
CA ALA A 305 -0.69 6.80 0.40
C ALA A 305 0.62 7.29 -0.20
N PRO A 306 0.66 7.52 -1.52
CA PRO A 306 1.91 7.98 -2.14
C PRO A 306 2.33 9.33 -1.57
N MET A 307 3.64 9.52 -1.38
CA MET A 307 4.04 10.87 -0.98
C MET A 307 4.29 11.69 -2.24
N THR B 1 -19.01 -12.14 -48.97
CA THR B 1 -19.41 -13.47 -49.40
C THR B 1 -18.25 -14.47 -49.30
N LYS B 2 -17.04 -13.96 -49.04
CA LYS B 2 -15.91 -14.85 -48.80
C LYS B 2 -16.25 -15.81 -47.67
N PRO B 3 -16.00 -17.11 -47.84
CA PRO B 3 -16.43 -18.08 -46.82
C PRO B 3 -15.53 -18.08 -45.59
N PHE B 4 -16.17 -18.13 -44.43
CA PHE B 4 -15.46 -18.23 -43.16
C PHE B 4 -14.89 -19.63 -42.97
N SER B 5 -13.83 -19.72 -42.18
CA SER B 5 -13.19 -20.97 -41.84
C SER B 5 -12.30 -20.72 -40.64
N VAL B 6 -11.83 -21.81 -40.04
CA VAL B 6 -10.72 -21.76 -39.07
C VAL B 6 -9.60 -22.63 -39.62
N PRO B 7 -8.37 -22.39 -39.22
CA PRO B 7 -7.23 -23.11 -39.80
C PRO B 7 -7.25 -24.58 -39.39
N VAL B 8 -6.68 -25.41 -40.25
CA VAL B 8 -6.55 -26.84 -39.97
C VAL B 8 -5.22 -26.99 -39.22
N LEU B 9 -5.30 -26.89 -37.90
CA LEU B 9 -4.13 -26.99 -37.04
C LEU B 9 -4.57 -27.71 -35.77
N THR B 10 -3.73 -28.60 -35.26
CA THR B 10 -4.01 -29.21 -33.98
C THR B 10 -3.73 -28.20 -32.86
N VAL B 11 -4.20 -28.53 -31.66
CA VAL B 11 -3.94 -27.65 -30.51
C VAL B 11 -2.45 -27.49 -30.30
N GLU B 12 -1.71 -28.60 -30.31
CA GLU B 12 -0.28 -28.54 -30.04
C GLU B 12 0.50 -27.89 -31.17
N GLU B 13 -0.09 -27.73 -32.36
CA GLU B 13 0.55 -26.98 -33.42
C GLU B 13 0.40 -25.48 -33.27
N MET B 14 -0.45 -25.00 -32.36
CA MET B 14 -0.64 -23.56 -32.25
C MET B 14 -0.05 -23.00 -30.97
N THR B 15 -0.25 -21.70 -30.82
CA THR B 15 0.50 -20.86 -29.90
C THR B 15 -0.44 -20.08 -29.01
N ASN B 16 -0.09 -19.97 -27.73
CA ASN B 16 -0.84 -19.12 -26.83
C ASN B 16 -0.75 -17.67 -27.31
N SER B 17 -1.85 -16.97 -27.24
CA SER B 17 -1.90 -15.57 -27.67
C SER B 17 -1.59 -14.60 -26.54
N ARG B 18 -1.32 -15.09 -25.33
CA ARG B 18 -1.03 -14.23 -24.19
C ARG B 18 0.38 -14.36 -23.66
N PHE B 19 1.18 -15.29 -24.19
CA PHE B 19 2.57 -15.49 -23.79
C PHE B 19 3.22 -16.31 -24.89
N PRO B 20 4.47 -16.03 -25.25
CA PRO B 20 5.09 -16.70 -26.42
C PRO B 20 5.51 -18.14 -26.13
N ILE B 21 4.50 -19.00 -25.97
CA ILE B 21 4.70 -20.44 -25.73
C ILE B 21 3.61 -21.21 -26.45
N PRO B 22 3.89 -22.48 -26.78
CA PRO B 22 2.88 -23.28 -27.49
C PRO B 22 1.67 -23.57 -26.62
N LEU B 23 0.53 -23.78 -27.28
CA LEU B 23 -0.63 -24.32 -26.59
C LEU B 23 -0.38 -25.77 -26.22
N GLU B 24 -0.99 -26.21 -25.12
CA GLU B 24 -0.87 -27.60 -24.69
C GLU B 24 -2.19 -28.34 -24.62
N LYS B 25 -3.27 -27.68 -24.24
CA LYS B 25 -4.50 -28.42 -24.00
C LYS B 25 -5.69 -27.47 -24.01
N LEU B 26 -6.87 -28.07 -23.94
CA LEU B 26 -8.14 -27.36 -23.86
C LEU B 26 -8.74 -27.57 -22.47
N PHE B 27 -9.33 -26.52 -21.93
CA PHE B 27 -9.88 -26.55 -20.58
C PHE B 27 -11.19 -25.78 -20.57
N THR B 28 -12.17 -26.26 -19.81
CA THR B 28 -13.37 -25.48 -19.59
C THR B 28 -13.67 -25.42 -18.10
N GLY B 29 -14.26 -24.32 -17.68
CA GLY B 29 -14.69 -24.16 -16.31
C GLY B 29 -15.62 -22.98 -16.17
N PRO B 30 -16.36 -22.92 -15.06
CA PRO B 30 -17.23 -21.77 -14.82
C PRO B 30 -16.40 -20.51 -14.61
N SER B 31 -17.01 -19.35 -14.94
CA SER B 31 -16.23 -18.12 -14.88
C SER B 31 -17.00 -16.94 -14.29
N SER B 32 -18.13 -17.17 -13.60
CA SER B 32 -18.86 -16.06 -13.02
C SER B 32 -18.10 -15.42 -11.86
N ALA B 33 -17.13 -16.12 -11.28
CA ALA B 33 -16.44 -15.66 -10.08
C ALA B 33 -15.13 -14.94 -10.37
N PHE B 34 -14.82 -14.69 -11.64
CA PHE B 34 -13.69 -13.84 -12.00
C PHE B 34 -14.01 -13.14 -13.30
N VAL B 35 -13.23 -12.11 -13.61
CA VAL B 35 -13.48 -11.28 -14.78
C VAL B 35 -12.55 -11.74 -15.89
N VAL B 36 -13.13 -12.20 -17.00
CA VAL B 36 -12.36 -12.70 -18.14
C VAL B 36 -12.29 -11.55 -19.14
N GLN B 37 -11.21 -10.77 -19.06
CA GLN B 37 -11.09 -9.62 -19.94
C GLN B 37 -9.65 -9.51 -20.44
N PRO B 38 -9.06 -10.58 -20.95
CA PRO B 38 -7.70 -10.47 -21.49
C PRO B 38 -7.67 -9.50 -22.66
N GLN B 39 -6.51 -8.88 -22.86
CA GLN B 39 -6.36 -7.91 -23.94
C GLN B 39 -5.53 -8.43 -25.10
N ASN B 40 -4.71 -9.46 -24.89
CA ASN B 40 -4.05 -10.17 -25.96
C ASN B 40 -4.90 -11.38 -26.36
N GLY B 41 -4.73 -11.81 -27.60
CA GLY B 41 -5.57 -12.86 -28.16
C GLY B 41 -7.01 -12.42 -28.36
N ARG B 42 -7.23 -11.16 -28.76
CA ARG B 42 -8.56 -10.61 -28.94
C ARG B 42 -8.73 -10.16 -30.39
N CYS B 43 -9.73 -10.73 -31.06
CA CYS B 43 -9.91 -10.50 -32.49
C CYS B 43 -11.29 -11.01 -32.87
N THR B 44 -11.99 -10.26 -33.71
CA THR B 44 -13.28 -10.73 -34.20
C THR B 44 -13.08 -11.79 -35.29
N THR B 45 -14.13 -12.54 -35.59
CA THR B 45 -13.98 -13.58 -36.60
C THR B 45 -13.76 -12.99 -37.98
N ASP B 46 -14.17 -11.74 -38.22
CA ASP B 46 -13.91 -11.10 -39.50
C ASP B 46 -12.63 -10.27 -39.49
N GLY B 47 -11.76 -10.47 -38.50
CA GLY B 47 -10.39 -10.01 -38.61
C GLY B 47 -10.08 -8.66 -38.00
N VAL B 48 -10.92 -8.16 -37.09
CA VAL B 48 -10.65 -6.89 -36.41
C VAL B 48 -9.91 -7.18 -35.11
N LEU B 49 -8.66 -6.70 -35.02
CA LEU B 49 -7.89 -6.87 -33.80
C LEU B 49 -8.42 -5.97 -32.70
N LEU B 50 -8.42 -6.47 -31.46
CA LEU B 50 -8.98 -5.75 -30.32
C LEU B 50 -7.94 -5.63 -29.20
N GLY B 51 -8.21 -4.75 -28.25
CA GLY B 51 -7.36 -4.68 -27.07
C GLY B 51 -5.94 -4.29 -27.40
N THR B 52 -4.98 -5.09 -26.92
CA THR B 52 -3.56 -4.90 -27.23
C THR B 52 -3.05 -5.95 -28.22
N THR B 53 -3.95 -6.55 -28.98
CA THR B 53 -3.57 -7.70 -29.79
C THR B 53 -2.86 -7.28 -31.06
N GLN B 54 -1.74 -7.94 -31.34
CA GLN B 54 -1.01 -7.75 -32.59
C GLN B 54 -0.71 -9.14 -33.15
N LEU B 55 -0.03 -9.18 -34.31
CA LEU B 55 0.04 -10.42 -35.08
C LEU B 55 1.22 -11.32 -34.71
N SER B 56 2.31 -10.76 -34.19
CA SER B 56 3.54 -11.54 -34.04
C SER B 56 3.50 -12.33 -32.74
N PRO B 57 3.61 -13.65 -32.77
CA PRO B 57 3.63 -14.42 -31.51
C PRO B 57 4.84 -14.07 -30.65
N VAL B 58 5.96 -13.71 -31.28
CA VAL B 58 7.19 -13.49 -30.53
C VAL B 58 7.23 -12.11 -29.89
N ASN B 59 6.32 -11.20 -30.22
CA ASN B 59 6.31 -9.89 -29.61
C ASN B 59 5.42 -9.81 -28.38
N ILE B 60 4.77 -10.90 -28.02
CA ILE B 60 3.90 -10.90 -26.85
C ILE B 60 4.74 -10.86 -25.59
N CYS B 61 4.44 -9.89 -24.71
CA CYS B 61 5.18 -9.65 -23.47
C CYS B 61 6.63 -9.24 -23.70
N THR B 62 6.94 -8.69 -24.88
CA THR B 62 8.25 -8.14 -25.18
C THR B 62 8.18 -6.62 -25.05
N PHE B 63 9.28 -6.00 -24.61
CA PHE B 63 9.36 -4.54 -24.57
C PHE B 63 10.63 -4.09 -25.27
N ARG B 64 10.57 -2.91 -25.90
CA ARG B 64 11.71 -2.31 -26.57
C ARG B 64 11.77 -0.83 -26.28
N GLY B 65 12.99 -0.29 -26.20
CA GLY B 65 13.16 1.15 -26.03
C GLY B 65 14.58 1.46 -25.56
N ASP B 66 14.71 2.58 -24.89
CA ASP B 66 15.95 2.95 -24.22
C ASP B 66 15.72 2.93 -22.70
N VAL B 67 16.81 2.80 -21.94
CA VAL B 67 16.66 2.67 -20.49
C VAL B 67 17.42 3.78 -19.79
N THR B 68 16.89 4.17 -18.63
CA THR B 68 17.47 5.16 -17.75
C THR B 68 17.67 4.52 -16.39
N HIS B 69 18.89 4.58 -15.88
CA HIS B 69 19.16 3.95 -14.59
C HIS B 69 18.47 4.71 -13.47
N ILE B 70 17.91 3.97 -12.51
CA ILE B 70 17.31 4.57 -11.32
C ILE B 70 18.40 4.60 -10.26
N THR B 71 18.96 5.78 -10.04
CA THR B 71 20.12 5.93 -9.16
C THR B 71 19.84 5.37 -7.78
N GLY B 72 20.79 4.62 -7.25
CA GLY B 72 20.67 3.97 -5.97
C GLY B 72 20.10 2.57 -5.99
N SER B 73 19.70 2.07 -7.16
CA SER B 73 19.04 0.79 -7.28
C SER B 73 19.71 -0.03 -8.37
N ARG B 74 19.24 -1.26 -8.54
CA ARG B 74 19.56 -2.07 -9.71
C ARG B 74 18.41 -2.09 -10.70
N ASN B 75 17.60 -1.02 -10.70
CA ASN B 75 16.41 -0.91 -11.51
C ASN B 75 16.61 0.12 -12.62
N TYR B 76 15.91 -0.10 -13.72
CA TYR B 76 15.97 0.79 -14.87
C TYR B 76 14.55 1.09 -15.32
N THR B 77 14.33 2.32 -15.77
CA THR B 77 13.09 2.70 -16.41
C THR B 77 13.30 2.57 -17.91
N MET B 78 12.48 1.75 -18.57
CA MET B 78 12.55 1.70 -20.02
C MET B 78 11.54 2.70 -20.58
N ASN B 79 12.02 3.52 -21.50
CA ASN B 79 11.18 4.50 -22.19
C ASN B 79 10.78 3.83 -23.50
N LEU B 80 9.50 3.46 -23.61
CA LEU B 80 9.11 2.50 -24.64
C LEU B 80 9.16 3.09 -26.04
N ALA B 81 9.63 2.28 -26.98
CA ALA B 81 9.44 2.52 -28.41
C ALA B 81 8.40 1.53 -28.93
N SER B 82 7.93 1.79 -30.15
CA SER B 82 7.05 0.84 -30.79
C SER B 82 7.84 -0.42 -31.15
N GLN B 83 7.10 -1.51 -31.43
CA GLN B 83 7.76 -2.80 -31.62
C GLN B 83 8.74 -2.75 -32.79
N ASN B 84 8.65 -1.74 -33.67
CA ASN B 84 9.58 -1.55 -34.77
C ASN B 84 10.54 -0.39 -34.53
N TRP B 85 10.69 0.04 -33.28
CA TRP B 85 11.60 1.09 -32.82
C TRP B 85 11.14 2.50 -33.18
N ASN B 86 9.97 2.66 -33.79
CA ASN B 86 9.39 3.98 -33.99
C ASN B 86 8.94 4.57 -32.65
N ASP B 87 8.71 5.89 -32.65
CA ASP B 87 8.20 6.55 -31.46
C ASP B 87 6.84 5.97 -31.07
N TYR B 88 6.61 5.88 -29.76
CA TYR B 88 5.35 5.40 -29.22
C TYR B 88 4.46 6.59 -28.87
N ASP B 89 3.17 6.47 -29.19
CA ASP B 89 2.19 7.55 -29.02
C ASP B 89 1.15 7.16 -27.98
N PRO B 90 1.19 7.72 -26.76
CA PRO B 90 0.23 7.33 -25.72
C PRO B 90 -1.22 7.71 -26.02
N THR B 91 -1.48 8.51 -27.06
CA THR B 91 -2.83 8.98 -27.32
C THR B 91 -3.59 8.11 -28.31
N GLU B 92 -2.99 7.01 -28.78
CA GLU B 92 -3.71 6.09 -29.63
C GLU B 92 -4.87 5.46 -28.84
N GLU B 93 -5.87 4.99 -29.58
CA GLU B 93 -7.07 4.43 -28.95
C GLU B 93 -6.86 2.95 -28.64
N ILE B 94 -5.85 2.70 -27.81
CA ILE B 94 -5.54 1.36 -27.32
C ILE B 94 -5.31 1.44 -25.82
N PRO B 95 -5.47 0.31 -25.11
CA PRO B 95 -5.23 0.34 -23.66
C PRO B 95 -3.77 0.49 -23.29
N ALA B 96 -2.87 0.12 -24.19
CA ALA B 96 -1.44 0.04 -23.91
C ALA B 96 -0.75 -0.40 -25.20
N PRO B 97 0.59 -0.37 -25.26
CA PRO B 97 1.26 -0.83 -26.48
C PRO B 97 0.86 -2.25 -26.83
N LEU B 98 0.82 -2.54 -28.13
CA LEU B 98 0.42 -3.87 -28.55
C LEU B 98 1.42 -4.90 -28.06
N GLY B 99 0.91 -6.00 -27.50
CA GLY B 99 1.75 -7.03 -26.92
C GLY B 99 2.05 -6.87 -25.45
N THR B 100 1.65 -5.77 -24.83
CA THR B 100 1.87 -5.57 -23.40
C THR B 100 1.26 -6.73 -22.61
N PRO B 101 1.92 -7.21 -21.56
CA PRO B 101 1.30 -8.24 -20.71
C PRO B 101 -0.08 -7.80 -20.24
N ASP B 102 -1.01 -8.75 -20.18
CA ASP B 102 -2.38 -8.44 -19.76
C ASP B 102 -2.76 -9.18 -18.48
N PHE B 103 -1.79 -9.44 -17.61
CA PHE B 103 -2.07 -10.03 -16.30
C PHE B 103 -1.12 -9.43 -15.28
N VAL B 104 -1.54 -9.48 -14.02
CA VAL B 104 -0.71 -8.99 -12.92
C VAL B 104 0.19 -10.13 -12.44
N GLY B 105 1.49 -9.91 -12.53
CA GLY B 105 2.42 -10.94 -12.09
C GLY B 105 3.83 -10.42 -12.25
N LYS B 106 4.78 -11.30 -11.94
CA LYS B 106 6.20 -10.97 -12.03
C LYS B 106 6.77 -11.81 -13.17
N ILE B 107 7.06 -11.15 -14.28
CA ILE B 107 7.56 -11.82 -15.48
C ILE B 107 9.07 -11.67 -15.49
N GLN B 108 9.78 -12.78 -15.50
CA GLN B 108 11.24 -12.77 -15.53
C GLN B 108 11.72 -13.04 -16.94
N GLY B 109 12.82 -12.39 -17.30
CA GLY B 109 13.37 -12.58 -18.62
C GLY B 109 14.76 -11.98 -18.68
N VAL B 110 15.15 -11.45 -19.82
CA VAL B 110 16.50 -10.92 -20.02
C VAL B 110 16.39 -9.59 -20.73
N LEU B 111 17.10 -8.58 -20.22
CA LEU B 111 17.26 -7.29 -20.89
C LEU B 111 18.57 -7.36 -21.66
N THR B 112 18.51 -7.13 -22.97
CA THR B 112 19.68 -7.13 -23.82
C THR B 112 19.86 -5.74 -24.42
N GLN B 113 21.08 -5.41 -24.78
CA GLN B 113 21.35 -4.10 -25.33
C GLN B 113 22.55 -4.18 -26.26
N THR B 114 22.52 -3.40 -27.34
CA THR B 114 23.65 -3.27 -28.23
C THR B 114 24.07 -1.81 -28.30
N THR B 115 25.37 -1.56 -28.23
CA THR B 115 25.92 -0.23 -28.44
C THR B 115 26.10 0.01 -29.93
N ARG B 116 25.41 1.01 -30.48
CA ARG B 116 25.37 1.19 -31.93
C ARG B 116 26.76 1.39 -32.51
N THR B 117 27.61 2.17 -31.83
CA THR B 117 28.85 2.61 -32.47
C THR B 117 29.82 1.47 -32.70
N ASP B 118 29.90 0.50 -31.77
CA ASP B 118 30.90 -0.57 -31.91
C ASP B 118 30.34 -1.97 -31.89
N GLY B 119 29.02 -2.14 -31.74
CA GLY B 119 28.46 -3.48 -31.73
C GLY B 119 28.72 -4.27 -30.47
N SER B 120 29.17 -3.64 -29.40
CA SER B 120 29.29 -4.33 -28.13
C SER B 120 27.91 -4.62 -27.56
N THR B 121 27.79 -5.73 -26.84
CA THR B 121 26.48 -6.20 -26.39
C THR B 121 26.56 -6.63 -24.93
N ARG B 122 25.39 -6.70 -24.30
CA ARG B 122 25.29 -7.06 -22.89
C ARG B 122 23.87 -7.55 -22.64
N GLY B 123 23.75 -8.48 -21.71
CA GLY B 123 22.45 -8.99 -21.32
C GLY B 123 22.43 -9.28 -19.84
N HIS B 124 21.30 -9.02 -19.18
CA HIS B 124 21.18 -9.21 -17.75
C HIS B 124 19.80 -9.71 -17.38
N LYS B 125 19.76 -10.62 -16.41
CA LYS B 125 18.52 -11.04 -15.78
C LYS B 125 17.68 -9.83 -15.39
N ALA B 126 16.39 -9.89 -15.70
CA ALA B 126 15.49 -8.78 -15.42
C ALA B 126 14.11 -9.31 -15.13
N THR B 127 13.37 -8.58 -14.29
CA THR B 127 12.01 -8.93 -13.92
C THR B 127 11.17 -7.68 -14.04
N VAL B 128 9.96 -7.83 -14.59
CA VAL B 128 9.01 -6.72 -14.63
C VAL B 128 7.83 -7.13 -13.77
N TYR B 129 7.52 -6.30 -12.78
CA TYR B 129 6.37 -6.52 -11.91
C TYR B 129 5.22 -5.71 -12.49
N THR B 130 4.28 -6.40 -13.15
CA THR B 130 3.21 -5.68 -13.84
C THR B 130 2.14 -5.14 -12.89
N GLY B 131 2.23 -5.43 -11.60
CA GLY B 131 1.39 -4.81 -10.60
C GLY B 131 2.03 -3.59 -9.95
N SER B 132 3.21 -3.18 -10.39
CA SER B 132 3.93 -2.05 -9.80
C SER B 132 3.31 -0.72 -10.21
N ALA B 133 3.37 0.26 -9.31
CA ALA B 133 2.98 1.62 -9.68
C ALA B 133 3.82 2.17 -10.81
N ASP B 134 5.01 1.60 -11.01
CA ASP B 134 5.92 2.07 -12.03
C ASP B 134 5.82 1.24 -13.31
N PHE B 135 4.83 0.35 -13.38
CA PHE B 135 4.43 -0.30 -14.63
C PHE B 135 3.38 0.60 -15.26
N ALA B 136 3.78 1.41 -16.23
CA ALA B 136 2.87 2.36 -16.88
C ALA B 136 3.10 2.35 -18.38
N PRO B 137 2.98 1.18 -19.01
CA PRO B 137 3.27 1.11 -20.45
C PRO B 137 2.35 1.97 -21.32
N LYS B 138 1.10 2.19 -20.92
CA LYS B 138 0.24 3.07 -21.70
C LYS B 138 0.87 4.46 -21.88
N LEU B 139 1.61 4.93 -20.89
CA LEU B 139 2.31 6.21 -20.99
C LEU B 139 3.78 6.04 -21.35
N GLY B 140 4.19 4.83 -21.76
CA GLY B 140 5.51 4.60 -22.30
C GLY B 140 6.62 4.44 -21.29
N ARG B 141 6.30 4.07 -20.04
CA ARG B 141 7.29 3.94 -18.97
C ARG B 141 7.09 2.61 -18.27
N VAL B 142 8.15 1.80 -18.23
CA VAL B 142 8.10 0.48 -17.60
C VAL B 142 9.37 0.28 -16.80
N GLN B 143 9.24 -0.14 -15.55
CA GLN B 143 10.39 -0.34 -14.67
C GLN B 143 10.79 -1.81 -14.66
N PHE B 144 12.08 -2.06 -14.82
CA PHE B 144 12.66 -3.40 -14.73
C PHE B 144 13.61 -3.49 -13.54
N GLU B 145 13.57 -4.62 -12.84
CA GLU B 145 14.54 -4.92 -11.80
C GLU B 145 15.63 -5.82 -12.42
N THR B 146 16.90 -5.43 -12.28
CA THR B 146 17.97 -6.20 -12.89
C THR B 146 19.01 -6.60 -11.85
N ASP B 147 20.10 -7.22 -12.31
CA ASP B 147 21.20 -7.55 -11.41
C ASP B 147 22.40 -6.65 -11.62
N THR B 148 22.19 -5.46 -12.17
CA THR B 148 23.28 -4.50 -12.37
C THR B 148 22.81 -3.10 -12.01
N ASP B 149 23.77 -2.28 -11.55
CA ASP B 149 23.53 -0.86 -11.35
C ASP B 149 24.38 0.00 -12.27
N ARG B 150 25.05 -0.59 -13.27
CA ARG B 150 25.97 0.22 -14.06
C ARG B 150 26.25 -0.27 -15.48
N ASP B 151 25.74 -1.45 -15.87
CA ASP B 151 26.18 -1.99 -17.16
C ASP B 151 25.42 -1.42 -18.36
N PHE B 152 24.15 -1.08 -18.20
CA PHE B 152 23.36 -0.62 -19.32
C PHE B 152 23.65 0.85 -19.62
N GLU B 153 23.74 1.16 -20.91
CA GLU B 153 24.06 2.49 -21.38
C GLU B 153 22.78 3.25 -21.72
N ALA B 154 22.84 4.58 -21.61
CA ALA B 154 21.72 5.42 -22.03
C ALA B 154 21.69 5.56 -23.56
N ASN B 155 20.48 5.82 -24.08
CA ASN B 155 20.26 6.12 -25.50
C ASN B 155 20.79 5.00 -26.41
N GLN B 156 20.59 3.74 -26.00
CA GLN B 156 20.94 2.59 -26.81
C GLN B 156 19.77 1.63 -26.84
N ASN B 157 19.56 0.99 -27.99
CA ASN B 157 18.43 0.07 -28.16
C ASN B 157 18.51 -1.06 -27.14
N THR B 158 17.42 -1.26 -26.40
CA THR B 158 17.33 -2.24 -25.32
C THR B 158 16.04 -3.02 -25.49
N LYS B 159 16.12 -4.34 -25.29
CA LYS B 159 14.97 -5.23 -25.45
C LYS B 159 14.81 -6.11 -24.22
N PHE B 160 13.56 -6.33 -23.82
CA PHE B 160 13.23 -7.35 -22.83
C PHE B 160 12.66 -8.55 -23.55
N THR B 161 13.29 -9.71 -23.35
CA THR B 161 12.76 -10.98 -23.84
C THR B 161 12.16 -11.74 -22.68
N PRO B 162 10.86 -12.04 -22.70
CA PRO B 162 10.26 -12.75 -21.57
C PRO B 162 10.62 -14.23 -21.58
N VAL B 163 10.71 -14.81 -20.39
CA VAL B 163 10.99 -16.23 -20.22
C VAL B 163 9.90 -16.93 -19.42
N GLY B 164 9.59 -16.42 -18.24
CA GLY B 164 8.62 -17.11 -17.41
C GLY B 164 8.13 -16.22 -16.29
N VAL B 165 7.56 -16.85 -15.26
CA VAL B 165 6.99 -16.12 -14.14
C VAL B 165 7.61 -16.63 -12.84
N ILE B 166 7.56 -15.78 -11.80
CA ILE B 166 8.10 -16.13 -10.50
C ILE B 166 7.05 -15.91 -9.41
N GLN B 167 7.32 -16.49 -8.24
CA GLN B 167 6.47 -16.35 -7.07
C GLN B 167 7.38 -16.31 -5.85
N ASP B 168 6.92 -15.63 -4.80
CA ASP B 168 7.69 -15.57 -3.55
C ASP B 168 7.46 -16.85 -2.76
N GLY B 169 8.46 -17.74 -2.76
CA GLY B 169 8.33 -19.04 -2.11
C GLY B 169 8.10 -18.99 -0.62
N GLY B 170 8.31 -17.83 0.00
CA GLY B 170 7.96 -17.65 1.39
C GLY B 170 6.49 -17.38 1.64
N THR B 171 5.68 -17.35 0.59
CA THR B 171 4.25 -17.09 0.69
C THR B 171 3.48 -18.26 0.11
N THR B 172 2.16 -18.19 0.22
CA THR B 172 1.30 -19.31 -0.14
C THR B 172 1.49 -19.71 -1.60
N HIS B 173 1.65 -21.01 -1.83
CA HIS B 173 2.01 -21.48 -3.16
C HIS B 173 0.91 -21.15 -4.18
N ARG B 174 1.34 -20.75 -5.36
CA ARG B 174 0.46 -20.49 -6.50
C ARG B 174 -0.46 -19.30 -6.27
N ASN B 175 -0.05 -18.37 -5.41
CA ASN B 175 -0.84 -17.16 -5.18
C ASN B 175 -0.61 -16.09 -6.26
N GLU B 176 0.36 -16.27 -7.14
CA GLU B 176 0.59 -15.37 -8.26
C GLU B 176 1.31 -16.15 -9.34
N PRO B 177 1.26 -15.70 -10.61
CA PRO B 177 0.51 -14.55 -11.14
C PRO B 177 -1.00 -14.72 -11.01
N GLN B 178 -1.72 -13.66 -11.33
CA GLN B 178 -3.19 -13.63 -11.34
C GLN B 178 -3.60 -13.36 -12.78
N GLN B 179 -3.84 -14.43 -13.55
CA GLN B 179 -3.99 -14.27 -14.99
C GLN B 179 -5.26 -13.52 -15.38
N TRP B 180 -6.25 -13.42 -14.49
CA TRP B 180 -7.49 -12.73 -14.82
C TRP B 180 -7.60 -11.34 -14.18
N VAL B 181 -6.48 -10.78 -13.73
CA VAL B 181 -6.43 -9.45 -13.18
C VAL B 181 -5.62 -8.60 -14.15
N LEU B 182 -6.27 -7.63 -14.78
CA LEU B 182 -5.55 -6.75 -15.70
C LEU B 182 -4.61 -5.83 -14.93
N PRO B 183 -3.43 -5.54 -15.47
CA PRO B 183 -2.60 -4.45 -14.92
C PRO B 183 -3.32 -3.11 -15.06
N SER B 184 -2.85 -2.14 -14.29
CA SER B 184 -3.23 -0.75 -14.49
C SER B 184 -2.20 -0.14 -15.43
N TYR B 185 -2.57 0.00 -16.71
CA TYR B 185 -1.59 0.25 -17.76
C TYR B 185 -0.93 1.63 -17.67
N SER B 186 -1.56 2.59 -16.98
CA SER B 186 -0.99 3.91 -16.76
C SER B 186 -0.52 4.12 -15.33
N GLY B 187 -0.39 3.06 -14.55
CA GLY B 187 0.12 3.19 -13.20
C GLY B 187 -0.96 3.36 -12.15
N ARG B 188 -0.53 3.85 -10.99
CA ARG B 188 -1.37 3.82 -9.81
C ARG B 188 -2.58 4.74 -9.97
N ASN B 189 -3.74 4.26 -9.54
CA ASN B 189 -4.94 5.09 -9.41
C ASN B 189 -5.36 5.71 -10.74
N THR B 190 -5.11 5.03 -11.85
CA THR B 190 -5.48 5.54 -13.18
C THR B 190 -6.25 4.47 -13.94
N HIS B 191 -7.46 4.82 -14.42
CA HIS B 191 -8.33 3.87 -15.09
C HIS B 191 -7.77 3.43 -16.44
N ASN B 192 -7.89 2.14 -16.71
CA ASN B 192 -7.62 1.63 -18.04
C ASN B 192 -8.66 2.16 -19.03
N VAL B 193 -8.24 2.30 -20.28
CA VAL B 193 -9.09 2.82 -21.35
C VAL B 193 -9.01 1.91 -22.57
N HIS B 194 -10.04 2.00 -23.42
CA HIS B 194 -10.06 1.36 -24.73
C HIS B 194 -9.89 -0.15 -24.64
N LEU B 195 -10.42 -0.77 -23.58
CA LEU B 195 -10.29 -2.22 -23.41
C LEU B 195 -11.19 -3.00 -24.36
N ALA B 196 -10.68 -4.13 -24.82
CA ALA B 196 -11.56 -5.16 -25.35
C ALA B 196 -12.52 -5.61 -24.24
N PRO B 197 -13.78 -5.90 -24.55
CA PRO B 197 -14.76 -6.16 -23.49
C PRO B 197 -14.52 -7.47 -22.76
N ALA B 198 -15.01 -7.52 -21.52
CA ALA B 198 -15.04 -8.78 -20.81
C ALA B 198 -15.99 -9.73 -21.51
N VAL B 199 -15.74 -11.04 -21.35
CA VAL B 199 -16.57 -12.04 -22.01
C VAL B 199 -17.17 -13.00 -20.98
N ALA B 200 -18.28 -13.61 -21.36
CA ALA B 200 -18.97 -14.53 -20.47
C ALA B 200 -19.89 -15.41 -21.30
N PRO B 201 -20.16 -16.64 -20.87
CA PRO B 201 -21.19 -17.43 -21.54
C PRO B 201 -22.54 -16.74 -21.41
N THR B 202 -23.35 -16.88 -22.47
CA THR B 202 -24.65 -16.21 -22.50
C THR B 202 -25.77 -17.19 -22.83
N PHE B 203 -25.59 -18.46 -22.48
CA PHE B 203 -26.60 -19.48 -22.77
C PHE B 203 -26.59 -20.49 -21.64
N PRO B 204 -27.75 -21.04 -21.28
CA PRO B 204 -27.80 -21.97 -20.15
C PRO B 204 -26.93 -23.19 -20.37
N GLY B 205 -26.20 -23.58 -19.32
CA GLY B 205 -25.37 -24.75 -19.37
C GLY B 205 -24.08 -24.60 -20.13
N GLU B 206 -23.73 -23.39 -20.56
CA GLU B 206 -22.50 -23.18 -21.32
C GLU B 206 -21.39 -22.59 -20.46
N GLN B 207 -20.15 -22.89 -20.85
CA GLN B 207 -18.95 -22.33 -20.23
C GLN B 207 -18.01 -21.89 -21.34
N LEU B 208 -17.09 -20.99 -20.98
CA LEU B 208 -16.01 -20.66 -21.89
C LEU B 208 -15.13 -21.89 -22.13
N LEU B 209 -14.63 -22.02 -23.36
CA LEU B 209 -13.57 -22.95 -23.68
C LEU B 209 -12.26 -22.18 -23.74
N PHE B 210 -11.27 -22.64 -22.99
CA PHE B 210 -9.99 -21.96 -22.86
C PHE B 210 -8.90 -22.75 -23.57
N PHE B 211 -8.02 -22.04 -24.26
CA PHE B 211 -6.84 -22.62 -24.88
C PHE B 211 -5.69 -22.42 -23.91
N ARG B 212 -5.16 -23.51 -23.37
CA ARG B 212 -4.33 -23.46 -22.16
C ARG B 212 -2.89 -23.85 -22.44
N SER B 213 -1.96 -23.12 -21.81
CA SER B 213 -0.55 -23.44 -21.76
C SER B 213 -0.08 -23.39 -20.32
N THR B 214 1.16 -23.81 -20.11
CA THR B 214 1.82 -23.74 -18.82
C THR B 214 3.04 -22.84 -18.98
N MET B 215 3.03 -21.70 -18.30
CA MET B 215 4.16 -20.79 -18.40
C MET B 215 5.36 -21.39 -17.71
N PRO B 216 6.56 -21.20 -18.25
CA PRO B 216 7.77 -21.56 -17.48
C PRO B 216 7.78 -20.82 -16.16
N GLY B 217 8.22 -21.51 -15.12
CA GLY B 217 8.45 -20.90 -13.81
C GLY B 217 9.94 -20.76 -13.55
N CYS B 218 10.34 -19.60 -13.03
CA CYS B 218 11.75 -19.28 -12.86
C CYS B 218 12.19 -19.24 -11.41
N SER B 219 11.27 -19.28 -10.46
CA SER B 219 11.58 -19.20 -9.04
C SER B 219 10.31 -19.29 -8.21
N GLY B 220 10.37 -19.95 -7.07
CA GLY B 220 9.21 -20.05 -6.21
C GLY B 220 8.19 -21.06 -6.73
N TYR B 221 6.92 -20.82 -6.36
CA TYR B 221 5.83 -21.74 -6.63
C TYR B 221 4.71 -21.01 -7.38
N PRO B 222 4.97 -20.57 -8.60
CA PRO B 222 3.97 -19.76 -9.31
C PRO B 222 2.82 -20.60 -9.84
N ASN B 223 1.69 -19.93 -10.01
CA ASN B 223 0.57 -20.47 -10.78
C ASN B 223 0.91 -20.30 -12.26
N MET B 224 1.29 -21.38 -12.93
CA MET B 224 1.71 -21.21 -14.32
C MET B 224 0.61 -21.48 -15.34
N ASP B 225 -0.65 -21.68 -14.93
CA ASP B 225 -1.74 -21.79 -15.91
C ASP B 225 -1.89 -20.49 -16.68
N LEU B 226 -2.05 -20.60 -18.01
CA LEU B 226 -2.31 -19.42 -18.83
C LEU B 226 -3.33 -19.78 -19.89
N ASP B 227 -4.50 -19.18 -19.80
CA ASP B 227 -5.63 -19.49 -20.67
C ASP B 227 -5.87 -18.34 -21.62
N CYS B 228 -5.98 -18.62 -22.91
CA CYS B 228 -6.34 -17.57 -23.85
C CYS B 228 -7.66 -17.93 -24.52
N LEU B 229 -8.30 -16.91 -25.09
CA LEU B 229 -9.62 -17.11 -25.70
C LEU B 229 -9.52 -17.57 -27.15
N LEU B 230 -8.42 -17.27 -27.83
CA LEU B 230 -8.20 -17.62 -29.21
C LEU B 230 -6.72 -17.99 -29.36
N PRO B 231 -6.40 -19.06 -30.08
CA PRO B 231 -5.00 -19.30 -30.44
C PRO B 231 -4.46 -18.12 -31.23
N GLN B 232 -3.16 -17.86 -31.08
CA GLN B 232 -2.58 -16.78 -31.86
C GLN B 232 -2.75 -17.03 -33.35
N GLU B 233 -2.72 -18.29 -33.77
CA GLU B 233 -2.91 -18.61 -35.18
C GLU B 233 -4.31 -18.26 -35.67
N TRP B 234 -5.32 -18.33 -34.79
CA TRP B 234 -6.65 -17.91 -35.21
C TRP B 234 -6.73 -16.39 -35.35
N VAL B 235 -6.06 -15.66 -34.47
CA VAL B 235 -5.94 -14.21 -34.66
C VAL B 235 -5.34 -13.91 -36.02
N GLN B 236 -4.22 -14.56 -36.31
CA GLN B 236 -3.51 -14.33 -37.57
C GLN B 236 -4.38 -14.70 -38.76
N TYR B 237 -5.12 -15.80 -38.65
CA TYR B 237 -5.91 -16.34 -39.75
C TYR B 237 -7.13 -15.45 -40.02
N PHE B 238 -7.86 -15.07 -38.97
CA PHE B 238 -9.00 -14.18 -39.15
C PHE B 238 -8.57 -12.83 -39.73
N TYR B 239 -7.43 -12.30 -39.24
CA TYR B 239 -6.95 -11.04 -39.78
C TYR B 239 -6.67 -11.15 -41.27
N GLN B 240 -6.10 -12.27 -41.70
CA GLN B 240 -5.75 -12.46 -43.11
C GLN B 240 -6.97 -12.74 -43.96
N GLU B 241 -7.90 -13.55 -43.47
CA GLU B 241 -9.06 -13.93 -44.27
C GLU B 241 -10.10 -12.82 -44.33
N ALA B 242 -10.37 -12.17 -43.21
CA ALA B 242 -11.35 -11.08 -43.15
C ALA B 242 -12.68 -11.52 -43.75
N ALA B 243 -13.09 -12.73 -43.44
CA ALA B 243 -14.38 -13.23 -43.94
C ALA B 243 -15.52 -12.62 -43.12
N PRO B 244 -16.55 -12.06 -43.76
CA PRO B 244 -17.62 -11.41 -43.00
C PRO B 244 -18.45 -12.42 -42.22
N ALA B 245 -18.84 -12.04 -41.01
CA ALA B 245 -19.68 -12.89 -40.19
C ALA B 245 -21.10 -12.85 -40.71
N GLN B 246 -21.70 -14.02 -40.92
CA GLN B 246 -23.06 -14.09 -41.41
C GLN B 246 -24.08 -14.18 -40.29
N SER B 247 -23.64 -14.44 -39.07
CA SER B 247 -24.47 -14.40 -37.88
C SER B 247 -23.55 -14.20 -36.68
N ASP B 248 -24.15 -14.24 -35.48
CA ASP B 248 -23.43 -13.98 -34.25
C ASP B 248 -22.52 -15.13 -33.82
N VAL B 249 -22.73 -16.32 -34.36
CA VAL B 249 -22.11 -17.54 -33.83
C VAL B 249 -21.74 -18.45 -34.98
N ALA B 250 -20.46 -18.81 -35.05
CA ALA B 250 -19.99 -19.85 -35.95
C ALA B 250 -19.94 -21.17 -35.18
N LEU B 251 -20.67 -22.17 -35.67
CA LEU B 251 -20.67 -23.49 -35.05
C LEU B 251 -19.43 -24.27 -35.52
N LEU B 252 -18.57 -24.66 -34.59
CA LEU B 252 -17.39 -25.45 -34.90
C LEU B 252 -17.56 -26.87 -34.40
N ARG B 253 -17.07 -27.83 -35.17
CA ARG B 253 -16.94 -29.21 -34.72
C ARG B 253 -15.47 -29.54 -34.54
N PHE B 254 -15.15 -30.20 -33.43
CA PHE B 254 -13.79 -30.68 -33.19
C PHE B 254 -13.76 -32.13 -33.66
N VAL B 255 -13.00 -32.38 -34.71
CA VAL B 255 -13.08 -33.62 -35.47
C VAL B 255 -11.78 -34.39 -35.33
N ASN B 256 -11.90 -35.71 -35.26
CA ASN B 256 -10.75 -36.60 -35.24
C ASN B 256 -10.50 -37.10 -36.65
N PRO B 257 -9.48 -36.63 -37.36
CA PRO B 257 -9.30 -37.05 -38.76
C PRO B 257 -8.99 -38.52 -38.91
N ASP B 258 -8.52 -39.22 -37.87
CA ASP B 258 -8.26 -40.64 -37.97
C ASP B 258 -9.54 -41.43 -38.20
N THR B 259 -10.68 -40.91 -37.75
CA THR B 259 -11.95 -41.60 -37.84
C THR B 259 -13.03 -40.79 -38.55
N GLY B 260 -12.83 -39.49 -38.74
CA GLY B 260 -13.87 -38.63 -39.23
C GLY B 260 -14.96 -38.32 -38.25
N ARG B 261 -14.84 -38.79 -37.01
CA ARG B 261 -15.89 -38.62 -36.01
C ARG B 261 -15.71 -37.30 -35.26
N VAL B 262 -16.83 -36.64 -34.98
CA VAL B 262 -16.83 -35.41 -34.19
C VAL B 262 -16.73 -35.76 -32.72
N LEU B 263 -15.78 -35.14 -32.02
CA LEU B 263 -15.60 -35.37 -30.59
C LEU B 263 -16.49 -34.46 -29.76
N PHE B 264 -16.58 -33.18 -30.12
CA PHE B 264 -17.52 -32.25 -29.50
C PHE B 264 -17.77 -31.10 -30.46
N GLU B 265 -18.79 -30.30 -30.17
CA GLU B 265 -19.02 -29.08 -30.92
C GLU B 265 -19.02 -27.89 -29.96
N CYS B 266 -18.87 -26.70 -30.52
CA CYS B 266 -18.71 -25.51 -29.71
C CYS B 266 -19.14 -24.29 -30.53
N LYS B 267 -19.36 -23.17 -29.83
CA LYS B 267 -19.78 -21.93 -30.46
C LYS B 267 -18.59 -20.98 -30.49
N LEU B 268 -18.22 -20.54 -31.68
CA LEU B 268 -17.24 -19.47 -31.83
C LEU B 268 -18.02 -18.18 -32.05
N HIS B 269 -18.10 -17.37 -31.00
CA HIS B 269 -18.80 -16.11 -31.08
C HIS B 269 -18.05 -15.13 -31.96
N LYS B 270 -18.77 -14.37 -32.77
CA LYS B 270 -18.10 -13.55 -33.77
C LYS B 270 -17.22 -12.47 -33.14
N SER B 271 -17.46 -12.10 -31.89
CA SER B 271 -16.57 -11.14 -31.24
C SER B 271 -15.29 -11.80 -30.71
N GLY B 272 -15.16 -13.12 -30.83
CA GLY B 272 -13.87 -13.76 -30.68
C GLY B 272 -13.62 -14.56 -29.41
N TYR B 273 -14.49 -15.51 -29.10
CA TYR B 273 -14.27 -16.43 -27.99
C TYR B 273 -15.19 -17.62 -28.20
N VAL B 274 -14.94 -18.69 -27.46
CA VAL B 274 -15.58 -19.99 -27.68
C VAL B 274 -16.32 -20.44 -26.44
N THR B 275 -17.51 -21.01 -26.62
CA THR B 275 -18.21 -21.64 -25.51
C THR B 275 -18.58 -23.08 -25.85
N VAL B 276 -18.75 -23.89 -24.79
CA VAL B 276 -19.12 -25.29 -24.90
C VAL B 276 -20.24 -25.57 -23.90
N ALA B 277 -20.97 -26.66 -24.12
CA ALA B 277 -22.02 -27.09 -23.21
C ALA B 277 -21.43 -28.04 -22.18
N HIS B 278 -21.11 -27.52 -21.00
CA HIS B 278 -20.54 -28.33 -19.93
C HIS B 278 -20.67 -27.56 -18.63
N THR B 279 -20.82 -28.32 -17.54
CA THR B 279 -20.88 -27.74 -16.20
C THR B 279 -19.78 -28.36 -15.35
N GLY B 280 -18.86 -27.54 -14.88
CA GLY B 280 -17.76 -27.96 -14.06
C GLY B 280 -16.41 -27.72 -14.71
N GLN B 281 -15.38 -27.83 -13.89
CA GLN B 281 -14.00 -27.76 -14.37
C GLN B 281 -13.65 -29.06 -15.06
N HIS B 282 -13.04 -28.98 -16.25
CA HIS B 282 -12.78 -30.18 -17.01
C HIS B 282 -11.59 -29.97 -17.94
N ASP B 283 -10.60 -30.87 -17.83
CA ASP B 283 -9.50 -30.95 -18.79
C ASP B 283 -9.95 -31.83 -19.94
N LEU B 284 -10.10 -31.24 -21.13
CA LEU B 284 -10.58 -32.02 -22.27
C LEU B 284 -9.55 -33.07 -22.66
N VAL B 285 -10.03 -34.28 -22.92
CA VAL B 285 -9.19 -35.34 -23.46
C VAL B 285 -9.42 -35.39 -24.96
N ILE B 286 -8.36 -35.12 -25.74
CA ILE B 286 -8.51 -35.00 -27.18
C ILE B 286 -7.46 -35.86 -27.89
N PRO B 287 -7.78 -36.37 -29.10
CA PRO B 287 -6.77 -37.09 -29.86
C PRO B 287 -5.73 -36.13 -30.41
N PRO B 288 -4.49 -36.60 -30.59
CA PRO B 288 -3.41 -35.66 -30.96
C PRO B 288 -3.59 -35.01 -32.32
N ASN B 289 -4.32 -35.65 -33.25
CA ASN B 289 -4.54 -35.07 -34.57
C ASN B 289 -5.84 -34.29 -34.69
N GLY B 290 -6.62 -34.15 -33.62
CA GLY B 290 -7.89 -33.46 -33.72
C GLY B 290 -7.71 -31.99 -34.06
N TYR B 291 -8.70 -31.45 -34.76
CA TYR B 291 -8.68 -30.03 -35.13
C TYR B 291 -10.11 -29.50 -35.20
N PHE B 292 -10.24 -28.18 -35.21
CA PHE B 292 -11.54 -27.53 -35.29
C PHE B 292 -11.93 -27.30 -36.75
N ARG B 293 -13.23 -27.43 -37.03
CA ARG B 293 -13.77 -27.28 -38.37
C ARG B 293 -15.04 -26.44 -38.30
N PHE B 294 -15.10 -25.36 -39.08
CA PHE B 294 -16.30 -24.56 -39.17
C PHE B 294 -17.36 -25.25 -40.03
N ASP B 295 -18.57 -25.41 -39.49
CA ASP B 295 -19.63 -26.14 -40.19
C ASP B 295 -20.83 -25.29 -40.59
N SER B 296 -21.29 -24.36 -39.76
CA SER B 296 -22.42 -23.52 -40.15
C SER B 296 -22.54 -22.31 -39.24
N TRP B 297 -23.21 -21.28 -39.77
CA TRP B 297 -23.58 -20.11 -39.00
C TRP B 297 -24.86 -20.40 -38.23
N VAL B 298 -24.84 -20.15 -36.92
CA VAL B 298 -26.03 -20.31 -36.10
C VAL B 298 -26.20 -19.02 -35.32
N ASN B 299 -26.96 -19.04 -34.23
CA ASN B 299 -27.09 -17.84 -33.41
C ASN B 299 -26.84 -18.19 -31.94
N GLN B 300 -26.98 -17.17 -31.08
CA GLN B 300 -26.66 -17.34 -29.67
C GLN B 300 -27.67 -18.24 -28.95
N PHE B 301 -28.79 -18.57 -29.59
CA PHE B 301 -29.81 -19.45 -29.03
C PHE B 301 -29.63 -20.91 -29.42
N TYR B 302 -28.59 -21.25 -30.18
CA TYR B 302 -28.37 -22.62 -30.59
C TYR B 302 -27.98 -23.50 -29.40
N THR B 303 -28.63 -24.66 -29.27
CA THR B 303 -28.32 -25.58 -28.18
C THR B 303 -27.25 -26.57 -28.65
N LEU B 304 -26.06 -26.50 -28.05
CA LEU B 304 -25.00 -27.44 -28.37
C LEU B 304 -25.26 -28.80 -27.76
N ALA B 305 -24.76 -29.83 -28.42
CA ALA B 305 -24.68 -31.15 -27.82
C ALA B 305 -23.75 -31.10 -26.61
N PRO B 306 -24.12 -31.73 -25.50
CA PRO B 306 -23.26 -31.71 -24.32
C PRO B 306 -21.86 -32.20 -24.63
N MET B 307 -20.88 -31.47 -24.11
CA MET B 307 -19.48 -31.76 -24.36
C MET B 307 -19.07 -33.05 -23.65
N THR C 1 -61.77 -16.36 4.28
CA THR C 1 -60.92 -16.67 3.10
C THR C 1 -59.61 -17.29 3.58
N LYS C 2 -58.53 -16.50 3.61
CA LYS C 2 -57.24 -17.00 4.08
C LYS C 2 -57.33 -17.45 5.53
N PRO C 3 -56.73 -18.58 5.89
CA PRO C 3 -56.62 -18.93 7.31
C PRO C 3 -55.65 -17.99 8.00
N PHE C 4 -56.02 -17.53 9.20
CA PHE C 4 -55.13 -16.66 9.95
C PHE C 4 -53.95 -17.45 10.51
N SER C 5 -52.87 -16.73 10.79
CA SER C 5 -51.68 -17.34 11.37
C SER C 5 -50.74 -16.23 11.80
N VAL C 6 -49.72 -16.60 12.56
CA VAL C 6 -48.60 -15.70 12.87
C VAL C 6 -47.33 -16.32 12.31
N PRO C 7 -46.31 -15.51 12.02
CA PRO C 7 -45.10 -16.06 11.40
C PRO C 7 -44.37 -17.01 12.33
N VAL C 8 -43.73 -18.02 11.73
CA VAL C 8 -42.86 -18.91 12.47
C VAL C 8 -41.52 -18.21 12.65
N LEU C 9 -41.40 -17.43 13.72
CA LEU C 9 -40.20 -16.68 14.04
C LEU C 9 -40.02 -16.68 15.55
N THR C 10 -38.79 -16.85 15.99
CA THR C 10 -38.49 -16.72 17.41
C THR C 10 -38.46 -15.25 17.80
N VAL C 11 -38.50 -14.99 19.11
CA VAL C 11 -38.38 -13.63 19.60
C VAL C 11 -37.10 -12.99 19.09
N GLU C 12 -35.97 -13.70 19.22
CA GLU C 12 -34.69 -13.12 18.82
C GLU C 12 -34.57 -12.93 17.31
N GLU C 13 -35.41 -13.61 16.52
CA GLU C 13 -35.43 -13.42 15.07
C GLU C 13 -36.20 -12.18 14.65
N MET C 14 -36.95 -11.53 15.54
CA MET C 14 -37.78 -10.41 15.16
C MET C 14 -37.24 -9.08 15.66
N THR C 15 -37.98 -8.03 15.31
CA THR C 15 -37.52 -6.66 15.39
C THR C 15 -38.53 -5.83 16.16
N ASN C 16 -38.03 -4.92 16.99
CA ASN C 16 -38.91 -3.98 17.66
C ASN C 16 -39.61 -3.09 16.64
N SER C 17 -40.89 -2.82 16.87
CA SER C 17 -41.66 -1.98 15.96
C SER C 17 -41.62 -0.51 16.32
N ARG C 18 -40.91 -0.12 17.39
CA ARG C 18 -40.87 1.26 17.84
C ARG C 18 -39.49 1.88 17.77
N PHE C 19 -38.47 1.11 17.40
CA PHE C 19 -37.11 1.61 17.25
C PHE C 19 -36.37 0.56 16.44
N PRO C 20 -35.45 0.95 15.55
CA PRO C 20 -34.87 -0.06 14.64
C PRO C 20 -33.79 -0.92 15.28
N ILE C 21 -34.23 -1.81 16.17
CA ILE C 21 -33.34 -2.74 16.87
C ILE C 21 -34.06 -4.07 17.02
N PRO C 22 -33.31 -5.16 17.24
CA PRO C 22 -33.95 -6.47 17.39
C PRO C 22 -34.69 -6.59 18.72
N LEU C 23 -35.69 -7.48 18.72
CA LEU C 23 -36.32 -7.87 19.97
C LEU C 23 -35.34 -8.67 20.82
N GLU C 24 -35.52 -8.59 22.13
CA GLU C 24 -34.66 -9.32 23.04
C GLU C 24 -35.39 -10.31 23.91
N LYS C 25 -36.58 -9.95 24.40
CA LYS C 25 -37.22 -10.76 25.43
C LYS C 25 -38.70 -10.39 25.50
N LEU C 26 -39.42 -11.15 26.30
CA LEU C 26 -40.83 -10.90 26.59
C LEU C 26 -41.00 -10.47 28.03
N PHE C 27 -41.89 -9.51 28.25
CA PHE C 27 -42.13 -8.95 29.57
C PHE C 27 -43.60 -8.71 29.76
N THR C 28 -44.12 -8.99 30.96
CA THR C 28 -45.47 -8.59 31.31
C THR C 28 -45.44 -7.83 32.63
N GLY C 29 -46.34 -6.87 32.75
CA GLY C 29 -46.52 -6.12 33.98
C GLY C 29 -47.84 -5.38 33.96
N PRO C 30 -48.28 -4.89 35.10
CA PRO C 30 -49.49 -4.08 35.15
C PRO C 30 -49.28 -2.76 34.43
N SER C 31 -50.37 -2.23 33.87
CA SER C 31 -50.28 -0.95 33.17
C SER C 31 -51.50 -0.07 33.39
N SER C 32 -52.35 -0.39 34.38
CA SER C 32 -53.50 0.45 34.66
C SER C 32 -53.10 1.83 35.16
N ALA C 33 -51.90 1.97 35.72
CA ALA C 33 -51.46 3.23 36.31
C ALA C 33 -51.03 4.26 35.28
N PHE C 34 -50.90 3.89 34.01
CA PHE C 34 -50.49 4.83 32.98
C PHE C 34 -51.18 4.46 31.67
N VAL C 35 -51.03 5.33 30.67
CA VAL C 35 -51.71 5.19 29.39
C VAL C 35 -50.75 4.54 28.39
N VAL C 36 -51.18 3.44 27.81
CA VAL C 36 -50.39 2.70 26.81
C VAL C 36 -50.99 3.04 25.45
N GLN C 37 -50.33 3.93 24.71
CA GLN C 37 -50.89 4.34 23.43
C GLN C 37 -49.80 4.56 22.39
N PRO C 38 -48.88 3.60 22.21
CA PRO C 38 -47.84 3.77 21.19
C PRO C 38 -48.50 3.89 19.82
N GLN C 39 -47.82 4.60 18.93
CA GLN C 39 -48.32 4.80 17.58
C GLN C 39 -47.57 3.99 16.53
N ASN C 40 -46.33 3.60 16.79
CA ASN C 40 -45.64 2.63 15.95
C ASN C 40 -45.90 1.22 16.46
N GLY C 41 -45.83 0.25 15.55
CA GLY C 41 -46.17 -1.12 15.91
C GLY C 41 -47.64 -1.33 16.17
N ARG C 42 -48.50 -0.68 15.39
CA ARG C 42 -49.95 -0.74 15.57
C ARG C 42 -50.55 -1.25 14.27
N CYS C 43 -51.28 -2.36 14.35
CA CYS C 43 -51.79 -3.05 13.17
C CYS C 43 -52.84 -4.05 13.63
N THR C 44 -53.96 -4.10 12.90
CA THR C 44 -54.95 -5.13 13.21
C THR C 44 -54.51 -6.49 12.68
N THR C 45 -55.12 -7.55 13.22
CA THR C 45 -54.73 -8.88 12.80
C THR C 45 -55.10 -9.16 11.34
N ASP C 46 -56.08 -8.44 10.80
CA ASP C 46 -56.38 -8.59 9.38
C ASP C 46 -55.67 -7.55 8.53
N GLY C 47 -54.68 -6.85 9.07
CA GLY C 47 -53.71 -6.16 8.24
C GLY C 47 -53.91 -4.68 8.00
N VAL C 48 -54.66 -3.98 8.85
CA VAL C 48 -54.83 -2.54 8.72
C VAL C 48 -53.78 -1.83 9.58
N LEU C 49 -52.89 -1.08 8.95
CA LEU C 49 -51.89 -0.33 9.69
C LEU C 49 -52.55 0.86 10.39
N LEU C 50 -52.15 1.09 11.64
CA LEU C 50 -52.74 2.13 12.49
C LEU C 50 -51.70 3.15 12.92
N GLY C 51 -52.17 4.26 13.48
CA GLY C 51 -51.25 5.25 14.06
C GLY C 51 -50.26 5.78 13.04
N THR C 52 -48.97 5.78 13.40
CA THR C 52 -47.89 6.16 12.49
C THR C 52 -47.18 4.96 11.90
N THR C 53 -47.81 3.79 11.89
CA THR C 53 -47.11 2.55 11.58
C THR C 53 -46.92 2.40 10.08
N GLN C 54 -45.69 2.08 9.67
CA GLN C 54 -45.39 1.71 8.30
C GLN C 54 -44.62 0.39 8.33
N LEU C 55 -44.18 -0.08 7.16
CA LEU C 55 -43.81 -1.48 7.02
C LEU C 55 -42.33 -1.78 7.28
N SER C 56 -41.44 -0.84 7.01
CA SER C 56 -40.04 -1.30 7.12
C SER C 56 -39.43 -0.87 8.44
N PRO C 57 -38.75 -1.76 9.15
CA PRO C 57 -38.17 -1.36 10.44
C PRO C 57 -37.06 -0.34 10.31
N VAL C 58 -36.41 -0.23 9.14
CA VAL C 58 -35.29 0.69 9.06
C VAL C 58 -35.72 2.15 9.00
N ASN C 59 -36.99 2.44 8.70
CA ASN C 59 -37.47 3.81 8.63
C ASN C 59 -37.97 4.34 9.98
N ILE C 60 -37.99 3.52 11.02
CA ILE C 60 -38.55 3.96 12.30
C ILE C 60 -37.60 4.96 12.95
N CYS C 61 -38.13 6.13 13.31
CA CYS C 61 -37.37 7.18 13.99
C CYS C 61 -36.33 7.83 13.08
N THR C 62 -36.47 7.70 11.77
CA THR C 62 -35.67 8.45 10.81
C THR C 62 -36.44 9.68 10.35
N PHE C 63 -35.68 10.67 9.89
CA PHE C 63 -36.24 11.89 9.32
C PHE C 63 -35.42 12.22 8.09
N ARG C 64 -36.05 12.86 7.11
CA ARG C 64 -35.29 13.38 5.98
C ARG C 64 -35.95 14.63 5.45
N GLY C 65 -35.14 15.44 4.76
CA GLY C 65 -35.59 16.72 4.24
C GLY C 65 -34.40 17.63 4.00
N ASP C 66 -34.66 18.93 4.08
CA ASP C 66 -33.62 19.94 3.94
C ASP C 66 -33.50 20.69 5.26
N VAL C 67 -32.33 21.26 5.54
CA VAL C 67 -32.11 21.88 6.83
C VAL C 67 -31.72 23.34 6.66
N THR C 68 -32.05 24.12 7.69
CA THR C 68 -31.72 25.55 7.78
C THR C 68 -31.01 25.79 9.11
N HIS C 69 -29.88 26.48 9.06
CA HIS C 69 -29.12 26.76 10.28
C HIS C 69 -29.80 27.86 11.09
N ILE C 70 -29.80 27.69 12.41
CA ILE C 70 -30.27 28.69 13.35
C ILE C 70 -29.04 29.47 13.82
N THR C 71 -28.92 30.71 13.34
CA THR C 71 -27.72 31.50 13.59
C THR C 71 -27.44 31.63 15.08
N GLY C 72 -26.16 31.67 15.41
CA GLY C 72 -25.73 31.75 16.81
C GLY C 72 -25.83 30.45 17.57
N SER C 73 -26.10 29.33 16.90
CA SER C 73 -26.28 28.06 17.57
C SER C 73 -25.67 26.95 16.72
N ARG C 74 -25.71 25.73 17.25
CA ARG C 74 -25.39 24.53 16.51
C ARG C 74 -26.66 23.75 16.14
N ASN C 75 -27.80 24.43 16.12
CA ASN C 75 -29.08 23.79 15.86
C ASN C 75 -29.53 24.05 14.44
N TYR C 76 -30.26 23.10 13.88
CA TYR C 76 -30.75 23.16 12.52
C TYR C 76 -32.23 22.78 12.52
N THR C 77 -33.02 23.48 11.71
CA THR C 77 -34.42 23.13 11.51
C THR C 77 -34.53 22.30 10.23
N MET C 78 -35.07 21.09 10.36
CA MET C 78 -35.38 20.26 9.20
C MET C 78 -36.80 20.54 8.71
N ASN C 79 -36.92 20.83 7.41
CA ASN C 79 -38.20 20.81 6.71
C ASN C 79 -38.36 19.40 6.15
N LEU C 80 -39.35 18.68 6.65
CA LEU C 80 -39.46 17.26 6.35
C LEU C 80 -39.93 17.00 4.93
N ALA C 81 -39.34 15.99 4.31
CA ALA C 81 -39.83 15.39 3.08
C ALA C 81 -40.35 13.99 3.38
N SER C 82 -41.09 13.43 2.43
CA SER C 82 -41.46 12.03 2.56
C SER C 82 -40.27 11.14 2.18
N GLN C 83 -40.43 9.82 2.39
CA GLN C 83 -39.29 8.93 2.26
C GLN C 83 -38.67 8.99 0.88
N ASN C 84 -39.47 9.22 -0.16
CA ASN C 84 -38.96 9.35 -1.51
C ASN C 84 -38.59 10.79 -1.87
N TRP C 85 -38.43 11.65 -0.87
CA TRP C 85 -38.00 13.04 -1.03
C TRP C 85 -39.08 13.92 -1.65
N ASN C 86 -40.27 13.39 -1.90
CA ASN C 86 -41.41 14.22 -2.26
C ASN C 86 -41.77 15.15 -1.11
N ASP C 87 -42.51 16.21 -1.42
CA ASP C 87 -43.02 17.06 -0.36
C ASP C 87 -43.87 16.24 0.60
N TYR C 88 -43.73 16.54 1.89
CA TYR C 88 -44.58 15.91 2.90
C TYR C 88 -45.89 16.69 3.02
N ASP C 89 -46.98 15.98 3.24
CA ASP C 89 -48.32 16.56 3.24
C ASP C 89 -48.93 16.51 4.64
N PRO C 90 -48.96 17.63 5.37
CA PRO C 90 -49.52 17.59 6.73
C PRO C 90 -51.02 17.27 6.80
N THR C 91 -51.74 17.22 5.68
CA THR C 91 -53.19 17.03 5.73
C THR C 91 -53.62 15.58 5.60
N GLU C 92 -52.69 14.64 5.50
CA GLU C 92 -53.09 13.24 5.48
C GLU C 92 -53.66 12.82 6.83
N GLU C 93 -54.45 11.75 6.82
CA GLU C 93 -55.18 11.33 8.03
C GLU C 93 -54.31 10.43 8.90
N ILE C 94 -53.19 11.00 9.34
CA ILE C 94 -52.24 10.34 10.23
C ILE C 94 -51.81 11.34 11.30
N PRO C 95 -51.28 10.84 12.43
CA PRO C 95 -50.85 11.76 13.50
C PRO C 95 -49.58 12.51 13.19
N ALA C 96 -48.76 11.99 12.29
CA ALA C 96 -47.42 12.47 12.00
C ALA C 96 -46.87 11.60 10.88
N PRO C 97 -45.75 11.97 10.26
CA PRO C 97 -45.17 11.11 9.22
C PRO C 97 -45.01 9.68 9.75
N LEU C 98 -45.26 8.70 8.89
CA LEU C 98 -45.13 7.32 9.33
C LEU C 98 -43.71 7.07 9.82
N GLY C 99 -43.59 6.40 10.95
CA GLY C 99 -42.31 6.13 11.55
C GLY C 99 -41.81 7.18 12.53
N THR C 100 -42.53 8.28 12.69
CA THR C 100 -42.14 9.30 13.67
C THR C 100 -41.96 8.67 15.05
N PRO C 101 -40.98 9.09 15.84
CA PRO C 101 -40.89 8.59 17.22
C PRO C 101 -42.20 8.80 17.96
N ASP C 102 -42.61 7.81 18.77
CA ASP C 102 -43.86 7.91 19.52
C ASP C 102 -43.62 7.97 21.03
N PHE C 103 -42.50 8.54 21.44
CA PHE C 103 -42.24 8.74 22.86
C PHE C 103 -41.49 10.04 23.04
N VAL C 104 -41.59 10.62 24.23
CA VAL C 104 -40.86 11.84 24.58
C VAL C 104 -39.49 11.45 25.11
N GLY C 105 -38.45 11.97 24.49
CA GLY C 105 -37.10 11.69 24.92
C GLY C 105 -36.12 12.38 24.01
N LYS C 106 -34.85 12.07 24.21
CA LYS C 106 -33.75 12.66 23.44
C LYS C 106 -33.10 11.54 22.65
N ILE C 107 -33.32 11.53 21.35
CA ILE C 107 -32.83 10.48 20.46
C ILE C 107 -31.59 11.01 19.77
N GLN C 108 -30.47 10.32 19.95
CA GLN C 108 -29.21 10.73 19.35
C GLN C 108 -28.92 9.87 18.14
N GLY C 109 -28.34 10.48 17.12
CA GLY C 109 -28.00 9.77 15.90
C GLY C 109 -27.04 10.60 15.10
N VAL C 110 -27.14 10.50 13.78
CA VAL C 110 -26.25 11.19 12.86
C VAL C 110 -27.09 11.86 11.78
N LEU C 111 -26.82 13.14 11.53
CA LEU C 111 -27.37 13.84 10.38
C LEU C 111 -26.35 13.75 9.24
N THR C 112 -26.77 13.18 8.12
CA THR C 112 -25.93 13.08 6.93
C THR C 112 -26.51 13.90 5.80
N GLN C 113 -25.64 14.33 4.88
CA GLN C 113 -26.06 15.20 3.80
C GLN C 113 -25.18 14.99 2.59
N THR C 114 -25.81 15.06 1.41
CA THR C 114 -25.10 15.00 0.13
C THR C 114 -25.39 16.27 -0.65
N THR C 115 -24.34 16.86 -1.23
CA THR C 115 -24.50 18.00 -2.12
C THR C 115 -24.78 17.48 -3.54
N ARG C 116 -25.91 17.89 -4.10
CA ARG C 116 -26.40 17.33 -5.35
C ARG C 116 -25.39 17.51 -6.48
N THR C 117 -24.74 18.67 -6.55
CA THR C 117 -23.99 19.01 -7.76
C THR C 117 -22.72 18.18 -7.89
N ASP C 118 -22.00 17.93 -6.78
CA ASP C 118 -20.73 17.22 -6.86
C ASP C 118 -20.66 15.95 -6.05
N GLY C 119 -21.72 15.55 -5.36
CA GLY C 119 -21.65 14.35 -4.56
C GLY C 119 -20.81 14.44 -3.31
N SER C 120 -20.45 15.65 -2.88
CA SER C 120 -19.73 15.79 -1.62
C SER C 120 -20.67 15.47 -0.47
N THR C 121 -20.12 14.92 0.62
CA THR C 121 -20.95 14.42 1.70
C THR C 121 -20.38 14.86 3.04
N ARG C 122 -21.21 14.76 4.07
CA ARG C 122 -20.84 15.22 5.41
C ARG C 122 -21.82 14.61 6.39
N GLY C 123 -21.34 14.36 7.60
CA GLY C 123 -22.16 13.74 8.63
C GLY C 123 -21.77 14.27 9.99
N HIS C 124 -22.75 14.53 10.85
CA HIS C 124 -22.48 15.10 12.15
C HIS C 124 -23.41 14.51 13.20
N LYS C 125 -22.89 14.32 14.40
CA LYS C 125 -23.70 13.91 15.54
C LYS C 125 -24.88 14.87 15.71
N ALA C 126 -26.05 14.32 16.02
CA ALA C 126 -27.26 15.12 16.11
C ALA C 126 -28.21 14.50 17.10
N THR C 127 -28.93 15.35 17.82
CA THR C 127 -29.92 14.91 18.78
C THR C 127 -31.23 15.61 18.50
N VAL C 128 -32.33 14.86 18.56
CA VAL C 128 -33.67 15.42 18.45
C VAL C 128 -34.36 15.21 19.80
N TYR C 129 -34.85 16.29 20.38
CA TYR C 129 -35.63 16.23 21.62
C TYR C 129 -37.10 16.27 21.24
N THR C 130 -37.79 15.15 21.43
CA THR C 130 -39.16 15.03 20.96
C THR C 130 -40.17 15.67 21.89
N GLY C 131 -39.73 16.18 23.04
CA GLY C 131 -40.56 16.98 23.90
C GLY C 131 -40.46 18.47 23.66
N SER C 132 -39.66 18.88 22.68
CA SER C 132 -39.38 20.28 22.41
C SER C 132 -40.57 20.98 21.75
N ALA C 133 -40.73 22.27 22.07
CA ALA C 133 -41.67 23.09 21.32
C ALA C 133 -41.36 23.11 19.83
N ASP C 134 -40.10 22.87 19.46
CA ASP C 134 -39.72 22.86 18.05
C ASP C 134 -39.91 21.50 17.39
N PHE C 135 -40.41 20.50 18.12
CA PHE C 135 -40.69 19.19 17.56
C PHE C 135 -42.13 19.19 17.05
N ALA C 136 -42.29 19.34 15.74
CA ALA C 136 -43.62 19.44 15.12
C ALA C 136 -43.63 18.66 13.82
N PRO C 137 -43.33 17.36 13.88
CA PRO C 137 -43.27 16.58 12.63
C PRO C 137 -44.57 16.52 11.86
N LYS C 138 -45.73 16.59 12.53
CA LYS C 138 -47.00 16.58 11.83
C LYS C 138 -47.08 17.72 10.82
N LEU C 139 -46.52 18.88 11.16
CA LEU C 139 -46.48 20.02 10.26
C LEU C 139 -45.14 20.14 9.53
N GLY C 140 -44.32 19.08 9.56
CA GLY C 140 -43.12 19.03 8.75
C GLY C 140 -41.93 19.80 9.27
N ARG C 141 -41.87 20.09 10.57
CA ARG C 141 -40.75 20.83 11.14
C ARG C 141 -40.18 20.10 12.35
N VAL C 142 -38.87 19.83 12.32
CA VAL C 142 -38.19 19.17 13.42
C VAL C 142 -36.84 19.85 13.61
N GLN C 143 -36.47 20.12 14.87
CA GLN C 143 -35.19 20.75 15.17
C GLN C 143 -34.18 19.72 15.67
N PHE C 144 -32.94 19.84 15.19
CA PHE C 144 -31.84 18.99 15.62
C PHE C 144 -30.75 19.85 16.27
N GLU C 145 -30.23 19.37 17.39
CA GLU C 145 -29.00 19.91 17.97
C GLU C 145 -27.82 19.12 17.42
N THR C 146 -26.83 19.81 16.87
CA THR C 146 -25.69 19.15 16.26
C THR C 146 -24.39 19.63 16.90
N ASP C 147 -23.28 19.11 16.39
CA ASP C 147 -21.96 19.58 16.82
C ASP C 147 -21.30 20.48 15.79
N THR C 148 -22.08 21.06 14.87
CA THR C 148 -21.52 22.00 13.90
C THR C 148 -22.40 23.24 13.83
N ASP C 149 -21.76 24.37 13.49
CA ASP C 149 -22.49 25.61 13.23
C ASP C 149 -22.27 26.11 11.81
N ARG C 150 -21.77 25.26 10.91
CA ARG C 150 -21.44 25.75 9.58
C ARG C 150 -21.40 24.69 8.50
N ASP C 151 -21.43 23.41 8.85
CA ASP C 151 -21.09 22.43 7.83
C ASP C 151 -22.25 22.02 6.92
N PHE C 152 -23.49 22.17 7.37
CA PHE C 152 -24.63 21.72 6.58
C PHE C 152 -25.08 22.80 5.62
N GLU C 153 -25.33 22.40 4.37
CA GLU C 153 -25.74 23.33 3.32
C GLU C 153 -27.26 23.39 3.24
N ALA C 154 -27.77 24.53 2.77
CA ALA C 154 -29.20 24.67 2.52
C ALA C 154 -29.59 23.98 1.23
N ASN C 155 -30.85 23.55 1.18
CA ASN C 155 -31.46 23.02 -0.05
C ASN C 155 -30.75 21.76 -0.55
N GLN C 156 -30.27 20.92 0.37
CA GLN C 156 -29.62 19.67 0.01
C GLN C 156 -30.22 18.53 0.82
N ASN C 157 -30.33 17.37 0.19
CA ASN C 157 -30.91 16.19 0.84
C ASN C 157 -30.16 15.85 2.12
N THR C 158 -30.91 15.74 3.23
CA THR C 158 -30.34 15.52 4.56
C THR C 158 -31.16 14.47 5.28
N LYS C 159 -30.50 13.54 5.97
CA LYS C 159 -31.19 12.45 6.63
C LYS C 159 -30.70 12.30 8.07
N PHE C 160 -31.61 11.97 8.97
CA PHE C 160 -31.26 11.62 10.34
C PHE C 160 -31.37 10.12 10.51
N THR C 161 -30.28 9.48 10.93
CA THR C 161 -30.26 8.06 11.25
C THR C 161 -30.23 7.91 12.76
N PRO C 162 -31.21 7.27 13.38
CA PRO C 162 -31.19 7.15 14.85
C PRO C 162 -30.20 6.09 15.30
N VAL C 163 -29.64 6.31 16.47
CA VAL C 163 -28.73 5.35 17.10
C VAL C 163 -29.22 4.94 18.48
N GLY C 164 -29.48 5.90 19.35
CA GLY C 164 -29.88 5.54 20.69
C GLY C 164 -30.48 6.73 21.41
N VAL C 165 -30.49 6.65 22.74
CA VAL C 165 -31.11 7.67 23.56
C VAL C 165 -30.11 8.15 24.61
N ILE C 166 -30.37 9.34 25.14
CA ILE C 166 -29.48 9.95 26.11
C ILE C 166 -30.28 10.45 27.31
N GLN C 167 -29.54 10.78 28.37
CA GLN C 167 -30.11 11.27 29.61
C GLN C 167 -29.10 12.21 30.24
N ASP C 168 -29.60 13.19 30.98
CA ASP C 168 -28.73 14.11 31.70
C ASP C 168 -28.34 13.47 33.03
N GLY C 169 -27.08 13.04 33.15
CA GLY C 169 -26.63 12.34 34.34
C GLY C 169 -26.62 13.17 35.60
N GLY C 170 -26.72 14.50 35.48
CA GLY C 170 -26.84 15.34 36.66
C GLY C 170 -28.19 15.29 37.32
N THR C 171 -29.17 14.62 36.71
CA THR C 171 -30.51 14.47 37.24
C THR C 171 -30.80 12.98 37.47
N THR C 172 -31.92 12.72 38.16
CA THR C 172 -32.34 11.38 38.55
C THR C 172 -32.16 10.40 37.41
N HIS C 173 -31.41 9.33 37.67
CA HIS C 173 -31.06 8.38 36.63
C HIS C 173 -32.30 7.64 36.13
N ARG C 174 -32.31 7.37 34.83
CA ARG C 174 -33.39 6.65 34.16
C ARG C 174 -34.70 7.43 34.18
N ASN C 175 -34.64 8.75 34.36
CA ASN C 175 -35.85 9.58 34.32
C ASN C 175 -36.30 9.90 32.90
N GLU C 176 -35.52 9.53 31.90
CA GLU C 176 -35.89 9.70 30.49
C GLU C 176 -35.12 8.66 29.69
N PRO C 177 -35.62 8.28 28.50
CA PRO C 177 -36.89 8.67 27.87
C PRO C 177 -38.10 8.20 28.65
N GLN C 178 -39.28 8.65 28.22
CA GLN C 178 -40.55 8.24 28.80
C GLN C 178 -41.31 7.54 27.68
N GLN C 179 -41.17 6.21 27.61
CA GLN C 179 -41.62 5.50 26.42
C GLN C 179 -43.13 5.50 26.25
N TRP C 180 -43.89 5.78 27.31
CA TRP C 180 -45.34 5.75 27.20
C TRP C 180 -45.97 7.14 27.13
N VAL C 181 -45.17 8.18 26.97
CA VAL C 181 -45.66 9.55 26.86
C VAL C 181 -45.53 9.98 25.40
N LEU C 182 -46.66 10.16 24.74
CA LEU C 182 -46.65 10.55 23.33
C LEU C 182 -46.15 11.99 23.18
N PRO C 183 -45.38 12.28 22.14
CA PRO C 183 -45.06 13.68 21.81
C PRO C 183 -46.33 14.42 21.38
N SER C 184 -46.22 15.74 21.33
CA SER C 184 -47.21 16.59 20.69
C SER C 184 -46.72 16.83 19.27
N TYR C 185 -47.31 16.11 18.31
CA TYR C 185 -46.74 16.06 16.96
C TYR C 185 -46.81 17.39 16.22
N SER C 186 -47.69 18.31 16.62
CA SER C 186 -47.73 19.64 16.01
C SER C 186 -47.20 20.72 16.93
N GLY C 187 -46.53 20.36 18.01
CA GLY C 187 -45.95 21.37 18.89
C GLY C 187 -46.87 21.77 20.03
N ARG C 188 -46.56 22.92 20.62
CA ARG C 188 -47.17 23.31 21.89
C ARG C 188 -48.67 23.53 21.75
N ASN C 189 -49.41 23.07 22.75
CA ASN C 189 -50.82 23.42 22.92
C ASN C 189 -51.67 23.03 21.72
N THR C 190 -51.28 21.96 21.02
CA THR C 190 -51.99 21.51 19.83
C THR C 190 -52.31 20.03 19.97
N HIS C 191 -53.58 19.69 19.83
CA HIS C 191 -54.04 18.31 20.01
C HIS C 191 -53.50 17.40 18.93
N ASN C 192 -53.03 16.22 19.33
CA ASN C 192 -52.74 15.16 18.36
C ASN C 192 -54.04 14.68 17.71
N VAL C 193 -53.91 14.19 16.47
CA VAL C 193 -55.06 13.74 15.70
C VAL C 193 -54.78 12.37 15.11
N HIS C 194 -55.87 11.65 14.81
CA HIS C 194 -55.80 10.40 14.04
C HIS C 194 -54.95 9.34 14.74
N LEU C 195 -54.97 9.34 16.07
CA LEU C 195 -54.19 8.39 16.85
C LEU C 195 -54.78 6.99 16.80
N ALA C 196 -53.91 5.98 16.84
CA ALA C 196 -54.33 4.65 17.26
C ALA C 196 -54.75 4.71 18.72
N PRO C 197 -55.79 3.97 19.12
CA PRO C 197 -56.34 4.15 20.47
C PRO C 197 -55.43 3.56 21.55
N ALA C 198 -55.63 4.07 22.76
CA ALA C 198 -55.00 3.49 23.93
C ALA C 198 -55.45 2.05 24.12
N VAL C 199 -54.58 1.25 24.71
CA VAL C 199 -54.79 -0.19 24.85
C VAL C 199 -54.75 -0.54 26.33
N ALA C 200 -55.68 -1.40 26.75
CA ALA C 200 -55.66 -1.88 28.12
C ALA C 200 -56.38 -3.22 28.18
N PRO C 201 -55.89 -4.16 28.99
CA PRO C 201 -56.63 -5.41 29.18
C PRO C 201 -57.92 -5.15 29.93
N THR C 202 -58.99 -5.82 29.52
CA THR C 202 -60.27 -5.75 30.21
C THR C 202 -60.66 -7.04 30.91
N PHE C 203 -60.04 -8.15 30.55
CA PHE C 203 -60.37 -9.44 31.15
C PHE C 203 -59.74 -9.55 32.54
N PRO C 204 -60.51 -9.89 33.57
CA PRO C 204 -59.96 -10.03 34.91
C PRO C 204 -58.71 -10.91 34.94
N GLY C 205 -57.67 -10.42 35.61
CA GLY C 205 -56.45 -11.16 35.79
C GLY C 205 -55.46 -11.09 34.64
N GLU C 206 -55.74 -10.30 33.61
CA GLU C 206 -54.88 -10.27 32.43
C GLU C 206 -54.04 -9.01 32.39
N GLN C 207 -52.83 -9.16 31.85
CA GLN C 207 -51.90 -8.06 31.63
C GLN C 207 -51.44 -8.09 30.18
N LEU C 208 -50.99 -6.93 29.70
CA LEU C 208 -50.37 -6.88 28.39
C LEU C 208 -49.11 -7.71 28.37
N LEU C 209 -48.85 -8.37 27.23
CA LEU C 209 -47.55 -8.98 26.96
C LEU C 209 -46.76 -8.02 26.07
N PHE C 210 -45.59 -7.63 26.54
CA PHE C 210 -44.76 -6.65 25.84
C PHE C 210 -43.60 -7.35 25.16
N PHE C 211 -43.30 -6.91 23.94
CA PHE C 211 -42.15 -7.39 23.18
C PHE C 211 -41.04 -6.37 23.42
N ARG C 212 -39.99 -6.79 24.13
CA ARG C 212 -39.07 -5.85 24.77
C ARG C 212 -37.70 -5.86 24.10
N SER C 213 -37.15 -4.66 23.92
CA SER C 213 -35.77 -4.43 23.50
C SER C 213 -35.12 -3.47 24.48
N THR C 214 -33.79 -3.37 24.38
CA THR C 214 -33.01 -2.39 25.13
C THR C 214 -32.39 -1.45 24.10
N MET C 215 -32.81 -0.18 24.10
CA MET C 215 -32.22 0.74 23.13
C MET C 215 -30.78 1.07 23.52
N PRO C 216 -29.91 1.28 22.54
CA PRO C 216 -28.56 1.76 22.87
C PRO C 216 -28.63 3.08 23.61
N GLY C 217 -27.74 3.26 24.57
CA GLY C 217 -27.58 4.51 25.28
C GLY C 217 -26.31 5.19 24.79
N CYS C 218 -26.43 6.49 24.51
CA CYS C 218 -25.31 7.24 23.95
C CYS C 218 -24.69 8.21 24.95
N SER C 219 -25.34 8.44 26.08
CA SER C 219 -24.79 9.37 27.07
C SER C 219 -25.68 9.38 28.31
N GLY C 220 -25.06 9.51 29.51
CA GLY C 220 -25.85 9.58 30.72
C GLY C 220 -26.41 8.23 31.14
N TYR C 221 -27.52 8.28 31.88
CA TYR C 221 -28.15 7.11 32.49
C TYR C 221 -29.60 7.00 32.02
N PRO C 222 -29.81 6.74 30.74
CA PRO C 222 -31.19 6.68 30.21
C PRO C 222 -31.92 5.41 30.64
N ASN C 223 -33.25 5.52 30.64
CA ASN C 223 -34.11 4.34 30.70
C ASN C 223 -34.18 3.74 29.31
N MET C 224 -33.57 2.58 29.12
CA MET C 224 -33.36 2.01 27.80
C MET C 224 -34.39 0.94 27.47
N ASP C 225 -35.36 0.70 28.35
CA ASP C 225 -36.42 -0.26 28.05
C ASP C 225 -37.31 0.28 26.93
N LEU C 226 -37.62 -0.56 25.96
CA LEU C 226 -38.54 -0.17 24.90
C LEU C 226 -39.46 -1.35 24.61
N ASP C 227 -40.75 -1.15 24.87
CA ASP C 227 -41.74 -2.21 24.76
C ASP C 227 -42.67 -1.91 23.61
N CYS C 228 -42.83 -2.86 22.70
CA CYS C 228 -43.80 -2.72 21.63
C CYS C 228 -44.91 -3.76 21.80
N LEU C 229 -46.08 -3.45 21.23
CA LEU C 229 -47.22 -4.35 21.37
C LEU C 229 -47.21 -5.48 20.36
N LEU C 230 -46.51 -5.31 19.23
CA LEU C 230 -46.43 -6.30 18.16
C LEU C 230 -45.03 -6.24 17.57
N PRO C 231 -44.38 -7.37 17.33
CA PRO C 231 -43.14 -7.34 16.58
C PRO C 231 -43.36 -6.69 15.21
N GLN C 232 -42.32 -6.03 14.70
CA GLN C 232 -42.47 -5.46 13.36
C GLN C 232 -42.81 -6.53 12.34
N GLU C 233 -42.29 -7.75 12.53
CA GLU C 233 -42.56 -8.81 11.57
C GLU C 233 -44.02 -9.24 11.59
N TRP C 234 -44.69 -9.13 12.73
CA TRP C 234 -46.13 -9.43 12.76
C TRP C 234 -46.92 -8.38 12.00
N VAL C 235 -46.54 -7.10 12.15
CA VAL C 235 -47.14 -6.03 11.36
C VAL C 235 -46.98 -6.34 9.87
N GLN C 236 -45.76 -6.69 9.46
CA GLN C 236 -45.53 -6.98 8.05
C GLN C 236 -46.34 -8.17 7.59
N TYR C 237 -46.42 -9.19 8.44
CA TYR C 237 -47.08 -10.44 8.07
C TYR C 237 -48.59 -10.26 7.99
N PHE C 238 -49.18 -9.57 8.97
CA PHE C 238 -50.62 -9.35 8.93
C PHE C 238 -51.01 -8.51 7.73
N TYR C 239 -50.22 -7.48 7.42
CA TYR C 239 -50.47 -6.67 6.22
C TYR C 239 -50.46 -7.53 4.97
N GLN C 240 -49.47 -8.42 4.87
CA GLN C 240 -49.32 -9.24 3.66
C GLN C 240 -50.42 -10.27 3.56
N GLU C 241 -50.75 -10.95 4.67
CA GLU C 241 -51.72 -12.03 4.63
C GLU C 241 -53.14 -11.50 4.52
N ALA C 242 -53.45 -10.42 5.24
CA ALA C 242 -54.79 -9.82 5.24
C ALA C 242 -55.87 -10.87 5.50
N ALA C 243 -55.62 -11.73 6.47
CA ALA C 243 -56.57 -12.81 6.76
C ALA C 243 -57.70 -12.29 7.64
N PRO C 244 -58.96 -12.55 7.29
CA PRO C 244 -60.06 -11.99 8.08
C PRO C 244 -60.11 -12.57 9.48
N ALA C 245 -60.45 -11.71 10.44
CA ALA C 245 -60.60 -12.13 11.83
C ALA C 245 -61.93 -12.87 11.99
N GLN C 246 -61.86 -14.10 12.50
CA GLN C 246 -63.06 -14.92 12.74
C GLN C 246 -63.69 -14.64 14.10
N SER C 247 -62.98 -13.95 14.98
CA SER C 247 -63.50 -13.49 16.26
C SER C 247 -62.61 -12.33 16.71
N ASP C 248 -62.87 -11.82 17.91
CA ASP C 248 -62.07 -10.70 18.39
C ASP C 248 -60.79 -11.14 19.07
N VAL C 249 -60.57 -12.44 19.25
CA VAL C 249 -59.45 -12.94 20.05
C VAL C 249 -58.89 -14.20 19.39
N ALA C 250 -57.62 -14.14 19.00
CA ALA C 250 -56.90 -15.30 18.51
C ALA C 250 -56.06 -15.90 19.63
N LEU C 251 -56.24 -17.18 19.88
CA LEU C 251 -55.48 -17.89 20.91
C LEU C 251 -54.16 -18.37 20.34
N LEU C 252 -53.06 -17.90 20.92
CA LEU C 252 -51.72 -18.32 20.54
C LEU C 252 -51.09 -19.15 21.65
N ARG C 253 -50.36 -20.18 21.26
CA ARG C 253 -49.51 -20.96 22.16
C ARG C 253 -48.06 -20.69 21.82
N PHE C 254 -47.24 -20.51 22.85
CA PHE C 254 -45.79 -20.37 22.66
C PHE C 254 -45.16 -21.74 22.83
N VAL C 255 -44.50 -22.24 21.78
CA VAL C 255 -44.14 -23.65 21.66
C VAL C 255 -42.64 -23.81 21.50
N ASN C 256 -42.09 -24.87 22.12
CA ASN C 256 -40.72 -25.28 21.88
C ASN C 256 -40.72 -26.30 20.75
N PRO C 257 -40.18 -25.98 19.57
CA PRO C 257 -40.30 -26.91 18.44
C PRO C 257 -39.50 -28.19 18.60
N ASP C 258 -38.53 -28.23 19.52
CA ASP C 258 -37.75 -29.45 19.73
C ASP C 258 -38.58 -30.51 20.43
N THR C 259 -39.29 -30.12 21.50
CA THR C 259 -40.05 -31.05 22.33
C THR C 259 -41.55 -31.02 22.04
N GLY C 260 -42.05 -29.98 21.39
CA GLY C 260 -43.47 -29.80 21.22
C GLY C 260 -44.19 -29.23 22.43
N ARG C 261 -43.48 -29.03 23.54
CA ARG C 261 -44.13 -28.59 24.77
C ARG C 261 -44.54 -27.12 24.65
N VAL C 262 -45.73 -26.82 25.18
CA VAL C 262 -46.25 -25.46 25.20
C VAL C 262 -45.80 -24.78 26.48
N LEU C 263 -45.15 -23.62 26.34
CA LEU C 263 -44.65 -22.92 27.51
C LEU C 263 -45.72 -22.05 28.15
N PHE C 264 -46.55 -21.40 27.33
CA PHE C 264 -47.65 -20.59 27.84
C PHE C 264 -48.58 -20.32 26.66
N GLU C 265 -49.77 -19.78 26.98
CA GLU C 265 -50.71 -19.36 25.96
C GLU C 265 -51.09 -17.91 26.22
N CYS C 266 -51.55 -17.24 25.17
CA CYS C 266 -51.84 -15.82 25.26
C CYS C 266 -52.93 -15.47 24.26
N LYS C 267 -53.53 -14.29 24.43
CA LYS C 267 -54.56 -13.78 23.55
C LYS C 267 -53.97 -12.70 22.65
N LEU C 268 -54.07 -12.91 21.34
CA LEU C 268 -53.79 -11.87 20.35
C LEU C 268 -55.12 -11.22 19.97
N HIS C 269 -55.31 -9.97 20.36
CA HIS C 269 -56.56 -9.30 20.11
C HIS C 269 -56.61 -8.75 18.69
N LYS C 270 -57.80 -8.79 18.09
CA LYS C 270 -57.97 -8.37 16.71
C LYS C 270 -57.39 -6.98 16.44
N SER C 271 -57.52 -6.06 17.41
CA SER C 271 -57.06 -4.69 17.18
C SER C 271 -55.55 -4.54 17.38
N GLY C 272 -54.84 -5.62 17.72
CA GLY C 272 -53.39 -5.63 17.59
C GLY C 272 -52.59 -5.48 18.87
N TYR C 273 -52.84 -6.34 19.85
CA TYR C 273 -52.04 -6.39 21.07
C TYR C 273 -52.29 -7.75 21.72
N VAL C 274 -51.44 -8.09 22.68
CA VAL C 274 -51.41 -9.43 23.27
C VAL C 274 -51.59 -9.31 24.78
N THR C 275 -52.33 -10.25 25.37
CA THR C 275 -52.46 -10.32 26.82
C THR C 275 -52.13 -11.72 27.32
N VAL C 276 -51.73 -11.79 28.59
CA VAL C 276 -51.47 -13.06 29.27
C VAL C 276 -52.18 -13.03 30.62
N ALA C 277 -52.41 -14.21 31.18
CA ALA C 277 -52.98 -14.34 32.52
C ALA C 277 -51.85 -14.32 33.53
N HIS C 278 -51.60 -13.15 34.12
CA HIS C 278 -50.56 -13.00 35.12
C HIS C 278 -50.80 -11.72 35.89
N THR C 279 -50.31 -11.69 37.13
CA THR C 279 -50.42 -10.51 37.99
C THR C 279 -49.03 -10.19 38.52
N GLY C 280 -48.49 -9.04 38.11
CA GLY C 280 -47.18 -8.60 38.56
C GLY C 280 -46.20 -8.48 37.39
N GLN C 281 -45.07 -7.85 37.71
CA GLN C 281 -44.00 -7.69 36.73
C GLN C 281 -43.23 -9.00 36.59
N HIS C 282 -43.02 -9.45 35.36
CA HIS C 282 -42.35 -10.72 35.15
C HIS C 282 -41.57 -10.72 33.85
N ASP C 283 -40.30 -11.08 33.94
CA ASP C 283 -39.46 -11.32 32.76
C ASP C 283 -39.63 -12.78 32.37
N LEU C 284 -40.26 -13.04 31.24
CA LEU C 284 -40.51 -14.41 30.82
C LEU C 284 -39.21 -15.15 30.53
N VAL C 285 -39.13 -16.39 30.96
CA VAL C 285 -38.01 -17.28 30.67
C VAL C 285 -38.46 -18.21 29.56
N ILE C 286 -37.84 -18.08 28.38
CA ILE C 286 -38.27 -18.84 27.22
C ILE C 286 -37.08 -19.56 26.61
N PRO C 287 -37.29 -20.71 25.97
CA PRO C 287 -36.24 -21.30 25.15
C PRO C 287 -35.98 -20.42 23.94
N PRO C 288 -34.73 -20.29 23.52
CA PRO C 288 -34.43 -19.35 22.43
C PRO C 288 -35.01 -19.76 21.08
N ASN C 289 -35.37 -21.04 20.91
CA ASN C 289 -35.96 -21.50 19.66
C ASN C 289 -37.50 -21.53 19.72
N GLY C 290 -38.10 -21.02 20.80
CA GLY C 290 -39.55 -21.04 20.89
C GLY C 290 -40.19 -20.02 19.97
N TYR C 291 -41.43 -20.29 19.59
CA TYR C 291 -42.14 -19.37 18.70
C TYR C 291 -43.63 -19.42 19.01
N PHE C 292 -44.36 -18.42 18.51
CA PHE C 292 -45.81 -18.33 18.69
C PHE C 292 -46.53 -19.09 17.59
N ARG C 293 -47.61 -19.78 17.97
CA ARG C 293 -48.39 -20.61 17.06
C ARG C 293 -49.86 -20.30 17.29
N PHE C 294 -50.56 -19.91 16.23
CA PHE C 294 -52.00 -19.63 16.32
C PHE C 294 -52.76 -20.95 16.36
N ASP C 295 -53.59 -21.12 17.38
CA ASP C 295 -54.27 -22.40 17.56
C ASP C 295 -55.77 -22.35 17.32
N SER C 296 -56.42 -21.23 17.62
CA SER C 296 -57.87 -21.19 17.51
C SER C 296 -58.38 -19.78 17.77
N TRP C 297 -59.45 -19.41 17.08
CA TRP C 297 -60.22 -18.25 17.48
C TRP C 297 -61.07 -18.61 18.69
N VAL C 298 -61.22 -17.66 19.62
CA VAL C 298 -61.98 -17.90 20.83
C VAL C 298 -62.93 -16.73 21.05
N ASN C 299 -63.99 -16.99 21.81
CA ASN C 299 -64.99 -15.96 22.08
C ASN C 299 -64.48 -15.05 23.20
N GLN C 300 -65.35 -14.15 23.67
CA GLN C 300 -64.97 -13.10 24.63
C GLN C 300 -64.77 -13.61 26.05
N PHE C 301 -65.22 -14.83 26.37
CA PHE C 301 -65.21 -15.31 27.74
C PHE C 301 -64.17 -16.39 27.97
N TYR C 302 -63.18 -16.52 27.09
CA TYR C 302 -62.15 -17.54 27.24
C TYR C 302 -61.16 -17.13 28.31
N THR C 303 -60.91 -18.03 29.25
CA THR C 303 -59.96 -17.79 30.34
C THR C 303 -58.64 -18.50 30.02
N LEU C 304 -57.56 -17.72 29.97
CA LEU C 304 -56.26 -18.28 29.67
C LEU C 304 -55.70 -19.08 30.85
N ALA C 305 -54.97 -20.13 30.53
CA ALA C 305 -54.22 -20.83 31.54
C ALA C 305 -53.21 -19.88 32.17
N PRO C 306 -53.02 -19.91 33.49
CA PRO C 306 -52.08 -18.99 34.13
C PRO C 306 -50.71 -19.05 33.49
N MET C 307 -50.14 -17.88 33.21
CA MET C 307 -48.78 -17.75 32.73
C MET C 307 -47.78 -17.98 33.86
N THR D 1 -3.26 16.01 31.67
CA THR D 1 -3.03 14.82 30.82
C THR D 1 -1.91 13.97 31.42
N LYS D 2 -0.71 14.55 31.60
CA LYS D 2 0.40 13.81 32.15
C LYS D 2 0.92 14.54 33.38
N PRO D 3 1.24 13.82 34.44
CA PRO D 3 1.88 14.47 35.59
C PRO D 3 3.26 14.99 35.21
N PHE D 4 3.72 15.97 35.97
CA PHE D 4 5.11 16.39 35.85
C PHE D 4 6.04 15.25 36.26
N SER D 5 7.25 15.28 35.73
CA SER D 5 8.28 14.30 36.05
C SER D 5 9.60 14.83 35.50
N VAL D 6 10.69 14.17 35.90
CA VAL D 6 12.01 14.41 35.30
C VAL D 6 12.47 13.10 34.68
N PRO D 7 13.36 13.17 33.70
CA PRO D 7 13.74 11.94 32.98
C PRO D 7 14.59 11.02 33.86
N VAL D 8 14.45 9.73 33.59
CA VAL D 8 15.32 8.72 34.20
C VAL D 8 16.63 8.72 33.42
N LEU D 9 17.55 9.59 33.83
CA LEU D 9 18.87 9.67 33.23
C LEU D 9 19.86 9.98 34.34
N THR D 10 21.02 9.32 34.30
CA THR D 10 22.08 9.60 35.25
C THR D 10 22.78 10.90 34.87
N VAL D 11 23.57 11.43 35.80
CA VAL D 11 24.31 12.66 35.51
C VAL D 11 25.21 12.45 34.28
N GLU D 12 25.93 11.33 34.24
CA GLU D 12 26.88 11.11 33.16
C GLU D 12 26.19 10.82 31.82
N GLU D 13 24.89 10.49 31.85
CA GLU D 13 24.13 10.31 30.63
C GLU D 13 23.65 11.62 30.03
N MET D 14 23.76 12.74 30.75
CA MET D 14 23.24 13.99 30.22
C MET D 14 24.35 14.97 29.83
N THR D 15 23.88 16.10 29.32
CA THR D 15 24.69 17.07 28.59
C THR D 15 24.55 18.44 29.24
N ASN D 16 25.65 19.17 29.27
CA ASN D 16 25.61 20.55 29.73
C ASN D 16 24.75 21.38 28.78
N SER D 17 24.01 22.33 29.35
CA SER D 17 23.14 23.18 28.55
C SER D 17 23.80 24.50 28.15
N ARG D 18 25.05 24.72 28.56
CA ARG D 18 25.74 25.97 28.27
C ARG D 18 26.95 25.80 27.37
N PHE D 19 27.31 24.56 27.03
CA PHE D 19 28.41 24.27 26.11
C PHE D 19 28.21 22.84 25.65
N PRO D 20 28.54 22.51 24.40
CA PRO D 20 28.19 21.16 23.89
C PRO D 20 29.15 20.07 24.37
N ILE D 21 29.03 19.73 25.66
CA ILE D 21 29.86 18.71 26.28
C ILE D 21 29.03 17.98 27.33
N PRO D 22 29.42 16.75 27.69
CA PRO D 22 28.66 15.98 28.68
C PRO D 22 28.76 16.58 30.07
N LEU D 23 27.75 16.30 30.88
CA LEU D 23 27.86 16.56 32.31
C LEU D 23 28.83 15.58 32.96
N GLU D 24 29.50 16.03 34.02
CA GLU D 24 30.40 15.15 34.76
C GLU D 24 30.01 14.95 36.21
N LYS D 25 29.50 15.98 36.88
CA LYS D 25 29.30 15.87 38.31
C LYS D 25 28.31 16.93 38.78
N LEU D 26 27.95 16.85 40.06
CA LEU D 26 27.09 17.82 40.71
C LEU D 26 27.92 18.60 41.72
N PHE D 27 27.63 19.89 41.84
CA PHE D 27 28.37 20.78 42.73
C PHE D 27 27.41 21.74 43.38
N THR D 28 27.64 22.07 44.64
CA THR D 28 26.89 23.13 45.28
C THR D 28 27.85 24.07 45.98
N GLY D 29 27.49 25.34 46.02
CA GLY D 29 28.30 26.34 46.67
C GLY D 29 27.51 27.62 46.85
N PRO D 30 28.01 28.50 47.72
CA PRO D 30 27.35 29.80 47.88
C PRO D 30 27.51 30.64 46.63
N SER D 31 26.52 31.49 46.39
CA SER D 31 26.54 32.33 45.20
C SER D 31 26.02 33.74 45.48
N SER D 32 25.96 34.14 46.75
CA SER D 32 25.49 35.48 47.08
C SER D 32 26.48 36.56 46.67
N ALA D 33 27.72 36.21 46.39
CA ALA D 33 28.75 37.19 46.07
C ALA D 33 28.74 37.60 44.61
N PHE D 34 28.07 36.86 43.74
CA PHE D 34 28.03 37.17 42.31
C PHE D 34 26.63 36.96 41.78
N VAL D 35 26.40 37.37 40.54
CA VAL D 35 25.10 37.26 39.89
C VAL D 35 25.07 36.00 39.04
N VAL D 36 24.07 35.16 39.25
CA VAL D 36 23.90 33.92 38.52
C VAL D 36 22.76 34.15 37.54
N GLN D 37 23.10 34.46 36.28
CA GLN D 37 22.05 34.79 35.32
C GLN D 37 22.38 34.19 33.95
N PRO D 38 22.71 32.90 33.88
CA PRO D 38 22.96 32.30 32.57
C PRO D 38 21.71 32.38 31.70
N GLN D 39 21.94 32.42 30.39
CA GLN D 39 20.84 32.53 29.43
C GLN D 39 20.59 31.24 28.65
N ASN D 40 21.57 30.35 28.60
CA ASN D 40 21.38 29.02 28.05
C ASN D 40 21.07 28.07 29.20
N GLY D 41 20.35 26.98 28.90
CA GLY D 41 19.91 26.09 29.95
C GLY D 41 18.82 26.67 30.85
N ARG D 42 17.93 27.48 30.28
CA ARG D 42 16.87 28.15 31.03
C ARG D 42 15.52 27.72 30.45
N CYS D 43 14.68 27.15 31.31
CA CYS D 43 13.43 26.55 30.89
C CYS D 43 12.59 26.37 32.15
N THR D 44 11.29 26.67 32.04
CA THR D 44 10.41 26.43 33.17
C THR D 44 10.05 24.94 33.24
N THR D 45 9.57 24.51 34.40
CA THR D 45 9.16 23.11 34.51
C THR D 45 8.00 22.79 33.60
N ASP D 46 7.17 23.77 33.23
CA ASP D 46 6.09 23.46 32.29
C ASP D 46 6.49 23.68 30.84
N GLY D 47 7.78 23.86 30.56
CA GLY D 47 8.29 23.73 29.21
C GLY D 47 8.43 25.01 28.41
N VAL D 48 8.51 26.16 29.06
CA VAL D 48 8.69 27.43 28.37
C VAL D 48 10.19 27.73 28.32
N LEU D 49 10.75 27.74 27.12
CA LEU D 49 12.16 28.07 26.97
C LEU D 49 12.38 29.55 27.26
N LEU D 50 13.47 29.86 27.96
CA LEU D 50 13.79 31.21 28.39
C LEU D 50 15.15 31.64 27.86
N GLY D 51 15.43 32.95 27.98
CA GLY D 51 16.75 33.44 27.61
C GLY D 51 17.09 33.14 26.16
N THR D 52 18.28 32.59 25.92
CA THR D 52 18.71 32.18 24.59
C THR D 52 18.62 30.69 24.41
N THR D 53 17.79 30.01 25.19
CA THR D 53 17.80 28.56 25.21
C THR D 53 17.06 27.98 24.00
N GLN D 54 17.69 27.04 23.31
CA GLN D 54 17.00 26.25 22.31
C GLN D 54 17.19 24.78 22.63
N LEU D 55 16.77 23.87 21.73
CA LEU D 55 16.55 22.49 22.14
C LEU D 55 17.74 21.55 21.93
N SER D 56 18.57 21.75 20.88
CA SER D 56 19.63 20.76 20.64
C SER D 56 20.95 21.21 21.25
N PRO D 57 21.66 20.32 21.95
CA PRO D 57 22.96 20.72 22.51
C PRO D 57 24.01 21.02 21.46
N VAL D 58 23.89 20.48 20.24
CA VAL D 58 24.95 20.70 19.25
C VAL D 58 24.94 22.12 18.71
N ASN D 59 23.87 22.89 18.92
CA ASN D 59 23.82 24.28 18.47
C ASN D 59 24.36 25.27 19.48
N ILE D 60 24.70 24.81 20.70
CA ILE D 60 25.15 25.73 21.74
C ILE D 60 26.54 26.26 21.39
N CYS D 61 26.68 27.58 21.44
CA CYS D 61 27.93 28.28 21.14
C CYS D 61 28.37 28.10 19.69
N THR D 62 27.44 27.82 18.79
CA THR D 62 27.69 27.87 17.36
C THR D 62 27.19 29.18 16.77
N PHE D 63 27.76 29.53 15.62
CA PHE D 63 27.34 30.69 14.84
C PHE D 63 27.40 30.31 13.38
N ARG D 64 26.55 30.94 12.56
CA ARG D 64 26.67 30.74 11.12
C ARG D 64 26.24 32.02 10.41
N GLY D 65 26.74 32.16 9.18
CA GLY D 65 26.46 33.32 8.34
C GLY D 65 27.50 33.44 7.24
N ASP D 66 27.77 34.69 6.85
CA ASP D 66 28.80 34.98 5.87
C ASP D 66 29.86 35.86 6.53
N VAL D 67 31.09 35.83 6.01
CA VAL D 67 32.19 36.52 6.68
C VAL D 67 32.84 37.52 5.73
N THR D 68 33.40 38.57 6.33
CA THR D 68 34.11 39.63 5.63
C THR D 68 35.44 39.86 6.33
N HIS D 69 36.51 39.89 5.56
CA HIS D 69 37.83 40.09 6.15
C HIS D 69 38.02 41.53 6.61
N ILE D 70 38.71 41.69 7.73
CA ILE D 70 39.05 43.00 8.29
C ILE D 70 40.50 43.30 7.90
N THR D 71 40.68 44.22 6.95
CA THR D 71 42.00 44.61 6.50
C THR D 71 42.93 44.91 7.67
N GLY D 72 44.17 44.46 7.56
CA GLY D 72 45.16 44.70 8.58
C GLY D 72 45.13 43.75 9.75
N SER D 73 44.45 42.61 9.61
CA SER D 73 44.32 41.66 10.69
C SER D 73 44.11 40.27 10.11
N ARG D 74 44.03 39.28 11.00
CA ARG D 74 43.51 37.96 10.66
C ARG D 74 42.09 37.77 11.19
N ASN D 75 41.36 38.86 11.36
CA ASN D 75 40.01 38.84 11.89
C ASN D 75 38.98 38.93 10.77
N TYR D 76 37.80 38.39 11.05
CA TYR D 76 36.68 38.37 10.12
C TYR D 76 35.43 38.78 10.87
N THR D 77 34.57 39.55 10.22
CA THR D 77 33.25 39.87 10.76
C THR D 77 32.25 38.89 10.17
N MET D 78 31.54 38.17 11.04
CA MET D 78 30.42 37.34 10.61
C MET D 78 29.12 38.12 10.70
N ASN D 79 28.41 38.16 9.57
CA ASN D 79 27.03 38.64 9.53
C ASN D 79 26.17 37.42 9.76
N LEU D 80 25.44 37.40 10.88
CA LEU D 80 24.78 36.17 11.30
C LEU D 80 23.57 35.87 10.44
N ALA D 81 23.40 34.59 10.14
CA ALA D 81 22.18 34.03 9.58
C ALA D 81 21.48 33.19 10.62
N SER D 82 20.22 32.86 10.34
CA SER D 82 19.53 31.88 11.16
C SER D 82 20.03 30.49 10.81
N GLN D 83 19.53 29.48 11.54
CA GLN D 83 20.06 28.12 11.37
C GLN D 83 19.89 27.60 9.96
N ASN D 84 18.81 27.99 9.27
CA ASN D 84 18.57 27.56 7.90
C ASN D 84 19.10 28.56 6.87
N TRP D 85 19.98 29.47 7.28
CA TRP D 85 20.71 30.37 6.39
C TRP D 85 19.85 31.50 5.86
N ASN D 86 18.67 31.73 6.43
CA ASN D 86 17.96 32.96 6.12
C ASN D 86 18.46 34.10 7.00
N ASP D 87 18.00 35.31 6.70
CA ASP D 87 18.29 36.46 7.55
C ASP D 87 17.95 36.17 9.00
N TYR D 88 18.82 36.61 9.89
CA TYR D 88 18.52 36.64 11.32
C TYR D 88 17.81 37.93 11.65
N ASP D 89 16.84 37.88 12.57
CA ASP D 89 15.99 39.02 12.90
C ASP D 89 16.30 39.58 14.29
N PRO D 90 17.01 40.72 14.39
CA PRO D 90 17.33 41.28 15.71
C PRO D 90 16.12 41.75 16.51
N THR D 91 14.92 41.78 15.96
CA THR D 91 13.77 42.35 16.67
C THR D 91 12.95 41.30 17.39
N GLU D 92 13.39 40.04 17.41
CA GLU D 92 12.70 39.02 18.16
C GLU D 92 12.87 39.25 19.66
N GLU D 93 11.94 38.73 20.45
CA GLU D 93 11.92 38.97 21.89
C GLU D 93 12.86 38.01 22.62
N ILE D 94 14.12 38.08 22.24
CA ILE D 94 15.19 37.27 22.83
C ILE D 94 16.43 38.14 23.02
N PRO D 95 17.31 37.75 23.94
CA PRO D 95 18.51 38.57 24.20
C PRO D 95 19.52 38.56 23.06
N ALA D 96 19.48 37.53 22.24
CA ALA D 96 20.51 37.23 21.25
C ALA D 96 20.06 35.97 20.52
N PRO D 97 20.69 35.60 19.42
CA PRO D 97 20.31 34.35 18.75
C PRO D 97 20.36 33.18 19.71
N LEU D 98 19.39 32.27 19.59
CA LEU D 98 19.39 31.14 20.51
C LEU D 98 20.69 30.35 20.38
N GLY D 99 21.27 29.97 21.53
CA GLY D 99 22.54 29.27 21.55
C GLY D 99 23.77 30.17 21.66
N THR D 100 23.61 31.48 21.55
CA THR D 100 24.73 32.39 21.73
C THR D 100 25.43 32.11 23.05
N PRO D 101 26.76 32.15 23.11
CA PRO D 101 27.45 32.01 24.40
C PRO D 101 26.91 33.00 25.41
N ASP D 102 26.79 32.55 26.68
CA ASP D 102 26.28 33.41 27.74
C ASP D 102 27.33 33.69 28.80
N PHE D 103 28.61 33.71 28.42
CA PHE D 103 29.65 34.09 29.35
C PHE D 103 30.73 34.85 28.60
N VAL D 104 31.50 35.63 29.34
CA VAL D 104 32.60 36.42 28.78
C VAL D 104 33.85 35.57 28.81
N GLY D 105 34.45 35.37 27.65
CA GLY D 105 35.62 34.52 27.55
C GLY D 105 36.03 34.40 26.10
N LYS D 106 37.06 33.60 25.88
CA LYS D 106 37.60 33.37 24.56
C LYS D 106 37.33 31.91 24.21
N ILE D 107 36.41 31.71 23.28
CA ILE D 107 36.00 30.37 22.87
C ILE D 107 36.71 30.05 21.57
N GLN D 108 37.47 28.96 21.56
CA GLN D 108 38.21 28.56 20.38
C GLN D 108 37.47 27.44 19.68
N GLY D 109 37.50 27.47 18.35
CA GLY D 109 36.88 26.41 17.58
C GLY D 109 37.39 26.47 16.16
N VAL D 110 36.52 26.16 15.20
CA VAL D 110 36.92 26.12 13.80
C VAL D 110 35.82 26.81 12.99
N LEU D 111 36.23 27.71 12.10
CA LEU D 111 35.33 28.27 11.10
C LEU D 111 35.46 27.45 9.83
N THR D 112 34.34 26.91 9.35
CA THR D 112 34.34 26.14 8.11
C THR D 112 33.47 26.85 7.07
N GLN D 113 33.75 26.59 5.81
CA GLN D 113 33.04 27.30 4.75
C GLN D 113 32.97 26.43 3.50
N THR D 114 31.84 26.50 2.81
CA THR D 114 31.63 25.85 1.52
C THR D 114 31.32 26.90 0.46
N THR D 115 31.94 26.78 -0.71
CA THR D 115 31.62 27.64 -1.85
C THR D 115 30.52 26.97 -2.66
N ARG D 116 29.40 27.67 -2.87
CA ARG D 116 28.23 26.97 -3.38
C ARG D 116 28.39 26.60 -4.86
N THR D 117 29.20 27.35 -5.62
CA THR D 117 29.23 27.09 -7.06
C THR D 117 30.00 25.82 -7.41
N ASP D 118 31.00 25.43 -6.62
CA ASP D 118 31.78 24.24 -6.93
C ASP D 118 31.91 23.26 -5.78
N GLY D 119 31.37 23.57 -4.60
CA GLY D 119 31.48 22.65 -3.49
C GLY D 119 32.85 22.60 -2.85
N SER D 120 33.72 23.55 -3.13
CA SER D 120 35.02 23.60 -2.47
C SER D 120 34.84 24.04 -1.02
N THR D 121 35.74 23.57 -0.16
CA THR D 121 35.59 23.80 1.27
C THR D 121 36.93 24.20 1.89
N ARG D 122 36.84 24.80 3.07
CA ARG D 122 38.03 25.28 3.78
C ARG D 122 37.65 25.45 5.24
N GLY D 123 38.62 25.25 6.12
CA GLY D 123 38.40 25.42 7.55
C GLY D 123 39.63 25.95 8.25
N HIS D 124 39.44 26.83 9.22
CA HIS D 124 40.56 27.44 9.92
C HIS D 124 40.25 27.60 11.40
N LYS D 125 41.28 27.43 12.23
CA LYS D 125 41.22 27.81 13.63
C LYS D 125 40.63 29.22 13.78
N ALA D 126 39.73 29.37 14.74
CA ALA D 126 39.07 30.65 14.98
C ALA D 126 38.74 30.78 16.46
N THR D 127 38.84 31.99 16.98
CA THR D 127 38.50 32.30 18.36
C THR D 127 37.52 33.46 18.38
N VAL D 128 36.48 33.37 19.20
CA VAL D 128 35.58 34.48 19.43
C VAL D 128 35.77 34.95 20.88
N TYR D 129 36.05 36.25 21.04
CA TYR D 129 36.16 36.89 22.34
C TYR D 129 34.81 37.54 22.65
N THR D 130 34.05 36.96 23.57
CA THR D 130 32.70 37.44 23.80
C THR D 130 32.64 38.69 24.67
N GLY D 131 33.79 39.22 25.09
CA GLY D 131 33.85 40.49 25.79
C GLY D 131 34.19 41.66 24.90
N SER D 132 34.36 41.42 23.60
CA SER D 132 34.80 42.43 22.65
C SER D 132 33.67 43.41 22.30
N ALA D 133 34.05 44.66 22.03
CA ALA D 133 33.08 45.62 21.51
C ALA D 133 32.50 45.18 20.18
N ASP D 134 33.17 44.27 19.49
CA ASP D 134 32.70 43.77 18.21
C ASP D 134 31.88 42.49 18.35
N PHE D 135 31.60 42.06 19.57
CA PHE D 135 30.71 40.93 19.83
C PHE D 135 29.31 41.50 20.01
N ALA D 136 28.52 41.48 18.95
CA ALA D 136 27.17 42.06 18.98
C ALA D 136 26.19 41.08 18.32
N PRO D 137 26.12 39.85 18.82
CA PRO D 137 25.25 38.85 18.17
C PRO D 137 23.78 39.25 18.13
N LYS D 138 23.30 40.02 19.12
CA LYS D 138 21.90 40.43 19.08
C LYS D 138 21.57 41.23 17.83
N LEU D 139 22.54 41.99 17.32
CA LEU D 139 22.36 42.73 16.07
C LEU D 139 22.98 42.03 14.87
N GLY D 140 23.33 40.75 15.03
CA GLY D 140 23.79 39.95 13.91
C GLY D 140 25.23 40.14 13.50
N ARG D 141 26.11 40.61 14.39
CA ARG D 141 27.49 40.88 14.06
C ARG D 141 28.41 40.27 15.11
N VAL D 142 29.34 39.42 14.67
CA VAL D 142 30.27 38.77 15.59
C VAL D 142 31.63 38.73 14.92
N GLN D 143 32.68 39.08 15.64
CA GLN D 143 34.03 39.05 15.12
C GLN D 143 34.78 37.79 15.55
N PHE D 144 35.52 37.19 14.62
CA PHE D 144 36.37 36.04 14.89
C PHE D 144 37.82 36.37 14.59
N GLU D 145 38.72 35.91 15.45
CA GLU D 145 40.15 35.96 15.18
C GLU D 145 40.57 34.62 14.61
N THR D 146 41.21 34.62 13.45
CA THR D 146 41.57 33.37 12.77
C THR D 146 43.07 33.32 12.52
N ASP D 147 43.51 32.23 11.88
CA ASP D 147 44.90 32.10 11.50
C ASP D 147 45.11 32.38 10.02
N THR D 148 44.19 33.08 9.37
CA THR D 148 44.32 33.40 7.96
C THR D 148 43.92 34.86 7.73
N ASP D 149 44.52 35.45 6.70
CA ASP D 149 44.10 36.76 6.23
C ASP D 149 43.59 36.70 4.79
N ARG D 150 43.40 35.52 4.22
CA ARG D 150 43.04 35.47 2.81
C ARG D 150 42.19 34.28 2.41
N ASP D 151 42.04 33.27 3.28
CA ASP D 151 41.42 32.01 2.86
C ASP D 151 39.97 31.87 3.31
N PHE D 152 39.20 32.96 3.35
CA PHE D 152 37.75 32.83 3.40
C PHE D 152 37.13 33.70 2.32
N GLU D 153 36.11 33.17 1.66
CA GLU D 153 35.39 33.89 0.63
C GLU D 153 34.26 34.70 1.24
N ALA D 154 33.91 35.79 0.58
CA ALA D 154 32.73 36.55 0.95
C ALA D 154 31.48 35.88 0.37
N ASN D 155 30.35 36.11 1.03
CA ASN D 155 29.05 35.69 0.51
C ASN D 155 28.97 34.17 0.31
N GLN D 156 29.59 33.41 1.21
CA GLN D 156 29.52 31.96 1.21
C GLN D 156 29.19 31.46 2.62
N ASN D 157 28.43 30.37 2.68
CA ASN D 157 28.00 29.81 3.96
C ASN D 157 29.19 29.44 4.83
N THR D 158 29.22 29.99 6.05
CA THR D 158 30.33 29.84 6.98
C THR D 158 29.78 29.48 8.36
N LYS D 159 30.42 28.54 9.04
CA LYS D 159 29.94 28.09 10.35
C LYS D 159 31.09 28.06 11.36
N PHE D 160 30.78 28.44 12.60
CA PHE D 160 31.72 28.27 13.72
C PHE D 160 31.28 27.06 14.53
N THR D 161 32.18 26.10 14.68
CA THR D 161 32.00 24.97 15.59
C THR D 161 32.87 25.19 16.82
N PRO D 162 32.31 25.24 18.02
CA PRO D 162 33.13 25.46 19.22
C PRO D 162 33.83 24.19 19.65
N VAL D 163 35.01 24.36 20.26
CA VAL D 163 35.80 23.25 20.78
C VAL D 163 36.11 23.44 22.27
N GLY D 164 36.62 24.59 22.64
CA GLY D 164 37.03 24.78 24.02
C GLY D 164 37.29 26.24 24.32
N VAL D 165 38.00 26.48 25.41
CA VAL D 165 38.29 27.84 25.86
C VAL D 165 39.79 27.99 26.03
N ILE D 166 40.25 29.23 26.02
CA ILE D 166 41.67 29.54 26.15
C ILE D 166 41.87 30.61 27.20
N GLN D 167 43.13 30.77 27.59
CA GLN D 167 43.53 31.77 28.57
C GLN D 167 44.93 32.24 28.20
N ASP D 168 45.23 33.49 28.54
CA ASP D 168 46.58 34.04 28.31
C ASP D 168 47.49 33.55 29.43
N GLY D 169 48.40 32.63 29.10
CA GLY D 169 49.21 31.94 30.10
C GLY D 169 50.15 32.86 30.87
N GLY D 170 50.53 34.00 30.31
CA GLY D 170 51.39 34.93 31.02
C GLY D 170 50.73 35.65 32.17
N THR D 171 49.40 35.55 32.29
CA THR D 171 48.64 36.22 33.35
C THR D 171 48.13 35.19 34.36
N THR D 172 47.54 35.71 35.44
CA THR D 172 47.06 34.86 36.52
C THR D 172 46.28 33.67 36.00
N HIS D 173 46.69 32.48 36.42
CA HIS D 173 46.05 31.26 35.95
C HIS D 173 44.58 31.25 36.32
N ARG D 174 43.76 30.70 35.42
CA ARG D 174 42.33 30.50 35.64
C ARG D 174 41.57 31.80 35.86
N ASN D 175 42.08 32.94 35.36
CA ASN D 175 41.35 34.19 35.49
C ASN D 175 40.30 34.38 34.40
N GLU D 176 40.23 33.47 33.43
CA GLU D 176 39.20 33.51 32.41
C GLU D 176 39.04 32.11 31.87
N PRO D 177 37.88 31.78 31.29
CA PRO D 177 36.71 32.65 31.12
C PRO D 177 36.04 32.96 32.45
N GLN D 178 35.01 33.80 32.44
CA GLN D 178 34.25 34.18 33.63
C GLN D 178 32.81 33.73 33.39
N GLN D 179 32.47 32.53 33.88
CA GLN D 179 31.23 31.91 33.42
C GLN D 179 29.98 32.63 33.91
N TRP D 180 30.07 33.48 34.94
CA TRP D 180 28.88 34.15 35.44
C TRP D 180 28.77 35.60 34.99
N VAL D 181 29.64 36.05 34.09
CA VAL D 181 29.56 37.40 33.54
C VAL D 181 28.91 37.34 32.17
N LEU D 182 27.74 37.96 32.03
CA LEU D 182 27.06 37.94 30.74
C LEU D 182 27.75 38.86 29.74
N PRO D 183 27.86 38.44 28.49
CA PRO D 183 28.27 39.38 27.43
C PRO D 183 27.25 40.50 27.28
N SER D 184 27.69 41.59 26.64
CA SER D 184 26.78 42.63 26.17
C SER D 184 26.40 42.26 24.74
N TYR D 185 25.18 41.76 24.56
CA TYR D 185 24.83 41.12 23.30
C TYR D 185 24.73 42.09 22.13
N SER D 186 24.55 43.39 22.38
CA SER D 186 24.50 44.40 21.31
C SER D 186 25.73 45.29 21.30
N GLY D 187 26.79 44.90 21.98
CA GLY D 187 28.00 45.70 21.98
C GLY D 187 28.05 46.73 23.10
N ARG D 188 28.95 47.69 22.93
CA ARG D 188 29.29 48.61 24.01
C ARG D 188 28.10 49.46 24.43
N ASN D 189 27.96 49.65 25.74
CA ASN D 189 27.05 50.62 26.33
C ASN D 189 25.60 50.42 25.89
N THR D 190 25.22 49.18 25.61
CA THR D 190 23.86 48.86 25.17
C THR D 190 23.29 47.77 26.07
N HIS D 191 22.17 48.08 26.73
CA HIS D 191 21.55 47.16 27.68
C HIS D 191 21.09 45.89 26.99
N ASN D 192 21.36 44.76 27.63
CA ASN D 192 20.74 43.49 27.22
C ASN D 192 19.24 43.56 27.45
N VAL D 193 18.50 42.80 26.64
CA VAL D 193 17.04 42.78 26.72
C VAL D 193 16.55 41.34 26.77
N HIS D 194 15.32 41.19 27.27
CA HIS D 194 14.59 39.91 27.23
C HIS D 194 15.35 38.78 27.92
N LEU D 195 16.09 39.11 28.97
CA LEU D 195 16.88 38.13 29.68
C LEU D 195 16.02 37.23 30.55
N ALA D 196 16.45 35.98 30.68
CA ALA D 196 16.00 35.15 31.79
C ALA D 196 16.53 35.75 33.08
N PRO D 197 15.77 35.70 34.17
CA PRO D 197 16.16 36.43 35.38
C PRO D 197 17.33 35.78 36.10
N ALA D 198 18.00 36.59 36.92
CA ALA D 198 18.99 36.03 37.82
C ALA D 198 18.31 35.12 38.84
N VAL D 199 19.07 34.15 39.35
CA VAL D 199 18.51 33.17 40.27
C VAL D 199 19.35 33.14 41.54
N ALA D 200 18.67 32.90 42.66
CA ALA D 200 19.34 32.90 43.95
C ALA D 200 18.47 32.13 44.92
N PRO D 201 19.05 31.30 45.77
CA PRO D 201 18.25 30.68 46.83
C PRO D 201 17.66 31.76 47.74
N THR D 202 16.40 31.59 48.09
CA THR D 202 15.72 32.53 48.97
C THR D 202 15.39 31.96 50.33
N PHE D 203 15.42 30.65 50.48
CA PHE D 203 15.13 29.96 51.73
C PHE D 203 16.41 29.86 52.56
N PRO D 204 16.36 30.16 53.85
CA PRO D 204 17.59 30.11 54.67
C PRO D 204 18.18 28.71 54.68
N GLY D 205 19.50 28.65 54.51
CA GLY D 205 20.22 27.39 54.53
C GLY D 205 20.35 26.69 53.20
N GLU D 206 19.79 27.26 52.13
CA GLU D 206 19.81 26.60 50.83
C GLU D 206 20.87 27.22 49.91
N GLN D 207 21.39 26.39 49.00
CA GLN D 207 22.29 26.82 47.96
C GLN D 207 21.82 26.25 46.63
N LEU D 208 22.24 26.88 45.54
CA LEU D 208 21.96 26.31 44.23
C LEU D 208 22.71 24.99 44.07
N LEU D 209 22.08 24.03 43.38
CA LEU D 209 22.75 22.83 42.92
C LEU D 209 23.10 23.03 41.45
N PHE D 210 24.37 22.85 41.13
CA PHE D 210 24.88 23.08 39.79
C PHE D 210 25.20 21.76 39.10
N PHE D 211 24.88 21.68 37.81
CA PHE D 211 25.22 20.54 36.98
C PHE D 211 26.50 20.91 36.24
N ARG D 212 27.61 20.26 36.60
CA ARG D 212 28.94 20.75 36.29
C ARG D 212 29.64 19.92 35.22
N SER D 213 30.32 20.61 34.30
CA SER D 213 31.21 20.01 33.32
C SER D 213 32.56 20.69 33.39
N THR D 214 33.56 20.09 32.72
CA THR D 214 34.86 20.72 32.51
C THR D 214 35.03 20.98 31.02
N MET D 215 35.05 22.24 30.62
CA MET D 215 35.22 22.55 29.21
C MET D 215 36.62 22.16 28.75
N PRO D 216 36.78 21.68 27.51
CA PRO D 216 38.13 21.52 26.97
C PRO D 216 38.87 22.84 26.94
N GLY D 217 40.17 22.77 27.19
CA GLY D 217 41.06 23.91 27.07
C GLY D 217 41.96 23.70 25.86
N CYS D 218 42.14 24.75 25.08
CA CYS D 218 43.00 24.69 23.91
C CYS D 218 44.28 25.49 24.01
N SER D 219 44.45 26.28 25.06
CA SER D 219 45.71 27.00 25.22
C SER D 219 45.71 27.71 26.57
N GLY D 220 46.88 27.80 27.19
CA GLY D 220 46.99 28.50 28.46
C GLY D 220 46.42 27.73 29.63
N TYR D 221 45.99 28.48 30.65
CA TYR D 221 45.52 27.92 31.92
C TYR D 221 44.11 28.45 32.20
N PRO D 222 43.12 28.05 31.42
CA PRO D 222 41.78 28.60 31.59
C PRO D 222 41.06 27.99 32.80
N ASN D 223 40.09 28.76 33.31
CA ASN D 223 39.11 28.22 34.25
C ASN D 223 38.09 27.43 33.45
N MET D 224 38.10 26.13 33.65
CA MET D 224 37.41 25.21 32.75
C MET D 224 36.07 24.76 33.34
N ASP D 225 35.76 25.22 34.56
CA ASP D 225 34.50 24.89 35.20
C ASP D 225 33.33 25.52 34.45
N LEU D 226 32.30 24.71 34.19
CA LEU D 226 31.09 25.23 33.56
C LEU D 226 29.88 24.62 34.25
N ASP D 227 29.10 25.47 34.90
CA ASP D 227 27.96 25.04 35.69
C ASP D 227 26.68 25.48 35.01
N CYS D 228 25.74 24.55 34.81
CA CYS D 228 24.44 24.93 34.29
C CYS D 228 23.36 24.64 35.32
N LEU D 229 22.24 25.34 35.17
CA LEU D 229 21.15 25.23 36.14
C LEU D 229 20.26 24.03 35.87
N LEU D 230 20.20 23.55 34.63
CA LEU D 230 19.40 22.43 34.19
C LEU D 230 20.19 21.66 33.15
N PRO D 231 20.24 20.33 33.22
CA PRO D 231 20.81 19.57 32.10
C PRO D 231 20.03 19.88 30.83
N GLN D 232 20.73 19.83 29.69
CA GLN D 232 20.02 20.06 28.43
C GLN D 232 18.88 19.07 28.26
N GLU D 233 19.07 17.83 28.72
CA GLU D 233 18.01 16.82 28.58
C GLU D 233 16.76 17.18 29.40
N TRP D 234 16.92 17.91 30.51
CA TRP D 234 15.76 18.37 31.25
C TRP D 234 15.02 19.48 30.49
N VAL D 235 15.76 20.41 29.88
CA VAL D 235 15.14 21.38 28.99
C VAL D 235 14.32 20.67 27.92
N GLN D 236 14.94 19.69 27.26
CA GLN D 236 14.27 18.95 26.19
C GLN D 236 13.03 18.24 26.70
N TYR D 237 13.14 17.62 27.87
CA TYR D 237 12.06 16.84 28.46
C TYR D 237 10.90 17.73 28.91
N PHE D 238 11.20 18.83 29.61
CA PHE D 238 10.14 19.73 30.04
C PHE D 238 9.41 20.33 28.86
N TYR D 239 10.16 20.73 27.82
CA TYR D 239 9.51 21.23 26.61
C TYR D 239 8.58 20.18 26.02
N GLN D 240 9.02 18.92 25.96
CA GLN D 240 8.22 17.86 25.36
C GLN D 240 6.98 17.56 26.20
N GLU D 241 7.15 17.46 27.52
CA GLU D 241 6.06 17.05 28.42
C GLU D 241 5.02 18.16 28.58
N ALA D 242 5.48 19.40 28.68
CA ALA D 242 4.62 20.57 28.87
C ALA D 242 3.60 20.34 29.99
N ALA D 243 4.07 19.79 31.10
CA ALA D 243 3.17 19.51 32.21
C ALA D 243 2.98 20.75 33.07
N PRO D 244 1.74 21.17 33.34
CA PRO D 244 1.54 22.38 34.14
C PRO D 244 2.11 22.21 35.54
N ALA D 245 2.71 23.28 36.05
CA ALA D 245 3.23 23.28 37.42
C ALA D 245 2.07 23.43 38.40
N GLN D 246 2.00 22.52 39.38
CA GLN D 246 0.91 22.53 40.35
C GLN D 246 1.26 23.29 41.62
N SER D 247 2.52 23.65 41.80
CA SER D 247 2.98 24.58 42.81
C SER D 247 4.23 25.24 42.26
N ASP D 248 4.90 26.04 43.09
CA ASP D 248 6.12 26.71 42.66
C ASP D 248 7.38 25.88 42.85
N VAL D 249 7.28 24.70 43.48
CA VAL D 249 8.44 23.90 43.82
C VAL D 249 8.12 22.42 43.65
N ALA D 250 8.95 21.73 42.88
CA ALA D 250 8.87 20.29 42.74
C ALA D 250 9.93 19.64 43.63
N LEU D 251 9.51 18.73 44.50
CA LEU D 251 10.45 18.03 45.35
C LEU D 251 11.04 16.83 44.60
N LEU D 252 12.36 16.81 44.44
CA LEU D 252 13.05 15.71 43.79
C LEU D 252 13.89 14.93 44.78
N ARG D 253 13.94 13.62 44.61
CA ARG D 253 14.85 12.76 45.36
C ARG D 253 15.86 12.14 44.40
N PHE D 254 17.12 12.11 44.81
CA PHE D 254 18.16 11.46 44.04
C PHE D 254 18.32 10.03 44.58
N VAL D 255 18.07 9.05 43.74
CA VAL D 255 17.90 7.67 44.20
C VAL D 255 18.92 6.76 43.53
N ASN D 256 19.37 5.77 44.30
CA ASN D 256 20.21 4.70 43.77
C ASN D 256 19.31 3.56 43.34
N PRO D 257 19.17 3.27 42.05
CA PRO D 257 18.24 2.21 41.64
C PRO D 257 18.64 0.82 42.10
N ASP D 258 19.91 0.61 42.43
CA ASP D 258 20.34 -0.71 42.90
C ASP D 258 19.77 -1.02 44.27
N THR D 259 19.78 -0.05 45.18
CA THR D 259 19.29 -0.24 46.54
C THR D 259 17.92 0.40 46.78
N GLY D 260 17.48 1.29 45.90
CA GLY D 260 16.30 2.08 46.16
C GLY D 260 16.49 3.16 47.20
N ARG D 261 17.67 3.28 47.77
CA ARG D 261 17.91 4.26 48.82
C ARG D 261 18.05 5.65 48.23
N VAL D 262 17.49 6.62 48.93
CA VAL D 262 17.58 8.03 48.54
C VAL D 262 18.88 8.60 49.09
N LEU D 263 19.65 9.26 48.24
CA LEU D 263 20.91 9.85 48.65
C LEU D 263 20.73 11.27 49.17
N PHE D 264 19.84 12.04 48.55
CA PHE D 264 19.56 13.40 48.99
C PHE D 264 18.29 13.87 48.28
N GLU D 265 17.73 14.97 48.76
CA GLU D 265 16.57 15.56 48.13
C GLU D 265 16.87 17.01 47.81
N CYS D 266 16.12 17.57 46.86
CA CYS D 266 16.37 18.93 46.41
C CYS D 266 15.07 19.52 45.90
N LYS D 267 15.07 20.83 45.73
CA LYS D 267 13.91 21.59 45.25
C LYS D 267 14.15 21.99 43.81
N LEU D 268 13.27 21.56 42.90
CA LEU D 268 13.27 22.06 41.53
C LEU D 268 12.22 23.16 41.43
N HIS D 269 12.68 24.40 41.31
CA HIS D 269 11.77 25.54 41.25
C HIS D 269 11.13 25.63 39.87
N LYS D 270 9.85 26.02 39.87
CA LYS D 270 9.06 26.09 38.65
C LYS D 270 9.75 26.90 37.56
N SER D 271 10.43 27.98 37.93
CA SER D 271 11.09 28.82 36.94
C SER D 271 12.40 28.22 36.40
N GLY D 272 12.82 27.06 36.92
CA GLY D 272 13.89 26.30 36.28
C GLY D 272 15.26 26.35 36.93
N TYR D 273 15.36 26.01 38.20
CA TYR D 273 16.67 25.83 38.84
C TYR D 273 16.46 25.00 40.10
N VAL D 274 17.56 24.51 40.67
CA VAL D 274 17.53 23.52 41.75
C VAL D 274 18.29 24.07 42.96
N THR D 275 17.75 23.85 44.15
CA THR D 275 18.43 24.21 45.39
C THR D 275 18.49 23.01 46.33
N VAL D 276 19.53 22.99 47.16
CA VAL D 276 19.75 21.97 48.17
C VAL D 276 19.97 22.66 49.50
N ALA D 277 19.80 21.88 50.58
CA ALA D 277 20.10 22.36 51.94
C ALA D 277 21.55 22.03 52.24
N HIS D 278 22.43 23.03 52.13
CA HIS D 278 23.85 22.84 52.38
C HIS D 278 24.49 24.21 52.50
N THR D 279 25.52 24.29 53.33
CA THR D 279 26.34 25.50 53.48
C THR D 279 27.79 25.14 53.18
N GLY D 280 28.35 25.77 52.17
CA GLY D 280 29.73 25.58 51.78
C GLY D 280 29.85 24.98 50.38
N GLN D 281 31.07 25.02 49.88
CA GLN D 281 31.35 24.39 48.60
C GLN D 281 31.53 22.88 48.78
N HIS D 282 30.90 22.11 47.90
CA HIS D 282 30.93 20.67 48.04
C HIS D 282 30.74 20.01 46.70
N ASP D 283 31.68 19.13 46.34
CA ASP D 283 31.51 18.22 45.21
C ASP D 283 30.71 17.01 45.67
N LEU D 284 29.54 16.80 45.08
CA LEU D 284 28.71 15.69 45.50
C LEU D 284 29.35 14.37 45.09
N VAL D 285 29.29 13.40 46.00
CA VAL D 285 29.72 12.03 45.72
C VAL D 285 28.46 11.20 45.48
N ILE D 286 28.30 10.70 44.25
CA ILE D 286 27.07 10.01 43.88
C ILE D 286 27.41 8.68 43.24
N PRO D 287 26.55 7.67 43.36
CA PRO D 287 26.72 6.47 42.56
C PRO D 287 26.48 6.78 41.10
N PRO D 288 27.30 6.23 40.20
CA PRO D 288 27.16 6.58 38.77
C PRO D 288 25.80 6.22 38.18
N ASN D 289 25.05 5.33 38.81
CA ASN D 289 23.73 4.94 38.30
C ASN D 289 22.59 5.69 38.98
N GLY D 290 22.87 6.67 39.84
CA GLY D 290 21.81 7.42 40.47
C GLY D 290 21.10 8.34 39.50
N TYR D 291 19.85 8.68 39.83
CA TYR D 291 19.07 9.58 38.99
C TYR D 291 18.06 10.34 39.86
N PHE D 292 17.47 11.37 39.27
CA PHE D 292 16.49 12.21 39.96
C PHE D 292 15.07 11.69 39.73
N ARG D 293 14.23 11.83 40.76
CA ARG D 293 12.87 11.33 40.74
C ARG D 293 11.95 12.37 41.39
N PHE D 294 10.90 12.77 40.68
CA PHE D 294 9.95 13.74 41.19
C PHE D 294 8.97 13.04 42.13
N ASP D 295 8.84 13.53 43.36
CA ASP D 295 8.03 12.86 44.38
C ASP D 295 6.83 13.67 44.87
N SER D 296 6.82 14.99 44.74
CA SER D 296 5.65 15.75 45.16
C SER D 296 5.82 17.22 44.81
N TRP D 297 4.72 17.86 44.44
CA TRP D 297 4.65 19.31 44.52
C TRP D 297 4.63 19.73 45.99
N VAL D 298 5.38 20.77 46.33
CA VAL D 298 5.46 21.22 47.71
C VAL D 298 5.37 22.74 47.77
N ASN D 299 5.17 23.25 48.98
CA ASN D 299 5.13 24.68 49.20
C ASN D 299 6.56 25.23 49.19
N GLN D 300 6.68 26.53 48.90
CA GLN D 300 8.00 27.13 48.77
C GLN D 300 8.79 27.10 50.07
N PHE D 301 8.13 26.98 51.21
CA PHE D 301 8.80 26.99 52.51
C PHE D 301 9.07 25.58 53.04
N TYR D 302 8.93 24.56 52.19
CA TYR D 302 9.33 23.21 52.54
C TYR D 302 10.79 23.17 52.97
N THR D 303 11.08 22.50 54.08
CA THR D 303 12.43 22.38 54.59
C THR D 303 13.05 21.07 54.13
N LEU D 304 14.12 21.16 53.34
CA LEU D 304 14.79 19.98 52.83
C LEU D 304 15.60 19.29 53.93
N ALA D 305 15.65 17.97 53.87
CA ALA D 305 16.65 17.26 54.65
C ALA D 305 18.04 17.74 54.25
N PRO D 306 18.93 17.99 55.22
CA PRO D 306 20.29 18.40 54.87
C PRO D 306 20.96 17.40 53.93
N MET D 307 21.74 17.93 53.01
CA MET D 307 22.34 17.15 51.94
C MET D 307 23.74 16.68 52.29
N THR E 1 -5.35 -26.12 -59.20
CA THR E 1 -6.64 -26.12 -58.46
C THR E 1 -6.82 -24.77 -57.75
N LYS E 2 -6.58 -24.73 -56.45
CA LYS E 2 -6.71 -23.49 -55.69
C LYS E 2 -5.67 -22.48 -56.16
N PRO E 3 -6.01 -21.19 -56.26
CA PRO E 3 -5.04 -20.21 -56.75
C PRO E 3 -3.96 -19.94 -55.72
N PHE E 4 -2.72 -20.00 -56.17
CA PHE E 4 -1.59 -19.64 -55.31
C PHE E 4 -1.64 -18.16 -54.97
N SER E 5 -1.03 -17.82 -53.84
CA SER E 5 -0.94 -16.44 -53.37
C SER E 5 0.11 -16.41 -52.26
N VAL E 6 0.51 -15.21 -51.89
CA VAL E 6 1.33 -14.99 -50.70
C VAL E 6 0.54 -14.08 -49.76
N PRO E 7 0.86 -14.09 -48.47
CA PRO E 7 0.09 -13.30 -47.51
C PRO E 7 0.23 -11.82 -47.76
N VAL E 8 -0.82 -11.09 -47.42
CA VAL E 8 -0.80 -9.62 -47.42
C VAL E 8 -0.34 -9.24 -46.01
N LEU E 9 0.97 -9.28 -45.81
CA LEU E 9 1.62 -8.87 -44.58
C LEU E 9 2.84 -8.06 -44.96
N THR E 10 3.06 -6.95 -44.26
CA THR E 10 4.27 -6.18 -44.45
C THR E 10 5.47 -6.90 -43.85
N VAL E 11 6.66 -6.49 -44.27
CA VAL E 11 7.88 -7.11 -43.73
C VAL E 11 7.88 -7.02 -42.21
N GLU E 12 7.57 -5.83 -41.66
CA GLU E 12 7.64 -5.63 -40.22
C GLU E 12 6.56 -6.39 -39.47
N GLU E 13 5.52 -6.85 -40.15
CA GLU E 13 4.48 -7.65 -39.51
C GLU E 13 4.86 -9.11 -39.37
N MET E 14 5.97 -9.52 -39.97
CA MET E 14 6.36 -10.93 -40.08
C MET E 14 7.53 -11.25 -39.17
N THR E 15 7.82 -12.54 -39.09
CA THR E 15 8.72 -13.13 -38.10
C THR E 15 9.82 -13.91 -38.80
N ASN E 16 11.03 -13.84 -38.26
CA ASN E 16 12.11 -14.66 -38.78
C ASN E 16 11.80 -16.14 -38.56
N SER E 17 12.16 -16.97 -39.52
CA SER E 17 11.92 -18.41 -39.41
C SER E 17 13.10 -19.19 -38.84
N ARG E 18 14.19 -18.52 -38.47
CA ARG E 18 15.39 -19.19 -37.95
C ARG E 18 15.72 -18.78 -36.53
N PHE E 19 14.98 -17.84 -35.96
CA PHE E 19 15.14 -17.43 -34.57
C PHE E 19 13.86 -16.71 -34.19
N PRO E 20 13.40 -16.83 -32.93
CA PRO E 20 12.09 -16.25 -32.57
C PRO E 20 12.12 -14.74 -32.36
N ILE E 21 12.28 -14.01 -33.47
CA ILE E 21 12.32 -12.55 -33.44
C ILE E 21 11.70 -12.02 -34.72
N PRO E 22 11.18 -10.79 -34.67
CA PRO E 22 10.53 -10.21 -35.86
C PRO E 22 11.52 -9.97 -36.98
N LEU E 23 11.00 -9.98 -38.21
CA LEU E 23 11.76 -9.47 -39.34
C LEU E 23 11.94 -7.97 -39.19
N GLU E 24 13.05 -7.47 -39.71
CA GLU E 24 13.31 -6.03 -39.74
C GLU E 24 13.41 -5.45 -41.14
N LYS E 25 13.98 -6.18 -42.09
CA LYS E 25 14.25 -5.58 -43.39
C LYS E 25 14.51 -6.68 -44.41
N LEU E 26 14.60 -6.26 -45.66
CA LEU E 26 15.00 -7.11 -46.77
C LEU E 26 16.44 -6.80 -47.16
N PHE E 27 17.19 -7.85 -47.46
CA PHE E 27 18.60 -7.71 -47.79
C PHE E 27 18.93 -8.62 -48.96
N THR E 28 19.76 -8.14 -49.87
CA THR E 28 20.32 -9.02 -50.89
C THR E 28 21.83 -8.85 -50.94
N GLY E 29 22.51 -9.95 -51.21
CA GLY E 29 23.95 -9.96 -51.36
C GLY E 29 24.37 -11.21 -52.11
N PRO E 30 25.59 -11.20 -52.63
CA PRO E 30 26.10 -12.40 -53.30
C PRO E 30 26.35 -13.51 -52.30
N SER E 31 26.24 -14.76 -52.77
CA SER E 31 26.46 -15.88 -51.87
C SER E 31 27.18 -17.04 -52.54
N SER E 32 27.88 -16.79 -53.66
CA SER E 32 28.61 -17.85 -54.34
C SER E 32 29.79 -18.35 -53.53
N ALA E 33 30.25 -17.57 -52.56
CA ALA E 33 31.45 -17.89 -51.78
C ALA E 33 31.20 -18.81 -50.62
N PHE E 34 29.93 -19.16 -50.35
CA PHE E 34 29.62 -20.04 -49.23
C PHE E 34 28.34 -20.79 -49.54
N VAL E 35 28.05 -21.79 -48.73
CA VAL E 35 26.89 -22.67 -48.93
C VAL E 35 25.72 -22.12 -48.11
N VAL E 36 24.58 -21.91 -48.76
CA VAL E 36 23.38 -21.42 -48.11
C VAL E 36 22.45 -22.61 -47.96
N GLN E 37 22.41 -23.20 -46.76
CA GLN E 37 21.63 -24.43 -46.57
C GLN E 37 20.95 -24.42 -45.20
N PRO E 38 20.22 -23.36 -44.87
CA PRO E 38 19.49 -23.34 -43.60
C PRO E 38 18.45 -24.43 -43.57
N GLN E 39 18.15 -24.92 -42.36
CA GLN E 39 17.19 -25.99 -42.18
C GLN E 39 15.87 -25.53 -41.57
N ASN E 40 15.85 -24.38 -40.89
CA ASN E 40 14.60 -23.75 -40.49
C ASN E 40 14.18 -22.75 -41.54
N GLY E 41 12.88 -22.49 -41.60
CA GLY E 41 12.33 -21.63 -42.64
C GLY E 41 12.37 -22.24 -44.02
N ARG E 42 12.16 -23.55 -44.12
CA ARG E 42 12.23 -24.26 -45.40
C ARG E 42 10.88 -24.90 -45.67
N CYS E 43 10.29 -24.54 -46.80
CA CYS E 43 8.94 -24.96 -47.13
C CYS E 43 8.73 -24.75 -48.63
N THR E 44 8.07 -25.70 -49.29
CA THR E 44 7.74 -25.48 -50.69
C THR E 44 6.52 -24.57 -50.82
N THR E 45 6.32 -24.03 -52.02
CA THR E 45 5.20 -23.12 -52.19
C THR E 45 3.86 -23.84 -52.09
N ASP E 46 3.83 -25.16 -52.29
CA ASP E 46 2.59 -25.91 -52.11
C ASP E 46 2.50 -26.54 -50.72
N GLY E 47 3.32 -26.08 -49.78
CA GLY E 47 3.09 -26.35 -48.38
C GLY E 47 3.77 -27.56 -47.80
N VAL E 48 4.85 -28.05 -48.40
CA VAL E 48 5.59 -29.18 -47.84
C VAL E 48 6.74 -28.63 -47.00
N LEU E 49 6.71 -28.95 -45.69
CA LEU E 49 7.78 -28.51 -44.78
C LEU E 49 9.04 -29.33 -45.00
N LEU E 50 10.19 -28.66 -44.91
CA LEU E 50 11.47 -29.28 -45.22
C LEU E 50 12.43 -29.10 -44.05
N GLY E 51 13.50 -29.89 -44.05
CA GLY E 51 14.54 -29.68 -43.05
C GLY E 51 14.03 -29.90 -41.63
N THR E 52 14.35 -28.96 -40.74
CA THR E 52 13.87 -28.97 -39.36
C THR E 52 12.71 -28.01 -39.14
N THR E 53 12.00 -27.64 -40.20
CA THR E 53 11.02 -26.57 -40.11
C THR E 53 9.72 -27.06 -39.49
N GLN E 54 9.22 -26.32 -38.51
CA GLN E 54 7.89 -26.55 -37.96
C GLN E 54 7.12 -25.23 -37.98
N LEU E 55 5.89 -25.24 -37.45
CA LEU E 55 4.96 -24.15 -37.75
C LEU E 55 5.02 -22.96 -36.79
N SER E 56 5.35 -23.17 -35.50
CA SER E 56 5.17 -21.92 -34.75
C SER E 56 6.52 -21.27 -34.48
N PRO E 57 6.63 -19.93 -34.56
CA PRO E 57 7.95 -19.32 -34.37
C PRO E 57 8.44 -19.39 -32.94
N VAL E 58 7.57 -19.56 -31.94
CA VAL E 58 8.07 -19.57 -30.57
C VAL E 58 8.85 -20.83 -30.23
N ASN E 59 8.75 -21.88 -31.03
CA ASN E 59 9.49 -23.11 -30.78
C ASN E 59 10.89 -23.11 -31.39
N ILE E 60 11.23 -22.10 -32.18
CA ILE E 60 12.52 -22.11 -32.86
C ILE E 60 13.63 -21.89 -31.84
N CYS E 61 14.64 -22.75 -31.87
CA CYS E 61 15.80 -22.70 -30.99
C CYS E 61 15.45 -22.96 -29.52
N THR E 62 14.33 -23.62 -29.25
CA THR E 62 14.02 -24.08 -27.90
C THR E 62 14.36 -25.56 -27.80
N PHE E 63 14.63 -25.99 -26.57
CA PHE E 63 14.85 -27.40 -26.25
C PHE E 63 14.09 -27.70 -24.98
N ARG E 64 13.65 -28.95 -24.83
CA ARG E 64 13.07 -29.36 -23.57
C ARG E 64 13.39 -30.82 -23.31
N GLY E 65 13.39 -31.18 -22.03
CA GLY E 65 13.64 -32.55 -21.62
C GLY E 65 14.01 -32.59 -20.15
N ASP E 66 14.84 -33.56 -19.79
CA ASP E 66 15.37 -33.65 -18.44
C ASP E 66 16.88 -33.46 -18.49
N VAL E 67 17.47 -33.02 -17.37
CA VAL E 67 18.89 -32.69 -17.39
C VAL E 67 19.63 -33.53 -16.37
N THR E 68 20.91 -33.75 -16.65
CA THR E 68 21.83 -34.49 -15.79
C THR E 68 23.08 -33.66 -15.60
N HIS E 69 23.50 -33.49 -14.35
CA HIS E 69 24.66 -32.66 -14.05
C HIS E 69 25.95 -33.39 -14.41
N ILE E 70 26.89 -32.64 -14.98
CA ILE E 70 28.22 -33.15 -15.33
C ILE E 70 29.12 -32.81 -14.14
N THR E 71 29.44 -33.81 -13.33
CA THR E 71 30.15 -33.58 -12.08
C THR E 71 31.45 -32.81 -12.32
N GLY E 72 31.78 -31.92 -11.40
CA GLY E 72 32.96 -31.09 -11.52
C GLY E 72 32.81 -29.90 -12.43
N SER E 73 31.58 -29.51 -12.76
CA SER E 73 31.34 -28.45 -13.73
C SER E 73 30.00 -27.78 -13.44
N ARG E 74 29.75 -26.70 -14.18
CA ARG E 74 28.44 -26.07 -14.21
C ARG E 74 27.67 -26.43 -15.47
N ASN E 75 28.00 -27.57 -16.10
CA ASN E 75 27.39 -27.99 -17.34
C ASN E 75 26.37 -29.09 -17.08
N TYR E 76 25.32 -29.12 -17.92
CA TYR E 76 24.26 -30.11 -17.81
C TYR E 76 23.99 -30.71 -19.18
N THR E 77 23.76 -32.02 -19.21
CA THR E 77 23.32 -32.70 -20.42
C THR E 77 21.80 -32.81 -20.40
N MET E 78 21.16 -32.27 -21.43
CA MET E 78 19.71 -32.41 -21.57
C MET E 78 19.42 -33.65 -22.42
N ASN E 79 18.56 -34.52 -21.91
CA ASN E 79 18.01 -35.60 -22.71
C ASN E 79 16.71 -35.09 -23.32
N LEU E 80 16.67 -34.97 -24.64
CA LEU E 80 15.60 -34.23 -25.29
C LEU E 80 14.28 -34.98 -25.27
N ALA E 81 13.20 -34.22 -25.04
CA ALA E 81 11.84 -34.70 -25.19
C ALA E 81 11.19 -34.02 -26.38
N SER E 82 10.08 -34.59 -26.84
CA SER E 82 9.22 -33.90 -27.79
C SER E 82 8.50 -32.76 -27.08
N GLN E 83 7.76 -31.97 -27.87
CA GLN E 83 7.12 -30.78 -27.32
C GLN E 83 6.16 -31.14 -26.19
N ASN E 84 5.45 -32.26 -26.31
CA ASN E 84 4.50 -32.69 -25.30
C ASN E 84 5.14 -33.54 -24.20
N TRP E 85 6.47 -33.56 -24.12
CA TRP E 85 7.24 -34.21 -23.07
C TRP E 85 7.33 -35.72 -23.22
N ASN E 86 6.88 -36.29 -24.34
CA ASN E 86 7.16 -37.68 -24.63
C ASN E 86 8.60 -37.83 -25.16
N ASP E 87 9.03 -39.09 -25.31
CA ASP E 87 10.34 -39.32 -25.90
C ASP E 87 10.44 -38.64 -27.26
N TYR E 88 11.61 -38.11 -27.56
CA TYR E 88 11.93 -37.71 -28.92
C TYR E 88 12.43 -38.92 -29.70
N ASP E 89 12.12 -38.98 -31.00
CA ASP E 89 12.43 -40.14 -31.83
C ASP E 89 13.56 -39.83 -32.81
N PRO E 90 14.79 -40.30 -32.57
CA PRO E 90 15.89 -40.00 -33.51
C PRO E 90 15.75 -40.61 -34.89
N THR E 91 14.78 -41.49 -35.12
CA THR E 91 14.69 -42.17 -36.42
C THR E 91 13.70 -41.52 -37.39
N GLU E 92 13.11 -40.38 -37.04
CA GLU E 92 12.31 -39.65 -38.02
C GLU E 92 13.19 -39.14 -39.16
N GLU E 93 12.55 -38.90 -40.30
CA GLU E 93 13.25 -38.49 -41.52
C GLU E 93 13.52 -36.98 -41.53
N ILE E 94 14.24 -36.54 -40.50
CA ILE E 94 14.60 -35.15 -40.32
C ILE E 94 16.06 -35.06 -39.88
N PRO E 95 16.69 -33.91 -40.08
CA PRO E 95 18.10 -33.76 -39.65
C PRO E 95 18.26 -33.72 -38.15
N ALA E 96 17.24 -33.31 -37.43
CA ALA E 96 17.30 -33.04 -36.00
C ALA E 96 15.90 -32.67 -35.56
N PRO E 97 15.64 -32.55 -34.25
CA PRO E 97 14.30 -32.15 -33.81
C PRO E 97 13.86 -30.87 -34.50
N LEU E 98 12.57 -30.79 -34.80
CA LEU E 98 12.07 -29.60 -35.46
C LEU E 98 12.36 -28.37 -34.60
N GLY E 99 12.86 -27.31 -35.24
CA GLY E 99 13.20 -26.09 -34.53
C GLY E 99 14.62 -26.03 -34.00
N THR E 100 15.38 -27.12 -34.11
CA THR E 100 16.77 -27.11 -33.68
C THR E 100 17.53 -25.96 -34.35
N PRO E 101 18.41 -25.26 -33.63
CA PRO E 101 19.22 -24.22 -34.29
C PRO E 101 19.97 -24.79 -35.49
N ASP E 102 20.01 -24.02 -36.58
CA ASP E 102 20.66 -24.47 -37.81
C ASP E 102 21.92 -23.67 -38.14
N PHE E 103 22.59 -23.16 -37.12
CA PHE E 103 23.86 -22.47 -37.34
C PHE E 103 24.79 -22.77 -36.18
N VAL E 104 26.09 -22.61 -36.44
CA VAL E 104 27.12 -22.83 -35.42
C VAL E 104 27.36 -21.52 -34.67
N GLY E 105 27.15 -21.56 -33.36
CA GLY E 105 27.36 -20.37 -32.56
C GLY E 105 27.06 -20.69 -31.11
N LYS E 106 27.07 -19.65 -30.29
CA LYS E 106 26.82 -19.75 -28.87
C LYS E 106 25.52 -19.02 -28.60
N ILE E 107 24.46 -19.76 -28.31
CA ILE E 107 23.14 -19.19 -28.09
C ILE E 107 22.91 -19.13 -26.59
N GLN E 108 22.64 -17.94 -26.07
CA GLN E 108 22.41 -17.77 -24.65
C GLN E 108 20.92 -17.62 -24.38
N GLY E 109 20.49 -18.20 -23.28
CA GLY E 109 19.10 -18.09 -22.87
C GLY E 109 18.97 -18.47 -21.43
N VAL E 110 17.84 -19.08 -21.10
CA VAL E 110 17.52 -19.43 -19.73
C VAL E 110 17.01 -20.87 -19.70
N LEU E 111 17.54 -21.66 -18.78
CA LEU E 111 17.03 -23.00 -18.51
C LEU E 111 16.10 -22.89 -17.32
N THR E 112 14.84 -23.28 -17.51
CA THR E 112 13.85 -23.29 -16.45
C THR E 112 13.43 -24.72 -16.14
N GLN E 113 12.99 -24.94 -14.90
CA GLN E 113 12.62 -26.28 -14.48
C GLN E 113 11.51 -26.20 -13.44
N THR E 114 10.60 -27.17 -13.50
CA THR E 114 9.54 -27.34 -12.52
C THR E 114 9.67 -28.71 -11.89
N THR E 115 9.56 -28.78 -10.57
CA THR E 115 9.51 -30.06 -9.87
C THR E 115 8.06 -30.54 -9.80
N ARG E 116 7.83 -31.74 -10.31
CA ARG E 116 6.47 -32.26 -10.51
C ARG E 116 5.69 -32.29 -9.20
N THR E 117 6.33 -32.76 -8.13
CA THR E 117 5.57 -33.10 -6.92
C THR E 117 5.00 -31.87 -6.23
N ASP E 118 5.77 -30.78 -6.13
CA ASP E 118 5.31 -29.62 -5.39
C ASP E 118 5.21 -28.35 -6.21
N GLY E 119 5.54 -28.37 -7.49
CA GLY E 119 5.43 -27.16 -8.29
C GLY E 119 6.50 -26.13 -8.03
N SER E 120 7.60 -26.50 -7.36
CA SER E 120 8.71 -25.58 -7.19
C SER E 120 9.41 -25.38 -8.52
N THR E 121 9.96 -24.17 -8.71
CA THR E 121 10.54 -23.81 -9.99
C THR E 121 11.89 -23.13 -9.77
N ARG E 122 12.68 -23.10 -10.84
CA ARG E 122 14.01 -22.53 -10.80
C ARG E 122 14.42 -22.18 -12.23
N GLY E 123 15.30 -21.20 -12.36
CA GLY E 123 15.74 -20.75 -13.66
C GLY E 123 17.17 -20.25 -13.60
N HIS E 124 17.96 -20.57 -14.62
CA HIS E 124 19.36 -20.18 -14.62
C HIS E 124 19.82 -19.83 -16.02
N LYS E 125 20.69 -18.82 -16.10
CA LYS E 125 21.35 -18.50 -17.34
C LYS E 125 22.04 -19.74 -17.90
N ALA E 126 21.92 -19.94 -19.22
CA ALA E 126 22.45 -21.13 -19.86
C ALA E 126 22.86 -20.77 -21.28
N THR E 127 23.94 -21.39 -21.73
CA THR E 127 24.43 -21.19 -23.10
C THR E 127 24.62 -22.55 -23.75
N VAL E 128 24.22 -22.66 -25.01
CA VAL E 128 24.44 -23.88 -25.80
C VAL E 128 25.40 -23.53 -26.94
N TYR E 129 26.52 -24.22 -27.01
CA TYR E 129 27.48 -24.06 -28.10
C TYR E 129 27.15 -25.12 -29.15
N THR E 130 26.61 -24.68 -30.28
CA THR E 130 26.11 -25.66 -31.25
C THR E 130 27.23 -26.24 -32.10
N GLY E 131 28.48 -25.82 -31.89
CA GLY E 131 29.63 -26.46 -32.48
C GLY E 131 30.31 -27.48 -31.59
N SER E 132 29.77 -27.70 -30.39
CA SER E 132 30.36 -28.62 -29.43
C SER E 132 30.21 -30.07 -29.88
N ALA E 133 31.21 -30.90 -29.56
CA ALA E 133 31.07 -32.33 -29.75
C ALA E 133 29.90 -32.90 -28.95
N ASP E 134 29.45 -32.17 -27.93
CA ASP E 134 28.33 -32.60 -27.11
C ASP E 134 27.01 -32.03 -27.58
N PHE E 135 27.01 -31.33 -28.72
CA PHE E 135 25.77 -30.89 -29.36
C PHE E 135 25.34 -31.99 -30.32
N ALA E 136 24.39 -32.82 -29.90
CA ALA E 136 23.94 -33.96 -30.71
C ALA E 136 22.42 -34.07 -30.64
N PRO E 137 21.70 -33.01 -31.03
CA PRO E 137 20.24 -33.04 -30.89
C PRO E 137 19.57 -34.11 -31.74
N LYS E 138 20.16 -34.48 -32.88
CA LYS E 138 19.55 -35.53 -33.68
C LYS E 138 19.39 -36.82 -32.87
N LEU E 139 20.32 -37.09 -31.96
CA LEU E 139 20.25 -38.25 -31.08
C LEU E 139 19.71 -37.88 -29.70
N GLY E 140 19.14 -36.69 -29.56
CA GLY E 140 18.47 -36.32 -28.32
C GLY E 140 19.38 -35.94 -27.17
N ARG E 141 20.60 -35.47 -27.44
CA ARG E 141 21.54 -35.07 -26.40
C ARG E 141 22.08 -33.67 -26.70
N VAL E 142 21.95 -32.76 -25.73
CA VAL E 142 22.44 -31.39 -25.87
C VAL E 142 23.03 -30.95 -24.53
N GLN E 143 24.22 -30.35 -24.57
CA GLN E 143 24.86 -29.88 -23.36
C GLN E 143 24.68 -28.38 -23.22
N PHE E 144 24.36 -27.93 -22.00
CA PHE E 144 24.25 -26.51 -21.68
C PHE E 144 25.29 -26.15 -20.64
N GLU E 145 25.91 -24.98 -20.82
CA GLU E 145 26.75 -24.40 -19.78
C GLU E 145 25.90 -23.42 -18.97
N THR E 146 25.88 -23.58 -17.64
CA THR E 146 25.02 -22.78 -16.79
C THR E 146 25.84 -22.05 -15.74
N ASP E 147 25.16 -21.29 -14.89
CA ASP E 147 25.80 -20.63 -13.76
C ASP E 147 25.50 -21.35 -12.44
N THR E 148 25.16 -22.63 -12.48
CA THR E 148 24.94 -23.41 -11.28
C THR E 148 25.61 -24.77 -11.42
N ASP E 149 26.05 -25.32 -10.28
CA ASP E 149 26.54 -26.69 -10.24
C ASP E 149 25.72 -27.57 -9.30
N ARG E 150 24.52 -27.14 -8.92
CA ARG E 150 23.76 -27.91 -7.95
C ARG E 150 22.25 -27.70 -7.99
N ASP E 151 21.75 -26.66 -8.67
CA ASP E 151 20.35 -26.31 -8.44
C ASP E 151 19.35 -27.12 -9.26
N PHE E 152 19.73 -27.65 -10.43
CA PHE E 152 18.78 -28.39 -11.24
C PHE E 152 18.66 -29.84 -10.76
N GLU E 153 17.43 -30.34 -10.76
CA GLU E 153 17.12 -31.69 -10.32
C GLU E 153 17.04 -32.64 -11.51
N ALA E 154 17.29 -33.91 -11.24
CA ALA E 154 17.13 -34.95 -12.24
C ALA E 154 15.67 -35.33 -12.42
N ASN E 155 15.35 -35.81 -13.62
CA ASN E 155 14.03 -36.36 -13.93
C ASN E 155 12.91 -35.35 -13.71
N GLN E 156 13.15 -34.07 -13.98
CA GLN E 156 12.13 -33.05 -13.91
C GLN E 156 12.10 -32.25 -15.22
N ASN E 157 10.89 -31.83 -15.61
CA ASN E 157 10.70 -31.10 -16.87
C ASN E 157 11.55 -29.84 -16.90
N THR E 158 12.36 -29.70 -17.94
CA THR E 158 13.31 -28.60 -18.07
C THR E 158 13.21 -28.04 -19.48
N LYS E 159 13.25 -26.71 -19.60
CA LYS E 159 13.11 -26.06 -20.90
C LYS E 159 14.18 -25.01 -21.08
N PHE E 160 14.71 -24.91 -22.30
CA PHE E 160 15.61 -23.83 -22.69
C PHE E 160 14.83 -22.83 -23.53
N THR E 161 14.84 -21.57 -23.10
CA THR E 161 14.27 -20.47 -23.85
C THR E 161 15.39 -19.63 -24.41
N PRO E 162 15.50 -19.48 -25.73
CA PRO E 162 16.61 -18.69 -26.29
C PRO E 162 16.36 -17.19 -26.16
N VAL E 163 17.45 -16.45 -26.01
CA VAL E 163 17.41 -15.00 -25.95
C VAL E 163 18.27 -14.37 -27.04
N GLY E 164 19.52 -14.80 -27.17
CA GLY E 164 20.41 -14.16 -28.10
C GLY E 164 21.69 -14.94 -28.28
N VAL E 165 22.70 -14.25 -28.81
CA VAL E 165 23.98 -14.87 -29.14
C VAL E 165 25.10 -14.08 -28.48
N ILE E 166 26.24 -14.76 -28.30
CA ILE E 166 27.41 -14.14 -27.68
C ILE E 166 28.65 -14.37 -28.53
N GLN E 167 29.70 -13.63 -28.19
CA GLN E 167 30.97 -13.70 -28.89
C GLN E 167 32.06 -13.46 -27.84
N ASP E 168 33.24 -14.03 -28.07
CA ASP E 168 34.40 -13.77 -27.21
C ASP E 168 35.04 -12.45 -27.63
N GLY E 169 34.83 -11.40 -26.84
CA GLY E 169 35.33 -10.08 -27.17
C GLY E 169 36.84 -9.97 -27.24
N GLY E 170 37.57 -10.97 -26.74
CA GLY E 170 39.02 -10.97 -26.87
C GLY E 170 39.55 -11.39 -28.23
N THR E 171 38.66 -11.85 -29.10
CA THR E 171 39.00 -12.27 -30.46
C THR E 171 38.33 -11.35 -31.46
N THR E 172 38.69 -11.52 -32.74
CA THR E 172 38.23 -10.59 -33.77
C THR E 172 36.72 -10.45 -33.76
N HIS E 173 36.26 -9.21 -33.85
CA HIS E 173 34.85 -8.90 -33.64
C HIS E 173 33.99 -9.51 -34.76
N ARG E 174 32.80 -9.97 -34.38
CA ARG E 174 31.81 -10.50 -35.32
C ARG E 174 32.27 -11.78 -36.00
N ASN E 175 33.21 -12.50 -35.40
CA ASN E 175 33.66 -13.77 -35.97
C ASN E 175 32.71 -14.92 -35.66
N GLU E 176 31.72 -14.72 -34.81
CA GLU E 176 30.71 -15.71 -34.53
C GLU E 176 29.45 -14.98 -34.08
N PRO E 177 28.27 -15.62 -34.20
CA PRO E 177 28.04 -16.93 -34.80
C PRO E 177 28.26 -16.92 -36.31
N GLN E 178 28.17 -18.09 -36.94
CA GLN E 178 28.36 -18.28 -38.37
C GLN E 178 27.04 -18.83 -38.91
N GLN E 179 26.19 -17.93 -39.41
CA GLN E 179 24.80 -18.31 -39.66
C GLN E 179 24.66 -19.28 -40.82
N TRP E 180 25.67 -19.41 -41.68
CA TRP E 180 25.56 -20.34 -42.81
C TRP E 180 26.35 -21.63 -42.62
N VAL E 181 26.90 -21.85 -41.43
CA VAL E 181 27.60 -23.10 -41.12
C VAL E 181 26.64 -23.99 -40.32
N LEU E 182 26.24 -25.12 -40.89
CA LEU E 182 25.35 -26.03 -40.20
C LEU E 182 26.08 -26.75 -39.06
N PRO E 183 25.41 -26.97 -37.93
CA PRO E 183 25.94 -27.89 -36.93
C PRO E 183 26.03 -29.31 -37.47
N SER E 184 26.80 -30.13 -36.77
CA SER E 184 26.75 -31.58 -36.95
C SER E 184 25.75 -32.11 -35.94
N TYR E 185 24.55 -32.44 -36.42
CA TYR E 185 23.44 -32.67 -35.52
C TYR E 185 23.59 -33.93 -34.67
N SER E 186 24.46 -34.86 -35.05
CA SER E 186 24.71 -36.06 -34.24
C SER E 186 26.08 -36.04 -33.59
N GLY E 187 26.76 -34.89 -33.56
CA GLY E 187 28.07 -34.83 -32.95
C GLY E 187 29.20 -35.10 -33.91
N ARG E 188 30.35 -35.47 -33.32
CA ARG E 188 31.60 -35.50 -34.05
C ARG E 188 31.59 -36.59 -35.13
N ASN E 189 32.13 -36.24 -36.30
CA ASN E 189 32.46 -37.21 -37.36
C ASN E 189 31.26 -38.03 -37.81
N THR E 190 30.07 -37.43 -37.76
CA THR E 190 28.82 -38.13 -38.10
C THR E 190 28.06 -37.27 -39.10
N HIS E 191 27.77 -37.83 -40.27
CA HIS E 191 27.14 -37.08 -41.35
C HIS E 191 25.72 -36.67 -40.97
N ASN E 192 25.39 -35.42 -41.29
CA ASN E 192 23.99 -34.98 -41.24
C ASN E 192 23.16 -35.72 -42.27
N VAL E 193 21.87 -35.87 -41.98
CA VAL E 193 20.95 -36.61 -42.84
C VAL E 193 19.67 -35.81 -43.04
N HIS E 194 18.96 -36.15 -44.13
CA HIS E 194 17.63 -35.60 -44.42
C HIS E 194 17.62 -34.07 -44.47
N LEU E 195 18.70 -33.46 -44.94
CA LEU E 195 18.78 -32.01 -45.01
C LEU E 195 17.92 -31.46 -46.15
N ALA E 196 17.33 -30.29 -45.91
CA ALA E 196 16.84 -29.50 -47.02
C ALA E 196 18.05 -29.07 -47.86
N PRO E 197 17.89 -28.94 -49.18
CA PRO E 197 19.05 -28.72 -50.04
C PRO E 197 19.60 -27.30 -49.94
N ALA E 198 20.87 -27.17 -50.30
CA ALA E 198 21.46 -25.85 -50.47
C ALA E 198 20.74 -25.11 -51.61
N VAL E 199 20.72 -23.79 -51.52
CA VAL E 199 20.05 -22.98 -52.53
C VAL E 199 21.04 -21.97 -53.08
N ALA E 200 20.89 -21.63 -54.35
CA ALA E 200 21.73 -20.64 -55.01
C ALA E 200 20.99 -20.13 -56.24
N PRO E 201 21.14 -18.86 -56.59
CA PRO E 201 20.58 -18.40 -57.86
C PRO E 201 21.26 -19.11 -59.01
N THR E 202 20.50 -19.35 -60.07
CA THR E 202 21.05 -19.96 -61.28
C THR E 202 21.07 -19.03 -62.47
N PHE E 203 20.15 -18.08 -62.53
CA PHE E 203 20.07 -17.17 -63.67
C PHE E 203 21.13 -16.08 -63.53
N PRO E 204 21.88 -15.77 -64.58
CA PRO E 204 22.90 -14.72 -64.46
C PRO E 204 22.27 -13.41 -64.00
N GLY E 205 22.98 -12.73 -63.10
CA GLY E 205 22.55 -11.43 -62.62
C GLY E 205 21.68 -11.46 -61.39
N GLU E 206 21.36 -12.64 -60.86
CA GLU E 206 20.44 -12.76 -59.74
C GLU E 206 21.17 -13.07 -58.45
N GLN E 207 20.59 -12.60 -57.35
CA GLN E 207 21.03 -12.91 -56.01
C GLN E 207 19.84 -13.39 -55.21
N LEU E 208 20.12 -14.11 -54.13
CA LEU E 208 19.06 -14.43 -53.18
C LEU E 208 18.56 -13.15 -52.52
N LEU E 209 17.25 -13.12 -52.24
CA LEU E 209 16.67 -12.08 -51.41
C LEU E 209 16.45 -12.67 -50.02
N PHE E 210 17.02 -12.03 -49.00
CA PHE E 210 16.99 -12.53 -47.64
C PHE E 210 16.02 -11.73 -46.79
N PHE E 211 15.28 -12.42 -45.94
CA PHE E 211 14.43 -11.77 -44.95
C PHE E 211 15.25 -11.67 -43.66
N ARG E 212 15.65 -10.46 -43.28
CA ARG E 212 16.73 -10.25 -42.33
C ARG E 212 16.23 -9.70 -41.00
N SER E 213 16.80 -10.24 -39.92
CA SER E 213 16.60 -9.75 -38.56
C SER E 213 17.95 -9.50 -37.93
N THR E 214 17.92 -8.85 -36.76
CA THR E 214 19.11 -8.66 -35.94
C THR E 214 18.89 -9.42 -34.65
N MET E 215 19.66 -10.48 -34.43
CA MET E 215 19.57 -11.24 -33.20
C MET E 215 20.03 -10.39 -32.02
N PRO E 216 19.36 -10.48 -30.87
CA PRO E 216 19.91 -9.88 -29.64
C PRO E 216 21.28 -10.46 -29.32
N GLY E 217 22.17 -9.59 -28.83
CA GLY E 217 23.48 -10.00 -28.37
C GLY E 217 23.52 -9.88 -26.85
N CYS E 218 24.13 -10.87 -26.20
CA CYS E 218 24.14 -10.93 -24.74
C CYS E 218 25.52 -10.74 -24.16
N SER E 219 26.57 -10.72 -24.99
CA SER E 219 27.93 -10.51 -24.53
C SER E 219 28.87 -10.46 -25.71
N GLY E 220 29.89 -9.62 -25.63
CA GLY E 220 30.90 -9.58 -26.67
C GLY E 220 30.45 -8.78 -27.87
N TYR E 221 31.02 -9.13 -29.03
CA TYR E 221 30.79 -8.45 -30.30
C TYR E 221 30.33 -9.48 -31.33
N PRO E 222 29.15 -10.06 -31.15
CA PRO E 222 28.70 -11.09 -32.09
C PRO E 222 28.27 -10.51 -33.43
N ASN E 223 28.30 -11.38 -34.44
CA ASN E 223 27.63 -11.10 -35.70
C ASN E 223 26.15 -11.43 -35.52
N MET E 224 25.33 -10.41 -35.54
CA MET E 224 23.94 -10.52 -35.11
C MET E 224 23.01 -10.63 -36.31
N ASP E 225 23.54 -10.56 -37.53
CA ASP E 225 22.73 -10.72 -38.73
C ASP E 225 22.13 -12.11 -38.78
N LEU E 226 20.83 -12.20 -39.09
CA LEU E 226 20.21 -13.51 -39.28
C LEU E 226 19.26 -13.43 -40.46
N ASP E 227 19.57 -14.17 -41.51
CA ASP E 227 18.83 -14.13 -42.77
C ASP E 227 18.06 -15.42 -42.96
N CYS E 228 16.77 -15.32 -43.24
CA CYS E 228 16.00 -16.51 -43.56
C CYS E 228 15.51 -16.42 -45.00
N LEU E 229 15.20 -17.59 -45.57
CA LEU E 229 14.79 -17.63 -46.97
C LEU E 229 13.31 -17.34 -47.15
N LEU E 230 12.51 -17.55 -46.10
CA LEU E 230 11.07 -17.39 -46.12
C LEU E 230 10.66 -16.86 -44.75
N PRO E 231 9.80 -15.84 -44.67
CA PRO E 231 9.24 -15.47 -43.37
C PRO E 231 8.51 -16.66 -42.77
N GLN E 232 8.51 -16.73 -41.43
CA GLN E 232 7.74 -17.81 -40.80
C GLN E 232 6.28 -17.78 -41.24
N GLU E 233 5.73 -16.59 -41.51
CA GLU E 233 4.33 -16.51 -41.87
C GLU E 233 4.07 -17.10 -43.24
N TRP E 234 5.06 -17.04 -44.14
CA TRP E 234 4.88 -17.68 -45.45
C TRP E 234 4.89 -19.19 -45.32
N VAL E 235 5.80 -19.74 -44.50
CA VAL E 235 5.76 -21.16 -44.15
C VAL E 235 4.37 -21.54 -43.67
N GLN E 236 3.85 -20.78 -42.70
CA GLN E 236 2.54 -21.09 -42.14
C GLN E 236 1.45 -21.00 -43.19
N TYR E 237 1.54 -20.02 -44.07
CA TYR E 237 0.52 -19.77 -45.09
C TYR E 237 0.53 -20.84 -46.16
N PHE E 238 1.73 -21.19 -46.68
CA PHE E 238 1.80 -22.22 -47.71
C PHE E 238 1.33 -23.55 -47.17
N TYR E 239 1.69 -23.87 -45.93
CA TYR E 239 1.23 -25.10 -45.32
C TYR E 239 -0.30 -25.15 -45.27
N GLN E 240 -0.93 -24.04 -44.88
CA GLN E 240 -2.40 -23.99 -44.83
C GLN E 240 -3.01 -24.08 -46.22
N GLU E 241 -2.48 -23.29 -47.17
CA GLU E 241 -3.12 -23.16 -48.48
C GLU E 241 -2.89 -24.39 -49.35
N ALA E 242 -1.68 -24.92 -49.34
CA ALA E 242 -1.32 -26.08 -50.17
C ALA E 242 -1.78 -25.91 -51.61
N ALA E 243 -1.53 -24.72 -52.16
CA ALA E 243 -1.89 -24.45 -53.56
C ALA E 243 -0.83 -25.05 -54.49
N PRO E 244 -1.24 -25.85 -55.47
CA PRO E 244 -0.25 -26.48 -56.37
C PRO E 244 0.46 -25.45 -57.22
N ALA E 245 1.75 -25.68 -57.43
CA ALA E 245 2.55 -24.80 -58.27
C ALA E 245 2.29 -25.13 -59.73
N GLN E 246 1.96 -24.12 -60.52
CA GLN E 246 1.72 -24.25 -61.95
C GLN E 246 3.00 -24.14 -62.77
N SER E 247 4.09 -23.70 -62.17
CA SER E 247 5.41 -23.71 -62.79
C SER E 247 6.44 -23.70 -61.66
N ASP E 248 7.73 -23.70 -62.03
CA ASP E 248 8.79 -23.72 -61.03
C ASP E 248 9.00 -22.39 -60.33
N VAL E 249 8.43 -21.30 -60.82
CA VAL E 249 8.76 -19.97 -60.32
C VAL E 249 7.51 -19.11 -60.30
N ALA E 250 7.25 -18.47 -59.17
CA ALA E 250 6.16 -17.52 -59.01
C ALA E 250 6.73 -16.12 -59.02
N LEU E 251 6.26 -15.29 -59.96
CA LEU E 251 6.68 -13.90 -60.03
C LEU E 251 5.89 -13.09 -59.02
N LEU E 252 6.59 -12.47 -58.07
CA LEU E 252 5.97 -11.59 -57.09
C LEU E 252 6.33 -10.14 -57.37
N ARG E 253 5.39 -9.25 -57.15
CA ARG E 253 5.63 -7.81 -57.18
C ARG E 253 5.50 -7.26 -55.77
N PHE E 254 6.44 -6.41 -55.38
CA PHE E 254 6.37 -5.72 -54.11
C PHE E 254 5.70 -4.36 -54.32
N VAL E 255 4.56 -4.14 -53.67
CA VAL E 255 3.66 -3.05 -54.02
C VAL E 255 3.51 -2.09 -52.87
N ASN E 256 3.47 -0.80 -53.19
CA ASN E 256 3.09 0.23 -52.24
C ASN E 256 1.59 0.40 -52.32
N PRO E 257 0.82 0.00 -51.30
CA PRO E 257 -0.64 0.02 -51.42
C PRO E 257 -1.22 1.42 -51.49
N ASP E 258 -0.49 2.44 -51.06
CA ASP E 258 -0.97 3.80 -51.19
C ASP E 258 -1.00 4.23 -52.65
N THR E 259 0.17 4.23 -53.30
CA THR E 259 0.29 4.65 -54.69
C THR E 259 -0.11 3.56 -55.68
N GLY E 260 -0.17 2.30 -55.24
CA GLY E 260 -0.33 1.20 -56.16
C GLY E 260 0.89 0.91 -57.02
N ARG E 261 1.95 1.70 -56.89
CA ARG E 261 3.15 1.49 -57.70
C ARG E 261 3.92 0.26 -57.24
N VAL E 262 4.49 -0.47 -58.20
CA VAL E 262 5.39 -1.56 -57.90
C VAL E 262 6.78 -1.01 -57.65
N LEU E 263 7.39 -1.44 -56.54
CA LEU E 263 8.75 -1.04 -56.18
C LEU E 263 9.81 -1.95 -56.80
N PHE E 264 9.62 -3.26 -56.72
CA PHE E 264 10.50 -4.20 -57.40
C PHE E 264 9.75 -5.50 -57.60
N GLU E 265 10.35 -6.41 -58.37
CA GLU E 265 9.81 -7.74 -58.57
C GLU E 265 10.88 -8.77 -58.27
N CYS E 266 10.44 -9.99 -57.99
CA CYS E 266 11.34 -11.05 -57.57
C CYS E 266 10.71 -12.38 -57.93
N LYS E 267 11.52 -13.42 -57.92
CA LYS E 267 11.11 -14.77 -58.28
C LYS E 267 11.03 -15.61 -57.02
N LEU E 268 9.84 -16.13 -56.72
CA LEU E 268 9.65 -17.07 -55.62
C LEU E 268 9.72 -18.48 -56.21
N HIS E 269 10.81 -19.17 -55.94
CA HIS E 269 11.02 -20.50 -56.47
C HIS E 269 10.19 -21.53 -55.72
N LYS E 270 9.64 -22.49 -56.46
CA LYS E 270 8.67 -23.42 -55.89
C LYS E 270 9.25 -24.20 -54.71
N SER E 271 10.57 -24.43 -54.70
CA SER E 271 11.20 -25.13 -53.59
C SER E 271 11.43 -24.23 -52.37
N GLY E 272 11.08 -22.96 -52.45
CA GLY E 272 10.96 -22.13 -51.26
C GLY E 272 12.10 -21.16 -51.00
N TYR E 273 12.38 -20.28 -51.96
CA TYR E 273 13.33 -19.19 -51.75
C TYR E 273 13.11 -18.16 -52.84
N VAL E 274 13.70 -16.99 -52.66
CA VAL E 274 13.42 -15.82 -53.50
C VAL E 274 14.73 -15.31 -54.10
N THR E 275 14.68 -14.91 -55.37
CA THR E 275 15.81 -14.23 -56.00
C THR E 275 15.39 -12.89 -56.57
N VAL E 276 16.35 -11.96 -56.67
CA VAL E 276 16.16 -10.66 -57.28
C VAL E 276 17.30 -10.43 -58.26
N ALA E 277 17.08 -9.49 -59.18
CA ALA E 277 18.11 -9.09 -60.14
C ALA E 277 18.88 -7.93 -59.53
N HIS E 278 20.04 -8.22 -58.93
CA HIS E 278 20.87 -7.21 -58.32
C HIS E 278 22.26 -7.79 -58.12
N THR E 279 23.27 -6.92 -58.16
CA THR E 279 24.64 -7.32 -57.93
C THR E 279 25.21 -6.46 -56.80
N GLY E 280 25.59 -7.09 -55.70
CA GLY E 280 26.18 -6.41 -54.57
C GLY E 280 25.32 -6.50 -53.33
N GLN E 281 25.92 -6.10 -52.21
CA GLN E 281 25.20 -6.08 -50.94
C GLN E 281 24.31 -4.84 -50.88
N HIS E 282 23.06 -5.03 -50.50
CA HIS E 282 22.11 -3.91 -50.53
C HIS E 282 21.01 -4.10 -49.49
N ASP E 283 20.87 -3.12 -48.61
CA ASP E 283 19.71 -3.03 -47.74
C ASP E 283 18.57 -2.39 -48.51
N LEU E 284 17.50 -3.14 -48.77
CA LEU E 284 16.38 -2.59 -49.51
C LEU E 284 15.67 -1.51 -48.71
N VAL E 285 15.38 -0.39 -49.37
CA VAL E 285 14.62 0.70 -48.77
C VAL E 285 13.18 0.56 -49.26
N ILE E 286 12.26 0.30 -48.34
CA ILE E 286 10.88 0.00 -48.71
C ILE E 286 9.90 0.88 -47.93
N PRO E 287 8.73 1.18 -48.50
CA PRO E 287 7.67 1.78 -47.69
C PRO E 287 7.22 0.80 -46.63
N PRO E 288 6.99 1.26 -45.40
CA PRO E 288 6.68 0.32 -44.31
C PRO E 288 5.41 -0.47 -44.55
N ASN E 289 4.47 0.05 -45.34
CA ASN E 289 3.22 -0.64 -45.62
C ASN E 289 3.27 -1.46 -46.90
N GLY E 290 4.45 -1.59 -47.53
CA GLY E 290 4.56 -2.39 -48.74
C GLY E 290 4.35 -3.86 -48.47
N TYR E 291 3.97 -4.59 -49.51
CA TYR E 291 3.71 -6.01 -49.36
C TYR E 291 3.95 -6.72 -50.69
N PHE E 292 4.13 -8.04 -50.61
CA PHE E 292 4.34 -8.89 -51.77
C PHE E 292 3.01 -9.36 -52.34
N ARG E 293 2.96 -9.48 -53.66
CA ARG E 293 1.76 -9.88 -54.39
C ARG E 293 2.15 -10.83 -55.50
N PHE E 294 1.53 -12.01 -55.53
CA PHE E 294 1.78 -12.96 -56.62
C PHE E 294 1.05 -12.51 -57.88
N ASP E 295 1.79 -12.40 -58.98
CA ASP E 295 1.19 -11.93 -60.23
C ASP E 295 1.15 -12.95 -61.34
N SER E 296 2.16 -13.81 -61.48
CA SER E 296 2.16 -14.68 -62.65
C SER E 296 3.13 -15.84 -62.44
N TRP E 297 2.80 -16.96 -63.06
CA TRP E 297 3.70 -18.11 -63.12
C TRP E 297 4.72 -17.89 -64.25
N VAL E 298 6.01 -18.00 -63.91
CA VAL E 298 7.08 -17.85 -64.90
C VAL E 298 8.00 -19.05 -64.80
N ASN E 299 9.18 -19.00 -65.43
CA ASN E 299 10.10 -20.12 -65.33
C ASN E 299 11.49 -19.60 -64.97
N GLN E 300 12.44 -20.52 -64.85
CA GLN E 300 13.76 -20.15 -64.32
C GLN E 300 14.51 -19.19 -65.22
N PHE E 301 14.06 -18.94 -66.44
CA PHE E 301 14.74 -18.04 -67.37
C PHE E 301 14.01 -16.71 -67.54
N TYR E 302 13.00 -16.45 -66.73
CA TYR E 302 12.40 -15.12 -66.73
C TYR E 302 13.44 -14.09 -66.29
N THR E 303 13.54 -12.99 -67.03
CA THR E 303 14.48 -11.92 -66.70
C THR E 303 13.76 -10.87 -65.87
N LEU E 304 14.16 -10.74 -64.61
CA LEU E 304 13.55 -9.74 -63.74
C LEU E 304 14.04 -8.35 -64.11
N ALA E 305 13.15 -7.37 -63.95
CA ALA E 305 13.57 -5.99 -64.01
C ALA E 305 14.58 -5.73 -62.89
N PRO E 306 15.64 -4.95 -63.14
CA PRO E 306 16.63 -4.69 -62.10
C PRO E 306 15.96 -4.19 -60.82
N MET E 307 16.39 -4.73 -59.69
CA MET E 307 15.74 -4.45 -58.42
C MET E 307 15.84 -2.96 -58.08
N THR F 1 -48.36 -29.14 -4.69
CA THR F 1 -47.26 -28.31 -4.17
C THR F 1 -47.75 -26.96 -3.68
N LYS F 2 -47.19 -26.48 -2.58
CA LYS F 2 -47.55 -25.16 -2.08
C LYS F 2 -47.26 -24.11 -3.14
N PRO F 3 -48.24 -23.29 -3.54
CA PRO F 3 -48.00 -22.34 -4.62
C PRO F 3 -46.94 -21.31 -4.25
N PHE F 4 -46.07 -21.01 -5.20
CA PHE F 4 -45.07 -19.98 -5.03
C PHE F 4 -45.71 -18.59 -5.23
N SER F 5 -45.06 -17.58 -4.68
CA SER F 5 -45.50 -16.19 -4.85
C SER F 5 -44.40 -15.29 -4.33
N VAL F 6 -44.50 -14.01 -4.66
CA VAL F 6 -43.65 -12.98 -4.07
C VAL F 6 -44.56 -11.98 -3.37
N PRO F 7 -44.03 -11.22 -2.41
CA PRO F 7 -44.89 -10.32 -1.63
C PRO F 7 -45.48 -9.22 -2.50
N VAL F 8 -46.71 -8.82 -2.14
CA VAL F 8 -47.32 -7.65 -2.75
C VAL F 8 -46.78 -6.43 -2.03
N LEU F 9 -45.67 -5.89 -2.54
CA LEU F 9 -44.98 -4.75 -1.96
C LEU F 9 -44.36 -3.95 -3.09
N THR F 10 -44.46 -2.62 -3.00
CA THR F 10 -43.81 -1.74 -3.96
C THR F 10 -42.31 -1.68 -3.66
N VAL F 11 -41.54 -1.21 -4.64
CA VAL F 11 -40.11 -1.05 -4.42
C VAL F 11 -39.86 -0.16 -3.21
N GLU F 12 -40.56 0.96 -3.12
CA GLU F 12 -40.31 1.90 -2.03
C GLU F 12 -40.81 1.38 -0.68
N GLU F 13 -41.70 0.37 -0.68
CA GLU F 13 -42.09 -0.26 0.58
C GLU F 13 -41.07 -1.26 1.09
N MET F 14 -40.03 -1.58 0.32
CA MET F 14 -39.08 -2.61 0.74
C MET F 14 -37.71 -2.04 1.11
N THR F 15 -36.83 -2.95 1.50
CA THR F 15 -35.60 -2.63 2.20
C THR F 15 -34.43 -3.29 1.48
N ASN F 16 -33.33 -2.55 1.36
CA ASN F 16 -32.11 -3.15 0.85
C ASN F 16 -31.69 -4.29 1.76
N SER F 17 -31.21 -5.37 1.17
CA SER F 17 -30.73 -6.52 1.92
C SER F 17 -29.24 -6.47 2.23
N ARG F 18 -28.55 -5.41 1.83
CA ARG F 18 -27.11 -5.32 2.04
C ARG F 18 -26.71 -4.14 2.92
N PHE F 19 -27.66 -3.31 3.34
CA PHE F 19 -27.41 -2.17 4.24
C PHE F 19 -28.79 -1.76 4.75
N PRO F 20 -28.93 -1.34 6.02
CA PRO F 20 -30.28 -1.11 6.59
C PRO F 20 -30.90 0.21 6.15
N ILE F 21 -31.26 0.27 4.87
CA ILE F 21 -31.90 1.45 4.29
C ILE F 21 -32.97 0.99 3.30
N PRO F 22 -33.95 1.84 3.02
CA PRO F 22 -35.02 1.45 2.10
C PRO F 22 -34.52 1.37 0.66
N LEU F 23 -35.22 0.55 -0.12
CA LEU F 23 -35.01 0.51 -1.55
C LEU F 23 -35.52 1.81 -2.17
N GLU F 24 -34.88 2.21 -3.27
CA GLU F 24 -35.24 3.44 -3.96
C GLU F 24 -35.69 3.22 -5.39
N LYS F 25 -35.06 2.30 -6.11
CA LYS F 25 -35.31 2.19 -7.54
C LYS F 25 -34.76 0.86 -8.05
N LEU F 26 -35.08 0.58 -9.32
CA LEU F 26 -34.60 -0.59 -10.02
C LEU F 26 -33.59 -0.16 -11.07
N PHE F 27 -32.53 -0.95 -11.23
CA PHE F 27 -31.45 -0.62 -12.14
C PHE F 27 -30.97 -1.89 -12.83
N THR F 28 -30.63 -1.77 -14.11
CA THR F 28 -30.03 -2.90 -14.82
C THR F 28 -28.83 -2.39 -15.60
N GLY F 29 -27.79 -3.23 -15.67
CA GLY F 29 -26.59 -2.95 -16.43
C GLY F 29 -25.82 -4.22 -16.69
N PRO F 30 -24.86 -4.16 -17.61
CA PRO F 30 -24.02 -5.34 -17.85
C PRO F 30 -23.11 -5.60 -16.66
N SER F 31 -22.72 -6.86 -16.48
CA SER F 31 -21.96 -7.24 -15.31
C SER F 31 -20.77 -8.16 -15.63
N SER F 32 -20.43 -8.37 -16.89
CA SER F 32 -19.35 -9.28 -17.19
C SER F 32 -17.98 -8.75 -16.73
N ALA F 33 -17.88 -7.45 -16.47
CA ALA F 33 -16.60 -6.84 -16.10
C ALA F 33 -16.40 -6.70 -14.59
N PHE F 34 -17.26 -7.30 -13.78
CA PHE F 34 -17.02 -7.40 -12.35
C PHE F 34 -17.67 -8.68 -11.86
N VAL F 35 -17.44 -9.00 -10.59
CA VAL F 35 -17.93 -10.24 -10.00
C VAL F 35 -19.08 -9.90 -9.07
N VAL F 36 -20.24 -10.48 -9.34
CA VAL F 36 -21.44 -10.20 -8.55
C VAL F 36 -21.61 -11.40 -7.62
N GLN F 37 -21.08 -11.25 -6.40
CA GLN F 37 -21.10 -12.33 -5.43
C GLN F 37 -21.41 -11.76 -4.05
N PRO F 38 -22.44 -10.92 -3.91
CA PRO F 38 -22.79 -10.43 -2.58
C PRO F 38 -23.19 -11.59 -1.68
N GLN F 39 -22.98 -11.42 -0.37
CA GLN F 39 -23.27 -12.48 0.59
C GLN F 39 -24.49 -12.18 1.44
N ASN F 40 -24.88 -10.92 1.55
CA ASN F 40 -26.15 -10.55 2.15
C ASN F 40 -27.19 -10.44 1.06
N GLY F 41 -28.44 -10.67 1.41
CA GLY F 41 -29.51 -10.68 0.40
C GLY F 41 -29.47 -11.89 -0.50
N ARG F 42 -29.11 -13.06 0.05
CA ARG F 42 -28.95 -14.28 -0.72
C ARG F 42 -29.88 -15.34 -0.14
N CYS F 43 -30.78 -15.84 -0.98
CA CYS F 43 -31.82 -16.74 -0.51
C CYS F 43 -32.42 -17.45 -1.72
N THR F 44 -32.63 -18.76 -1.61
CA THR F 44 -33.32 -19.44 -2.70
C THR F 44 -34.82 -19.15 -2.63
N THR F 45 -35.51 -19.39 -3.74
CA THR F 45 -36.94 -19.11 -3.76
C THR F 45 -37.71 -20.01 -2.81
N ASP F 46 -37.17 -21.18 -2.44
CA ASP F 46 -37.88 -22.00 -1.46
C ASP F 46 -37.37 -21.75 -0.04
N GLY F 47 -36.62 -20.68 0.17
CA GLY F 47 -36.41 -20.17 1.50
C GLY F 47 -35.15 -20.61 2.21
N VAL F 48 -34.11 -21.04 1.49
CA VAL F 48 -32.85 -21.40 2.12
C VAL F 48 -31.96 -20.15 2.14
N LEU F 49 -31.63 -19.67 3.34
CA LEU F 49 -30.74 -18.52 3.43
C LEU F 49 -29.32 -18.93 3.07
N LEU F 50 -28.63 -18.08 2.30
CA LEU F 50 -27.30 -18.37 1.78
C LEU F 50 -26.30 -17.33 2.27
N GLY F 51 -25.01 -17.63 2.06
CA GLY F 51 -23.97 -16.64 2.35
C GLY F 51 -23.97 -16.23 3.81
N THR F 52 -24.00 -14.92 4.06
CA THR F 52 -24.10 -14.36 5.41
C THR F 52 -25.50 -13.84 5.70
N THR F 53 -26.50 -14.29 4.96
CA THR F 53 -27.82 -13.69 5.04
C THR F 53 -28.57 -14.13 6.28
N GLN F 54 -29.16 -13.16 6.98
CA GLN F 54 -30.05 -13.43 8.11
C GLN F 54 -31.32 -12.61 7.89
N LEU F 55 -32.26 -12.70 8.84
CA LEU F 55 -33.62 -12.25 8.56
C LEU F 55 -33.88 -10.79 8.90
N SER F 56 -33.19 -10.22 9.88
CA SER F 56 -33.74 -8.90 10.18
C SER F 56 -32.95 -7.80 9.48
N PRO F 57 -33.61 -6.82 8.87
CA PRO F 57 -32.87 -5.78 8.15
C PRO F 57 -32.07 -4.87 9.07
N VAL F 58 -32.40 -4.80 10.36
CA VAL F 58 -31.67 -3.88 11.25
C VAL F 58 -30.34 -4.44 11.72
N ASN F 59 -30.09 -5.74 11.54
CA ASN F 59 -28.81 -6.34 11.92
C ASN F 59 -27.76 -6.31 10.80
N ILE F 60 -28.09 -5.80 9.64
CA ILE F 60 -27.14 -5.81 8.53
C ILE F 60 -26.08 -4.75 8.77
N CYS F 61 -24.81 -5.14 8.73
CA CYS F 61 -23.66 -4.27 8.94
C CYS F 61 -23.56 -3.76 10.38
N THR F 62 -24.18 -4.45 11.34
CA THR F 62 -23.96 -4.18 12.75
C THR F 62 -22.94 -5.17 13.29
N PHE F 63 -22.29 -4.76 14.37
CA PHE F 63 -21.39 -5.64 15.12
C PHE F 63 -21.68 -5.50 16.61
N ARG F 64 -21.48 -6.60 17.33
CA ARG F 64 -21.68 -6.66 18.77
C ARG F 64 -20.52 -7.42 19.41
N GLY F 65 -20.09 -6.94 20.57
CA GLY F 65 -19.11 -7.70 21.35
C GLY F 65 -18.54 -6.85 22.46
N ASP F 66 -17.33 -7.19 22.87
CA ASP F 66 -16.57 -6.38 23.81
C ASP F 66 -15.38 -5.79 23.08
N VAL F 67 -14.87 -4.67 23.58
CA VAL F 67 -13.80 -3.95 22.88
C VAL F 67 -12.58 -3.84 23.77
N THR F 68 -11.41 -3.88 23.12
CA THR F 68 -10.11 -3.73 23.76
C THR F 68 -9.40 -2.54 23.12
N HIS F 69 -8.95 -1.61 23.95
CA HIS F 69 -8.26 -0.44 23.44
C HIS F 69 -6.87 -0.80 22.96
N ILE F 70 -6.49 -0.26 21.80
CA ILE F 70 -5.13 -0.37 21.31
C ILE F 70 -4.37 0.87 21.81
N THR F 71 -3.54 0.68 22.82
CA THR F 71 -2.99 1.83 23.52
C THR F 71 -2.13 2.68 22.59
N GLY F 72 -2.15 3.98 22.82
CA GLY F 72 -1.47 4.94 21.98
C GLY F 72 -2.27 5.42 20.79
N SER F 73 -3.46 4.88 20.58
CA SER F 73 -4.27 5.21 19.42
C SER F 73 -5.72 5.46 19.85
N ARG F 74 -6.55 5.84 18.89
CA ARG F 74 -8.00 5.88 19.06
C ARG F 74 -8.68 4.66 18.47
N ASN F 75 -7.95 3.56 18.31
CA ASN F 75 -8.50 2.36 17.71
C ASN F 75 -8.82 1.33 18.79
N TYR F 76 -9.87 0.54 18.53
CA TYR F 76 -10.33 -0.52 19.42
C TYR F 76 -10.53 -1.80 18.63
N THR F 77 -10.18 -2.93 19.24
CA THR F 77 -10.45 -4.24 18.67
C THR F 77 -11.71 -4.78 19.31
N MET F 78 -12.69 -5.17 18.50
CA MET F 78 -13.88 -5.76 19.07
C MET F 78 -13.82 -7.27 18.88
N ASN F 79 -14.01 -8.00 19.97
CA ASN F 79 -14.15 -9.44 19.96
C ASN F 79 -15.63 -9.73 19.76
N LEU F 80 -15.97 -10.32 18.62
CA LEU F 80 -17.37 -10.43 18.20
C LEU F 80 -18.13 -11.44 19.04
N ALA F 81 -19.36 -11.08 19.40
CA ALA F 81 -20.35 -11.99 19.91
C ALA F 81 -21.43 -12.20 18.86
N SER F 82 -22.34 -13.13 19.13
CA SER F 82 -23.49 -13.29 18.24
C SER F 82 -24.50 -12.18 18.49
N GLN F 83 -25.50 -12.06 17.60
CA GLN F 83 -26.48 -10.99 17.75
C GLN F 83 -27.17 -11.04 19.10
N ASN F 84 -27.41 -12.23 19.63
CA ASN F 84 -28.02 -12.37 20.94
C ASN F 84 -27.00 -12.36 22.07
N TRP F 85 -25.77 -11.91 21.78
CA TRP F 85 -24.67 -11.80 22.74
C TRP F 85 -24.09 -13.15 23.12
N ASN F 86 -24.53 -14.25 22.50
CA ASN F 86 -23.89 -15.54 22.71
C ASN F 86 -22.48 -15.54 22.13
N ASP F 87 -21.67 -16.50 22.57
CA ASP F 87 -20.34 -16.67 21.99
C ASP F 87 -20.42 -16.95 20.50
N TYR F 88 -19.51 -16.36 19.73
CA TYR F 88 -19.46 -16.59 18.29
C TYR F 88 -18.47 -17.73 17.98
N ASP F 89 -18.83 -18.56 17.03
CA ASP F 89 -18.08 -19.78 16.71
C ASP F 89 -17.50 -19.70 15.30
N PRO F 90 -16.18 -19.49 15.16
CA PRO F 90 -15.59 -19.36 13.81
C PRO F 90 -15.68 -20.61 12.95
N THR F 91 -16.05 -21.77 13.50
CA THR F 91 -16.03 -23.01 12.74
C THR F 91 -17.37 -23.33 12.07
N GLU F 92 -18.38 -22.48 12.20
CA GLU F 92 -19.63 -22.71 11.50
C GLU F 92 -19.44 -22.62 9.99
N GLU F 93 -20.33 -23.29 9.24
CA GLU F 93 -20.20 -23.35 7.79
C GLU F 93 -20.82 -22.12 7.13
N ILE F 94 -20.25 -20.97 7.47
CA ILE F 94 -20.65 -19.67 6.91
C ILE F 94 -19.37 -18.88 6.60
N PRO F 95 -19.48 -17.87 5.73
CA PRO F 95 -18.28 -17.08 5.41
C PRO F 95 -17.81 -16.19 6.54
N ALA F 96 -18.70 -15.80 7.43
CA ALA F 96 -18.50 -14.76 8.43
C ALA F 96 -19.79 -14.66 9.22
N PRO F 97 -19.81 -13.94 10.34
CA PRO F 97 -21.06 -13.78 11.08
C PRO F 97 -22.17 -13.25 10.17
N LEU F 98 -23.39 -13.73 10.42
CA LEU F 98 -24.48 -13.29 9.56
C LEU F 98 -24.66 -11.78 9.69
N GLY F 99 -24.88 -11.13 8.55
CA GLY F 99 -25.01 -9.68 8.53
C GLY F 99 -23.71 -8.92 8.35
N THR F 100 -22.56 -9.59 8.38
CA THR F 100 -21.28 -8.92 8.15
C THR F 100 -21.33 -8.15 6.83
N PRO F 101 -20.74 -6.95 6.75
CA PRO F 101 -20.68 -6.25 5.46
C PRO F 101 -20.05 -7.12 4.39
N ASP F 102 -20.58 -7.03 3.16
CA ASP F 102 -20.09 -7.85 2.07
C ASP F 102 -19.48 -7.01 0.95
N PHE F 103 -18.93 -5.85 1.30
CA PHE F 103 -18.22 -5.02 0.32
C PHE F 103 -17.03 -4.38 1.01
N VAL F 104 -16.03 -4.02 0.21
CA VAL F 104 -14.83 -3.34 0.70
C VAL F 104 -15.09 -1.85 0.72
N GLY F 105 -14.96 -1.24 1.89
CA GLY F 105 -15.13 0.19 2.00
C GLY F 105 -14.99 0.62 3.44
N LYS F 106 -15.26 1.90 3.67
CA LYS F 106 -15.15 2.51 4.99
C LYS F 106 -16.55 2.86 5.46
N ILE F 107 -17.05 2.07 6.41
CA ILE F 107 -18.41 2.24 6.94
C ILE F 107 -18.32 3.03 8.24
N GLN F 108 -19.02 4.16 8.29
CA GLN F 108 -19.03 5.00 9.48
C GLN F 108 -20.31 4.77 10.26
N GLY F 109 -20.20 4.83 11.57
CA GLY F 109 -21.35 4.62 12.43
C GLY F 109 -21.04 5.11 13.81
N VAL F 110 -21.67 4.48 14.79
CA VAL F 110 -21.52 4.87 16.18
C VAL F 110 -21.32 3.61 17.01
N LEU F 111 -20.29 3.61 17.84
CA LEU F 111 -20.08 2.57 18.85
C LEU F 111 -20.72 3.03 20.14
N THR F 112 -21.65 2.24 20.66
CA THR F 112 -22.31 2.55 21.92
C THR F 112 -21.98 1.48 22.95
N GLN F 113 -22.04 1.86 24.21
CA GLN F 113 -21.71 0.93 25.28
C GLN F 113 -22.49 1.30 26.54
N THR F 114 -22.92 0.29 27.28
CA THR F 114 -23.49 0.46 28.61
C THR F 114 -22.62 -0.28 29.61
N THR F 115 -22.34 0.37 30.75
CA THR F 115 -21.68 -0.28 31.86
C THR F 115 -22.74 -0.92 32.75
N ARG F 116 -22.68 -2.23 32.92
CA ARG F 116 -23.80 -2.93 33.53
C ARG F 116 -23.99 -2.56 34.99
N THR F 117 -22.91 -2.26 35.72
CA THR F 117 -23.07 -2.05 37.17
C THR F 117 -23.83 -0.78 37.49
N ASP F 118 -23.70 0.28 36.68
CA ASP F 118 -24.39 1.52 37.01
C ASP F 118 -25.28 2.07 35.91
N GLY F 119 -25.38 1.38 34.77
CA GLY F 119 -26.23 1.87 33.71
C GLY F 119 -25.72 3.09 33.00
N SER F 120 -24.45 3.47 33.21
CA SER F 120 -23.87 4.59 32.48
C SER F 120 -23.65 4.20 31.01
N THR F 121 -23.77 5.18 30.12
CA THR F 121 -23.74 4.89 28.69
C THR F 121 -22.85 5.88 27.97
N ARG F 122 -22.43 5.50 26.76
CA ARG F 122 -21.54 6.33 25.97
C ARG F 122 -21.69 5.93 24.51
N GLY F 123 -21.54 6.91 23.63
CA GLY F 123 -21.55 6.67 22.20
C GLY F 123 -20.49 7.50 21.52
N HIS F 124 -19.74 6.89 20.61
CA HIS F 124 -18.65 7.59 19.95
C HIS F 124 -18.64 7.28 18.45
N LYS F 125 -18.33 8.29 17.66
CA LYS F 125 -18.13 8.09 16.23
C LYS F 125 -17.11 6.99 15.98
N ALA F 126 -17.40 6.10 15.02
CA ALA F 126 -16.51 4.98 14.74
C ALA F 126 -16.59 4.61 13.28
N THR F 127 -15.45 4.18 12.73
CA THR F 127 -15.36 3.76 11.34
C THR F 127 -14.72 2.40 11.29
N VAL F 128 -15.25 1.52 10.45
CA VAL F 128 -14.65 0.22 10.19
C VAL F 128 -14.24 0.17 8.72
N TYR F 129 -12.96 -0.09 8.47
CA TYR F 129 -12.46 -0.30 7.12
C TYR F 129 -12.49 -1.79 6.84
N THR F 130 -13.42 -2.22 5.97
CA THR F 130 -13.56 -3.65 5.72
C THR F 130 -12.50 -4.20 4.79
N GLY F 131 -11.62 -3.34 4.25
CA GLY F 131 -10.47 -3.79 3.51
C GLY F 131 -9.21 -3.95 4.33
N SER F 132 -9.29 -3.66 5.63
CA SER F 132 -8.14 -3.71 6.50
C SER F 132 -7.71 -5.13 6.81
N ALA F 133 -6.41 -5.32 7.01
CA ALA F 133 -5.92 -6.62 7.49
C ALA F 133 -6.44 -6.94 8.88
N ASP F 134 -6.90 -5.95 9.64
CA ASP F 134 -7.48 -6.18 10.96
C ASP F 134 -8.98 -6.40 10.91
N PHE F 135 -9.57 -6.42 9.72
CA PHE F 135 -10.97 -6.80 9.53
C PHE F 135 -11.01 -8.31 9.32
N ALA F 136 -11.31 -9.06 10.38
CA ALA F 136 -11.31 -10.53 10.32
C ALA F 136 -12.55 -11.06 11.03
N PRO F 137 -13.74 -10.63 10.60
CA PRO F 137 -14.96 -11.03 11.32
C PRO F 137 -15.18 -12.53 11.36
N LYS F 138 -14.71 -13.26 10.34
CA LYS F 138 -14.88 -14.71 10.38
C LYS F 138 -14.18 -15.34 11.58
N LEU F 139 -13.07 -14.75 12.03
CA LEU F 139 -12.39 -15.23 13.22
C LEU F 139 -12.76 -14.42 14.45
N GLY F 140 -13.79 -13.58 14.37
CA GLY F 140 -14.31 -12.87 15.51
C GLY F 140 -13.58 -11.60 15.91
N ARG F 141 -12.84 -10.97 15.00
CA ARG F 141 -12.01 -9.81 15.32
C ARG F 141 -12.26 -8.71 14.30
N VAL F 142 -12.65 -7.54 14.78
CA VAL F 142 -12.85 -6.37 13.91
C VAL F 142 -12.29 -5.14 14.61
N GLN F 143 -11.53 -4.33 13.88
CA GLN F 143 -10.97 -3.11 14.43
C GLN F 143 -11.82 -1.90 14.03
N PHE F 144 -12.07 -1.02 15.00
CA PHE F 144 -12.76 0.24 14.75
C PHE F 144 -11.80 1.41 15.01
N GLU F 145 -11.90 2.44 14.18
CA GLU F 145 -11.26 3.72 14.43
C GLU F 145 -12.30 4.65 15.04
N THR F 146 -11.98 5.24 16.19
CA THR F 146 -12.95 6.04 16.92
C THR F 146 -12.39 7.44 17.17
N ASP F 147 -13.20 8.27 17.83
CA ASP F 147 -12.75 9.60 18.22
C ASP F 147 -12.35 9.66 19.70
N THR F 148 -12.11 8.52 20.34
CA THR F 148 -11.71 8.51 21.73
C THR F 148 -10.57 7.55 21.95
N ASP F 149 -9.77 7.82 22.99
CA ASP F 149 -8.76 6.88 23.44
C ASP F 149 -8.96 6.47 24.90
N ARG F 150 -10.15 6.70 25.46
CA ARG F 150 -10.31 6.48 26.90
C ARG F 150 -11.70 6.08 27.39
N ASP F 151 -12.78 6.35 26.64
CA ASP F 151 -14.11 6.21 27.23
C ASP F 151 -14.56 4.76 27.40
N PHE F 152 -14.17 3.87 26.49
CA PHE F 152 -14.77 2.55 26.43
C PHE F 152 -14.17 1.61 27.47
N GLU F 153 -15.04 0.94 28.21
CA GLU F 153 -14.63 -0.06 29.18
C GLU F 153 -14.39 -1.39 28.47
N ALA F 154 -13.52 -2.21 29.08
CA ALA F 154 -13.37 -3.59 28.66
C ALA F 154 -14.47 -4.44 29.27
N ASN F 155 -14.77 -5.56 28.62
CA ASN F 155 -15.70 -6.56 29.15
C ASN F 155 -17.09 -5.99 29.40
N GLN F 156 -17.51 -5.03 28.57
CA GLN F 156 -18.87 -4.48 28.60
C GLN F 156 -19.48 -4.59 27.22
N ASN F 157 -20.77 -4.88 27.17
CA ASN F 157 -21.49 -4.97 25.91
C ASN F 157 -21.32 -3.70 25.08
N THR F 158 -20.90 -3.87 23.82
CA THR F 158 -20.62 -2.77 22.92
C THR F 158 -21.21 -3.09 21.55
N LYS F 159 -21.86 -2.10 20.93
CA LYS F 159 -22.53 -2.30 19.65
C LYS F 159 -22.06 -1.25 18.64
N PHE F 160 -21.92 -1.66 17.39
CA PHE F 160 -21.69 -0.74 16.27
C PHE F 160 -22.98 -0.62 15.47
N THR F 161 -23.50 0.59 15.36
CA THR F 161 -24.66 0.87 14.52
C THR F 161 -24.17 1.55 13.25
N PRO F 162 -24.38 0.98 12.06
CA PRO F 162 -23.90 1.63 10.85
C PRO F 162 -24.78 2.80 10.45
N VAL F 163 -24.15 3.82 9.85
CA VAL F 163 -24.86 4.98 9.33
C VAL F 163 -24.64 5.15 7.84
N GLY F 164 -23.39 5.17 7.40
CA GLY F 164 -23.13 5.42 6.01
C GLY F 164 -21.70 5.08 5.65
N VAL F 165 -21.23 5.66 4.54
CA VAL F 165 -19.89 5.35 4.05
C VAL F 165 -19.14 6.66 3.81
N ILE F 166 -17.82 6.55 3.78
CA ILE F 166 -16.97 7.71 3.56
C ILE F 166 -15.97 7.41 2.44
N GLN F 167 -15.33 8.47 1.96
CA GLN F 167 -14.32 8.38 0.93
C GLN F 167 -13.21 9.33 1.33
N ASP F 168 -11.96 8.88 1.21
CA ASP F 168 -10.81 9.75 1.32
C ASP F 168 -10.93 10.87 0.28
N GLY F 169 -11.28 12.08 0.74
CA GLY F 169 -11.68 13.18 -0.14
C GLY F 169 -10.57 13.82 -0.96
N GLY F 170 -9.31 13.64 -0.57
CA GLY F 170 -8.22 14.06 -1.43
C GLY F 170 -7.99 13.17 -2.63
N THR F 171 -8.79 12.12 -2.79
CA THR F 171 -8.64 11.10 -3.81
C THR F 171 -9.76 11.22 -4.84
N THR F 172 -9.51 10.64 -6.02
CA THR F 172 -10.48 10.57 -7.11
C THR F 172 -11.87 10.22 -6.59
N HIS F 173 -12.84 11.07 -6.90
CA HIS F 173 -14.16 10.88 -6.37
C HIS F 173 -14.76 9.52 -6.75
N ARG F 174 -15.54 8.96 -5.83
CA ARG F 174 -16.41 7.80 -6.07
C ARG F 174 -15.65 6.52 -6.41
N ASN F 175 -14.37 6.42 -6.01
CA ASN F 175 -13.63 5.17 -6.22
C ASN F 175 -13.78 4.19 -5.06
N GLU F 176 -14.44 4.59 -3.98
CA GLU F 176 -14.79 3.71 -2.88
C GLU F 176 -16.10 4.20 -2.30
N PRO F 177 -16.87 3.32 -1.65
CA PRO F 177 -16.69 1.87 -1.51
C PRO F 177 -16.70 1.16 -2.85
N GLN F 178 -16.32 -0.12 -2.85
CA GLN F 178 -16.38 -0.97 -4.04
C GLN F 178 -17.39 -2.07 -3.74
N GLN F 179 -18.63 -1.88 -4.19
CA GLN F 179 -19.70 -2.75 -3.69
C GLN F 179 -19.59 -4.18 -4.22
N TRP F 180 -18.81 -4.43 -5.27
CA TRP F 180 -18.72 -5.77 -5.83
C TRP F 180 -17.40 -6.46 -5.49
N VAL F 181 -16.65 -5.94 -4.52
CA VAL F 181 -15.41 -6.56 -4.05
C VAL F 181 -15.68 -7.09 -2.65
N LEU F 182 -15.66 -8.41 -2.50
CA LEU F 182 -15.88 -8.99 -1.18
C LEU F 182 -14.69 -8.71 -0.26
N PRO F 183 -14.94 -8.45 1.02
CA PRO F 183 -13.85 -8.42 2.00
C PRO F 183 -13.22 -9.79 2.14
N SER F 184 -12.01 -9.81 2.70
CA SER F 184 -11.37 -11.05 3.11
C SER F 184 -11.77 -11.27 4.57
N TYR F 185 -12.73 -12.17 4.78
CA TYR F 185 -13.38 -12.25 6.08
C TYR F 185 -12.46 -12.72 7.20
N SER F 186 -11.35 -13.42 6.88
CA SER F 186 -10.37 -13.83 7.89
C SER F 186 -9.08 -13.02 7.81
N GLY F 187 -9.11 -11.87 7.15
CA GLY F 187 -7.91 -11.06 7.06
C GLY F 187 -7.04 -11.40 5.88
N ARG F 188 -5.80 -10.92 5.93
CA ARG F 188 -4.97 -10.88 4.74
C ARG F 188 -4.58 -12.29 4.29
N ASN F 189 -4.54 -12.48 2.98
CA ASN F 189 -4.02 -13.70 2.36
C ASN F 189 -4.73 -14.97 2.84
N THR F 190 -6.02 -14.86 3.19
CA THR F 190 -6.77 -16.00 3.68
C THR F 190 -8.04 -16.14 2.85
N HIS F 191 -8.21 -17.29 2.20
CA HIS F 191 -9.36 -17.52 1.33
C HIS F 191 -10.67 -17.48 2.11
N ASN F 192 -11.67 -16.81 1.52
CA ASN F 192 -13.03 -16.91 2.02
C ASN F 192 -13.58 -18.31 1.81
N VAL F 193 -14.52 -18.70 2.66
CA VAL F 193 -15.09 -20.03 2.61
C VAL F 193 -16.61 -19.93 2.68
N HIS F 194 -17.27 -20.99 2.20
CA HIS F 194 -18.71 -21.18 2.36
C HIS F 194 -19.52 -20.05 1.74
N LEU F 195 -19.03 -19.51 0.63
CA LEU F 195 -19.68 -18.39 -0.03
C LEU F 195 -20.92 -18.82 -0.80
N ALA F 196 -21.93 -17.96 -0.79
CA ALA F 196 -22.95 -18.02 -1.83
C ALA F 196 -22.28 -17.77 -3.18
N PRO F 197 -22.74 -18.43 -4.24
CA PRO F 197 -22.01 -18.36 -5.52
C PRO F 197 -22.17 -17.02 -6.22
N ALA F 198 -21.20 -16.72 -7.08
CA ALA F 198 -21.35 -15.56 -7.95
C ALA F 198 -22.49 -15.83 -8.93
N VAL F 199 -23.13 -14.75 -9.38
CA VAL F 199 -24.26 -14.87 -10.30
C VAL F 199 -23.98 -14.08 -11.56
N ALA F 200 -24.66 -14.47 -12.63
CA ALA F 200 -24.49 -13.83 -13.92
C ALA F 200 -25.69 -14.16 -14.79
N PRO F 201 -26.08 -13.29 -15.71
CA PRO F 201 -27.08 -13.67 -16.70
C PRO F 201 -26.55 -14.81 -17.55
N THR F 202 -27.45 -15.71 -17.96
CA THR F 202 -27.04 -16.87 -18.75
C THR F 202 -27.96 -17.06 -19.95
N PHE F 203 -28.40 -15.97 -20.55
CA PHE F 203 -29.29 -16.03 -21.70
C PHE F 203 -29.00 -14.82 -22.57
N PRO F 204 -29.08 -14.96 -23.89
CA PRO F 204 -28.71 -13.85 -24.76
C PRO F 204 -29.59 -12.62 -24.53
N GLY F 205 -28.95 -11.46 -24.48
CA GLY F 205 -29.66 -10.21 -24.31
C GLY F 205 -30.11 -9.90 -22.90
N GLU F 206 -29.73 -10.70 -21.91
CA GLU F 206 -30.22 -10.50 -20.55
C GLU F 206 -29.14 -9.89 -19.65
N GLN F 207 -29.62 -9.14 -18.67
CA GLN F 207 -28.79 -8.50 -17.65
C GLN F 207 -29.43 -8.76 -16.30
N LEU F 208 -28.61 -8.70 -15.25
CA LEU F 208 -29.15 -8.73 -13.90
C LEU F 208 -30.05 -7.50 -13.67
N LEU F 209 -31.11 -7.72 -12.90
CA LEU F 209 -31.92 -6.63 -12.37
C LEU F 209 -31.53 -6.40 -10.93
N PHE F 210 -31.16 -5.18 -10.60
CA PHE F 210 -30.67 -4.81 -9.28
C PHE F 210 -31.70 -3.96 -8.54
N PHE F 211 -31.84 -4.24 -7.25
CA PHE F 211 -32.68 -3.46 -6.35
C PHE F 211 -31.77 -2.46 -5.66
N ARG F 212 -31.93 -1.17 -5.99
CA ARG F 212 -30.90 -0.17 -5.72
C ARG F 212 -31.31 0.80 -4.62
N SER F 213 -30.36 1.14 -3.76
CA SER F 213 -30.47 2.20 -2.78
C SER F 213 -29.28 3.13 -2.91
N THR F 214 -29.36 4.25 -2.22
CA THR F 214 -28.25 5.19 -2.08
C THR F 214 -27.84 5.21 -0.60
N MET F 215 -26.64 4.72 -0.32
CA MET F 215 -26.16 4.75 1.07
C MET F 215 -25.90 6.20 1.50
N PRO F 216 -26.19 6.55 2.75
CA PRO F 216 -25.76 7.87 3.24
C PRO F 216 -24.25 8.00 3.15
N GLY F 217 -23.79 9.19 2.80
CA GLY F 217 -22.37 9.52 2.79
C GLY F 217 -22.06 10.43 3.97
N CYS F 218 -20.96 10.13 4.66
CA CYS F 218 -20.60 10.85 5.87
C CYS F 218 -19.37 11.73 5.72
N SER F 219 -18.66 11.61 4.60
CA SER F 219 -17.46 12.40 4.37
C SER F 219 -16.88 12.11 3.00
N GLY F 220 -16.39 13.14 2.32
CA GLY F 220 -15.73 12.92 1.05
C GLY F 220 -16.72 12.74 -0.07
N TYR F 221 -16.28 12.00 -1.10
CA TYR F 221 -17.04 11.81 -2.33
C TYR F 221 -17.23 10.31 -2.58
N PRO F 222 -17.97 9.63 -1.70
CA PRO F 222 -18.12 8.18 -1.85
C PRO F 222 -19.04 7.81 -3.02
N ASN F 223 -18.82 6.60 -3.53
CA ASN F 223 -19.80 5.94 -4.40
C ASN F 223 -20.89 5.36 -3.51
N MET F 224 -22.06 6.00 -3.47
CA MET F 224 -23.10 5.55 -2.58
C MET F 224 -24.11 4.58 -3.21
N ASP F 225 -23.89 4.15 -4.45
CA ASP F 225 -24.79 3.15 -5.04
C ASP F 225 -24.67 1.82 -4.30
N LEU F 226 -25.82 1.22 -3.97
CA LEU F 226 -25.79 -0.10 -3.35
C LEU F 226 -26.89 -0.95 -3.95
N ASP F 227 -26.50 -2.01 -4.64
CA ASP F 227 -27.39 -2.88 -5.38
C ASP F 227 -27.49 -4.22 -4.69
N CYS F 228 -28.72 -4.69 -4.45
CA CYS F 228 -28.89 -6.03 -3.91
C CYS F 228 -29.67 -6.89 -4.90
N LEU F 229 -29.52 -8.20 -4.76
CA LEU F 229 -30.12 -9.12 -5.71
C LEU F 229 -31.57 -9.43 -5.37
N LEU F 230 -31.93 -9.31 -4.09
CA LEU F 230 -33.26 -9.58 -3.59
C LEU F 230 -33.58 -8.55 -2.51
N PRO F 231 -34.78 -7.96 -2.52
CA PRO F 231 -35.17 -7.14 -1.37
C PRO F 231 -35.14 -7.99 -0.10
N GLN F 232 -34.81 -7.36 1.02
CA GLN F 232 -34.82 -8.10 2.28
C GLN F 232 -36.19 -8.73 2.55
N GLU F 233 -37.27 -8.05 2.14
CA GLU F 233 -38.60 -8.61 2.36
C GLU F 233 -38.82 -9.90 1.56
N TRP F 234 -38.19 -10.02 0.39
CA TRP F 234 -38.31 -11.27 -0.35
C TRP F 234 -37.58 -12.40 0.38
N VAL F 235 -36.39 -12.11 0.90
CA VAL F 235 -35.70 -13.09 1.75
C VAL F 235 -36.62 -13.55 2.87
N GLN F 236 -37.22 -12.59 3.57
CA GLN F 236 -38.07 -12.92 4.71
C GLN F 236 -39.27 -13.74 4.28
N TYR F 237 -39.83 -13.41 3.11
CA TYR F 237 -41.05 -14.05 2.64
C TYR F 237 -40.78 -15.47 2.15
N PHE F 238 -39.70 -15.67 1.38
CA PHE F 238 -39.36 -17.02 0.92
C PHE F 238 -39.04 -17.94 2.09
N TYR F 239 -38.32 -17.42 3.09
CA TYR F 239 -38.05 -18.19 4.30
C TYR F 239 -39.35 -18.65 4.96
N GLN F 240 -40.31 -17.73 5.08
CA GLN F 240 -41.58 -18.03 5.73
C GLN F 240 -42.40 -19.00 4.91
N GLU F 241 -42.50 -18.76 3.59
CA GLU F 241 -43.39 -19.56 2.73
C GLU F 241 -42.80 -20.93 2.44
N ALA F 242 -41.52 -20.99 2.10
CA ALA F 242 -40.84 -22.25 1.77
C ALA F 242 -41.57 -23.04 0.69
N ALA F 243 -42.03 -22.32 -0.34
CA ALA F 243 -42.73 -22.97 -1.46
C ALA F 243 -41.74 -23.62 -2.40
N PRO F 244 -41.90 -24.89 -2.74
CA PRO F 244 -40.89 -25.58 -3.56
C PRO F 244 -40.85 -25.03 -4.97
N ALA F 245 -39.64 -24.91 -5.52
CA ALA F 245 -39.47 -24.47 -6.90
C ALA F 245 -39.87 -25.58 -7.86
N GLN F 246 -40.72 -25.24 -8.83
CA GLN F 246 -41.19 -26.22 -9.79
C GLN F 246 -40.35 -26.25 -11.06
N SER F 247 -39.49 -25.25 -11.24
CA SER F 247 -38.55 -25.20 -12.35
C SER F 247 -37.42 -24.28 -11.92
N ASP F 248 -36.49 -24.04 -12.86
CA ASP F 248 -35.33 -23.20 -12.57
C ASP F 248 -35.68 -21.72 -12.48
N VAL F 249 -36.83 -21.30 -13.01
CA VAL F 249 -37.11 -19.88 -13.22
C VAL F 249 -38.57 -19.59 -12.93
N ALA F 250 -38.81 -18.60 -12.06
CA ALA F 250 -40.14 -18.07 -11.81
C ALA F 250 -40.33 -16.81 -12.66
N LEU F 251 -41.35 -16.82 -13.51
CA LEU F 251 -41.63 -15.66 -14.35
C LEU F 251 -42.43 -14.64 -13.54
N LEU F 252 -41.89 -13.44 -13.38
CA LEU F 252 -42.57 -12.36 -12.67
C LEU F 252 -42.99 -11.28 -13.67
N ARG F 253 -44.16 -10.70 -13.45
CA ARG F 253 -44.59 -9.51 -14.16
C ARG F 253 -44.64 -8.36 -13.18
N PHE F 254 -44.13 -7.21 -13.59
CA PHE F 254 -44.23 -5.98 -12.82
C PHE F 254 -45.46 -5.24 -13.30
N VAL F 255 -46.41 -5.02 -12.40
CA VAL F 255 -47.75 -4.60 -12.80
C VAL F 255 -48.16 -3.33 -12.07
N ASN F 256 -48.96 -2.51 -12.74
CA ASN F 256 -49.57 -1.33 -12.14
C ASN F 256 -50.95 -1.71 -11.63
N PRO F 257 -51.20 -1.70 -10.32
CA PRO F 257 -52.50 -2.19 -9.81
C PRO F 257 -53.66 -1.28 -10.14
N ASP F 258 -53.41 -0.02 -10.48
CA ASP F 258 -54.49 0.88 -10.89
C ASP F 258 -55.08 0.44 -12.21
N THR F 259 -54.22 0.07 -13.16
CA THR F 259 -54.62 -0.20 -14.53
C THR F 259 -54.53 -1.65 -14.93
N GLY F 260 -53.85 -2.49 -14.14
CA GLY F 260 -53.58 -3.85 -14.53
C GLY F 260 -52.53 -3.99 -15.62
N ARG F 261 -51.96 -2.89 -16.09
CA ARG F 261 -50.99 -2.96 -17.17
C ARG F 261 -49.68 -3.55 -16.68
N VAL F 262 -49.14 -4.50 -17.45
CA VAL F 262 -47.81 -5.05 -17.18
C VAL F 262 -46.78 -4.11 -17.79
N LEU F 263 -45.84 -3.66 -16.97
CA LEU F 263 -44.78 -2.77 -17.41
C LEU F 263 -43.59 -3.51 -17.98
N PHE F 264 -43.19 -4.62 -17.33
CA PHE F 264 -42.14 -5.48 -17.86
C PHE F 264 -42.26 -6.84 -17.18
N GLU F 265 -41.58 -7.82 -17.75
CA GLU F 265 -41.49 -9.13 -17.14
C GLU F 265 -40.01 -9.43 -16.89
N CYS F 266 -39.76 -10.35 -15.95
CA CYS F 266 -38.40 -10.65 -15.55
C CYS F 266 -38.35 -12.07 -15.04
N LYS F 267 -37.13 -12.63 -15.00
CA LYS F 267 -36.89 -13.99 -14.55
C LYS F 267 -36.35 -13.98 -13.13
N LEU F 268 -37.08 -14.59 -12.20
CA LEU F 268 -36.57 -14.85 -10.86
C LEU F 268 -35.98 -16.27 -10.85
N HIS F 269 -34.66 -16.35 -10.88
CA HIS F 269 -34.00 -17.64 -10.86
C HIS F 269 -34.12 -18.26 -9.47
N LYS F 270 -34.30 -19.58 -9.44
CA LYS F 270 -34.65 -20.22 -8.17
C LYS F 270 -33.54 -20.10 -7.13
N SER F 271 -32.29 -19.88 -7.56
CA SER F 271 -31.22 -19.68 -6.60
C SER F 271 -31.16 -18.26 -6.05
N GLY F 272 -32.05 -17.39 -6.51
CA GLY F 272 -32.27 -16.11 -5.85
C GLY F 272 -31.64 -14.88 -6.48
N TYR F 273 -31.94 -14.63 -7.76
CA TYR F 273 -31.56 -13.37 -8.40
C TYR F 273 -32.48 -13.20 -9.61
N VAL F 274 -32.48 -11.99 -10.17
CA VAL F 274 -33.45 -11.60 -11.20
C VAL F 274 -32.71 -11.13 -12.44
N THR F 275 -33.23 -11.51 -13.62
CA THR F 275 -32.69 -10.98 -14.87
C THR F 275 -33.82 -10.37 -15.71
N VAL F 276 -33.43 -9.42 -16.57
CA VAL F 276 -34.33 -8.77 -17.51
C VAL F 276 -33.68 -8.79 -18.90
N ALA F 277 -34.52 -8.59 -19.93
CA ALA F 277 -34.02 -8.47 -21.29
C ALA F 277 -33.74 -7.00 -21.59
N HIS F 278 -32.48 -6.61 -21.47
CA HIS F 278 -32.05 -5.26 -21.79
C HIS F 278 -30.55 -5.26 -22.01
N THR F 279 -30.10 -4.35 -22.87
CA THR F 279 -28.67 -4.14 -23.13
C THR F 279 -28.34 -2.69 -22.80
N GLY F 280 -27.46 -2.50 -21.82
CA GLY F 280 -27.00 -1.18 -21.43
C GLY F 280 -27.41 -0.83 -20.01
N GLN F 281 -26.80 0.24 -19.52
CA GLN F 281 -27.15 0.75 -18.20
C GLN F 281 -28.47 1.49 -18.28
N HIS F 282 -29.37 1.23 -17.33
CA HIS F 282 -30.71 1.80 -17.42
C HIS F 282 -31.36 1.86 -16.04
N ASP F 283 -31.79 3.07 -15.67
CA ASP F 283 -32.64 3.28 -14.51
C ASP F 283 -34.09 3.08 -14.93
N LEU F 284 -34.73 2.06 -14.38
CA LEU F 284 -36.11 1.76 -14.76
C LEU F 284 -37.03 2.88 -14.28
N VAL F 285 -37.97 3.26 -15.13
CA VAL F 285 -39.00 4.24 -14.78
C VAL F 285 -40.26 3.46 -14.46
N ILE F 286 -40.72 3.54 -13.21
CA ILE F 286 -41.84 2.71 -12.77
C ILE F 286 -42.88 3.56 -12.08
N PRO F 287 -44.15 3.17 -12.15
CA PRO F 287 -45.15 3.79 -11.29
C PRO F 287 -44.85 3.50 -9.84
N PRO F 288 -45.05 4.47 -8.94
CA PRO F 288 -44.70 4.23 -7.53
C PRO F 288 -45.50 3.11 -6.88
N ASN F 289 -46.69 2.79 -7.40
CA ASN F 289 -47.52 1.75 -6.83
C ASN F 289 -47.33 0.40 -7.50
N GLY F 290 -46.38 0.29 -8.42
CA GLY F 290 -46.15 -0.97 -9.10
C GLY F 290 -45.58 -2.02 -8.17
N TYR F 291 -45.83 -3.29 -8.49
CA TYR F 291 -45.32 -4.39 -7.69
C TYR F 291 -45.08 -5.59 -8.58
N PHE F 292 -44.34 -6.57 -8.04
CA PHE F 292 -44.03 -7.81 -8.73
C PHE F 292 -45.07 -8.88 -8.45
N ARG F 293 -45.46 -9.59 -9.50
CA ARG F 293 -46.47 -10.65 -9.42
C ARG F 293 -45.92 -11.90 -10.10
N PHE F 294 -45.87 -13.01 -9.36
CA PHE F 294 -45.46 -14.27 -9.94
C PHE F 294 -46.58 -14.84 -10.82
N ASP F 295 -46.26 -15.14 -12.07
CA ASP F 295 -47.27 -15.64 -13.01
C ASP F 295 -47.09 -17.08 -13.42
N SER F 296 -45.86 -17.55 -13.67
CA SER F 296 -45.73 -18.91 -14.14
C SER F 296 -44.31 -19.42 -13.92
N TRP F 297 -44.19 -20.72 -13.70
CA TRP F 297 -42.89 -21.37 -13.76
C TRP F 297 -42.50 -21.57 -15.22
N VAL F 298 -41.28 -21.20 -15.57
CA VAL F 298 -40.75 -21.37 -16.91
C VAL F 298 -39.37 -22.02 -16.79
N ASN F 299 -38.74 -22.29 -17.92
CA ASN F 299 -37.40 -22.86 -17.86
C ASN F 299 -36.37 -21.79 -18.19
N GLN F 300 -35.09 -22.19 -18.16
CA GLN F 300 -34.04 -21.22 -18.42
C GLN F 300 -34.03 -20.73 -19.86
N PHE F 301 -34.77 -21.36 -20.77
CA PHE F 301 -34.75 -21.00 -22.18
C PHE F 301 -35.90 -20.06 -22.57
N TYR F 302 -36.69 -19.61 -21.60
CA TYR F 302 -37.75 -18.64 -21.88
C TYR F 302 -37.16 -17.31 -22.34
N THR F 303 -37.73 -16.75 -23.41
CA THR F 303 -37.32 -15.45 -23.93
C THR F 303 -38.22 -14.36 -23.36
N LEU F 304 -37.63 -13.46 -22.57
CA LEU F 304 -38.35 -12.34 -22.01
C LEU F 304 -38.68 -11.32 -23.10
N ALA F 305 -39.84 -10.68 -22.95
CA ALA F 305 -40.11 -9.50 -23.74
C ALA F 305 -39.13 -8.39 -23.35
N PRO F 306 -38.57 -7.67 -24.32
CA PRO F 306 -37.63 -6.59 -23.98
C PRO F 306 -38.26 -5.59 -23.02
N MET F 307 -37.47 -5.07 -22.10
CA MET F 307 -37.99 -4.00 -21.23
C MET F 307 -37.53 -2.67 -21.80
N GLN G 1 29.78 -25.81 15.67
CA GLN G 1 30.89 -26.64 16.10
C GLN G 1 32.07 -25.71 16.40
N VAL G 2 31.77 -24.48 16.84
CA VAL G 2 32.85 -23.58 17.24
C VAL G 2 33.48 -24.11 18.52
N GLN G 3 34.80 -24.27 18.50
CA GLN G 3 35.52 -24.80 19.65
C GLN G 3 36.79 -24.01 19.89
N LEU G 4 37.05 -23.73 21.16
CA LEU G 4 38.28 -23.10 21.62
C LEU G 4 38.82 -23.92 22.78
N GLN G 5 40.10 -24.24 22.77
CA GLN G 5 40.70 -25.02 23.85
C GLN G 5 42.09 -24.49 24.16
N GLU G 6 42.26 -24.01 25.39
CA GLU G 6 43.49 -23.40 25.85
C GLU G 6 44.42 -24.45 26.47
N SER G 7 45.70 -24.14 26.47
CA SER G 7 46.68 -25.01 27.11
C SER G 7 47.90 -24.19 27.47
N GLY G 8 48.77 -24.77 28.28
CA GLY G 8 50.04 -24.15 28.63
C GLY G 8 50.10 -23.60 30.03
N GLY G 9 49.00 -23.62 30.77
CA GLY G 9 49.00 -23.14 32.13
C GLY G 9 49.76 -24.06 33.05
N GLY G 10 49.94 -23.58 34.28
CA GLY G 10 50.65 -24.34 35.28
C GLY G 10 51.02 -23.47 36.46
N LEU G 11 51.78 -24.07 37.37
CA LEU G 11 52.28 -23.39 38.56
C LEU G 11 53.71 -22.93 38.27
N VAL G 12 53.97 -21.63 38.43
CA VAL G 12 55.28 -21.06 38.14
C VAL G 12 55.65 -20.07 39.23
N GLN G 13 56.96 -19.82 39.34
CA GLN G 13 57.48 -18.91 40.34
C GLN G 13 57.35 -17.48 39.85
N PRO G 14 57.13 -16.52 40.75
CA PRO G 14 57.17 -15.12 40.36
C PRO G 14 58.43 -14.81 39.55
N GLY G 15 58.26 -13.98 38.52
CA GLY G 15 59.36 -13.62 37.65
C GLY G 15 59.58 -14.53 36.47
N SER G 16 58.95 -15.70 36.43
CA SER G 16 59.20 -16.63 35.34
C SER G 16 58.30 -16.31 34.15
N SER G 17 58.45 -17.08 33.08
CA SER G 17 57.75 -16.87 31.83
C SER G 17 56.87 -18.07 31.54
N LEU G 18 55.82 -17.85 30.74
CA LEU G 18 54.88 -18.90 30.38
C LEU G 18 54.24 -18.52 29.05
N ARG G 19 54.01 -19.51 28.19
CA ARG G 19 53.37 -19.28 26.90
C ARG G 19 52.08 -20.09 26.82
N LEU G 20 50.97 -19.39 26.64
CA LEU G 20 49.67 -20.02 26.50
C LEU G 20 49.31 -20.17 25.03
N SER G 21 48.51 -21.18 24.73
CA SER G 21 48.01 -21.45 23.39
C SER G 21 46.51 -21.62 23.46
N CYS G 22 45.83 -21.27 22.36
CA CYS G 22 44.40 -21.51 22.22
C CYS G 22 44.18 -22.10 20.84
N ALA G 23 43.74 -23.35 20.78
CA ALA G 23 43.46 -24.05 19.53
C ALA G 23 42.00 -23.81 19.13
N ALA G 24 41.79 -23.29 17.92
CA ALA G 24 40.46 -22.97 17.44
C ALA G 24 40.06 -23.92 16.32
N SER G 25 38.75 -24.17 16.24
CA SER G 25 38.19 -25.00 15.17
C SER G 25 36.73 -24.63 15.00
N GLY G 26 36.17 -24.99 13.86
CA GLY G 26 34.76 -24.76 13.59
C GLY G 26 34.41 -23.41 13.03
N PHE G 27 35.39 -22.55 12.78
CA PHE G 27 35.20 -21.28 12.11
C PHE G 27 36.52 -20.90 11.44
N THR G 28 36.50 -19.89 10.59
CA THR G 28 37.68 -19.61 9.78
C THR G 28 38.85 -19.08 10.61
N PHE G 29 38.60 -18.59 11.82
CA PHE G 29 39.61 -18.04 12.74
C PHE G 29 40.30 -16.83 12.11
N GLY G 30 41.04 -17.04 11.03
CA GLY G 30 41.49 -15.91 10.24
C GLY G 30 40.28 -15.08 9.87
N GLY G 31 40.43 -13.76 9.86
CA GLY G 31 39.31 -12.88 9.63
C GLY G 31 38.60 -12.40 10.87
N TYR G 32 38.92 -12.94 12.05
CA TYR G 32 38.22 -12.57 13.29
C TYR G 32 39.20 -12.11 14.35
N ALA G 33 38.86 -11.00 15.01
CA ALA G 33 39.62 -10.59 16.18
C ALA G 33 39.49 -11.65 17.27
N MET G 34 40.60 -11.88 17.97
CA MET G 34 40.70 -12.84 19.07
C MET G 34 41.15 -12.12 20.34
N HIS G 35 40.77 -12.67 21.49
CA HIS G 35 41.02 -11.98 22.76
C HIS G 35 41.46 -12.98 23.80
N TRP G 36 42.30 -12.51 24.73
CA TRP G 36 42.61 -13.22 25.95
C TRP G 36 41.92 -12.53 27.10
N VAL G 37 41.33 -13.32 28.00
CA VAL G 37 40.63 -12.86 29.18
C VAL G 37 41.15 -13.66 30.35
N ARG G 38 41.10 -13.07 31.54
CA ARG G 38 41.50 -13.81 32.74
C ARG G 38 40.51 -13.58 33.87
N GLN G 39 40.43 -14.57 34.76
CA GLN G 39 39.44 -14.56 35.85
C GLN G 39 40.03 -15.22 37.08
N ALA G 40 40.18 -14.46 38.15
CA ALA G 40 40.70 -14.95 39.42
C ALA G 40 39.57 -15.49 40.28
N PRO G 41 39.89 -16.33 41.26
CA PRO G 41 38.84 -16.98 42.05
C PRO G 41 37.93 -15.97 42.73
N GLY G 42 36.62 -16.21 42.62
CA GLY G 42 35.63 -15.35 43.23
C GLY G 42 35.44 -13.99 42.58
N LYS G 43 36.12 -13.72 41.48
CA LYS G 43 36.04 -12.43 40.81
C LYS G 43 35.50 -12.63 39.39
N GLY G 44 35.08 -11.53 38.78
CA GLY G 44 34.64 -11.54 37.41
C GLY G 44 35.80 -11.49 36.45
N PRO G 45 35.51 -11.79 35.19
CA PRO G 45 36.58 -11.80 34.18
C PRO G 45 37.04 -10.40 33.82
N GLU G 46 38.27 -10.32 33.34
CA GLU G 46 38.87 -9.05 32.95
C GLU G 46 39.64 -9.25 31.65
N TRP G 47 39.50 -8.29 30.74
CA TRP G 47 40.21 -8.34 29.47
C TRP G 47 41.72 -8.21 29.64
N VAL G 48 42.47 -9.02 28.89
CA VAL G 48 43.93 -9.02 28.95
C VAL G 48 44.55 -8.48 27.66
N SER G 49 44.14 -9.00 26.50
CA SER G 49 44.79 -8.63 25.25
C SER G 49 43.90 -8.98 24.07
N SER G 50 44.13 -8.29 22.95
CA SER G 50 43.36 -8.49 21.72
C SER G 50 44.27 -8.39 20.52
N ILE G 51 43.86 -9.02 19.42
CA ILE G 51 44.64 -9.04 18.18
C ILE G 51 43.68 -9.14 17.00
N ASN G 52 43.95 -8.39 15.93
CA ASN G 52 43.12 -8.50 14.74
C ASN G 52 43.65 -9.59 13.81
N SER G 53 43.08 -9.70 12.61
CA SER G 53 43.33 -10.88 11.77
C SER G 53 44.80 -11.04 11.43
N GLY G 54 45.42 -10.00 10.89
CA GLY G 54 46.80 -10.09 10.47
C GLY G 54 47.81 -9.85 11.57
N GLY G 55 47.36 -9.51 12.78
CA GLY G 55 48.26 -9.23 13.85
C GLY G 55 48.95 -7.87 13.77
N ASP G 56 48.55 -7.01 12.84
CA ASP G 56 49.13 -5.68 12.80
C ASP G 56 48.49 -4.73 13.80
N ILE G 57 47.39 -5.13 14.44
CA ILE G 57 46.81 -4.37 15.54
C ILE G 57 46.72 -5.27 16.77
N THR G 58 47.33 -4.83 17.87
CA THR G 58 47.21 -5.51 19.15
C THR G 58 46.94 -4.47 20.22
N ASN G 59 46.40 -4.93 21.35
CA ASN G 59 46.26 -4.06 22.50
C ASN G 59 46.34 -4.90 23.76
N TYR G 60 46.55 -4.23 24.90
CA TYR G 60 46.84 -4.88 26.15
C TYR G 60 46.23 -4.09 27.29
N ALA G 61 45.77 -4.80 28.32
CA ALA G 61 45.43 -4.18 29.58
C ALA G 61 46.65 -3.48 30.16
N THR G 62 46.42 -2.33 30.80
CA THR G 62 47.53 -1.55 31.35
C THR G 62 48.42 -2.38 32.26
N SER G 63 47.80 -3.29 33.03
CA SER G 63 48.52 -4.08 34.02
C SER G 63 49.49 -5.09 33.42
N VAL G 64 49.37 -5.42 32.13
CA VAL G 64 50.26 -6.38 31.50
C VAL G 64 51.11 -5.76 30.40
N LYS G 65 50.94 -4.47 30.11
CA LYS G 65 51.73 -3.84 29.05
C LYS G 65 53.22 -3.95 29.34
N GLY G 66 53.99 -4.24 28.28
CA GLY G 66 55.42 -4.41 28.39
C GLY G 66 55.86 -5.78 28.86
N ARG G 67 54.94 -6.61 29.34
CA ARG G 67 55.28 -7.95 29.81
C ARG G 67 54.64 -9.06 28.99
N PHE G 68 53.43 -8.86 28.49
CA PHE G 68 52.73 -9.88 27.71
C PHE G 68 52.79 -9.55 26.23
N SER G 69 52.71 -10.58 25.40
CA SER G 69 52.74 -10.41 23.95
C SER G 69 51.78 -11.40 23.33
N ILE G 70 50.78 -10.88 22.58
CA ILE G 70 49.78 -11.72 21.91
C ILE G 70 50.21 -11.92 20.46
N SER G 71 49.95 -13.12 19.93
CA SER G 71 50.27 -13.43 18.55
C SER G 71 49.32 -14.52 18.08
N ARG G 72 49.32 -14.77 16.77
CA ARG G 72 48.42 -15.78 16.22
C ARG G 72 49.05 -16.40 15.00
N ASP G 73 48.60 -17.62 14.70
CA ASP G 73 48.96 -18.31 13.46
C ASP G 73 47.67 -18.75 12.78
N ASN G 74 47.31 -18.09 11.69
CA ASN G 74 46.02 -18.37 11.07
C ASN G 74 45.97 -19.71 10.35
N PRO G 75 47.01 -20.13 9.64
CA PRO G 75 46.96 -21.48 9.04
C PRO G 75 46.63 -22.59 10.04
N SER G 76 47.24 -22.57 11.22
CA SER G 76 46.99 -23.58 12.23
C SER G 76 45.84 -23.23 13.16
N LYS G 77 45.21 -22.06 12.96
CA LYS G 77 44.13 -21.58 13.82
C LYS G 77 44.52 -21.64 15.29
N THR G 78 45.69 -21.08 15.61
CA THR G 78 46.17 -21.03 16.98
C THR G 78 46.43 -19.60 17.45
N LEU G 79 46.00 -19.30 18.67
CA LEU G 79 46.26 -18.03 19.33
C LEU G 79 47.26 -18.26 20.46
N TYR G 80 48.16 -17.30 20.66
CA TYR G 80 49.21 -17.41 21.66
C TYR G 80 49.22 -16.21 22.59
N LEU G 81 49.67 -16.42 23.83
CA LEU G 81 49.97 -15.35 24.76
C LEU G 81 51.31 -15.66 25.43
N GLN G 82 52.33 -14.88 25.10
CA GLN G 82 53.62 -14.97 25.80
C GLN G 82 53.56 -14.09 27.03
N MET G 83 53.75 -14.70 28.20
CA MET G 83 53.72 -13.97 29.48
C MET G 83 55.12 -13.98 30.08
N ASN G 84 55.71 -12.80 30.23
CA ASN G 84 57.01 -12.64 30.85
C ASN G 84 56.88 -11.97 32.21
N SER G 85 57.90 -12.18 33.05
CA SER G 85 58.00 -11.52 34.35
C SER G 85 56.69 -11.59 35.12
N LEU G 86 56.19 -12.83 35.27
CA LEU G 86 54.90 -13.04 35.89
C LEU G 86 54.92 -12.61 37.35
N ARG G 87 53.78 -12.09 37.81
CA ARG G 87 53.58 -11.60 39.17
C ARG G 87 52.47 -12.41 39.84
N PRO G 88 52.45 -12.47 41.17
CA PRO G 88 51.38 -13.20 41.84
C PRO G 88 49.99 -12.79 41.38
N GLU G 89 49.76 -11.47 41.24
CA GLU G 89 48.45 -10.97 40.82
C GLU G 89 48.11 -11.32 39.38
N ASP G 90 49.03 -11.94 38.64
CA ASP G 90 48.71 -12.48 37.33
C ASP G 90 48.00 -13.83 37.42
N SER G 91 47.93 -14.42 38.61
CA SER G 91 47.31 -15.73 38.77
C SER G 91 45.83 -15.67 38.44
N ALA G 92 45.35 -16.61 37.64
CA ALA G 92 43.96 -16.60 37.21
C ALA G 92 43.74 -17.78 36.27
N VAL G 93 42.47 -18.04 35.96
CA VAL G 93 42.16 -18.84 34.78
C VAL G 93 42.22 -17.90 33.58
N TYR G 94 43.04 -18.27 32.60
CA TYR G 94 43.15 -17.54 31.35
C TYR G 94 42.34 -18.26 30.29
N TYR G 95 41.49 -17.54 29.59
CA TYR G 95 40.74 -18.15 28.52
C TYR G 95 40.70 -17.24 27.31
N CYS G 96 40.58 -17.85 26.14
CA CYS G 96 40.53 -17.08 24.92
C CYS G 96 39.08 -17.00 24.48
N LYS G 97 38.73 -15.92 23.80
CA LYS G 97 37.35 -15.78 23.34
C LYS G 97 37.35 -15.03 22.02
N THR G 98 36.23 -15.14 21.33
CA THR G 98 36.07 -14.46 20.07
C THR G 98 34.61 -14.05 19.95
N GLN G 99 34.32 -13.31 18.88
CA GLN G 99 32.98 -12.86 18.57
C GLN G 99 32.76 -13.10 17.09
N LEU G 100 31.66 -13.80 16.77
CA LEU G 100 31.32 -14.16 15.40
C LEU G 100 29.89 -13.71 15.17
N ALA G 101 29.71 -12.77 14.24
CA ALA G 101 28.38 -12.19 13.99
C ALA G 101 27.88 -11.59 15.29
N ASN G 102 26.75 -12.02 15.85
CA ASN G 102 26.22 -11.42 17.06
C ASN G 102 26.31 -12.35 18.26
N ARG G 103 27.28 -13.27 18.25
CA ARG G 103 27.44 -14.27 19.30
C ARG G 103 28.90 -14.35 19.74
N ASP G 104 29.11 -14.59 21.04
CA ASP G 104 30.45 -14.73 21.60
C ASP G 104 30.74 -16.19 21.97
N TYR G 105 32.02 -16.56 21.90
CA TYR G 105 32.47 -17.91 22.21
C TYR G 105 33.72 -17.84 23.06
N ARG G 106 33.78 -18.61 24.13
CA ARG G 106 34.98 -18.69 24.95
C ARG G 106 35.37 -20.16 25.19
N GLY G 107 36.66 -20.36 25.47
CA GLY G 107 37.14 -21.66 25.87
C GLY G 107 37.02 -21.89 27.36
N GLN G 108 37.29 -23.13 27.77
CA GLN G 108 37.16 -23.49 29.18
C GLN G 108 38.25 -22.84 30.02
N GLY G 109 39.41 -22.61 29.45
CA GLY G 109 40.47 -21.88 30.11
C GLY G 109 41.59 -22.79 30.60
N THR G 110 42.68 -22.15 30.97
CA THR G 110 43.84 -22.83 31.52
C THR G 110 44.30 -22.08 32.78
N GLN G 111 44.60 -22.83 33.83
CA GLN G 111 44.94 -22.21 35.11
C GLN G 111 46.40 -21.77 35.12
N VAL G 112 46.63 -20.54 35.54
CA VAL G 112 47.97 -20.01 35.70
C VAL G 112 48.12 -19.57 37.15
N THR G 113 49.02 -20.23 37.88
CA THR G 113 49.28 -19.89 39.27
C THR G 113 50.73 -19.42 39.40
N VAL G 114 50.91 -18.17 39.82
CA VAL G 114 52.22 -17.55 40.00
C VAL G 114 52.44 -17.46 41.51
N SER G 115 53.28 -18.33 42.04
CA SER G 115 53.33 -18.49 43.49
C SER G 115 54.56 -19.30 43.86
N SER G 116 55.11 -19.02 45.04
CA SER G 116 56.08 -19.94 45.62
C SER G 116 55.41 -21.11 46.33
N HIS G 117 54.10 -21.03 46.56
CA HIS G 117 53.37 -22.12 47.19
C HIS G 117 53.24 -23.31 46.23
N HIS G 118 53.41 -24.52 46.76
CA HIS G 118 53.21 -25.70 45.92
C HIS G 118 52.50 -26.83 46.64
N HIS G 119 51.61 -26.52 47.57
CA HIS G 119 50.74 -27.52 48.18
C HIS G 119 49.30 -27.20 47.79
N HIS G 120 48.71 -28.08 46.99
CA HIS G 120 47.36 -27.89 46.48
C HIS G 120 46.74 -29.26 46.29
N HIS G 121 45.43 -29.35 46.50
CA HIS G 121 44.73 -30.61 46.28
C HIS G 121 43.28 -30.31 45.94
N HIS G 122 42.60 -31.34 45.44
CA HIS G 122 41.19 -31.22 45.05
C HIS G 122 40.25 -31.06 46.24
N GLN H 1 -71.58 21.07 15.12
CA GLN H 1 -71.60 21.17 13.67
C GLN H 1 -70.42 21.99 13.18
N VAL H 2 -69.34 21.30 12.84
CA VAL H 2 -68.15 21.98 12.35
C VAL H 2 -68.46 22.68 11.03
N GLN H 3 -68.18 23.98 10.97
CA GLN H 3 -68.33 24.75 9.75
C GLN H 3 -67.05 25.54 9.47
N LEU H 4 -66.66 25.56 8.21
CA LEU H 4 -65.50 26.31 7.72
C LEU H 4 -65.95 27.03 6.46
N GLN H 5 -65.75 28.34 6.40
CA GLN H 5 -66.23 29.13 5.27
C GLN H 5 -65.15 30.12 4.85
N GLU H 6 -64.62 29.93 3.64
CA GLU H 6 -63.56 30.77 3.12
C GLU H 6 -64.14 31.93 2.31
N SER H 7 -63.38 33.01 2.23
CA SER H 7 -63.75 34.18 1.46
C SER H 7 -62.49 34.93 1.04
N GLY H 8 -62.65 35.90 0.17
CA GLY H 8 -61.58 36.77 -0.25
C GLY H 8 -61.07 36.51 -1.65
N GLY H 9 -61.55 35.47 -2.32
CA GLY H 9 -61.07 35.15 -3.65
C GLY H 9 -61.58 36.11 -4.70
N GLY H 10 -60.95 36.02 -5.88
CA GLY H 10 -61.30 36.88 -6.98
C GLY H 10 -60.28 36.75 -8.09
N LEU H 11 -60.42 37.62 -9.09
CA LEU H 11 -59.49 37.65 -10.22
C LEU H 11 -58.51 38.79 -10.01
N VAL H 12 -57.20 38.47 -10.09
CA VAL H 12 -56.15 39.44 -9.84
C VAL H 12 -55.03 39.28 -10.87
N GLN H 13 -54.24 40.34 -11.01
CA GLN H 13 -53.12 40.40 -11.94
C GLN H 13 -51.94 39.59 -11.42
N PRO H 14 -51.15 39.00 -12.31
CA PRO H 14 -49.89 38.38 -11.87
C PRO H 14 -49.04 39.39 -11.11
N GLY H 15 -48.36 38.89 -10.06
CA GLY H 15 -47.55 39.73 -9.20
C GLY H 15 -48.29 40.37 -8.05
N SER H 16 -49.61 40.35 -8.03
CA SER H 16 -50.37 41.06 -7.01
C SER H 16 -50.46 40.23 -5.73
N SER H 17 -51.08 40.82 -4.71
CA SER H 17 -51.24 40.22 -3.40
C SER H 17 -52.72 40.07 -3.08
N LEU H 18 -53.05 39.06 -2.28
CA LEU H 18 -54.44 38.78 -1.97
C LEU H 18 -54.52 38.02 -0.64
N ARG H 19 -55.48 38.40 0.20
CA ARG H 19 -55.67 37.80 1.50
C ARG H 19 -56.96 37.01 1.54
N LEU H 20 -56.86 35.73 1.90
CA LEU H 20 -58.02 34.88 2.12
C LEU H 20 -58.29 34.73 3.61
N SER H 21 -59.55 34.49 3.94
CA SER H 21 -59.99 34.23 5.31
C SER H 21 -60.79 32.93 5.35
N CYS H 22 -60.70 32.23 6.49
CA CYS H 22 -61.51 31.06 6.76
C CYS H 22 -62.17 31.28 8.12
N ALA H 23 -63.49 31.40 8.13
CA ALA H 23 -64.24 31.60 9.37
C ALA H 23 -64.72 30.23 9.86
N ALA H 24 -64.36 29.88 11.08
CA ALA H 24 -64.63 28.57 11.63
C ALA H 24 -65.57 28.67 12.82
N SER H 25 -66.39 27.63 12.99
CA SER H 25 -67.25 27.50 14.15
C SER H 25 -67.59 26.03 14.31
N GLY H 26 -68.13 25.68 15.47
CA GLY H 26 -68.51 24.31 15.76
C GLY H 26 -67.46 23.52 16.50
N PHE H 27 -66.31 24.11 16.80
CA PHE H 27 -65.29 23.47 17.63
C PHE H 27 -64.45 24.59 18.25
N THR H 28 -63.55 24.18 19.15
CA THR H 28 -62.76 25.17 19.89
C THR H 28 -61.77 25.92 18.99
N PHE H 29 -61.44 25.38 17.82
CA PHE H 29 -60.52 26.01 16.87
C PHE H 29 -59.12 26.14 17.45
N GLY H 30 -58.96 26.97 18.49
CA GLY H 30 -57.72 26.98 19.23
C GLY H 30 -57.43 25.56 19.69
N GLY H 31 -56.15 25.19 19.76
CA GLY H 31 -55.77 23.86 20.13
C GLY H 31 -55.68 22.86 19.00
N TYR H 32 -56.06 23.24 17.78
CA TYR H 32 -56.01 22.36 16.63
C TYR H 32 -55.21 22.99 15.51
N ALA H 33 -54.40 22.17 14.84
CA ALA H 33 -53.71 22.63 13.64
C ALA H 33 -54.73 22.91 12.54
N MET H 34 -54.42 23.93 11.75
CA MET H 34 -55.27 24.41 10.66
C MET H 34 -54.47 24.36 9.37
N HIS H 35 -55.15 24.16 8.24
CA HIS H 35 -54.44 24.00 6.98
C HIS H 35 -55.14 24.75 5.84
N TRP H 36 -54.34 25.15 4.85
CA TRP H 36 -54.86 25.60 3.56
C TRP H 36 -54.49 24.59 2.48
N VAL H 37 -55.46 24.31 1.60
CA VAL H 37 -55.29 23.42 0.47
C VAL H 37 -55.85 24.10 -0.77
N ARG H 38 -55.30 23.78 -1.93
CA ARG H 38 -55.79 24.34 -3.18
C ARG H 38 -55.94 23.27 -4.24
N GLN H 39 -56.88 23.50 -5.16
CA GLN H 39 -57.16 22.56 -6.24
C GLN H 39 -57.30 23.36 -7.53
N ALA H 40 -56.38 23.15 -8.47
CA ALA H 40 -56.41 23.83 -9.75
C ALA H 40 -57.39 23.14 -10.69
N PRO H 41 -57.84 23.85 -11.73
CA PRO H 41 -59.07 23.43 -12.44
C PRO H 41 -59.20 21.94 -12.77
N GLY H 42 -58.14 21.30 -13.25
CA GLY H 42 -58.31 19.92 -13.68
C GLY H 42 -57.53 18.89 -12.89
N LYS H 43 -57.15 19.24 -11.67
CA LYS H 43 -56.23 18.43 -10.88
C LYS H 43 -56.84 18.14 -9.52
N GLY H 44 -56.17 17.25 -8.79
CA GLY H 44 -56.54 16.98 -7.41
C GLY H 44 -56.02 18.04 -6.48
N PRO H 45 -56.51 18.01 -5.25
CA PRO H 45 -56.09 19.03 -4.27
C PRO H 45 -54.64 18.85 -3.85
N GLU H 46 -54.06 19.95 -3.38
CA GLU H 46 -52.68 19.91 -2.92
C GLU H 46 -52.51 20.86 -1.75
N TRP H 47 -51.70 20.44 -0.79
CA TRP H 47 -51.46 21.23 0.41
C TRP H 47 -50.76 22.54 0.07
N VAL H 48 -51.15 23.61 0.77
CA VAL H 48 -50.54 24.92 0.62
C VAL H 48 -49.77 25.31 1.87
N SER H 49 -50.40 25.26 3.05
CA SER H 49 -49.79 25.79 4.26
C SER H 49 -50.51 25.26 5.49
N SER H 50 -49.79 25.24 6.62
CA SER H 50 -50.30 24.73 7.89
C SER H 50 -49.80 25.60 9.03
N ILE H 51 -50.53 25.57 10.14
CA ILE H 51 -50.18 26.36 11.33
C ILE H 51 -50.69 25.63 12.57
N ASN H 52 -49.91 25.66 13.64
CA ASN H 52 -50.32 25.00 14.87
C ASN H 52 -51.09 25.99 15.75
N SER H 53 -51.41 25.60 16.98
CA SER H 53 -52.36 26.35 17.78
C SER H 53 -51.88 27.78 18.02
N GLY H 54 -50.68 27.93 18.57
CA GLY H 54 -50.17 29.25 18.89
C GLY H 54 -49.55 29.99 17.74
N GLY H 55 -49.45 29.36 16.57
CA GLY H 55 -48.82 29.99 15.44
C GLY H 55 -47.31 30.02 15.48
N ASP H 56 -46.68 29.36 16.45
CA ASP H 56 -45.22 29.35 16.48
C ASP H 56 -44.63 28.29 15.55
N ILE H 57 -45.45 27.40 15.01
CA ILE H 57 -45.03 26.47 13.95
C ILE H 57 -45.91 26.75 12.73
N THR H 58 -45.27 27.04 11.60
CA THR H 58 -45.94 27.16 10.31
C THR H 58 -45.12 26.42 9.28
N ASN H 59 -45.76 26.08 8.16
CA ASN H 59 -45.03 25.49 7.05
C ASN H 59 -45.79 25.76 5.76
N TYR H 60 -45.08 25.59 4.64
CA TYR H 60 -45.59 25.98 3.33
C TYR H 60 -45.11 24.98 2.28
N ALA H 61 -45.96 24.74 1.28
CA ALA H 61 -45.53 23.95 0.14
C ALA H 61 -44.37 24.65 -0.57
N THR H 62 -43.47 23.85 -1.14
CA THR H 62 -42.28 24.42 -1.76
C THR H 62 -42.63 25.47 -2.81
N SER H 63 -43.72 25.27 -3.54
CA SER H 63 -44.08 26.18 -4.62
C SER H 63 -44.46 27.56 -4.11
N VAL H 64 -44.93 27.67 -2.88
CA VAL H 64 -45.39 28.96 -2.34
C VAL H 64 -44.49 29.48 -1.22
N LYS H 65 -43.48 28.71 -0.80
CA LYS H 65 -42.59 29.19 0.25
C LYS H 65 -41.95 30.51 -0.15
N GLY H 66 -41.93 31.46 0.79
CA GLY H 66 -41.40 32.78 0.55
C GLY H 66 -42.39 33.77 -0.01
N ARG H 67 -43.55 33.32 -0.49
CA ARG H 67 -44.56 34.19 -1.08
C ARG H 67 -45.85 34.26 -0.28
N PHE H 68 -46.27 33.16 0.34
CA PHE H 68 -47.48 33.11 1.14
C PHE H 68 -47.12 33.18 2.61
N SER H 69 -48.08 33.65 3.41
CA SER H 69 -47.91 33.76 4.86
C SER H 69 -49.23 33.39 5.52
N ILE H 70 -49.20 32.39 6.40
CA ILE H 70 -50.38 31.90 7.10
C ILE H 70 -50.41 32.50 8.50
N SER H 71 -51.60 32.73 9.03
CA SER H 71 -51.77 33.26 10.37
C SER H 71 -53.15 32.86 10.88
N ARG H 72 -53.39 33.08 12.17
CA ARG H 72 -54.66 32.72 12.78
C ARG H 72 -54.95 33.64 13.96
N ASP H 73 -56.24 33.81 14.25
CA ASP H 73 -56.68 34.46 15.47
C ASP H 73 -57.65 33.52 16.17
N ASN H 74 -57.26 33.03 17.34
CA ASN H 74 -58.05 32.01 18.02
C ASN H 74 -59.30 32.61 18.66
N PRO H 75 -59.22 33.78 19.30
CA PRO H 75 -60.44 34.38 19.86
C PRO H 75 -61.56 34.53 18.83
N SER H 76 -61.28 34.98 17.62
CA SER H 76 -62.30 35.13 16.59
C SER H 76 -62.45 33.89 15.71
N LYS H 77 -61.66 32.85 15.94
CA LYS H 77 -61.75 31.61 15.19
C LYS H 77 -61.65 31.86 13.69
N THR H 78 -60.61 32.57 13.29
CA THR H 78 -60.38 32.89 11.89
C THR H 78 -58.98 32.47 11.46
N LEU H 79 -58.90 31.89 10.27
CA LEU H 79 -57.65 31.53 9.62
C LEU H 79 -57.43 32.46 8.44
N TYR H 80 -56.18 32.88 8.25
CA TYR H 80 -55.84 33.77 7.16
C TYR H 80 -54.72 33.17 6.31
N LEU H 81 -54.76 33.49 5.02
CA LEU H 81 -53.66 33.20 4.11
C LEU H 81 -53.39 34.46 3.30
N GLN H 82 -52.23 35.06 3.51
CA GLN H 82 -51.81 36.22 2.75
C GLN H 82 -50.96 35.74 1.57
N MET H 83 -51.46 35.95 0.36
CA MET H 83 -50.72 35.57 -0.82
C MET H 83 -50.09 36.80 -1.48
N ASN H 84 -48.87 36.63 -1.99
CA ASN H 84 -48.11 37.71 -2.59
C ASN H 84 -47.41 37.17 -3.83
N SER H 85 -46.98 38.09 -4.69
CA SER H 85 -46.25 37.75 -5.90
C SER H 85 -46.96 36.64 -6.66
N LEU H 86 -48.29 36.74 -6.75
CA LEU H 86 -49.10 35.69 -7.33
C LEU H 86 -48.71 35.42 -8.78
N ARG H 87 -48.77 34.15 -9.17
CA ARG H 87 -48.43 33.66 -10.49
C ARG H 87 -49.66 33.01 -11.12
N PRO H 88 -49.75 32.99 -12.45
CA PRO H 88 -50.88 32.30 -13.10
C PRO H 88 -51.08 30.89 -12.55
N GLU H 89 -49.98 30.16 -12.34
CA GLU H 89 -50.05 28.79 -11.85
C GLU H 89 -50.58 28.71 -10.41
N ASP H 90 -50.74 29.84 -9.72
CA ASP H 90 -51.42 29.85 -8.44
C ASP H 90 -52.94 29.85 -8.57
N SER H 91 -53.47 29.97 -9.79
CA SER H 91 -54.92 29.96 -9.96
C SER H 91 -55.48 28.62 -9.52
N ALA H 92 -56.52 28.66 -8.67
CA ALA H 92 -57.12 27.46 -8.14
C ALA H 92 -58.24 27.86 -7.19
N VAL H 93 -59.00 26.85 -6.76
CA VAL H 93 -59.91 27.00 -5.63
C VAL H 93 -59.11 26.76 -4.36
N TYR H 94 -59.12 27.73 -3.45
CA TYR H 94 -58.40 27.64 -2.19
C TYR H 94 -59.38 27.32 -1.09
N TYR H 95 -59.06 26.32 -0.27
CA TYR H 95 -59.96 25.98 0.80
C TYR H 95 -59.17 25.58 2.05
N CYS H 96 -59.86 25.66 3.18
CA CYS H 96 -59.30 25.51 4.51
C CYS H 96 -59.86 24.25 5.14
N LYS H 97 -59.00 23.47 5.81
CA LYS H 97 -59.43 22.22 6.40
C LYS H 97 -58.72 22.02 7.73
N THR H 98 -59.35 21.20 8.58
CA THR H 98 -58.76 20.79 9.85
C THR H 98 -59.02 19.31 10.07
N GLN H 99 -58.46 18.81 11.17
CA GLN H 99 -58.60 17.42 11.60
C GLN H 99 -58.87 17.46 13.10
N LEU H 100 -59.95 16.80 13.53
CA LEU H 100 -60.34 16.74 14.93
C LEU H 100 -60.56 15.28 15.30
N ALA H 101 -59.84 14.82 16.34
CA ALA H 101 -59.84 13.40 16.67
C ALA H 101 -59.51 12.60 15.41
N ASN H 102 -60.44 11.77 14.95
CA ASN H 102 -60.16 10.90 13.80
C ASN H 102 -60.98 11.27 12.57
N ARG H 103 -61.39 12.54 12.46
CA ARG H 103 -62.20 12.99 11.33
C ARG H 103 -61.68 14.32 10.79
N ASP H 104 -61.81 14.48 9.47
CA ASP H 104 -61.38 15.68 8.76
C ASP H 104 -62.58 16.50 8.31
N TYR H 105 -62.35 17.81 8.18
CA TYR H 105 -63.38 18.77 7.80
C TYR H 105 -62.78 19.81 6.88
N ARG H 106 -63.45 20.13 5.78
CA ARG H 106 -63.02 21.21 4.90
C ARG H 106 -64.19 22.07 4.50
N GLY H 107 -63.88 23.31 4.10
CA GLY H 107 -64.89 24.24 3.65
C GLY H 107 -65.11 24.16 2.16
N GLN H 108 -66.13 24.90 1.68
CA GLN H 108 -66.47 24.85 0.27
C GLN H 108 -65.37 25.47 -0.58
N GLY H 109 -64.71 26.52 -0.10
CA GLY H 109 -63.56 27.10 -0.78
C GLY H 109 -63.86 28.46 -1.37
N THR H 110 -62.82 29.04 -1.97
CA THR H 110 -62.91 30.33 -2.63
C THR H 110 -61.98 30.33 -3.83
N GLN H 111 -62.47 30.83 -4.97
CA GLN H 111 -61.74 30.74 -6.23
C GLN H 111 -60.81 31.93 -6.40
N VAL H 112 -59.60 31.64 -6.85
CA VAL H 112 -58.58 32.65 -7.09
C VAL H 112 -58.04 32.45 -8.49
N THR H 113 -58.20 33.46 -9.34
CA THR H 113 -57.69 33.41 -10.69
C THR H 113 -56.63 34.50 -10.86
N VAL H 114 -55.45 34.08 -11.31
CA VAL H 114 -54.32 34.97 -11.51
C VAL H 114 -54.08 35.04 -13.01
N SER H 115 -54.43 36.17 -13.62
CA SER H 115 -54.37 36.27 -15.07
C SER H 115 -54.38 37.74 -15.49
N SER H 116 -53.66 38.03 -16.57
CA SER H 116 -53.79 39.31 -17.25
C SER H 116 -54.99 39.33 -18.19
N HIS H 117 -55.58 38.18 -18.48
CA HIS H 117 -56.82 38.12 -19.25
C HIS H 117 -57.96 38.65 -18.40
N HIS H 118 -58.84 39.45 -19.01
CA HIS H 118 -59.96 40.00 -18.26
C HIS H 118 -61.29 39.88 -19.01
N HIS H 119 -61.39 38.94 -19.95
CA HIS H 119 -62.66 38.63 -20.59
C HIS H 119 -63.05 37.23 -20.15
N HIS H 120 -64.01 37.17 -19.22
CA HIS H 120 -64.52 35.91 -18.69
C HIS H 120 -66.03 36.00 -18.54
N HIS H 121 -66.69 34.87 -18.72
CA HIS H 121 -68.12 34.82 -18.47
C HIS H 121 -68.51 33.41 -18.07
N HIS H 122 -69.68 33.29 -17.47
CA HIS H 122 -70.24 32.01 -17.12
C HIS H 122 -70.56 31.19 -18.38
N GLN I 1 -5.79 -36.17 -1.55
CA GLN I 1 -6.85 -35.92 -0.59
C GLN I 1 -6.38 -35.08 0.59
N VAL I 2 -7.30 -34.34 1.19
CA VAL I 2 -6.97 -33.54 2.36
C VAL I 2 -6.75 -34.47 3.55
N GLN I 3 -5.68 -34.22 4.30
CA GLN I 3 -5.37 -35.03 5.48
C GLN I 3 -4.92 -34.15 6.62
N LEU I 4 -5.44 -34.43 7.82
CA LEU I 4 -5.07 -33.75 9.06
C LEU I 4 -4.83 -34.81 10.12
N GLN I 5 -3.71 -34.71 10.84
CA GLN I 5 -3.37 -35.72 11.85
C GLN I 5 -2.82 -35.02 13.09
N GLU I 6 -3.58 -35.09 14.19
CA GLU I 6 -3.18 -34.47 15.44
C GLU I 6 -2.26 -35.40 16.22
N SER I 7 -1.50 -34.80 17.14
CA SER I 7 -0.57 -35.55 17.97
C SER I 7 -0.21 -34.71 19.18
N GLY I 8 0.27 -35.38 20.22
CA GLY I 8 0.77 -34.71 21.42
C GLY I 8 -0.09 -34.84 22.66
N GLY I 9 -1.21 -35.55 22.59
CA GLY I 9 -2.06 -35.71 23.76
C GLY I 9 -1.49 -36.69 24.76
N GLY I 10 -2.06 -36.66 25.96
CA GLY I 10 -1.65 -37.56 27.01
C GLY I 10 -2.33 -37.22 28.32
N LEU I 11 -1.90 -37.92 29.38
CA LEU I 11 -2.38 -37.68 30.72
C LEU I 11 -1.39 -36.80 31.46
N VAL I 12 -1.87 -35.68 32.00
CA VAL I 12 -1.00 -34.69 32.64
C VAL I 12 -1.70 -34.10 33.85
N GLN I 13 -0.89 -33.57 34.76
CA GLN I 13 -1.36 -33.01 36.02
C GLN I 13 -1.98 -31.64 35.82
N PRO I 14 -2.98 -31.30 36.63
CA PRO I 14 -3.49 -29.92 36.62
C PRO I 14 -2.36 -28.93 36.86
N GLY I 15 -2.40 -27.81 36.14
CA GLY I 15 -1.39 -26.79 36.21
C GLY I 15 -0.25 -26.93 35.22
N SER I 16 -0.10 -28.09 34.57
CA SER I 16 1.02 -28.31 33.68
C SER I 16 0.74 -27.71 32.30
N SER I 17 1.74 -27.82 31.41
CA SER I 17 1.68 -27.32 30.05
C SER I 17 1.84 -28.47 29.08
N LEU I 18 1.23 -28.32 27.91
CA LEU I 18 1.23 -29.37 26.89
C LEU I 18 1.07 -28.73 25.53
N ARG I 19 1.79 -29.24 24.53
CA ARG I 19 1.76 -28.71 23.18
C ARG I 19 1.23 -29.76 22.22
N LEU I 20 0.17 -29.42 21.49
CA LEU I 20 -0.39 -30.29 20.49
C LEU I 20 0.06 -29.86 19.09
N SER I 21 0.12 -30.83 18.18
CA SER I 21 0.50 -30.58 16.80
C SER I 21 -0.54 -31.16 15.87
N CYS I 22 -0.63 -30.59 14.67
CA CYS I 22 -1.49 -31.12 13.61
C CYS I 22 -0.75 -31.00 12.29
N ALA I 23 -0.45 -32.14 11.68
CA ALA I 23 0.23 -32.18 10.40
C ALA I 23 -0.80 -32.26 9.28
N ALA I 24 -0.69 -31.33 8.32
CA ALA I 24 -1.66 -31.21 7.24
C ALA I 24 -1.00 -31.53 5.90
N SER I 25 -1.80 -32.08 4.98
CA SER I 25 -1.34 -32.34 3.63
C SER I 25 -2.55 -32.36 2.70
N GLY I 26 -2.27 -32.28 1.40
CA GLY I 26 -3.32 -32.36 0.40
C GLY I 26 -3.93 -31.04 0.00
N PHE I 27 -3.47 -29.93 0.57
CA PHE I 27 -3.90 -28.59 0.17
C PHE I 27 -2.78 -27.63 0.55
N THR I 28 -2.90 -26.37 0.10
CA THR I 28 -1.79 -25.44 0.30
C THR I 28 -1.55 -25.12 1.77
N PHE I 29 -2.54 -25.35 2.64
CA PHE I 29 -2.48 -25.03 4.08
C PHE I 29 -2.38 -23.52 4.27
N GLY I 30 -1.28 -22.93 3.82
CA GLY I 30 -1.25 -21.48 3.69
C GLY I 30 -2.44 -21.05 2.86
N GLY I 31 -3.00 -19.89 3.14
CA GLY I 31 -4.20 -19.44 2.49
C GLY I 31 -5.49 -19.78 3.20
N TYR I 32 -5.46 -20.69 4.17
CA TYR I 32 -6.68 -21.14 4.84
C TYR I 32 -6.59 -20.94 6.33
N ALA I 33 -7.68 -20.42 6.91
CA ALA I 33 -7.83 -20.39 8.34
C ALA I 33 -7.87 -21.82 8.88
N MET I 34 -7.27 -22.01 10.06
CA MET I 34 -7.24 -23.30 10.75
C MET I 34 -7.80 -23.14 12.15
N HIS I 35 -8.34 -24.22 12.69
CA HIS I 35 -9.02 -24.14 13.98
C HIS I 35 -8.67 -25.35 14.83
N TRP I 36 -8.69 -25.15 16.14
CA TRP I 36 -8.70 -26.24 17.11
C TRP I 36 -10.08 -26.30 17.74
N VAL I 37 -10.62 -27.50 17.86
CA VAL I 37 -11.89 -27.75 18.52
C VAL I 37 -11.67 -28.92 19.48
N ARG I 38 -12.54 -29.02 20.49
CA ARG I 38 -12.38 -30.08 21.47
C ARG I 38 -13.73 -30.64 21.86
N GLN I 39 -13.72 -31.91 22.27
CA GLN I 39 -14.93 -32.62 22.67
C GLN I 39 -14.69 -33.32 24.00
N ALA I 40 -15.31 -32.82 25.06
CA ALA I 40 -15.19 -33.44 26.37
C ALA I 40 -16.17 -34.61 26.49
N PRO I 41 -15.88 -35.55 27.38
CA PRO I 41 -16.78 -36.69 27.57
C PRO I 41 -18.20 -36.23 27.85
N GLY I 42 -19.16 -36.83 27.13
CA GLY I 42 -20.56 -36.53 27.36
C GLY I 42 -21.05 -35.23 26.78
N LYS I 43 -20.23 -34.54 25.99
CA LYS I 43 -20.60 -33.25 25.42
C LYS I 43 -20.31 -33.27 23.91
N GLY I 44 -20.83 -32.25 23.22
CA GLY I 44 -20.55 -32.07 21.82
C GLY I 44 -19.27 -31.29 21.63
N PRO I 45 -18.81 -31.14 20.39
CA PRO I 45 -17.56 -30.41 20.16
C PRO I 45 -17.73 -28.92 20.34
N GLU I 46 -16.67 -28.27 20.81
CA GLU I 46 -16.71 -26.83 21.01
C GLU I 46 -15.43 -26.21 20.47
N TRP I 47 -15.56 -24.97 20.00
CA TRP I 47 -14.43 -24.25 19.44
C TRP I 47 -13.42 -23.89 20.52
N VAL I 48 -12.15 -24.03 20.20
CA VAL I 48 -11.05 -23.68 21.10
C VAL I 48 -10.28 -22.47 20.62
N SER I 49 -9.82 -22.50 19.36
CA SER I 49 -8.92 -21.46 18.86
C SER I 49 -8.94 -21.44 17.34
N SER I 50 -8.59 -20.27 16.77
CA SER I 50 -8.54 -20.07 15.33
C SER I 50 -7.36 -19.20 14.97
N ILE I 51 -6.87 -19.36 13.74
CA ILE I 51 -5.73 -18.58 13.24
C ILE I 51 -5.86 -18.42 11.74
N ASN I 52 -5.51 -17.24 11.22
CA ASN I 52 -5.61 -17.00 9.79
C ASN I 52 -4.29 -17.40 9.13
N SER I 53 -4.15 -17.15 7.82
CA SER I 53 -3.05 -17.73 7.06
C SER I 53 -1.70 -17.30 7.63
N GLY I 54 -1.49 -15.99 7.80
CA GLY I 54 -0.20 -15.49 8.25
C GLY I 54 -0.01 -15.50 9.74
N GLY I 55 -1.04 -15.84 10.50
CA GLY I 55 -0.93 -15.85 11.94
C GLY I 55 -1.08 -14.49 12.60
N ASP I 56 -1.39 -13.44 11.84
CA ASP I 56 -1.58 -12.12 12.44
C ASP I 56 -2.98 -11.92 13.01
N ILE I 57 -3.91 -12.84 12.77
CA ILE I 57 -5.20 -12.84 13.45
C ILE I 57 -5.33 -14.19 14.15
N THR I 58 -5.56 -14.15 15.46
CA THR I 58 -5.89 -15.33 16.25
C THR I 58 -7.06 -15.00 17.15
N ASN I 59 -7.74 -16.04 17.64
CA ASN I 59 -8.80 -15.85 18.61
C ASN I 59 -8.93 -17.12 19.42
N TYR I 60 -9.58 -16.99 20.59
CA TYR I 60 -9.65 -18.07 21.57
C TYR I 60 -11.00 -18.07 22.25
N ALA I 61 -11.48 -19.26 22.60
CA ALA I 61 -12.67 -19.35 23.43
C ALA I 61 -12.42 -18.65 24.76
N THR I 62 -13.47 -18.04 25.30
CA THR I 62 -13.33 -17.29 26.56
C THR I 62 -12.68 -18.14 27.65
N SER I 63 -12.96 -19.44 27.65
CA SER I 63 -12.50 -20.32 28.73
C SER I 63 -11.02 -20.64 28.66
N VAL I 64 -10.35 -20.37 27.55
CA VAL I 64 -8.93 -20.66 27.41
C VAL I 64 -8.10 -19.42 27.11
N LYS I 65 -8.74 -18.26 26.95
CA LYS I 65 -8.00 -17.04 26.67
C LYS I 65 -7.03 -16.74 27.79
N GLY I 66 -5.80 -16.41 27.42
CA GLY I 66 -4.74 -16.16 28.38
C GLY I 66 -3.92 -17.37 28.74
N ARG I 67 -4.42 -18.57 28.48
CA ARG I 67 -3.74 -19.81 28.84
C ARG I 67 -3.26 -20.61 27.63
N PHE I 68 -3.96 -20.51 26.50
CA PHE I 68 -3.64 -21.23 25.29
C PHE I 68 -3.02 -20.29 24.27
N SER I 69 -2.23 -20.85 23.35
CA SER I 69 -1.62 -20.07 22.27
C SER I 69 -1.59 -20.91 21.01
N ILE I 70 -2.23 -20.42 19.95
CA ILE I 70 -2.26 -21.11 18.67
C ILE I 70 -1.19 -20.51 17.78
N SER I 71 -0.57 -21.35 16.94
CA SER I 71 0.44 -20.88 16.01
C SER I 71 0.51 -21.86 14.85
N ARG I 72 1.24 -21.46 13.81
CA ARG I 72 1.32 -22.30 12.63
C ARG I 72 2.64 -22.08 11.92
N ASP I 73 3.12 -23.13 11.25
CA ASP I 73 4.28 -23.04 10.38
C ASP I 73 3.85 -23.48 8.99
N ASN I 74 3.70 -22.52 8.07
CA ASN I 74 3.14 -22.89 6.77
C ASN I 74 4.10 -23.69 5.90
N PRO I 75 5.41 -23.43 5.92
CA PRO I 75 6.31 -24.27 5.10
C PRO I 75 6.19 -25.75 5.42
N SER I 76 6.05 -26.12 6.68
CA SER I 76 5.91 -27.52 7.06
C SER I 76 4.46 -27.95 7.19
N LYS I 77 3.51 -27.05 6.94
CA LYS I 77 2.07 -27.33 7.02
C LYS I 77 1.72 -27.97 8.36
N THR I 78 2.12 -27.31 9.44
CA THR I 78 1.85 -27.78 10.79
C THR I 78 1.13 -26.71 11.58
N LEU I 79 0.10 -27.13 12.31
CA LEU I 79 -0.62 -26.28 13.24
C LEU I 79 -0.27 -26.70 14.66
N TYR I 80 -0.22 -25.72 15.57
CA TYR I 80 0.18 -25.97 16.95
C TYR I 80 -0.82 -25.36 17.92
N LEU I 81 -0.95 -25.99 19.08
CA LEU I 81 -1.70 -25.43 20.20
C LEU I 81 -0.86 -25.61 21.46
N GLN I 82 -0.38 -24.52 22.02
CA GLN I 82 0.34 -24.57 23.29
C GLN I 82 -0.65 -24.33 24.42
N MET I 83 -0.73 -25.28 25.34
CA MET I 83 -1.69 -25.24 26.43
C MET I 83 -0.93 -25.08 27.74
N ASN I 84 -1.25 -24.05 28.50
CA ASN I 84 -0.63 -23.81 29.79
C ASN I 84 -1.69 -23.76 30.88
N SER I 85 -1.25 -23.93 32.12
CA SER I 85 -2.12 -23.81 33.28
C SER I 85 -3.37 -24.69 33.13
N LEU I 86 -3.12 -25.93 32.71
CA LEU I 86 -4.22 -26.80 32.35
C LEU I 86 -5.11 -27.09 33.55
N ARG I 87 -6.41 -27.22 33.28
CA ARG I 87 -7.42 -27.48 34.29
C ARG I 87 -8.11 -28.80 34.01
N PRO I 88 -8.70 -29.43 35.04
CA PRO I 88 -9.48 -30.65 34.80
C PRO I 88 -10.52 -30.50 33.70
N GLU I 89 -11.20 -29.35 33.65
CA GLU I 89 -12.23 -29.12 32.64
C GLU I 89 -11.65 -28.94 31.24
N ASP I 90 -10.32 -28.90 31.09
CA ASP I 90 -9.70 -28.90 29.77
C ASP I 90 -9.61 -30.29 29.17
N SER I 91 -10.01 -31.32 29.91
CA SER I 91 -9.92 -32.69 29.42
C SER I 91 -10.89 -32.92 28.26
N ALA I 92 -10.40 -33.52 27.17
CA ALA I 92 -11.20 -33.65 25.95
C ALA I 92 -10.33 -34.29 24.87
N VAL I 93 -10.97 -34.72 23.80
CA VAL I 93 -10.28 -34.99 22.55
C VAL I 93 -10.16 -33.69 21.79
N TYR I 94 -8.95 -33.35 21.35
CA TYR I 94 -8.68 -32.12 20.62
C TYR I 94 -8.50 -32.44 19.14
N TYR I 95 -9.18 -31.69 18.28
CA TYR I 95 -9.14 -31.89 16.84
C TYR I 95 -8.67 -30.62 16.15
N CYS I 96 -7.92 -30.77 15.05
CA CYS I 96 -7.70 -29.66 14.12
C CYS I 96 -8.71 -29.76 12.99
N LYS I 97 -9.24 -28.62 12.56
CA LYS I 97 -10.17 -28.62 11.46
C LYS I 97 -9.97 -27.39 10.60
N THR I 98 -10.36 -27.51 9.35
CA THR I 98 -10.30 -26.40 8.41
C THR I 98 -11.54 -26.43 7.54
N GLN I 99 -11.67 -25.40 6.71
CA GLN I 99 -12.75 -25.26 5.77
C GLN I 99 -12.13 -24.83 4.45
N LEU I 100 -12.43 -25.56 3.37
CA LEU I 100 -11.93 -25.27 2.04
C LEU I 100 -13.11 -25.16 1.09
N ALA I 101 -13.23 -24.01 0.43
CA ALA I 101 -14.41 -23.78 -0.40
C ALA I 101 -15.66 -23.99 0.45
N ASN I 102 -16.51 -24.96 0.10
CA ASN I 102 -17.75 -25.17 0.83
C ASN I 102 -17.77 -26.50 1.58
N ARG I 103 -16.60 -27.02 1.95
CA ARG I 103 -16.49 -28.28 2.67
C ARG I 103 -15.59 -28.11 3.89
N ASP I 104 -15.91 -28.84 4.95
CA ASP I 104 -15.08 -28.86 6.16
C ASP I 104 -14.35 -30.18 6.28
N TYR I 105 -13.19 -30.14 6.94
CA TYR I 105 -12.33 -31.29 7.16
C TYR I 105 -11.81 -31.27 8.58
N ARG I 106 -11.76 -32.43 9.23
CA ARG I 106 -11.29 -32.54 10.60
C ARG I 106 -10.44 -33.78 10.75
N GLY I 107 -9.43 -33.70 11.62
CA GLY I 107 -8.60 -34.84 11.94
C GLY I 107 -9.28 -35.79 12.91
N GLN I 108 -8.62 -36.92 13.15
CA GLN I 108 -9.19 -37.92 14.05
C GLN I 108 -9.06 -37.53 15.52
N GLY I 109 -8.08 -36.69 15.87
CA GLY I 109 -8.02 -36.10 17.19
C GLY I 109 -6.91 -36.70 18.04
N THR I 110 -6.68 -36.05 19.18
CA THR I 110 -5.72 -36.53 20.17
C THR I 110 -6.27 -36.28 21.57
N GLN I 111 -6.24 -37.31 22.41
CA GLN I 111 -6.86 -37.24 23.73
C GLN I 111 -5.98 -36.52 24.74
N VAL I 112 -6.59 -35.65 25.53
CA VAL I 112 -5.90 -34.90 26.58
C VAL I 112 -6.71 -35.05 27.88
N THR I 113 -6.10 -35.65 28.90
CA THR I 113 -6.72 -35.79 30.20
C THR I 113 -5.91 -35.02 31.22
N VAL I 114 -6.57 -34.10 31.93
CA VAL I 114 -5.95 -33.27 32.95
C VAL I 114 -6.49 -33.73 34.29
N SER I 115 -5.68 -34.47 35.04
CA SER I 115 -6.14 -35.11 36.27
C SER I 115 -4.96 -35.45 37.16
N SER I 116 -5.20 -35.38 38.48
CA SER I 116 -4.27 -35.95 39.44
C SER I 116 -4.56 -37.43 39.72
N HIS I 117 -5.71 -37.93 39.25
CA HIS I 117 -5.99 -39.35 39.33
C HIS I 117 -5.09 -40.13 38.38
N HIS I 118 -4.60 -41.29 38.82
CA HIS I 118 -3.74 -42.05 37.92
C HIS I 118 -4.05 -43.54 37.96
N HIS I 119 -5.30 -43.89 38.27
CA HIS I 119 -5.78 -45.27 38.11
C HIS I 119 -6.81 -45.26 36.99
N HIS I 120 -6.39 -45.71 35.81
CA HIS I 120 -7.27 -45.82 34.65
C HIS I 120 -6.98 -47.11 33.91
N HIS I 121 -8.03 -47.66 33.28
CA HIS I 121 -7.86 -48.84 32.47
C HIS I 121 -8.94 -48.86 31.40
N HIS I 122 -8.71 -49.67 30.37
CA HIS I 122 -9.69 -49.84 29.31
C HIS I 122 -10.97 -50.47 29.83
N GLN J 1 -21.91 16.87 -19.47
CA GLN J 1 -21.03 16.46 -20.56
C GLN J 1 -19.56 16.64 -20.20
N VAL J 2 -18.70 15.86 -20.85
CA VAL J 2 -17.26 16.05 -20.73
C VAL J 2 -16.86 17.34 -21.43
N GLN J 3 -16.13 18.20 -20.73
CA GLN J 3 -15.70 19.47 -21.29
C GLN J 3 -14.25 19.73 -20.96
N LEU J 4 -13.52 20.25 -21.93
CA LEU J 4 -12.13 20.63 -21.78
C LEU J 4 -11.94 21.98 -22.45
N GLN J 5 -11.30 22.92 -21.75
CA GLN J 5 -11.10 24.26 -22.30
C GLN J 5 -9.67 24.70 -22.01
N GLU J 6 -8.86 24.81 -23.07
CA GLU J 6 -7.48 25.23 -22.95
C GLU J 6 -7.37 26.75 -22.97
N SER J 7 -6.37 27.27 -22.27
CA SER J 7 -6.12 28.70 -22.21
C SER J 7 -4.64 28.94 -21.95
N GLY J 8 -4.20 30.18 -22.20
CA GLY J 8 -2.85 30.57 -21.90
C GLY J 8 -1.94 30.82 -23.09
N GLY J 9 -2.43 30.59 -24.30
CA GLY J 9 -1.61 30.80 -25.48
C GLY J 9 -1.27 32.28 -25.67
N GLY J 10 -0.77 32.58 -26.85
CA GLY J 10 -0.46 33.95 -27.21
C GLY J 10 0.73 34.01 -28.14
N LEU J 11 1.09 35.23 -28.50
CA LEU J 11 2.24 35.51 -29.36
C LEU J 11 3.41 35.89 -28.47
N VAL J 12 4.50 35.12 -28.53
CA VAL J 12 5.63 35.31 -27.63
C VAL J 12 6.92 35.26 -28.42
N GLN J 13 8.00 35.70 -27.77
CA GLN J 13 9.38 35.79 -28.23
C GLN J 13 10.10 34.46 -28.06
N PRO J 14 10.91 34.07 -29.03
CA PRO J 14 11.77 32.89 -28.85
C PRO J 14 12.53 32.99 -27.52
N GLY J 15 12.66 31.85 -26.85
CA GLY J 15 13.34 31.78 -25.57
C GLY J 15 12.48 32.09 -24.37
N SER J 16 11.25 32.56 -24.55
CA SER J 16 10.40 32.91 -23.42
C SER J 16 9.70 31.67 -22.87
N SER J 17 9.03 31.86 -21.74
CA SER J 17 8.28 30.80 -21.08
C SER J 17 6.79 31.09 -21.15
N LEU J 18 6.00 30.02 -21.18
CA LEU J 18 4.55 30.14 -21.26
C LEU J 18 3.95 28.96 -20.51
N ARG J 19 2.86 29.21 -19.80
CA ARG J 19 2.15 28.16 -19.07
C ARG J 19 0.75 28.03 -19.63
N LEU J 20 0.43 26.84 -20.14
CA LEU J 20 -0.90 26.56 -20.66
C LEU J 20 -1.74 25.89 -19.58
N SER J 21 -3.06 26.06 -19.68
CA SER J 21 -4.00 25.48 -18.75
C SER J 21 -5.10 24.78 -19.52
N CYS J 22 -5.62 23.70 -18.94
CA CYS J 22 -6.80 23.03 -19.45
C CYS J 22 -7.75 22.82 -18.29
N ALA J 23 -8.92 23.45 -18.36
CA ALA J 23 -9.95 23.29 -17.35
C ALA J 23 -10.89 22.19 -17.78
N ALA J 24 -11.06 21.17 -16.93
CA ALA J 24 -11.90 20.03 -17.23
C ALA J 24 -13.13 20.03 -16.34
N SER J 25 -14.22 19.45 -16.85
CA SER J 25 -15.42 19.24 -16.06
C SER J 25 -16.21 18.12 -16.70
N GLY J 26 -17.20 17.60 -15.96
CA GLY J 26 -18.04 16.55 -16.48
C GLY J 26 -17.51 15.14 -16.33
N PHE J 27 -16.38 14.96 -15.65
CA PHE J 27 -15.87 13.65 -15.27
C PHE J 27 -14.96 13.86 -14.07
N THR J 28 -14.56 12.77 -13.40
CA THR J 28 -13.82 12.92 -12.15
C THR J 28 -12.45 13.56 -12.34
N PHE J 29 -11.93 13.57 -13.57
CA PHE J 29 -10.59 14.07 -13.91
C PHE J 29 -9.50 13.27 -13.21
N GLY J 30 -9.47 13.30 -11.89
CA GLY J 30 -8.66 12.34 -11.17
C GLY J 30 -9.03 10.96 -11.64
N GLY J 31 -8.08 10.02 -11.63
CA GLY J 31 -8.34 8.70 -12.13
C GLY J 31 -8.12 8.52 -13.62
N TYR J 32 -7.87 9.58 -14.38
CA TYR J 32 -7.69 9.46 -15.82
C TYR J 32 -6.37 10.08 -16.26
N ALA J 33 -5.67 9.36 -17.14
CA ALA J 33 -4.51 9.95 -17.79
C ALA J 33 -4.94 11.13 -18.65
N MET J 34 -4.08 12.14 -18.73
CA MET J 34 -4.36 13.34 -19.49
C MET J 34 -3.18 13.57 -20.44
N HIS J 35 -3.43 14.27 -21.56
CA HIS J 35 -2.42 14.44 -22.59
C HIS J 35 -2.46 15.85 -23.15
N TRP J 36 -1.29 16.34 -23.59
CA TRP J 36 -1.18 17.51 -24.44
C TRP J 36 -0.79 17.07 -25.84
N VAL J 37 -1.48 17.61 -26.85
CA VAL J 37 -1.10 17.43 -28.25
C VAL J 37 -1.07 18.80 -28.90
N ARG J 38 -0.44 18.87 -30.08
CA ARG J 38 -0.35 20.13 -30.80
C ARG J 38 -0.44 19.84 -32.29
N GLN J 39 -0.91 20.84 -33.05
CA GLN J 39 -1.03 20.71 -34.49
C GLN J 39 -0.67 22.04 -35.12
N ALA J 40 0.33 22.04 -35.98
CA ALA J 40 0.78 23.21 -36.71
C ALA J 40 0.14 23.23 -38.09
N PRO J 41 0.16 24.38 -38.77
CA PRO J 41 -0.45 24.46 -40.10
C PRO J 41 0.20 23.48 -41.07
N GLY J 42 -0.65 22.81 -41.84
CA GLY J 42 -0.16 21.86 -42.84
C GLY J 42 0.55 20.66 -42.25
N LYS J 43 0.22 20.28 -41.02
CA LYS J 43 0.84 19.15 -40.34
C LYS J 43 -0.23 18.41 -39.55
N GLY J 44 -0.09 17.10 -39.46
CA GLY J 44 -0.98 16.30 -38.63
C GLY J 44 -0.70 16.56 -37.16
N PRO J 45 -1.63 16.19 -36.29
CA PRO J 45 -1.42 16.41 -34.86
C PRO J 45 -0.28 15.56 -34.34
N GLU J 46 0.37 16.04 -33.29
CA GLU J 46 1.48 15.31 -32.71
C GLU J 46 1.44 15.39 -31.19
N TRP J 47 1.68 14.23 -30.57
CA TRP J 47 1.67 14.13 -29.12
C TRP J 47 2.81 14.93 -28.51
N VAL J 48 2.52 15.62 -27.41
CA VAL J 48 3.48 16.44 -26.69
C VAL J 48 3.87 15.83 -25.35
N SER J 49 2.89 15.52 -24.50
CA SER J 49 3.20 15.08 -23.15
C SER J 49 1.98 14.36 -22.56
N SER J 50 2.26 13.49 -21.58
CA SER J 50 1.21 12.71 -20.91
C SER J 50 1.49 12.65 -19.41
N ILE J 51 0.44 12.41 -18.63
CA ILE J 51 0.56 12.33 -17.18
C ILE J 51 -0.55 11.44 -16.62
N ASN J 52 -0.21 10.61 -15.64
CA ASN J 52 -1.22 9.76 -15.05
C ASN J 52 -1.89 10.49 -13.88
N SER J 53 -2.75 9.78 -13.14
CA SER J 53 -3.63 10.46 -12.18
C SER J 53 -2.85 11.17 -11.09
N GLY J 54 -1.90 10.48 -10.47
CA GLY J 54 -1.14 11.05 -9.37
C GLY J 54 0.02 11.91 -9.78
N GLY J 55 0.33 11.98 -11.07
CA GLY J 55 1.45 12.75 -11.54
C GLY J 55 2.80 12.11 -11.34
N ASP J 56 2.85 10.86 -10.85
CA ASP J 56 4.14 10.19 -10.67
C ASP J 56 4.64 9.55 -11.96
N ILE J 57 3.80 9.42 -12.99
CA ILE J 57 4.26 8.99 -14.31
C ILE J 57 3.99 10.12 -15.30
N THR J 58 5.05 10.60 -15.95
CA THR J 58 4.94 11.56 -17.03
C THR J 58 5.80 11.10 -18.20
N ASN J 59 5.48 11.62 -19.39
CA ASN J 59 6.31 11.35 -20.55
C ASN J 59 6.21 12.54 -21.50
N TYR J 60 7.18 12.64 -22.41
CA TYR J 60 7.36 13.81 -23.25
C TYR J 60 7.84 13.40 -24.64
N ALA J 61 7.36 14.08 -25.67
CA ALA J 61 7.94 13.93 -26.99
C ALA J 61 9.40 14.34 -26.97
N THR J 62 10.22 13.66 -27.78
CA THR J 62 11.64 13.97 -27.82
C THR J 62 11.88 15.45 -28.13
N SER J 63 11.03 16.05 -28.95
CA SER J 63 11.23 17.43 -29.39
C SER J 63 11.03 18.45 -28.30
N VAL J 64 10.43 18.08 -27.16
CA VAL J 64 10.19 19.02 -26.07
C VAL J 64 10.83 18.58 -24.76
N LYS J 65 11.52 17.44 -24.73
CA LYS J 65 12.12 16.98 -23.49
C LYS J 65 13.09 18.00 -22.93
N GLY J 66 13.08 18.15 -21.60
CA GLY J 66 13.94 19.10 -20.94
C GLY J 66 13.48 20.54 -21.01
N ARG J 67 12.51 20.86 -21.86
CA ARG J 67 11.98 22.22 -21.97
C ARG J 67 10.56 22.37 -21.46
N PHE J 68 9.71 21.34 -21.62
CA PHE J 68 8.31 21.39 -21.20
C PHE J 68 8.13 20.55 -19.94
N SER J 69 7.13 20.90 -19.15
CA SER J 69 6.84 20.17 -17.91
C SER J 69 5.33 20.10 -17.73
N ILE J 70 4.79 18.87 -17.63
CA ILE J 70 3.37 18.66 -17.46
C ILE J 70 3.07 18.48 -15.97
N SER J 71 1.91 18.98 -15.54
CA SER J 71 1.48 18.81 -14.16
C SER J 71 -0.04 18.90 -14.14
N ARG J 72 -0.61 18.62 -12.97
CA ARG J 72 -2.06 18.62 -12.85
C ARG J 72 -2.44 18.89 -11.41
N ASP J 73 -3.64 19.44 -11.22
CA ASP J 73 -4.23 19.63 -9.90
C ASP J 73 -5.62 18.99 -9.94
N ASN J 74 -5.75 17.84 -9.30
CA ASN J 74 -6.99 17.09 -9.46
C ASN J 74 -8.16 17.77 -8.77
N PRO J 75 -7.97 18.35 -7.58
CA PRO J 75 -9.10 19.05 -6.93
C PRO J 75 -9.72 20.14 -7.78
N SER J 76 -8.93 20.93 -8.49
CA SER J 76 -9.47 21.95 -9.38
C SER J 76 -9.73 21.44 -10.79
N LYS J 77 -9.43 20.17 -11.06
CA LYS J 77 -9.60 19.58 -12.38
C LYS J 77 -8.92 20.42 -13.46
N THR J 78 -7.64 20.73 -13.22
CA THR J 78 -6.86 21.55 -14.15
C THR J 78 -5.58 20.82 -14.54
N LEU J 79 -5.32 20.78 -15.84
CA LEU J 79 -4.07 20.29 -16.41
C LEU J 79 -3.22 21.48 -16.83
N TYR J 80 -1.91 21.37 -16.63
CA TYR J 80 -0.98 22.45 -16.95
C TYR J 80 0.13 21.95 -17.86
N LEU J 81 0.64 22.86 -18.70
CA LEU J 81 1.86 22.61 -19.47
C LEU J 81 2.75 23.83 -19.34
N GLN J 82 3.87 23.65 -18.64
CA GLN J 82 4.88 24.70 -18.52
C GLN J 82 5.85 24.56 -19.69
N MET J 83 5.92 25.61 -20.52
CA MET J 83 6.73 25.61 -21.74
C MET J 83 7.85 26.62 -21.53
N ASN J 84 9.10 26.12 -21.48
CA ASN J 84 10.27 26.99 -21.38
C ASN J 84 11.08 26.94 -22.67
N SER J 85 11.95 27.93 -22.84
CA SER J 85 12.87 27.98 -23.98
C SER J 85 12.13 27.76 -25.30
N LEU J 86 11.07 28.55 -25.49
CA LEU J 86 10.19 28.37 -26.65
C LEU J 86 10.92 28.69 -27.94
N ARG J 87 10.61 27.94 -28.99
CA ARG J 87 11.23 28.13 -30.30
C ARG J 87 10.16 28.30 -31.36
N PRO J 88 10.48 28.99 -32.46
CA PRO J 88 9.48 29.16 -33.52
C PRO J 88 8.82 27.86 -33.95
N GLU J 89 9.56 26.76 -33.98
CA GLU J 89 8.92 25.51 -34.41
C GLU J 89 7.96 24.94 -33.36
N ASP J 90 7.87 25.55 -32.18
CA ASP J 90 6.85 25.20 -31.20
C ASP J 90 5.49 25.82 -31.51
N SER J 91 5.41 26.67 -32.54
CA SER J 91 4.14 27.31 -32.89
C SER J 91 3.13 26.27 -33.34
N ALA J 92 1.93 26.34 -32.76
CA ALA J 92 0.87 25.41 -33.12
C ALA J 92 -0.34 25.71 -32.24
N VAL J 93 -1.44 25.06 -32.56
CA VAL J 93 -2.57 24.98 -31.64
C VAL J 93 -2.29 23.84 -30.67
N TYR J 94 -2.32 24.14 -29.38
CA TYR J 94 -2.10 23.14 -28.34
C TYR J 94 -3.45 22.68 -27.81
N TYR J 95 -3.69 21.38 -27.89
CA TYR J 95 -4.92 20.77 -27.40
C TYR J 95 -4.64 19.92 -26.17
N CYS J 96 -5.63 19.90 -25.28
CA CYS J 96 -5.69 18.99 -24.16
C CYS J 96 -6.65 17.87 -24.54
N LYS J 97 -6.30 16.63 -24.20
CA LYS J 97 -7.17 15.53 -24.59
C LYS J 97 -7.09 14.41 -23.57
N THR J 98 -8.17 13.65 -23.48
CA THR J 98 -8.22 12.52 -22.57
C THR J 98 -8.96 11.37 -23.24
N GLN J 99 -8.94 10.22 -22.56
CA GLN J 99 -9.62 9.02 -23.00
C GLN J 99 -10.42 8.48 -21.82
N LEU J 100 -11.72 8.31 -22.00
CA LEU J 100 -12.61 7.78 -20.98
C LEU J 100 -13.33 6.57 -21.55
N ALA J 101 -13.16 5.42 -20.90
CA ALA J 101 -13.69 4.17 -21.44
C ALA J 101 -13.17 3.97 -22.85
N ASN J 102 -14.06 3.96 -23.83
CA ASN J 102 -13.67 3.74 -25.22
C ASN J 102 -13.89 4.96 -26.10
N ARG J 103 -13.91 6.16 -25.51
CA ARG J 103 -14.10 7.40 -26.26
C ARG J 103 -13.00 8.39 -25.92
N ASP J 104 -12.61 9.17 -26.92
CA ASP J 104 -11.62 10.24 -26.75
C ASP J 104 -12.31 11.60 -26.81
N TYR J 105 -11.73 12.55 -26.07
CA TYR J 105 -12.25 13.91 -25.99
C TYR J 105 -11.07 14.87 -26.07
N ARG J 106 -11.29 16.03 -26.68
CA ARG J 106 -10.25 17.04 -26.70
C ARG J 106 -10.87 18.41 -26.83
N GLY J 107 -10.23 19.40 -26.22
CA GLY J 107 -10.69 20.76 -26.24
C GLY J 107 -10.49 21.42 -27.59
N GLN J 108 -10.99 22.65 -27.70
CA GLN J 108 -10.89 23.36 -28.97
C GLN J 108 -9.49 23.89 -29.22
N GLY J 109 -8.68 24.04 -28.18
CA GLY J 109 -7.28 24.34 -28.33
C GLY J 109 -6.97 25.82 -28.08
N THR J 110 -5.68 26.09 -27.91
CA THR J 110 -5.20 27.44 -27.67
C THR J 110 -3.98 27.66 -28.55
N GLN J 111 -3.95 28.80 -29.23
CA GLN J 111 -2.91 29.06 -30.21
C GLN J 111 -1.66 29.62 -29.55
N VAL J 112 -0.52 29.01 -29.85
CA VAL J 112 0.79 29.48 -29.40
C VAL J 112 1.58 29.84 -30.64
N THR J 113 2.08 31.07 -30.71
CA THR J 113 2.93 31.51 -31.80
C THR J 113 4.23 32.06 -31.23
N VAL J 114 5.34 31.46 -31.64
CA VAL J 114 6.68 31.89 -31.23
C VAL J 114 7.32 32.54 -32.44
N SER J 115 7.68 33.81 -32.32
CA SER J 115 8.22 34.52 -33.47
C SER J 115 9.02 35.73 -33.01
N SER J 116 9.99 36.10 -33.84
CA SER J 116 10.81 37.28 -33.59
C SER J 116 10.09 38.54 -34.10
N GLN K 1 5.23 57.86 29.75
CA GLN K 1 5.17 56.58 29.06
C GLN K 1 6.12 56.58 27.86
N VAL K 2 6.50 55.39 27.40
CA VAL K 2 7.38 55.28 26.24
C VAL K 2 6.62 55.73 25.00
N GLN K 3 7.25 56.56 24.19
CA GLN K 3 6.61 57.04 22.97
C GLN K 3 7.60 57.07 21.82
N LEU K 4 7.15 56.62 20.66
CA LEU K 4 7.91 56.62 19.42
C LEU K 4 7.01 57.18 18.32
N GLN K 5 7.50 58.17 17.57
CA GLN K 5 6.70 58.81 16.54
C GLN K 5 7.52 58.96 15.26
N GLU K 6 7.16 58.20 14.24
CA GLU K 6 7.83 58.24 12.94
C GLU K 6 7.30 59.38 12.07
N SER K 7 8.15 59.84 11.14
CA SER K 7 7.76 60.86 10.18
C SER K 7 8.66 60.76 8.95
N GLY K 8 8.23 61.40 7.87
CA GLY K 8 9.03 61.51 6.66
C GLY K 8 8.51 60.76 5.46
N GLY K 9 7.47 59.94 5.62
CA GLY K 9 7.01 59.13 4.51
C GLY K 9 6.30 59.93 3.44
N GLY K 10 6.13 59.29 2.28
CA GLY K 10 5.43 59.91 1.18
C GLY K 10 5.47 59.03 -0.03
N LEU K 11 4.98 59.56 -1.15
CA LEU K 11 4.99 58.87 -2.42
C LEU K 11 6.12 59.43 -3.27
N VAL K 12 6.97 58.53 -3.79
CA VAL K 12 8.21 58.93 -4.45
C VAL K 12 8.45 58.00 -5.63
N GLN K 13 9.32 58.46 -6.56
CA GLN K 13 9.58 57.68 -7.76
C GLN K 13 10.69 56.66 -7.52
N PRO K 14 10.65 55.55 -8.24
CA PRO K 14 11.76 54.59 -8.18
C PRO K 14 13.09 55.29 -8.39
N GLY K 15 14.10 54.87 -7.62
CA GLY K 15 15.43 55.41 -7.72
C GLY K 15 15.70 56.62 -6.84
N SER K 16 14.67 57.22 -6.24
CA SER K 16 14.86 58.41 -5.45
C SER K 16 15.31 58.06 -4.03
N SER K 17 15.50 59.09 -3.21
CA SER K 17 15.95 58.96 -1.84
C SER K 17 14.93 59.59 -0.90
N LEU K 18 14.86 59.05 0.31
CA LEU K 18 13.92 59.53 1.31
C LEU K 18 14.53 59.28 2.68
N ARG K 19 14.33 60.22 3.59
CA ARG K 19 14.84 60.11 4.96
C ARG K 19 13.67 60.05 5.93
N LEU K 20 13.67 59.01 6.77
CA LEU K 20 12.67 58.89 7.82
C LEU K 20 13.27 59.24 9.18
N SER K 21 12.41 59.69 10.09
CA SER K 21 12.80 60.10 11.43
C SER K 21 11.87 59.46 12.45
N CYS K 22 12.39 59.20 13.64
CA CYS K 22 11.62 58.67 14.76
C CYS K 22 11.98 59.46 16.00
N ALA K 23 11.01 60.17 16.56
CA ALA K 23 11.19 60.94 17.78
C ALA K 23 10.79 60.11 18.98
N ALA K 24 11.75 59.84 19.87
CA ALA K 24 11.54 59.01 21.04
C ALA K 24 11.45 59.84 22.31
N SER K 25 10.69 59.34 23.28
CA SER K 25 10.58 59.95 24.59
C SER K 25 10.10 58.90 25.57
N GLY K 26 10.23 59.21 26.86
CA GLY K 26 9.75 58.33 27.91
C GLY K 26 10.74 57.28 28.36
N PHE K 27 11.95 57.27 27.81
CA PHE K 27 13.03 56.39 28.23
C PHE K 27 14.35 57.04 27.84
N THR K 28 15.46 56.43 28.26
CA THR K 28 16.75 57.09 28.05
C THR K 28 17.13 57.15 26.58
N PHE K 29 16.60 56.24 25.76
CA PHE K 29 16.93 56.11 24.34
C PHE K 29 18.38 55.69 24.18
N GLY K 30 19.32 56.56 24.55
CA GLY K 30 20.69 56.15 24.68
C GLY K 30 20.76 54.92 25.57
N GLY K 31 21.66 54.00 25.26
CA GLY K 31 21.78 52.77 26.02
C GLY K 31 20.93 51.63 25.50
N TYR K 32 20.09 51.86 24.49
CA TYR K 32 19.22 50.82 23.96
C TYR K 32 19.38 50.69 22.45
N ALA K 33 19.45 49.45 21.98
CA ALA K 33 19.38 49.21 20.55
C ALA K 33 18.03 49.68 20.02
N MET K 34 18.04 50.23 18.81
CA MET K 34 16.85 50.70 18.10
C MET K 34 16.76 50.02 16.75
N HIS K 35 15.54 49.92 16.23
CA HIS K 35 15.30 49.18 15.01
C HIS K 35 14.29 49.89 14.13
N TRP K 36 14.41 49.65 12.83
CA TRP K 36 13.38 49.98 11.85
C TRP K 36 12.79 48.67 11.35
N VAL K 37 11.46 48.63 11.24
CA VAL K 37 10.75 47.50 10.62
C VAL K 37 9.73 48.07 9.66
N ARG K 38 9.20 47.22 8.80
CA ARG K 38 8.27 47.69 7.78
C ARG K 38 7.24 46.61 7.44
N GLN K 39 6.05 47.05 7.06
CA GLN K 39 4.96 46.15 6.68
C GLN K 39 4.47 46.56 5.30
N ALA K 40 4.70 45.72 4.31
CA ALA K 40 4.20 45.94 2.96
C ALA K 40 2.77 45.43 2.84
N PRO K 41 2.04 45.85 1.80
CA PRO K 41 0.66 45.40 1.64
C PRO K 41 0.55 43.88 1.55
N GLY K 42 -0.42 43.33 2.27
CA GLY K 42 -0.68 41.90 2.26
C GLY K 42 0.31 41.07 3.05
N LYS K 43 1.21 41.68 3.80
CA LYS K 43 2.28 40.95 4.47
C LYS K 43 2.32 41.37 5.93
N GLY K 44 3.08 40.61 6.72
CA GLY K 44 3.36 40.96 8.09
C GLY K 44 4.58 41.85 8.17
N PRO K 45 4.94 42.29 9.38
CA PRO K 45 6.11 43.16 9.52
C PRO K 45 7.39 42.38 9.28
N GLU K 46 8.42 43.10 8.81
CA GLU K 46 9.72 42.51 8.58
C GLU K 46 10.81 43.49 8.97
N TRP K 47 11.94 42.94 9.42
CA TRP K 47 13.03 43.76 9.93
C TRP K 47 13.71 44.50 8.78
N VAL K 48 14.09 45.75 9.03
CA VAL K 48 14.82 46.55 8.06
C VAL K 48 16.24 46.85 8.51
N SER K 49 16.41 47.40 9.72
CA SER K 49 17.73 47.83 10.16
C SER K 49 17.76 47.96 11.67
N SER K 50 18.98 47.87 12.23
CA SER K 50 19.21 47.95 13.67
C SER K 50 20.48 48.74 13.95
N ILE K 51 20.56 49.31 15.14
CA ILE K 51 21.71 50.12 15.57
C ILE K 51 21.85 50.04 17.09
N ASN K 52 23.09 49.91 17.58
CA ASN K 52 23.29 49.88 19.02
C ASN K 52 23.44 51.30 19.54
N SER K 53 23.78 51.45 20.83
CA SER K 53 23.64 52.76 21.47
C SER K 53 24.57 53.80 20.84
N GLY K 54 25.84 53.45 20.65
CA GLY K 54 26.79 54.38 20.08
C GLY K 54 26.85 54.42 18.57
N GLY K 55 26.09 53.57 17.90
CA GLY K 55 26.10 53.56 16.45
C GLY K 55 27.27 52.84 15.83
N ASP K 56 28.14 52.22 16.64
CA ASP K 56 29.28 51.51 16.07
C ASP K 56 28.91 50.11 15.56
N ILE K 57 27.75 49.58 15.91
CA ILE K 57 27.22 48.36 15.33
C ILE K 57 25.92 48.70 14.62
N THR K 58 25.85 48.38 13.32
CA THR K 58 24.62 48.50 12.56
C THR K 58 24.43 47.24 11.72
N ASN K 59 23.19 46.99 11.31
CA ASN K 59 22.93 45.89 10.40
C ASN K 59 21.67 46.18 9.61
N TYR K 60 21.50 45.43 8.53
CA TYR K 60 20.47 45.70 7.52
C TYR K 60 19.97 44.38 6.96
N ALA K 61 18.68 44.35 6.66
CA ALA K 61 18.13 43.21 5.94
C ALA K 61 18.81 43.09 4.58
N THR K 62 18.98 41.84 4.13
CA THR K 62 19.70 41.60 2.88
C THR K 62 19.12 42.43 1.74
N SER K 63 17.80 42.59 1.72
CA SER K 63 17.11 43.27 0.62
C SER K 63 17.40 44.77 0.57
N VAL K 64 17.88 45.36 1.65
CA VAL K 64 18.15 46.80 1.67
C VAL K 64 19.63 47.11 1.88
N LYS K 65 20.47 46.11 2.09
CA LYS K 65 21.86 46.37 2.40
C LYS K 65 22.56 47.03 1.21
N GLY K 66 23.31 48.09 1.49
CA GLY K 66 23.94 48.88 0.45
C GLY K 66 23.13 50.06 -0.03
N ARG K 67 21.83 50.10 0.28
CA ARG K 67 20.94 51.17 -0.16
C ARG K 67 20.42 52.04 0.98
N PHE K 68 20.25 51.48 2.17
CA PHE K 68 19.74 52.20 3.33
C PHE K 68 20.89 52.49 4.29
N SER K 69 20.67 53.47 5.18
CA SER K 69 21.64 53.81 6.20
C SER K 69 20.91 54.24 7.46
N ILE K 70 21.18 53.56 8.58
CA ILE K 70 20.58 53.87 9.87
C ILE K 70 21.55 54.73 10.68
N SER K 71 20.99 55.66 11.45
CA SER K 71 21.78 56.53 12.31
C SER K 71 20.90 57.02 13.46
N ARG K 72 21.54 57.59 14.47
CA ARG K 72 20.79 58.04 15.65
C ARG K 72 21.49 59.25 16.27
N ASP K 73 20.72 60.03 17.01
CA ASP K 73 21.24 61.14 17.81
C ASP K 73 20.71 60.98 19.23
N ASN K 74 21.57 60.61 20.15
CA ASN K 74 21.08 60.29 21.49
C ASN K 74 20.66 61.53 22.27
N PRO K 75 21.39 62.65 22.17
CA PRO K 75 20.91 63.86 22.86
C PRO K 75 19.50 64.27 22.48
N SER K 76 19.16 64.23 21.19
CA SER K 76 17.81 64.57 20.75
C SER K 76 16.85 63.39 20.75
N LYS K 77 17.33 62.19 21.07
CA LYS K 77 16.49 60.99 21.12
C LYS K 77 15.76 60.80 19.79
N THR K 78 16.52 60.84 18.70
CA THR K 78 15.98 60.69 17.36
C THR K 78 16.70 59.58 16.62
N LEU K 79 15.94 58.78 15.90
CA LEU K 79 16.44 57.72 15.04
C LEU K 79 16.16 58.08 13.59
N TYR K 80 17.08 57.74 12.69
CA TYR K 80 16.98 58.10 11.28
C TYR K 80 17.17 56.88 10.40
N LEU K 81 16.52 56.90 9.24
CA LEU K 81 16.74 55.90 8.20
C LEU K 81 16.85 56.63 6.86
N GLN K 82 18.04 56.63 6.28
CA GLN K 82 18.23 57.17 4.95
C GLN K 82 18.05 56.05 3.95
N MET K 83 17.07 56.20 3.05
CA MET K 83 16.79 55.23 2.02
C MET K 83 17.18 55.80 0.66
N ASN K 84 17.98 55.06 -0.08
CA ASN K 84 18.44 55.44 -1.42
C ASN K 84 18.04 54.36 -2.42
N SER K 85 18.09 54.73 -3.70
CA SER K 85 17.77 53.81 -4.78
C SER K 85 16.48 53.05 -4.48
N LEU K 86 15.45 53.80 -4.12
CA LEU K 86 14.19 53.19 -3.72
C LEU K 86 13.57 52.39 -4.85
N ARG K 87 13.05 51.21 -4.54
CA ARG K 87 12.40 50.31 -5.47
C ARG K 87 10.94 50.14 -5.12
N PRO K 88 10.10 49.74 -6.08
CA PRO K 88 8.68 49.53 -5.76
C PRO K 88 8.47 48.58 -4.58
N GLU K 89 9.30 47.54 -4.47
CA GLU K 89 9.15 46.56 -3.41
C GLU K 89 9.52 47.11 -2.04
N ASP K 90 10.03 48.34 -1.97
CA ASP K 90 10.29 49.02 -0.71
C ASP K 90 9.03 49.68 -0.15
N SER K 91 7.94 49.70 -0.91
CA SER K 91 6.70 50.32 -0.46
C SER K 91 6.17 49.58 0.77
N ALA K 92 5.78 50.34 1.79
CA ALA K 92 5.39 49.76 3.07
C ALA K 92 5.15 50.83 4.12
N VAL K 93 4.50 50.46 5.22
CA VAL K 93 4.51 51.30 6.41
C VAL K 93 5.81 51.02 7.15
N TYR K 94 6.56 52.08 7.48
CA TYR K 94 7.83 51.95 8.18
C TYR K 94 7.64 52.34 9.64
N TYR K 95 8.11 51.48 10.54
CA TYR K 95 7.97 51.68 11.97
C TYR K 95 9.32 51.68 12.64
N CYS K 96 9.42 52.46 13.69
CA CYS K 96 10.53 52.46 14.63
C CYS K 96 10.14 51.63 15.84
N LYS K 97 11.05 50.78 16.31
CA LYS K 97 10.74 49.95 17.47
C LYS K 97 11.97 49.74 18.34
N THR K 98 11.71 49.43 19.60
CA THR K 98 12.78 49.16 20.55
C THR K 98 12.31 48.10 21.53
N GLN K 99 13.23 47.68 22.39
CA GLN K 99 12.99 46.67 23.40
C GLN K 99 13.64 47.17 24.68
N LEU K 100 12.87 47.22 25.76
CA LEU K 100 13.35 47.68 27.05
C LEU K 100 13.01 46.61 28.06
N ALA K 101 14.03 46.04 28.71
CA ALA K 101 13.82 44.94 29.64
C ALA K 101 13.11 43.83 28.88
N ASN K 102 11.91 43.40 29.29
CA ASN K 102 11.23 42.29 28.64
C ASN K 102 9.98 42.73 27.87
N ARG K 103 9.96 43.98 27.38
CA ARG K 103 8.83 44.51 26.64
C ARG K 103 9.29 45.22 25.38
N ASP K 104 8.46 45.15 24.34
CA ASP K 104 8.74 45.79 23.07
C ASP K 104 7.78 46.96 22.84
N TYR K 105 8.27 47.97 22.12
CA TYR K 105 7.53 49.18 21.85
C TYR K 105 7.71 49.57 20.40
N ARG K 106 6.63 49.97 19.73
CA ARG K 106 6.71 50.32 18.33
C ARG K 106 5.82 51.54 18.08
N GLY K 107 6.25 52.43 17.19
CA GLY K 107 5.44 53.57 16.82
C GLY K 107 4.29 53.18 15.90
N GLN K 108 3.46 54.18 15.58
CA GLN K 108 2.32 53.95 14.70
C GLN K 108 2.71 53.89 13.22
N GLY K 109 3.89 54.36 12.86
CA GLY K 109 4.42 54.18 11.51
C GLY K 109 4.22 55.40 10.62
N THR K 110 4.93 55.35 9.49
CA THR K 110 4.84 56.35 8.43
C THR K 110 4.82 55.61 7.10
N GLN K 111 3.96 56.03 6.18
CA GLN K 111 3.74 55.31 4.93
C GLN K 111 4.73 55.76 3.85
N VAL K 112 5.28 54.79 3.13
CA VAL K 112 6.23 55.03 2.04
C VAL K 112 5.75 54.25 0.81
N THR K 113 5.49 54.96 -0.28
CA THR K 113 5.05 54.35 -1.52
C THR K 113 6.03 54.73 -2.63
N VAL K 114 6.55 53.72 -3.32
CA VAL K 114 7.52 53.91 -4.40
C VAL K 114 6.87 53.46 -5.69
N SER K 115 6.58 54.40 -6.57
CA SER K 115 5.82 54.10 -7.78
C SER K 115 6.14 55.13 -8.85
N SER K 116 6.22 54.66 -10.09
CA SER K 116 6.26 55.55 -11.25
C SER K 116 4.88 55.83 -11.81
N HIS K 117 3.84 55.17 -11.27
CA HIS K 117 2.46 55.49 -11.61
C HIS K 117 2.04 56.80 -10.95
N HIS K 118 1.34 57.65 -11.70
CA HIS K 118 0.97 58.97 -11.21
C HIS K 118 -0.50 59.10 -10.81
N HIS K 119 -1.29 58.02 -10.89
CA HIS K 119 -2.74 58.10 -10.68
C HIS K 119 -3.16 57.15 -9.56
N HIS K 120 -3.36 57.72 -8.37
CA HIS K 120 -3.81 56.99 -7.20
C HIS K 120 -4.90 57.80 -6.50
N HIS K 121 -5.89 57.11 -5.95
CA HIS K 121 -6.90 57.78 -5.14
C HIS K 121 -7.35 56.84 -4.03
N HIS K 122 -8.03 57.40 -3.04
CA HIS K 122 -8.42 56.64 -1.85
C HIS K 122 -9.64 55.75 -2.10
N GLN L 1 24.85 -52.70 -52.67
CA GLN L 1 23.67 -52.08 -52.07
C GLN L 1 23.75 -52.08 -50.54
N VAL L 2 23.06 -51.13 -49.93
CA VAL L 2 23.00 -51.07 -48.46
C VAL L 2 22.30 -52.32 -47.93
N GLN L 3 22.90 -52.95 -46.93
CA GLN L 3 22.29 -54.12 -46.30
C GLN L 3 22.55 -54.11 -44.79
N LEU L 4 21.49 -54.42 -44.04
CA LEU L 4 21.54 -54.56 -42.59
C LEU L 4 20.95 -55.93 -42.23
N GLN L 5 21.59 -56.62 -41.30
CA GLN L 5 21.26 -58.02 -40.99
C GLN L 5 21.29 -58.23 -39.48
N GLU L 6 20.12 -58.32 -38.85
CA GLU L 6 20.02 -58.54 -37.42
C GLU L 6 20.07 -60.02 -37.07
N SER L 7 20.69 -60.32 -35.93
CA SER L 7 20.71 -61.67 -35.42
C SER L 7 20.76 -61.62 -33.89
N GLY L 8 20.52 -62.77 -33.27
CA GLY L 8 20.65 -62.91 -31.83
C GLY L 8 19.35 -63.08 -31.09
N GLY L 9 18.20 -62.99 -31.77
CA GLY L 9 16.93 -63.14 -31.09
C GLY L 9 16.71 -64.55 -30.57
N GLY L 10 15.62 -64.70 -29.83
CA GLY L 10 15.25 -66.01 -29.33
C GLY L 10 14.16 -65.90 -28.28
N LEU L 11 13.86 -67.02 -27.67
CA LEU L 11 12.95 -67.09 -26.54
C LEU L 11 13.77 -67.18 -25.27
N VAL L 12 13.52 -66.27 -24.33
CA VAL L 12 14.30 -66.16 -23.11
C VAL L 12 13.38 -65.91 -21.92
N GLN L 13 13.93 -66.15 -20.69
CA GLN L 13 13.16 -65.98 -19.47
C GLN L 13 13.23 -64.53 -19.00
N PRO L 14 12.18 -64.04 -18.33
CA PRO L 14 12.26 -62.70 -17.74
C PRO L 14 13.46 -62.61 -16.81
N GLY L 15 14.11 -61.45 -16.81
CA GLY L 15 15.30 -61.23 -16.01
C GLY L 15 16.60 -61.67 -16.65
N SER L 16 16.56 -62.29 -17.83
CA SER L 16 17.78 -62.75 -18.48
C SER L 16 18.38 -61.63 -19.34
N SER L 17 19.54 -61.92 -19.91
CA SER L 17 20.26 -60.98 -20.76
C SER L 17 20.41 -61.57 -22.15
N LEU L 18 20.51 -60.69 -23.14
CA LEU L 18 20.61 -61.13 -24.53
C LEU L 18 21.32 -60.04 -25.32
N ARG L 19 22.18 -60.45 -26.24
CA ARG L 19 22.93 -59.52 -27.09
C ARG L 19 22.49 -59.70 -28.54
N LEU L 20 22.05 -58.59 -29.16
CA LEU L 20 21.70 -58.56 -30.56
C LEU L 20 22.85 -57.99 -31.37
N SER L 21 22.98 -58.44 -32.62
CA SER L 21 23.98 -57.92 -33.56
C SER L 21 23.31 -57.50 -34.86
N CYS L 22 23.90 -56.50 -35.50
CA CYS L 22 23.50 -56.08 -36.85
C CYS L 22 24.74 -55.99 -37.71
N ALA L 23 24.82 -56.84 -38.73
CA ALA L 23 25.94 -56.80 -39.67
C ALA L 23 25.58 -55.87 -40.82
N ALA L 24 26.35 -54.80 -40.98
CA ALA L 24 26.09 -53.81 -42.02
C ALA L 24 27.07 -53.97 -43.17
N SER L 25 26.60 -53.61 -44.37
CA SER L 25 27.43 -53.69 -45.57
C SER L 25 26.89 -52.74 -46.62
N GLY L 26 27.74 -52.41 -47.59
CA GLY L 26 27.30 -51.62 -48.72
C GLY L 26 27.34 -50.12 -48.51
N PHE L 27 27.88 -49.66 -47.38
CA PHE L 27 28.12 -48.25 -47.10
C PHE L 27 29.20 -48.19 -46.04
N THR L 28 29.69 -46.98 -45.78
CA THR L 28 30.88 -46.87 -44.92
C THR L 28 30.61 -47.24 -43.46
N PHE L 29 29.35 -47.23 -43.03
CA PHE L 29 28.96 -47.51 -41.65
C PHE L 29 29.56 -46.48 -40.69
N GLY L 30 30.88 -46.47 -40.56
CA GLY L 30 31.51 -45.40 -39.83
C GLY L 30 31.10 -44.08 -40.46
N GLY L 31 30.90 -43.06 -39.65
CA GLY L 31 30.43 -41.80 -40.16
C GLY L 31 28.92 -41.62 -40.14
N TYR L 32 28.15 -42.68 -39.91
CA TYR L 32 26.69 -42.58 -39.84
C TYR L 32 26.16 -42.99 -38.48
N ALA L 33 25.18 -42.23 -37.99
CA ALA L 33 24.44 -42.65 -36.81
C ALA L 33 23.67 -43.93 -37.13
N MET L 34 23.55 -44.79 -36.11
CA MET L 34 22.84 -46.05 -36.24
C MET L 34 21.85 -46.20 -35.09
N HIS L 35 20.79 -46.98 -35.32
CA HIS L 35 19.66 -47.03 -34.41
C HIS L 35 19.16 -48.46 -34.27
N TRP L 36 18.59 -48.75 -33.10
CA TRP L 36 17.76 -49.93 -32.89
C TRP L 36 16.32 -49.46 -32.72
N VAL L 37 15.38 -50.17 -33.37
CA VAL L 37 13.96 -49.95 -33.17
C VAL L 37 13.32 -51.30 -32.93
N ARG L 38 12.07 -51.29 -32.48
CA ARG L 38 11.40 -52.56 -32.22
C ARG L 38 9.91 -52.41 -32.48
N GLN L 39 9.27 -53.53 -32.83
CA GLN L 39 7.83 -53.56 -33.09
C GLN L 39 7.23 -54.69 -32.26
N ALA L 40 6.42 -54.33 -31.30
CA ALA L 40 5.74 -55.28 -30.45
C ALA L 40 4.44 -55.75 -31.11
N PRO L 41 3.92 -56.92 -30.74
CA PRO L 41 2.72 -57.45 -31.38
C PRO L 41 1.56 -56.46 -31.32
N GLY L 42 0.95 -56.21 -32.48
CA GLY L 42 -0.18 -55.31 -32.53
C GLY L 42 0.13 -53.88 -32.19
N LYS L 43 1.35 -53.44 -32.45
CA LYS L 43 1.75 -52.05 -32.17
C LYS L 43 2.67 -51.59 -33.29
N GLY L 44 2.78 -50.27 -33.42
CA GLY L 44 3.68 -49.69 -34.39
C GLY L 44 5.11 -49.72 -33.90
N PRO L 45 6.06 -49.54 -34.82
CA PRO L 45 7.48 -49.54 -34.43
C PRO L 45 7.77 -48.41 -33.45
N GLU L 46 8.73 -48.66 -32.54
CA GLU L 46 9.13 -47.63 -31.60
C GLU L 46 10.65 -47.63 -31.47
N TRP L 47 11.20 -46.44 -31.28
CA TRP L 47 12.64 -46.29 -31.13
C TRP L 47 13.13 -46.94 -29.84
N VAL L 48 14.31 -47.56 -29.90
CA VAL L 48 14.94 -48.19 -28.74
C VAL L 48 16.24 -47.47 -28.34
N SER L 49 17.15 -47.25 -29.30
CA SER L 49 18.46 -46.72 -28.93
C SER L 49 19.18 -46.21 -30.17
N SER L 50 20.09 -45.26 -29.97
CA SER L 50 20.90 -44.70 -31.06
C SER L 50 22.34 -44.48 -30.61
N ILE L 51 23.22 -44.35 -31.60
CA ILE L 51 24.65 -44.14 -31.38
C ILE L 51 25.24 -43.39 -32.58
N ASN L 52 26.17 -42.47 -32.31
CA ASN L 52 26.81 -41.72 -33.39
C ASN L 52 28.09 -42.45 -33.82
N SER L 53 28.87 -41.81 -34.70
CA SER L 53 29.95 -42.52 -35.39
C SER L 53 31.00 -43.07 -34.42
N GLY L 54 31.48 -42.22 -33.51
CA GLY L 54 32.51 -42.64 -32.58
C GLY L 54 32.01 -43.30 -31.32
N GLY L 55 30.70 -43.37 -31.13
CA GLY L 55 30.15 -43.96 -29.94
C GLY L 55 30.19 -43.08 -28.71
N ASP L 56 30.61 -41.82 -28.84
CA ASP L 56 30.62 -40.93 -27.68
C ASP L 56 29.26 -40.32 -27.40
N ILE L 57 28.30 -40.46 -28.30
CA ILE L 57 26.91 -40.05 -28.04
C ILE L 57 26.05 -41.30 -28.20
N THR L 58 25.31 -41.65 -27.14
CA THR L 58 24.33 -42.72 -27.18
C THR L 58 23.05 -42.20 -26.52
N ASN L 59 21.93 -42.84 -26.84
CA ASN L 59 20.69 -42.51 -26.17
C ASN L 59 19.77 -43.72 -26.18
N TYR L 60 18.75 -43.68 -25.33
CA TYR L 60 17.90 -44.83 -25.08
C TYR L 60 16.47 -44.36 -24.84
N ALA L 61 15.52 -45.18 -25.30
CA ALA L 61 14.13 -44.96 -24.94
C ALA L 61 13.97 -45.04 -23.42
N THR L 62 13.06 -44.22 -22.89
CA THR L 62 12.85 -44.21 -21.44
C THR L 62 12.60 -45.62 -20.91
N SER L 63 11.84 -46.43 -21.65
CA SER L 63 11.44 -47.75 -21.17
C SER L 63 12.62 -48.71 -21.02
N VAL L 64 13.77 -48.43 -21.63
CA VAL L 64 14.90 -49.35 -21.59
C VAL L 64 16.15 -48.72 -20.98
N LYS L 65 16.11 -47.43 -20.65
CA LYS L 65 17.29 -46.79 -20.09
C LYS L 65 17.69 -47.46 -18.78
N GLY L 66 19.00 -47.67 -18.61
CA GLY L 66 19.54 -48.39 -17.48
C GLY L 66 19.61 -49.89 -17.65
N ARG L 67 18.89 -50.45 -18.62
CA ARG L 67 18.86 -51.88 -18.86
C ARG L 67 19.55 -52.29 -20.15
N PHE L 68 19.52 -51.45 -21.18
CA PHE L 68 20.07 -51.77 -22.48
C PHE L 68 21.35 -50.97 -22.69
N SER L 69 22.24 -51.49 -23.53
CA SER L 69 23.48 -50.81 -23.88
C SER L 69 23.76 -50.98 -25.36
N ILE L 70 23.93 -49.87 -26.06
CA ILE L 70 24.23 -49.89 -27.49
C ILE L 70 25.72 -49.65 -27.69
N SER L 71 26.30 -50.34 -28.65
CA SER L 71 27.71 -50.15 -28.98
C SER L 71 27.90 -50.46 -30.45
N ARG L 72 29.08 -50.11 -30.98
CA ARG L 72 29.35 -50.37 -32.38
C ARG L 72 30.82 -50.69 -32.54
N ASP L 73 31.12 -51.43 -33.60
CA ASP L 73 32.50 -51.74 -34.01
C ASP L 73 32.64 -51.34 -35.47
N ASN L 74 33.30 -50.22 -35.72
CA ASN L 74 33.37 -49.72 -37.09
C ASN L 74 34.26 -50.60 -37.97
N PRO L 75 35.37 -51.15 -37.46
CA PRO L 75 36.18 -52.02 -38.32
C PRO L 75 35.41 -53.20 -38.90
N SER L 76 34.49 -53.81 -38.15
CA SER L 76 33.70 -54.94 -38.65
C SER L 76 32.30 -54.53 -39.09
N LYS L 77 31.99 -53.23 -39.06
CA LYS L 77 30.68 -52.73 -39.48
C LYS L 77 29.55 -53.47 -38.77
N THR L 78 29.69 -53.63 -37.45
CA THR L 78 28.70 -54.32 -36.63
C THR L 78 28.13 -53.38 -35.57
N LEU L 79 26.81 -53.42 -35.42
CA LEU L 79 26.11 -52.72 -34.34
C LEU L 79 25.61 -53.74 -33.33
N TYR L 80 25.67 -53.39 -32.04
CA TYR L 80 25.30 -54.31 -30.98
C TYR L 80 24.24 -53.68 -30.07
N LEU L 81 23.40 -54.54 -29.50
CA LEU L 81 22.47 -54.12 -28.44
C LEU L 81 22.52 -55.15 -27.33
N GLN L 82 23.10 -54.78 -26.19
CA GLN L 82 23.11 -55.64 -25.00
C GLN L 82 21.86 -55.35 -24.20
N MET L 83 21.05 -56.38 -23.98
CA MET L 83 19.76 -56.26 -23.30
C MET L 83 19.84 -57.01 -21.98
N ASN L 84 19.68 -56.29 -20.88
CA ASN L 84 19.70 -56.90 -19.56
C ASN L 84 18.34 -56.75 -18.89
N SER L 85 18.12 -57.57 -17.86
CA SER L 85 16.89 -57.53 -17.06
C SER L 85 15.66 -57.50 -17.97
N LEU L 86 15.59 -58.46 -18.88
CA LEU L 86 14.53 -58.47 -19.87
C LEU L 86 13.18 -58.70 -19.22
N ARG L 87 12.18 -57.96 -19.70
CA ARG L 87 10.81 -57.99 -19.23
C ARG L 87 9.88 -58.50 -20.33
N PRO L 88 8.73 -59.09 -19.98
CA PRO L 88 7.80 -59.49 -21.04
C PRO L 88 7.46 -58.38 -22.01
N GLU L 89 7.35 -57.12 -21.54
CA GLU L 89 7.00 -56.03 -22.43
C GLU L 89 8.12 -55.70 -23.40
N ASP L 90 9.30 -56.29 -23.24
CA ASP L 90 10.39 -56.14 -24.20
C ASP L 90 10.23 -57.05 -25.41
N SER L 91 9.23 -57.94 -25.40
CA SER L 91 9.03 -58.84 -26.54
C SER L 91 8.66 -58.05 -27.79
N ALA L 92 9.37 -58.33 -28.88
CA ALA L 92 9.13 -57.61 -30.12
C ALA L 92 10.07 -58.16 -31.18
N VAL L 93 9.85 -57.74 -32.41
CA VAL L 93 10.86 -57.88 -33.45
C VAL L 93 11.75 -56.64 -33.40
N TYR L 94 13.06 -56.86 -33.27
CA TYR L 94 14.03 -55.78 -33.18
C TYR L 94 14.70 -55.56 -34.52
N TYR L 95 14.83 -54.30 -34.92
CA TYR L 95 15.38 -53.94 -36.22
C TYR L 95 16.53 -52.98 -36.01
N CYS L 96 17.56 -53.13 -36.83
CA CYS L 96 18.63 -52.15 -36.91
C CYS L 96 18.32 -51.23 -38.10
N LYS L 97 18.58 -49.94 -37.95
CA LYS L 97 18.15 -48.96 -38.93
C LYS L 97 19.21 -47.88 -39.07
N THR L 98 19.31 -47.32 -40.28
CA THR L 98 20.17 -46.16 -40.47
C THR L 98 19.52 -45.22 -41.47
N GLN L 99 20.15 -44.06 -41.63
CA GLN L 99 19.73 -43.04 -42.57
C GLN L 99 20.98 -42.53 -43.28
N LEU L 100 20.91 -42.48 -44.61
CA LEU L 100 22.03 -42.01 -45.43
C LEU L 100 21.48 -41.00 -46.42
N ALA L 101 22.00 -39.77 -46.36
CA ALA L 101 21.45 -38.67 -47.14
C ALA L 101 19.96 -38.56 -46.84
N ASN L 102 19.10 -38.75 -47.84
CA ASN L 102 17.68 -38.55 -47.66
C ASN L 102 16.89 -39.87 -47.75
N ARG L 103 17.55 -40.99 -47.48
CA ARG L 103 16.91 -42.30 -47.50
C ARG L 103 17.21 -43.08 -46.23
N ASP L 104 16.24 -43.90 -45.83
CA ASP L 104 16.33 -44.74 -44.64
C ASP L 104 16.41 -46.21 -45.04
N TYR L 105 17.05 -47.01 -44.18
CA TYR L 105 17.21 -48.44 -44.40
C TYR L 105 17.04 -49.18 -43.09
N ARG L 106 16.45 -50.38 -43.16
CA ARG L 106 16.36 -51.25 -42.00
C ARG L 106 16.65 -52.68 -42.43
N GLY L 107 17.02 -53.51 -41.46
CA GLY L 107 17.15 -54.93 -41.72
C GLY L 107 15.80 -55.63 -41.69
N GLN L 108 15.83 -56.95 -41.87
CA GLN L 108 14.62 -57.76 -41.82
C GLN L 108 14.14 -58.06 -40.40
N GLY L 109 14.97 -57.87 -39.39
CA GLY L 109 14.53 -57.98 -38.01
C GLY L 109 14.93 -59.30 -37.35
N THR L 110 14.95 -59.29 -36.02
CA THR L 110 15.12 -60.53 -35.27
C THR L 110 14.18 -60.49 -34.06
N GLN L 111 13.46 -61.58 -33.83
CA GLN L 111 12.42 -61.59 -32.82
C GLN L 111 12.99 -61.94 -31.45
N VAL L 112 12.56 -61.21 -30.43
CA VAL L 112 12.90 -61.50 -29.04
C VAL L 112 11.58 -61.69 -28.30
N THR L 113 11.41 -62.85 -27.67
CA THR L 113 10.22 -63.15 -26.88
C THR L 113 10.67 -63.46 -25.47
N VAL L 114 10.17 -62.69 -24.50
CA VAL L 114 10.52 -62.82 -23.10
C VAL L 114 9.29 -63.36 -22.39
N SER L 115 9.39 -64.59 -21.85
CA SER L 115 8.20 -65.21 -21.30
C SER L 115 8.58 -66.35 -20.36
N SER L 116 7.72 -66.58 -19.38
CA SER L 116 7.79 -67.77 -18.54
C SER L 116 6.87 -68.85 -19.11
N HIS L 117 5.57 -68.67 -18.93
CA HIS L 117 4.57 -69.66 -19.46
C HIS L 117 4.01 -69.15 -20.79
C1 EDO M . 20.35 7.14 -0.17
O1 EDO M . 21.03 7.65 -1.32
C2 EDO M . 20.54 8.12 0.98
O2 EDO M . 21.90 8.53 1.05
C1 EDO N . 12.18 -3.97 17.84
O1 EDO N . 13.06 -4.83 17.07
C2 EDO N . 11.81 -4.58 19.19
O2 EDO N . 12.84 -4.37 20.17
C1 EDO O . 5.80 15.70 0.01
O1 EDO O . 6.02 16.59 1.11
C2 EDO O . 7.08 15.61 -0.81
O2 EDO O . 7.52 16.92 -1.24
H11 EDO O . 4.97 16.07 -0.61
H12 EDO O . 5.51 14.71 0.37
HO1 EDO O . 5.17 16.87 1.48
H21 EDO O . 6.89 15.00 -1.71
H22 EDO O . 7.85 15.13 -0.23
HO2 EDO O . 8.46 16.88 -1.46
C1 EDO P . 44.72 13.19 6.03
O1 EDO P . 44.82 13.07 4.60
C2 EDO P . 44.33 11.84 6.64
O2 EDO P . 43.95 10.95 5.58
H11 EDO P . 43.98 13.94 6.30
H12 EDO P . 45.68 13.52 6.45
HO1 EDO P . 44.47 13.87 4.19
H21 EDO P . 43.50 11.98 7.34
H22 EDO P . 45.17 11.43 7.20
HO2 EDO P . 43.57 10.15 5.97
C1 EDO Q . 49.97 25.89 28.49
O1 EDO Q . 50.00 24.60 27.87
C2 EDO Q . 50.48 26.95 27.51
O2 EDO Q . 49.54 27.09 26.43
H11 EDO Q . 50.59 25.90 29.38
H12 EDO Q . 48.95 26.14 28.79
HO1 EDO Q . 50.08 23.92 28.56
H21 EDO Q . 51.44 26.65 27.12
H22 EDO Q . 50.60 27.91 28.02
HO2 EDO Q . 50.01 27.05 25.59
C1 EDO R . 49.41 -1.11 16.93
O1 EDO R . 48.47 -1.87 17.70
C2 EDO R . 48.71 0.15 16.43
O2 EDO R . 47.75 0.52 17.43
C1 EDO S . 23.46 5.03 -8.83
O1 EDO S . 23.51 3.83 -8.05
C2 EDO S . 24.64 5.05 -9.81
O2 EDO S . 24.74 6.35 -10.40
C1 EDO T . -10.00 -20.23 -16.63
O1 EDO T . -8.75 -20.04 -15.95
C2 EDO T . -10.75 -21.39 -15.97
O2 EDO T . -10.60 -21.32 -14.55
H11 EDO T . -9.82 -20.46 -17.68
H12 EDO T . -10.59 -19.32 -16.58
HO1 EDO T . -8.18 -19.46 -16.48
H21 EDO T . -10.37 -22.34 -16.34
H22 EDO T . -11.81 -21.33 -16.24
HO2 EDO T . -10.06 -22.06 -14.25
C1 EDO U . -5.33 9.00 -32.01
O1 EDO U . -6.26 8.88 -30.94
C2 EDO U . -4.89 10.46 -32.13
O2 EDO U . -4.65 11.00 -30.82
H11 EDO U . -5.79 8.68 -32.94
H12 EDO U . -4.46 8.37 -31.82
HO1 EDO U . -6.92 8.19 -31.15
H21 EDO U . -5.67 11.04 -32.63
H22 EDO U . -3.98 10.52 -32.73
HO2 EDO U . -4.74 10.30 -30.16
C1 EDO V . 31.42 -6.99 -24.50
O1 EDO V . 30.76 -7.72 -23.45
C2 EDO V . 31.24 -5.50 -24.23
O2 EDO V . 29.84 -5.25 -24.06
H11 EDO V . 32.48 -7.23 -24.53
H12 EDO V . 30.98 -7.25 -25.47
HO1 EDO V . 30.15 -8.36 -23.85
H21 EDO V . 31.64 -4.92 -25.06
H22 EDO V . 31.79 -5.22 -23.33
HO2 EDO V . 29.72 -4.55 -23.40
C1 EDO W . -1.90 13.03 -31.11
O1 EDO W . -3.33 13.09 -31.15
C2 EDO W . -1.37 12.31 -32.33
O2 EDO W . -1.80 10.94 -32.30
H11 EDO W . -1.58 12.52 -30.20
H12 EDO W . -1.50 14.05 -31.08
HO1 EDO W . -3.66 13.46 -30.31
H21 EDO W . -0.28 12.35 -32.35
H22 EDO W . -1.74 12.79 -33.25
HO2 EDO W . -2.37 10.80 -31.55
C1 EDO X . -42.54 -18.55 30.34
O1 EDO X . -41.86 -19.49 31.18
C2 EDO X . -43.84 -18.13 31.01
O2 EDO X . -43.54 -17.55 32.29
C1 EDO Y . -44.96 -1.99 31.39
O1 EDO Y . -44.21 -1.51 32.51
C2 EDO Y . -44.01 -2.25 30.22
O2 EDO Y . -43.25 -1.06 29.98
C1 EDO Z . -46.21 10.63 5.21
O1 EDO Z . -45.75 9.62 6.11
C2 EDO Z . -45.15 10.86 4.15
O2 EDO Z . -43.86 10.71 4.77
C1 EDO AA . -58.68 7.18 10.19
O1 EDO AA . -58.32 7.11 8.80
C2 EDO AA . -57.47 7.61 11.01
O2 EDO AA . -57.90 8.13 12.27
C1 EDO BA . -17.23 16.72 1.30
O1 EDO BA . -17.95 17.73 2.03
C2 EDO BA . -15.79 16.65 1.79
O2 EDO BA . -15.77 15.88 3.02
H11 EDO BA . -17.23 16.97 0.23
H12 EDO BA . -17.71 15.76 1.42
HO1 EDO BA . -18.83 17.40 2.24
H21 EDO BA . -15.40 17.64 1.98
H22 EDO BA . -15.16 16.16 1.04
HO2 EDO BA . -14.91 15.97 3.43
C1 EDO CA . -54.09 16.55 -0.58
O1 EDO CA . -53.85 15.72 0.57
C2 EDO CA . -54.16 18.01 -0.12
O2 EDO CA . -55.11 18.11 0.94
C1 EDO DA . 29.19 27.60 40.90
O1 EDO DA . 30.07 28.14 39.90
C2 EDO DA . 29.20 28.52 42.11
O2 EDO DA . 30.56 28.80 42.46
C1 EDO EA . 21.95 36.45 5.79
O1 EDO EA . 21.83 35.03 5.61
C2 EDO EA . 23.09 36.74 6.77
O2 EDO EA . 24.27 36.02 6.36
C1 EDO FA . 28.83 25.55 5.63
O1 EDO FA . 28.03 24.36 5.77
C2 EDO FA . 29.74 25.68 6.83
O2 EDO FA . 30.67 24.60 6.86
C1 EDO GA . 30.29 12.66 40.28
O1 EDO GA . 29.56 12.53 39.05
C2 EDO GA . 31.66 12.01 40.15
O2 EDO GA . 32.68 13.01 40.27
C1 EDO HA . 34.31 28.37 -9.16
O1 EDO HA . 32.93 27.98 -9.21
C2 EDO HA . 34.66 28.84 -7.76
O2 EDO HA . 34.08 30.13 -7.51
C1 EDO IA . 31.32 34.57 -3.68
O1 EDO IA . 32.55 34.21 -3.03
C2 EDO IA . 31.60 35.78 -4.56
O2 EDO IA . 32.23 36.78 -3.73
H11 EDO IA . 30.55 34.82 -2.94
H12 EDO IA . 30.94 33.74 -4.28
HO1 EDO IA . 32.36 33.55 -2.34
H21 EDO IA . 30.67 36.17 -4.98
H22 EDO IA . 32.25 35.51 -5.40
HO2 EDO IA . 32.99 37.15 -4.21
C1 EDO JA . 13.33 30.79 9.07
O1 EDO JA . 13.50 31.73 8.00
C2 EDO JA . 14.34 31.13 10.16
O2 EDO JA . 14.22 32.53 10.45
H11 EDO JA . 12.32 30.85 9.47
H12 EDO JA . 13.49 29.77 8.70
HO1 EDO JA . 12.80 31.58 7.34
H21 EDO JA . 14.15 30.54 11.05
H22 EDO JA . 15.36 30.89 9.81
HO2 EDO JA . 15.05 32.97 10.23
C1 EDO KA . 10.05 -30.66 -41.55
O1 EDO KA . 8.86 -30.67 -40.75
C2 EDO KA . 10.24 -32.06 -42.13
O2 EDO KA . 11.50 -32.08 -42.82
C1 EDO LA . 8.89 -26.84 -17.30
O1 EDO LA . 7.72 -26.26 -17.92
C2 EDO LA . 10.13 -26.07 -17.75
O2 EDO LA . 9.95 -24.67 -17.47
H11 EDO LA . 8.98 -27.88 -17.56
H12 EDO LA . 8.79 -26.76 -16.21
HO1 EDO LA . 6.93 -26.58 -17.47
H21 EDO LA . 10.28 -26.22 -18.82
H22 EDO LA . 11.00 -26.45 -17.23
HO2 EDO LA . 10.72 -24.18 -17.77
C1 EDO MA . 23.39 -13.10 -46.56
O1 EDO MA . 23.89 -13.44 -45.25
C2 EDO MA . 24.59 -13.02 -47.50
O2 EDO MA . 25.52 -12.11 -46.90
H11 EDO MA . 22.87 -12.16 -46.52
H12 EDO MA . 22.69 -13.86 -46.90
HO1 EDO MA . 23.17 -13.40 -44.62
H21 EDO MA . 24.27 -12.65 -48.48
H22 EDO MA . 25.04 -14.00 -47.64
HO2 EDO MA . 26.18 -12.62 -46.39
C1 EDO NA . 11.14 -29.94 -3.73
O1 EDO NA . 10.36 -31.13 -3.66
C2 EDO NA . 12.31 -30.15 -4.68
O2 EDO NA . 12.37 -29.05 -5.60
H11 EDO NA . 11.52 -29.69 -2.73
H12 EDO NA . 10.53 -29.10 -4.07
HO1 EDO NA . 9.54 -30.96 -3.19
H21 EDO NA . 12.18 -31.08 -5.23
H22 EDO NA . 13.24 -30.22 -4.12
HO2 EDO NA . 12.80 -29.34 -6.41
C1 EDO OA . 10.60 -45.96 -34.97
O1 EDO OA . 11.28 -46.16 -36.23
C2 EDO OA . 9.37 -45.12 -35.25
O2 EDO OA . 9.74 -43.97 -36.02
H11 EDO OA . 11.26 -45.46 -34.26
H12 EDO OA . 10.32 -46.93 -34.54
HO1 EDO OA . 12.17 -45.80 -36.17
H21 EDO OA . 8.92 -44.80 -34.30
H22 EDO OA . 8.62 -45.71 -35.79
HO2 EDO OA . 8.95 -43.52 -36.33
C1 EDO PA . -18.94 -9.43 25.37
O1 EDO PA . -19.73 -9.55 24.19
C2 EDO PA . -19.49 -8.33 26.28
O2 EDO PA . -18.72 -8.31 27.50
C1 EDO QA . -24.08 -2.89 -12.05
O1 EDO QA . -23.51 -1.63 -12.43
C2 EDO QA . -24.75 -2.76 -10.70
O2 EDO QA . -23.85 -2.13 -9.78
C1 EDO RA . -18.58 -27.55 13.27
O1 EDO RA . -17.40 -26.77 13.46
C2 EDO RA . -19.60 -26.69 12.53
O2 EDO RA . -19.16 -26.51 11.18
H11 EDO RA . -18.98 -27.87 14.23
H12 EDO RA . -18.36 -28.44 12.69
HO1 EDO RA . -16.90 -26.73 12.62
H21 EDO RA . -19.70 -25.72 13.02
H22 EDO RA . -20.58 -27.17 12.54
HO2 EDO RA . -19.91 -26.28 10.62
C1 EDO SA . -18.40 14.53 -12.96
O1 EDO SA . -17.90 13.74 -11.88
C2 EDO SA . -19.49 15.44 -12.42
O2 EDO SA . -20.48 14.61 -11.79
H11 EDO SA . -18.80 13.88 -13.75
H12 EDO SA . -17.60 15.12 -13.40
HO1 EDO SA . -17.38 13.00 -12.23
H21 EDO SA . -19.95 16.01 -13.22
H22 EDO SA . -19.07 16.14 -11.70
HO2 EDO SA . -20.80 15.04 -10.98
C1 EDO TA . -18.33 -26.61 17.42
O1 EDO TA . -18.92 -26.02 16.26
C2 EDO TA . -16.85 -26.88 17.15
O2 EDO TA . -16.71 -27.52 15.88
C1 EDO UA . 1.82 50.20 16.80
O1 EDO UA . 2.35 49.93 15.50
C2 EDO UA . 1.49 48.89 17.52
O2 EDO UA . 2.72 48.19 17.76
H11 EDO UA . 0.91 50.80 16.71
H12 EDO UA . 2.54 50.77 17.38
HO1 EDO UA . 3.06 50.55 15.30
H21 EDO UA . 0.83 48.29 16.91
H22 EDO UA . 0.99 49.11 18.47
HO2 EDO UA . 2.60 47.58 18.51
#